data_4RH3
#
_entry.id   4RH3
#
_cell.length_a   132.911
_cell.length_b   132.911
_cell.length_c   397.168
_cell.angle_alpha   90.00
_cell.angle_beta   90.00
_cell.angle_gamma   120.00
#
_symmetry.space_group_name_H-M   'P 32 2 1'
#
loop_
_entity.id
_entity.type
_entity.pdbx_description
1 polymer 'ATP-dependent 6-phosphofructokinase, platelet type'
2 non-polymer 'PHOSPHOMETHYLPHOSPHONIC ACID ADENYLATE ESTER'
3 non-polymer 'PHOSPHATE ION'
#
_entity_poly.entity_id   1
_entity_poly.type   'polypeptide(L)'
_entity_poly.pdbx_seq_one_letter_code
;VPDPTSAIGVLTSGGDAQGMNAAVRAVVRMGIYVGAKVYFIYEGYQGMVDGGSNIAEADWESVSSILQVGGTIIGSARCQ
AFRTREGRLKAACNLLQRGITNLCVIGGDGSLTGANLFRKEWSGLLEELARNGQIDKEAVQKYAYLNVVGMVGSIDNDFC
GTDMTIGTDSALHRIIEVVDAIMTTAQSHQRTFVLEVMGRHCGYLALVSALACGADWVFLPESPPEEGWEEQMCVKLSEN
RARKKRLNIIIVAEGAIDTQNKPITSEKIKELVVTQLGYDTRVTILGHVQRGGTPSAFDRILASRMGVEAVIALLEATPD
TPACVVSLNGNHAVRLPLMECVQMTQDVQKAMDERRFQDAVRLRGRSFAGNLNTYKRLAIKLPDDQIPKTNCNVAVINVG
APAAGMNAAVRSAVRVGIADGHRMLAIYDGFDGFAKGQIKEIGWTDVGGWTGQGGSILGTKRVLPGKYLEEIATQMRTHS
INALLIIGGFEAYLGLLELSAAREKHEEFCVPMVMVPATVSNNVPGSDFSIGADTALNTITDTCDRIKQSASGTKRRVFI
IETMGGYCGYLANMGGLAAGADAAYIFEEPFDIRDLQSNVEHLTEKMKTTIQRGLVLRNESCSENYTTDFIYQLYSEEGK
GVFDCRKNVLGHMQQGGAPSPFDRNFGTKISARAMEWITAKLKEARGRGKKFTTDDSICVLGISKRNVIFQPVAELKKQT
DFEHRIPKEQWWLKLRPLMKILA
;
_entity_poly.pdbx_strand_id   A,B,C,D
#
loop_
_chem_comp.id
_chem_comp.type
_chem_comp.name
_chem_comp.formula
ACP non-polymer 'PHOSPHOMETHYLPHOSPHONIC ACID ADENYLATE ESTER' 'C11 H18 N5 O12 P3'
PO4 non-polymer 'PHOSPHATE ION' 'O4 P -3'
#
# COMPACT_ATOMS: atom_id res chain seq x y z
N SER A 6 -42.87 21.81 -23.98
CA SER A 6 -43.68 23.03 -23.68
C SER A 6 -43.74 23.34 -22.14
N ALA A 7 -44.69 22.77 -21.39
CA ALA A 7 -44.71 22.80 -19.90
C ALA A 7 -45.38 21.54 -19.38
N ILE A 8 -44.78 20.95 -18.35
CA ILE A 8 -45.19 19.61 -17.84
C ILE A 8 -45.56 19.76 -16.39
N GLY A 9 -46.63 19.10 -15.99
CA GLY A 9 -47.05 19.08 -14.57
C GLY A 9 -47.16 17.66 -14.08
N VAL A 10 -46.71 17.45 -12.87
CA VAL A 10 -46.66 16.09 -12.34
C VAL A 10 -47.32 16.10 -10.99
N LEU A 11 -48.16 15.11 -10.76
CA LEU A 11 -48.84 15.00 -9.47
C LEU A 11 -48.91 13.55 -9.00
N THR A 12 -49.18 13.39 -7.71
CA THR A 12 -49.17 12.08 -7.10
C THR A 12 -50.50 11.86 -6.47
N SER A 13 -51.37 11.11 -7.12
CA SER A 13 -52.69 10.85 -6.53
C SER A 13 -52.78 9.42 -5.97
N GLY A 14 -53.60 9.26 -4.95
CA GLY A 14 -53.96 7.94 -4.47
C GLY A 14 -53.06 7.29 -3.44
N GLY A 15 -53.50 6.13 -2.99
CA GLY A 15 -52.80 5.35 -1.97
C GLY A 15 -51.35 5.33 -2.34
N ASP A 16 -50.52 5.90 -1.49
CA ASP A 16 -49.14 6.11 -1.84
C ASP A 16 -48.30 4.81 -1.83
N ALA A 17 -47.15 4.90 -2.51
CA ALA A 17 -46.32 3.73 -2.79
C ALA A 17 -44.89 4.19 -2.73
N GLN A 18 -44.04 3.30 -2.24
CA GLN A 18 -42.60 3.55 -2.19
C GLN A 18 -41.97 3.57 -3.62
N GLY A 19 -41.25 4.63 -3.96
CA GLY A 19 -40.76 4.79 -5.31
C GLY A 19 -41.47 5.92 -6.03
N MET A 20 -42.61 6.39 -5.49
CA MET A 20 -43.29 7.54 -6.10
C MET A 20 -42.30 8.74 -6.22
N ASN A 21 -41.43 8.91 -5.22
CA ASN A 21 -40.44 9.98 -5.22
C ASN A 21 -39.33 9.84 -6.25
N ALA A 22 -38.83 8.61 -6.45
CA ALA A 22 -37.88 8.37 -7.53
C ALA A 22 -38.45 8.76 -8.90
N ALA A 23 -39.75 8.50 -9.09
CA ALA A 23 -40.48 8.84 -10.29
C ALA A 23 -40.62 10.35 -10.54
N VAL A 24 -41.06 11.10 -9.53
CA VAL A 24 -41.16 12.57 -9.63
C VAL A 24 -39.81 13.18 -10.00
N ARG A 25 -38.75 12.70 -9.32
CA ARG A 25 -37.36 13.10 -9.63
C ARG A 25 -37.01 12.81 -11.09
N ALA A 26 -37.24 11.58 -11.54
CA ALA A 26 -37.03 11.24 -12.96
C ALA A 26 -37.83 12.12 -13.96
N VAL A 27 -39.07 12.45 -13.66
CA VAL A 27 -39.84 13.32 -14.51
C VAL A 27 -39.32 14.77 -14.50
N VAL A 28 -39.05 15.31 -13.32
CA VAL A 28 -38.54 16.69 -13.25
C VAL A 28 -37.18 16.81 -13.98
N ARG A 29 -36.25 15.86 -13.74
CA ARG A 29 -34.90 15.96 -14.28
C ARG A 29 -34.93 15.74 -15.79
N MET A 30 -35.60 14.68 -16.22
CA MET A 30 -35.74 14.37 -17.65
C MET A 30 -36.52 15.45 -18.39
N GLY A 31 -37.54 16.03 -17.76
CA GLY A 31 -38.29 17.14 -18.34
C GLY A 31 -37.41 18.34 -18.61
N ILE A 32 -36.70 18.79 -17.58
CA ILE A 32 -35.70 19.84 -17.70
C ILE A 32 -34.63 19.45 -18.73
N TYR A 33 -34.15 18.22 -18.68
CA TYR A 33 -33.07 17.81 -19.57
C TYR A 33 -33.49 17.99 -21.05
N VAL A 34 -34.70 17.57 -21.38
CA VAL A 34 -35.24 17.78 -22.73
C VAL A 34 -35.61 19.26 -22.94
N GLY A 35 -35.25 20.13 -21.98
CA GLY A 35 -35.55 21.56 -22.06
C GLY A 35 -37.01 21.97 -21.93
N ALA A 36 -37.77 21.29 -21.09
CA ALA A 36 -39.14 21.68 -20.72
C ALA A 36 -39.12 22.33 -19.33
N LYS A 37 -40.16 23.09 -19.00
CA LYS A 37 -40.40 23.53 -17.63
C LYS A 37 -41.33 22.52 -16.99
N VAL A 38 -41.20 22.29 -15.69
CA VAL A 38 -41.92 21.24 -15.00
C VAL A 38 -42.47 21.77 -13.70
N TYR A 39 -43.75 21.58 -13.50
CA TYR A 39 -44.40 22.06 -12.27
C TYR A 39 -44.83 20.91 -11.31
N PHE A 40 -44.55 21.06 -10.02
CA PHE A 40 -45.10 20.21 -9.00
C PHE A 40 -46.57 20.56 -8.88
N ILE A 41 -47.39 19.55 -8.68
CA ILE A 41 -48.74 19.78 -8.26
C ILE A 41 -48.95 19.08 -6.94
N TYR A 42 -48.91 19.86 -5.87
CA TYR A 42 -48.96 19.31 -4.53
C TYR A 42 -50.35 18.68 -4.27
N GLU A 43 -50.40 17.71 -3.36
CA GLU A 43 -51.66 17.16 -2.88
C GLU A 43 -52.53 16.65 -4.02
N GLY A 44 -51.95 15.84 -4.91
CA GLY A 44 -52.72 15.15 -5.94
C GLY A 44 -53.71 16.02 -6.71
N TYR A 45 -54.91 15.51 -6.99
CA TYR A 45 -55.86 16.32 -7.79
C TYR A 45 -56.33 17.58 -7.03
N GLN A 46 -56.33 17.48 -5.71
CA GLN A 46 -56.71 18.59 -4.86
C GLN A 46 -55.88 19.83 -5.14
N GLY A 47 -54.57 19.66 -5.22
CA GLY A 47 -53.68 20.79 -5.49
C GLY A 47 -54.02 21.46 -6.81
N MET A 48 -54.31 20.63 -7.82
CA MET A 48 -54.69 21.12 -9.11
C MET A 48 -55.99 21.93 -9.07
N VAL A 49 -56.94 21.52 -8.21
CA VAL A 49 -58.25 22.24 -8.07
C VAL A 49 -58.08 23.56 -7.32
N ASP A 50 -57.33 23.52 -6.22
CA ASP A 50 -57.05 24.68 -5.38
C ASP A 50 -56.20 25.73 -6.11
N GLY A 51 -55.21 25.27 -6.89
CA GLY A 51 -54.35 26.15 -7.70
C GLY A 51 -53.36 26.96 -6.90
N GLY A 52 -53.16 28.22 -7.31
CA GLY A 52 -52.27 29.12 -6.57
C GLY A 52 -50.95 28.44 -6.33
N SER A 53 -50.56 28.32 -5.07
CA SER A 53 -49.22 27.83 -4.74
C SER A 53 -49.11 26.30 -4.58
N ASN A 54 -50.20 25.56 -4.80
CA ASN A 54 -50.12 24.08 -4.92
C ASN A 54 -49.46 23.70 -6.23
N ILE A 55 -49.38 24.66 -7.16
CA ILE A 55 -48.61 24.52 -8.38
C ILE A 55 -47.38 25.40 -8.29
N ALA A 56 -46.21 24.77 -8.39
CA ALA A 56 -44.95 25.46 -8.20
C ALA A 56 -43.91 24.89 -9.11
N GLU A 57 -43.24 25.77 -9.85
CA GLU A 57 -42.19 25.35 -10.79
C GLU A 57 -41.09 24.64 -10.04
N ALA A 58 -40.52 23.63 -10.69
CA ALA A 58 -39.49 22.82 -10.07
C ALA A 58 -38.18 23.04 -10.80
N ASP A 59 -37.10 23.12 -10.03
CA ASP A 59 -35.75 23.21 -10.58
C ASP A 59 -35.03 21.88 -10.29
N TRP A 60 -33.77 21.81 -10.67
CA TRP A 60 -32.99 20.61 -10.42
C TRP A 60 -32.94 20.22 -8.93
N GLU A 61 -32.59 21.20 -8.10
CA GLU A 61 -32.35 20.99 -6.66
C GLU A 61 -33.55 20.42 -5.92
N SER A 62 -34.75 20.72 -6.40
CA SER A 62 -35.95 20.40 -5.64
C SER A 62 -36.16 18.89 -5.50
N VAL A 63 -35.70 18.13 -6.47
CA VAL A 63 -35.87 16.66 -6.43
C VAL A 63 -34.68 15.87 -5.89
N SER A 64 -33.70 16.55 -5.28
CA SER A 64 -32.65 15.80 -4.58
C SER A 64 -33.06 15.52 -3.13
N SER A 65 -32.46 14.47 -2.54
CA SER A 65 -32.77 13.99 -1.18
C SER A 65 -34.18 13.39 -1.08
N ILE A 66 -34.75 13.05 -2.23
CA ILE A 66 -36.14 12.61 -2.33
C ILE A 66 -36.14 11.12 -2.68
N LEU A 67 -35.24 10.75 -3.61
CA LEU A 67 -35.06 9.37 -4.14
C LEU A 67 -35.18 8.24 -3.13
N GLN A 68 -34.59 8.43 -1.96
CA GLN A 68 -34.45 7.34 -0.98
C GLN A 68 -35.53 7.36 0.10
N VAL A 69 -36.71 7.88 -0.24
CA VAL A 69 -37.76 8.18 0.73
C VAL A 69 -39.16 7.67 0.29
N GLY A 70 -39.81 6.98 1.22
CA GLY A 70 -41.13 6.41 0.98
C GLY A 70 -42.14 7.52 0.80
N GLY A 71 -43.32 7.16 0.30
CA GLY A 71 -44.38 8.13 0.06
C GLY A 71 -43.98 9.24 -0.89
N THR A 72 -44.85 10.24 -0.99
CA THR A 72 -44.69 11.36 -1.90
C THR A 72 -44.26 12.61 -1.18
N ILE A 73 -43.15 13.20 -1.62
CA ILE A 73 -42.74 14.48 -1.06
C ILE A 73 -43.70 15.62 -1.45
N ILE A 74 -44.63 15.36 -2.36
CA ILE A 74 -45.60 16.36 -2.82
C ILE A 74 -47.06 16.05 -2.51
N GLY A 75 -47.31 15.08 -1.65
CA GLY A 75 -48.68 14.74 -1.18
C GLY A 75 -49.52 13.91 -2.10
N SER A 76 -50.44 13.16 -1.50
CA SER A 76 -51.57 12.52 -2.22
C SER A 76 -52.82 12.91 -1.49
N ALA A 77 -53.70 13.64 -2.14
CA ALA A 77 -55.05 13.82 -1.60
C ALA A 77 -55.99 12.91 -2.34
N ARG A 78 -56.90 12.29 -1.61
CA ARG A 78 -58.14 11.88 -2.26
C ARG A 78 -58.88 13.20 -2.55
N CYS A 79 -59.56 13.30 -3.68
CA CYS A 79 -60.14 14.59 -4.11
C CYS A 79 -61.54 14.41 -4.66
N GLN A 80 -62.54 14.67 -3.81
CA GLN A 80 -63.96 14.61 -4.17
C GLN A 80 -64.31 15.64 -5.24
N ALA A 81 -63.82 16.86 -5.04
CA ALA A 81 -64.07 17.93 -5.99
C ALA A 81 -63.79 17.50 -7.45
N PHE A 82 -62.66 16.81 -7.66
CA PHE A 82 -62.28 16.31 -8.99
C PHE A 82 -63.28 15.33 -9.62
N ARG A 83 -64.27 14.85 -8.86
CA ARG A 83 -65.32 13.97 -9.41
C ARG A 83 -66.47 14.77 -9.96
N THR A 84 -66.36 16.10 -9.96
CA THR A 84 -67.48 16.99 -10.34
C THR A 84 -67.02 17.93 -11.43
N ARG A 85 -67.89 18.20 -12.42
CA ARG A 85 -67.57 19.16 -13.48
C ARG A 85 -67.08 20.48 -12.88
N GLU A 86 -67.72 20.95 -11.80
CA GLU A 86 -67.34 22.21 -11.15
C GLU A 86 -65.86 22.18 -10.68
N GLY A 87 -65.43 21.04 -10.16
CA GLY A 87 -64.01 20.84 -9.80
C GLY A 87 -63.05 20.81 -11.00
N ARG A 88 -63.42 20.05 -12.03
CA ARG A 88 -62.55 19.87 -13.20
C ARG A 88 -62.38 21.15 -14.01
N LEU A 89 -63.43 21.96 -14.08
CA LEU A 89 -63.30 23.28 -14.67
C LEU A 89 -62.26 24.10 -13.92
N LYS A 90 -62.35 24.10 -12.61
CA LYS A 90 -61.47 24.93 -11.81
C LYS A 90 -60.03 24.43 -11.92
N ALA A 91 -59.87 23.12 -12.14
CA ALA A 91 -58.55 22.49 -12.30
C ALA A 91 -57.93 22.91 -13.63
N ALA A 92 -58.63 22.60 -14.71
CA ALA A 92 -58.26 23.01 -16.07
C ALA A 92 -57.91 24.49 -16.13
N CYS A 93 -58.62 25.29 -15.37
CA CYS A 93 -58.34 26.70 -15.36
C CYS A 93 -56.94 26.99 -14.85
N ASN A 94 -56.60 26.42 -13.70
CA ASN A 94 -55.29 26.62 -13.04
C ASN A 94 -54.09 26.14 -13.90
N LEU A 95 -54.31 25.07 -14.68
CA LEU A 95 -53.31 24.57 -15.65
C LEU A 95 -53.04 25.58 -16.76
N LEU A 96 -54.10 26.06 -17.39
CA LEU A 96 -53.99 27.13 -18.38
C LEU A 96 -53.32 28.38 -17.80
N GLN A 97 -53.57 28.70 -16.55
CA GLN A 97 -52.93 29.88 -15.93
C GLN A 97 -51.43 29.79 -15.99
N ARG A 98 -50.90 28.59 -15.99
CA ARG A 98 -49.45 28.39 -16.05
C ARG A 98 -48.96 27.68 -17.32
N GLY A 99 -49.83 27.60 -18.33
CA GLY A 99 -49.49 26.96 -19.61
C GLY A 99 -49.20 25.47 -19.56
N ILE A 100 -49.57 24.81 -18.46
CA ILE A 100 -49.40 23.38 -18.34
C ILE A 100 -50.46 22.68 -19.20
N THR A 101 -50.03 21.98 -20.24
CA THR A 101 -50.92 21.10 -21.00
C THR A 101 -50.36 19.70 -21.18
N ASN A 102 -49.28 19.43 -20.47
CA ASN A 102 -48.78 18.09 -20.43
C ASN A 102 -48.84 17.65 -18.96
N LEU A 103 -49.41 16.48 -18.74
CA LEU A 103 -49.72 16.01 -17.42
C LEU A 103 -49.20 14.61 -17.21
N CYS A 104 -48.44 14.46 -16.14
CA CYS A 104 -47.97 13.14 -15.74
C CYS A 104 -48.62 12.79 -14.41
N VAL A 105 -49.37 11.72 -14.39
CA VAL A 105 -50.15 11.35 -13.20
C VAL A 105 -49.67 10.00 -12.62
N ILE A 106 -49.13 10.05 -11.42
CA ILE A 106 -48.54 8.88 -10.73
C ILE A 106 -49.53 8.41 -9.67
N GLY A 107 -50.19 7.29 -9.92
CA GLY A 107 -51.29 6.83 -9.06
C GLY A 107 -51.77 5.43 -9.38
N GLY A 108 -53.06 5.17 -9.16
CA GLY A 108 -53.60 3.83 -9.30
C GLY A 108 -54.81 3.77 -10.21
N ASP A 109 -55.57 2.69 -10.10
CA ASP A 109 -56.82 2.49 -10.85
C ASP A 109 -57.61 3.79 -10.96
N GLY A 110 -57.91 4.40 -9.82
CA GLY A 110 -58.85 5.52 -9.76
C GLY A 110 -58.26 6.83 -10.24
N SER A 111 -57.03 7.09 -9.80
CA SER A 111 -56.28 8.24 -10.25
C SER A 111 -56.24 8.26 -11.78
N LEU A 112 -55.93 7.11 -12.37
CA LEU A 112 -55.78 6.97 -13.82
C LEU A 112 -57.15 7.01 -14.56
N THR A 113 -58.18 6.45 -13.93
CA THR A 113 -59.55 6.55 -14.46
C THR A 113 -59.97 8.03 -14.49
N GLY A 114 -59.55 8.75 -13.44
CA GLY A 114 -59.79 10.20 -13.35
C GLY A 114 -59.13 11.01 -14.44
N ALA A 115 -57.87 10.68 -14.73
CA ALA A 115 -57.12 11.41 -15.75
C ALA A 115 -57.61 11.10 -17.16
N ASN A 116 -58.05 9.85 -17.36
CA ASN A 116 -58.64 9.48 -18.64
C ASN A 116 -59.92 10.31 -18.86
N LEU A 117 -60.74 10.44 -17.81
CA LEU A 117 -62.00 11.23 -17.90
C LEU A 117 -61.73 12.70 -18.19
N PHE A 118 -60.82 13.29 -17.40
CA PHE A 118 -60.39 14.69 -17.57
C PHE A 118 -59.95 14.96 -19.01
N ARG A 119 -59.17 14.02 -19.56
CA ARG A 119 -58.67 14.14 -20.92
C ARG A 119 -59.81 14.23 -21.92
N LYS A 120 -60.69 13.23 -21.90
CA LYS A 120 -61.92 13.23 -22.73
C LYS A 120 -62.71 14.54 -22.63
N GLU A 121 -62.85 15.06 -21.41
CA GLU A 121 -63.60 16.30 -21.12
C GLU A 121 -62.85 17.61 -21.36
N TRP A 122 -61.58 17.51 -21.75
CA TRP A 122 -60.76 18.70 -21.94
C TRP A 122 -61.35 19.46 -23.15
N SER A 123 -61.69 20.72 -22.93
CA SER A 123 -62.72 21.49 -23.67
C SER A 123 -64.01 21.51 -22.82
N GLY A 124 -63.80 21.22 -21.54
CA GLY A 124 -64.41 21.99 -20.48
C GLY A 124 -63.92 23.43 -20.69
N LEU A 125 -62.79 23.60 -21.37
CA LEU A 125 -62.33 24.90 -21.93
C LEU A 125 -63.39 25.72 -22.68
N LEU A 126 -64.29 25.06 -23.40
CA LEU A 126 -65.32 25.80 -24.11
C LEU A 126 -66.30 26.39 -23.10
N GLU A 127 -66.47 25.73 -21.96
CA GLU A 127 -67.23 26.34 -20.87
C GLU A 127 -66.48 27.57 -20.34
N GLU A 128 -65.16 27.47 -20.26
CA GLU A 128 -64.35 28.55 -19.66
C GLU A 128 -64.53 29.83 -20.42
N LEU A 129 -64.54 29.71 -21.74
CA LEU A 129 -64.75 30.86 -22.63
C LEU A 129 -66.18 31.42 -22.51
N ALA A 130 -67.17 30.53 -22.51
CA ALA A 130 -68.58 30.93 -22.36
C ALA A 130 -68.81 31.71 -21.05
N ARG A 131 -67.87 31.61 -20.11
CA ARG A 131 -67.78 32.49 -18.93
C ARG A 131 -66.55 33.42 -19.02
N ASN A 132 -66.21 34.06 -17.92
CA ASN A 132 -65.07 34.96 -17.84
C ASN A 132 -63.74 34.16 -17.84
N GLY A 133 -63.75 32.98 -17.21
CA GLY A 133 -62.60 32.08 -17.14
C GLY A 133 -61.39 32.48 -17.97
N GLN A 134 -61.45 32.26 -19.30
CA GLN A 134 -60.29 32.48 -20.19
C GLN A 134 -60.61 32.96 -21.62
N ILE A 135 -59.66 33.72 -22.17
CA ILE A 135 -59.70 34.29 -23.54
C ILE A 135 -60.19 33.27 -24.59
N ASP A 136 -60.89 33.76 -25.60
CA ASP A 136 -61.53 32.92 -26.63
C ASP A 136 -60.46 32.21 -27.47
N LYS A 137 -59.46 32.98 -27.90
CA LYS A 137 -58.35 32.48 -28.73
C LYS A 137 -57.43 31.45 -28.03
N GLU A 138 -57.46 31.43 -26.69
CA GLU A 138 -56.63 30.52 -25.87
C GLU A 138 -57.33 29.18 -25.64
N ALA A 139 -58.62 29.13 -25.99
CA ALA A 139 -59.36 27.87 -26.09
C ALA A 139 -58.88 27.02 -27.28
N VAL A 140 -58.14 27.64 -28.20
CA VAL A 140 -57.56 26.99 -29.39
C VAL A 140 -56.02 26.85 -29.30
N GLN A 141 -55.33 27.77 -28.61
CA GLN A 141 -53.88 27.58 -28.36
C GLN A 141 -53.65 26.36 -27.46
N LYS A 142 -54.39 26.29 -26.35
CA LYS A 142 -54.20 25.24 -25.37
C LYS A 142 -55.25 24.12 -25.50
N TYR A 143 -55.74 23.91 -26.72
CA TYR A 143 -56.88 23.01 -26.95
C TYR A 143 -56.41 21.56 -26.92
N ALA A 144 -57.33 20.60 -26.86
CA ALA A 144 -57.04 19.13 -26.93
C ALA A 144 -55.59 18.69 -27.25
N TYR A 145 -54.65 19.61 -27.07
CA TYR A 145 -53.30 19.26 -26.79
C TYR A 145 -53.15 19.23 -25.27
N LEU A 146 -54.17 18.71 -24.56
CA LEU A 146 -53.96 18.16 -23.23
C LEU A 146 -53.41 16.78 -23.46
N ASN A 147 -52.18 16.63 -23.06
CA ASN A 147 -51.45 15.43 -23.32
C ASN A 147 -51.25 14.75 -21.97
N VAL A 148 -51.93 13.63 -21.75
CA VAL A 148 -51.88 12.91 -20.48
C VAL A 148 -51.04 11.64 -20.62
N VAL A 149 -50.21 11.39 -19.60
CA VAL A 149 -49.48 10.12 -19.45
C VAL A 149 -49.52 9.69 -17.99
N GLY A 150 -49.85 8.42 -17.75
CA GLY A 150 -49.84 7.87 -16.39
C GLY A 150 -48.69 6.90 -16.12
N MET A 151 -48.29 6.82 -14.86
CA MET A 151 -47.47 5.72 -14.34
C MET A 151 -48.24 5.17 -13.15
N VAL A 152 -48.19 3.85 -12.96
CA VAL A 152 -48.96 3.20 -11.88
C VAL A 152 -48.06 3.07 -10.66
N GLY A 153 -48.35 3.89 -9.65
CA GLY A 153 -47.68 3.77 -8.37
C GLY A 153 -48.56 3.08 -7.36
N SER A 154 -48.39 1.78 -7.17
CA SER A 154 -49.22 1.00 -6.25
C SER A 154 -48.59 -0.30 -5.74
N ILE A 155 -48.65 -0.52 -4.44
CA ILE A 155 -48.08 -1.76 -3.85
C ILE A 155 -48.78 -3.10 -4.22
N ASP A 156 -49.97 -3.00 -4.79
CA ASP A 156 -50.86 -4.11 -4.94
C ASP A 156 -50.62 -4.96 -6.18
N ASN A 157 -49.81 -4.45 -7.09
CA ASN A 157 -49.80 -4.87 -8.49
C ASN A 157 -51.19 -4.97 -9.17
N ASP A 158 -52.11 -4.05 -8.80
CA ASP A 158 -53.49 -3.96 -9.36
C ASP A 158 -53.59 -3.91 -10.89
N PHE A 159 -52.98 -2.88 -11.50
CA PHE A 159 -53.24 -2.47 -12.89
C PHE A 159 -52.93 -3.60 -13.89
N CYS A 160 -53.64 -3.62 -15.00
CA CYS A 160 -53.58 -4.72 -15.94
C CYS A 160 -52.45 -4.56 -16.96
N GLY A 161 -52.39 -3.45 -17.65
CA GLY A 161 -51.30 -3.26 -18.63
C GLY A 161 -49.96 -3.72 -18.06
N THR A 162 -49.53 -3.05 -17.00
CA THR A 162 -48.23 -3.25 -16.38
C THR A 162 -47.96 -4.66 -15.80
N ASP A 163 -46.74 -5.17 -16.00
CA ASP A 163 -46.26 -6.37 -15.32
C ASP A 163 -45.99 -6.03 -13.89
N MET A 164 -45.44 -4.85 -13.64
CA MET A 164 -45.13 -4.41 -12.26
C MET A 164 -45.49 -2.97 -11.97
N THR A 165 -45.81 -2.73 -10.72
CA THR A 165 -46.21 -1.41 -10.26
C THR A 165 -45.22 -0.87 -9.22
N ILE A 166 -44.95 0.42 -9.29
CA ILE A 166 -44.03 1.03 -8.39
C ILE A 166 -44.62 0.89 -6.97
N GLY A 167 -43.87 0.27 -6.07
CA GLY A 167 -44.30 0.05 -4.68
C GLY A 167 -44.34 -1.42 -4.30
N THR A 168 -44.77 -2.29 -5.22
CA THR A 168 -44.85 -3.73 -4.93
C THR A 168 -43.58 -4.32 -4.35
N ASP A 169 -42.45 -4.22 -5.05
CA ASP A 169 -41.23 -4.88 -4.51
C ASP A 169 -41.00 -4.38 -3.09
N SER A 170 -41.00 -3.05 -2.92
CA SER A 170 -40.86 -2.46 -1.59
C SER A 170 -41.84 -3.02 -0.55
N ALA A 171 -43.12 -3.09 -0.89
CA ALA A 171 -44.10 -3.59 0.06
C ALA A 171 -43.79 -5.04 0.44
N LEU A 172 -43.45 -5.85 -0.57
CA LEU A 172 -43.06 -7.25 -0.35
C LEU A 172 -41.81 -7.32 0.55
N HIS A 173 -40.89 -6.34 0.44
CA HIS A 173 -39.82 -6.22 1.39
C HIS A 173 -40.36 -6.06 2.84
N ARG A 174 -41.33 -5.17 3.05
CA ARG A 174 -41.86 -4.94 4.42
C ARG A 174 -42.49 -6.22 4.97
N ILE A 175 -43.33 -6.82 4.16
CA ILE A 175 -43.96 -8.06 4.55
C ILE A 175 -42.94 -9.13 4.97
N ILE A 176 -41.94 -9.36 4.12
CA ILE A 176 -40.97 -10.41 4.40
C ILE A 176 -40.04 -10.08 5.58
N GLU A 177 -39.70 -8.82 5.75
CA GLU A 177 -39.06 -8.32 6.99
C GLU A 177 -39.88 -8.68 8.27
N VAL A 178 -41.17 -8.46 8.21
CA VAL A 178 -42.06 -8.92 9.29
C VAL A 178 -42.07 -10.46 9.37
N VAL A 179 -42.32 -11.12 8.25
CA VAL A 179 -42.44 -12.59 8.29
C VAL A 179 -41.13 -13.25 8.83
N ASP A 180 -39.96 -12.73 8.38
CA ASP A 180 -38.70 -13.28 8.86
C ASP A 180 -38.55 -13.05 10.35
N ALA A 181 -38.92 -11.85 10.80
CA ALA A 181 -38.79 -11.46 12.20
C ALA A 181 -39.65 -12.37 13.07
N ILE A 182 -40.84 -12.66 12.58
CA ILE A 182 -41.80 -13.46 13.31
C ILE A 182 -41.42 -14.94 13.42
N MET A 183 -40.72 -15.47 12.44
CA MET A 183 -40.47 -16.88 12.43
C MET A 183 -39.68 -17.28 13.65
N THR A 184 -38.95 -16.33 14.20
CA THR A 184 -38.11 -16.59 15.28
C THR A 184 -38.89 -16.90 16.52
N THR A 185 -40.01 -16.21 16.72
CA THR A 185 -40.78 -16.47 17.94
C THR A 185 -41.76 -17.61 17.69
N ALA A 186 -41.97 -17.98 16.45
CA ALA A 186 -42.76 -19.15 16.21
C ALA A 186 -41.94 -20.35 16.56
N GLN A 187 -40.65 -20.43 16.23
CA GLN A 187 -39.87 -21.63 16.53
C GLN A 187 -40.03 -21.86 18.02
N SER A 188 -39.90 -20.77 18.73
CA SER A 188 -39.72 -20.85 20.11
C SER A 188 -40.85 -21.53 20.74
N HIS A 189 -42.06 -21.29 20.28
CA HIS A 189 -43.21 -21.83 21.00
C HIS A 189 -44.04 -22.76 20.15
N GLN A 190 -43.56 -23.07 18.96
CA GLN A 190 -44.30 -23.90 18.04
C GLN A 190 -45.66 -23.42 17.69
N ARG A 191 -45.68 -22.11 17.44
CA ARG A 191 -46.91 -21.34 17.20
C ARG A 191 -47.30 -21.37 15.71
N THR A 192 -48.58 -21.17 15.45
CA THR A 192 -49.08 -20.96 14.10
C THR A 192 -49.42 -19.47 13.98
N PHE A 193 -48.88 -18.80 12.97
CA PHE A 193 -49.11 -17.37 12.80
C PHE A 193 -49.88 -17.14 11.52
N VAL A 194 -51.02 -16.49 11.67
CA VAL A 194 -51.83 -16.06 10.54
C VAL A 194 -51.50 -14.60 10.30
N LEU A 195 -50.90 -14.28 9.15
CA LEU A 195 -50.57 -12.89 8.87
C LEU A 195 -51.48 -12.37 7.80
N GLU A 196 -52.03 -11.17 8.01
CA GLU A 196 -52.98 -10.58 7.10
C GLU A 196 -52.33 -9.46 6.32
N VAL A 197 -52.17 -9.65 5.02
CA VAL A 197 -51.44 -8.67 4.14
C VAL A 197 -52.40 -7.91 3.24
N MET A 198 -51.92 -6.81 2.67
CA MET A 198 -52.75 -5.99 1.80
C MET A 198 -52.94 -6.63 0.41
N GLY A 199 -53.72 -5.93 -0.40
CA GLY A 199 -54.30 -6.50 -1.60
C GLY A 199 -55.79 -6.57 -1.27
N ARG A 200 -56.45 -5.43 -1.39
CA ARG A 200 -57.86 -5.35 -1.05
C ARG A 200 -58.63 -6.25 -2.02
N HIS A 201 -58.45 -6.04 -3.33
CA HIS A 201 -59.09 -6.89 -4.32
C HIS A 201 -58.04 -7.53 -5.22
N CYS A 202 -56.79 -7.60 -4.74
CA CYS A 202 -55.74 -8.24 -5.52
C CYS A 202 -54.90 -9.16 -4.67
N GLY A 203 -54.68 -10.38 -5.16
CA GLY A 203 -53.94 -11.41 -4.42
C GLY A 203 -52.44 -11.49 -4.67
N TYR A 204 -51.90 -10.60 -5.52
CA TYR A 204 -50.47 -10.62 -5.91
C TYR A 204 -49.53 -10.51 -4.69
N LEU A 205 -49.75 -9.45 -3.89
CA LEU A 205 -48.91 -9.23 -2.72
C LEU A 205 -48.97 -10.40 -1.72
N ALA A 206 -50.14 -11.00 -1.59
CA ALA A 206 -50.30 -12.21 -0.76
C ALA A 206 -49.51 -13.36 -1.34
N LEU A 207 -49.66 -13.56 -2.67
CA LEU A 207 -49.10 -14.76 -3.40
C LEU A 207 -47.58 -14.78 -3.39
N VAL A 208 -47.03 -13.62 -3.70
CA VAL A 208 -45.59 -13.45 -3.77
C VAL A 208 -44.92 -13.59 -2.37
N SER A 209 -45.45 -12.87 -1.37
CA SER A 209 -45.08 -13.11 0.02
C SER A 209 -45.04 -14.62 0.33
N ALA A 210 -46.16 -15.29 0.11
CA ALA A 210 -46.31 -16.68 0.51
C ALA A 210 -45.17 -17.46 -0.10
N LEU A 211 -44.97 -17.30 -1.41
CA LEU A 211 -43.88 -17.97 -2.14
C LEU A 211 -42.52 -17.62 -1.62
N ALA A 212 -42.34 -16.35 -1.27
CA ALA A 212 -41.03 -15.83 -0.84
C ALA A 212 -40.61 -16.36 0.50
N CYS A 213 -41.58 -16.56 1.41
CA CYS A 213 -41.33 -17.14 2.77
C CYS A 213 -41.80 -18.62 2.87
N GLY A 214 -41.97 -19.29 1.75
CA GLY A 214 -42.44 -20.68 1.71
C GLY A 214 -43.55 -20.94 2.71
N ALA A 215 -44.64 -20.20 2.59
CA ALA A 215 -45.74 -20.25 3.57
C ALA A 215 -46.56 -21.53 3.44
N ASP A 216 -47.09 -21.97 4.57
CA ASP A 216 -47.75 -23.26 4.64
C ASP A 216 -49.13 -23.24 4.00
N TRP A 217 -49.80 -22.09 4.05
CA TRP A 217 -51.05 -21.89 3.29
C TRP A 217 -51.19 -20.41 2.97
N VAL A 218 -51.88 -20.13 1.87
CA VAL A 218 -52.15 -18.75 1.43
C VAL A 218 -53.64 -18.64 1.01
N PHE A 219 -54.19 -17.43 1.06
CA PHE A 219 -55.58 -17.16 0.61
C PHE A 219 -55.58 -15.94 -0.32
N LEU A 220 -56.01 -16.16 -1.56
CA LEU A 220 -56.12 -15.11 -2.53
C LEU A 220 -57.59 -14.98 -2.92
N PRO A 221 -58.07 -13.74 -3.19
CA PRO A 221 -59.40 -13.55 -3.78
C PRO A 221 -59.56 -13.98 -5.24
N GLU A 222 -58.49 -13.98 -6.00
CA GLU A 222 -58.56 -14.40 -7.40
C GLU A 222 -58.82 -15.88 -7.46
N SER A 223 -58.22 -16.63 -6.55
CA SER A 223 -58.20 -18.08 -6.60
C SER A 223 -58.56 -18.60 -5.21
N PRO A 224 -59.89 -18.72 -4.92
CA PRO A 224 -60.39 -19.22 -3.64
C PRO A 224 -59.98 -20.67 -3.39
N PRO A 225 -60.23 -21.18 -2.17
CA PRO A 225 -59.71 -22.48 -1.76
C PRO A 225 -60.45 -23.63 -2.34
N GLU A 226 -61.73 -23.42 -2.65
CA GLU A 226 -62.63 -24.50 -3.10
C GLU A 226 -62.93 -25.49 -1.96
N GLU A 227 -64.17 -25.97 -1.98
CA GLU A 227 -64.77 -26.71 -0.86
C GLU A 227 -63.91 -27.83 -0.36
N GLY A 228 -63.86 -27.96 0.97
CA GLY A 228 -63.08 -29.02 1.62
C GLY A 228 -61.66 -28.65 2.01
N TRP A 229 -61.32 -27.37 1.92
CA TRP A 229 -59.96 -26.88 2.24
C TRP A 229 -59.67 -26.93 3.72
N GLU A 230 -60.70 -26.66 4.52
CA GLU A 230 -60.58 -26.73 5.96
C GLU A 230 -59.86 -27.99 6.39
N GLU A 231 -60.37 -29.13 5.94
CA GLU A 231 -59.73 -30.42 6.25
C GLU A 231 -58.38 -30.59 5.57
N GLN A 232 -58.26 -30.19 4.32
CA GLN A 232 -56.99 -30.35 3.64
C GLN A 232 -55.87 -29.52 4.31
N MET A 233 -56.18 -28.26 4.69
CA MET A 233 -55.22 -27.38 5.41
C MET A 233 -54.77 -28.00 6.71
N CYS A 234 -55.74 -28.45 7.49
CA CYS A 234 -55.46 -29.09 8.78
C CYS A 234 -54.60 -30.37 8.64
N VAL A 235 -54.79 -31.12 7.55
CA VAL A 235 -53.92 -32.27 7.25
C VAL A 235 -52.49 -31.77 7.08
N LYS A 236 -52.31 -30.77 6.21
CA LYS A 236 -51.03 -30.10 6.08
C LYS A 236 -50.37 -29.71 7.42
N LEU A 237 -51.09 -28.99 8.29
CA LEU A 237 -50.46 -28.51 9.54
C LEU A 237 -50.17 -29.60 10.58
N SER A 238 -50.86 -30.73 10.50
CA SER A 238 -50.57 -31.86 11.38
C SER A 238 -49.41 -32.67 10.82
N GLU A 239 -49.42 -32.84 9.49
CA GLU A 239 -48.30 -33.45 8.80
C GLU A 239 -47.02 -32.68 9.12
N ASN A 240 -47.13 -31.35 9.25
CA ASN A 240 -46.01 -30.50 9.64
C ASN A 240 -45.47 -30.68 11.06
N ARG A 241 -46.33 -31.07 12.00
CA ARG A 241 -45.83 -31.41 13.33
C ARG A 241 -45.17 -32.79 13.31
N ALA A 242 -45.66 -33.66 12.43
CA ALA A 242 -45.08 -34.99 12.24
C ALA A 242 -43.72 -34.90 11.60
N ARG A 243 -43.56 -33.94 10.71
CA ARG A 243 -42.25 -33.66 10.15
C ARG A 243 -41.33 -32.97 11.19
N LYS A 244 -41.92 -32.55 12.31
CA LYS A 244 -41.23 -31.83 13.40
C LYS A 244 -40.97 -30.35 13.07
N LYS A 245 -41.75 -29.75 12.19
CA LYS A 245 -41.60 -28.34 11.87
C LYS A 245 -42.06 -27.56 13.11
N ARG A 246 -41.22 -26.66 13.60
CA ARG A 246 -41.52 -25.95 14.87
C ARG A 246 -42.39 -24.72 14.72
N LEU A 247 -42.99 -24.50 13.55
CA LEU A 247 -44.02 -23.46 13.36
C LEU A 247 -44.97 -23.72 12.18
N ASN A 248 -45.89 -22.80 11.98
CA ASN A 248 -46.64 -22.69 10.73
C ASN A 248 -46.90 -21.26 10.39
N ILE A 249 -46.88 -20.93 9.10
CA ILE A 249 -47.14 -19.56 8.68
C ILE A 249 -48.17 -19.50 7.58
N ILE A 250 -49.27 -18.81 7.86
CA ILE A 250 -50.42 -18.72 6.96
C ILE A 250 -50.66 -17.28 6.56
N ILE A 251 -50.64 -17.05 5.25
CA ILE A 251 -50.72 -15.71 4.68
C ILE A 251 -52.14 -15.50 4.16
N VAL A 252 -52.82 -14.47 4.67
CA VAL A 252 -54.20 -14.18 4.32
C VAL A 252 -54.33 -12.78 3.73
N ALA A 253 -54.67 -12.67 2.44
CA ALA A 253 -55.02 -11.38 1.87
C ALA A 253 -56.16 -10.74 2.62
N GLU A 254 -56.10 -9.42 2.79
CA GLU A 254 -57.25 -8.66 3.32
C GLU A 254 -58.56 -9.16 2.70
N GLY A 255 -58.61 -9.22 1.38
CA GLY A 255 -59.87 -9.52 0.70
C GLY A 255 -60.04 -10.97 0.28
N ALA A 256 -59.60 -11.88 1.12
CA ALA A 256 -59.69 -13.31 0.78
C ALA A 256 -61.17 -13.72 0.82
N ILE A 257 -61.54 -14.68 -0.02
CA ILE A 257 -62.94 -15.16 -0.09
C ILE A 257 -62.97 -16.64 -0.46
N ASP A 258 -64.05 -17.33 -0.10
CA ASP A 258 -64.32 -18.68 -0.65
C ASP A 258 -65.02 -18.60 -2.02
N THR A 259 -65.47 -19.75 -2.55
CA THR A 259 -66.12 -19.79 -3.88
C THR A 259 -67.50 -19.14 -3.94
N GLN A 260 -67.99 -18.62 -2.83
CA GLN A 260 -69.26 -17.90 -2.77
C GLN A 260 -69.11 -16.38 -2.55
N ASN A 261 -67.89 -15.87 -2.61
CA ASN A 261 -67.59 -14.47 -2.29
C ASN A 261 -67.83 -14.11 -0.82
N LYS A 262 -67.63 -15.05 0.09
CA LYS A 262 -67.71 -14.78 1.54
C LYS A 262 -66.32 -14.60 2.16
N PRO A 263 -66.13 -13.51 2.93
CA PRO A 263 -64.86 -13.21 3.58
C PRO A 263 -64.28 -14.38 4.36
N ILE A 264 -63.01 -14.73 4.07
CA ILE A 264 -62.26 -15.64 4.95
C ILE A 264 -61.36 -14.73 5.73
N THR A 265 -61.68 -14.54 6.99
CA THR A 265 -60.99 -13.60 7.83
C THR A 265 -59.86 -14.34 8.55
N SER A 266 -58.81 -13.61 8.92
CA SER A 266 -57.70 -14.21 9.63
C SER A 266 -58.12 -14.67 11.03
N GLU A 267 -59.06 -13.96 11.66
CA GLU A 267 -59.66 -14.42 12.94
C GLU A 267 -60.49 -15.72 12.79
N LYS A 268 -61.03 -15.92 11.61
CA LYS A 268 -61.77 -17.13 11.21
C LYS A 268 -60.83 -18.35 11.09
N ILE A 269 -59.67 -18.10 10.48
CA ILE A 269 -58.63 -19.13 10.31
C ILE A 269 -58.09 -19.63 11.66
N LYS A 270 -57.91 -18.69 12.59
CA LYS A 270 -57.37 -19.00 13.90
C LYS A 270 -58.34 -19.90 14.64
N GLU A 271 -59.62 -19.56 14.59
CA GLU A 271 -60.64 -20.38 15.22
C GLU A 271 -60.63 -21.80 14.64
N LEU A 272 -60.51 -21.92 13.32
CA LEU A 272 -60.40 -23.24 12.69
C LEU A 272 -59.20 -24.06 13.16
N VAL A 273 -58.02 -23.42 13.24
CA VAL A 273 -56.78 -24.08 13.71
C VAL A 273 -56.79 -24.37 15.22
N VAL A 274 -57.18 -23.39 16.04
CA VAL A 274 -57.29 -23.58 17.51
C VAL A 274 -58.29 -24.70 17.84
N THR A 275 -59.38 -24.75 17.07
CA THR A 275 -60.46 -25.74 17.24
C THR A 275 -60.01 -27.17 16.86
N GLN A 276 -59.74 -27.38 15.57
CA GLN A 276 -59.49 -28.72 15.03
C GLN A 276 -58.23 -29.37 15.49
N LEU A 277 -57.21 -28.56 15.73
CA LEU A 277 -55.86 -29.07 16.06
C LEU A 277 -55.39 -28.70 17.49
N GLY A 278 -55.82 -27.55 18.01
CA GLY A 278 -55.42 -27.10 19.33
C GLY A 278 -54.00 -26.57 19.40
N TYR A 279 -53.43 -26.12 18.28
CA TYR A 279 -52.12 -25.47 18.27
C TYR A 279 -52.22 -24.02 18.75
N ASP A 280 -51.15 -23.56 19.38
CA ASP A 280 -51.11 -22.19 19.90
C ASP A 280 -51.02 -21.25 18.71
N THR A 281 -51.94 -20.30 18.61
CA THR A 281 -52.13 -19.53 17.35
C THR A 281 -52.34 -18.03 17.53
N ARG A 282 -51.56 -17.24 16.83
CA ARG A 282 -51.73 -15.79 16.83
C ARG A 282 -51.97 -15.29 15.42
N VAL A 283 -52.44 -14.04 15.37
CA VAL A 283 -52.84 -13.33 14.17
C VAL A 283 -52.21 -11.97 14.22
N THR A 284 -51.51 -11.58 13.15
CA THR A 284 -50.88 -10.27 13.06
C THR A 284 -51.54 -9.58 11.90
N ILE A 285 -52.11 -8.41 12.14
CA ILE A 285 -52.55 -7.58 11.02
C ILE A 285 -51.45 -6.53 10.76
N LEU A 286 -50.73 -6.71 9.65
CA LEU A 286 -49.58 -5.85 9.32
C LEU A 286 -49.97 -4.36 9.13
N GLY A 287 -50.96 -4.12 8.27
CA GLY A 287 -51.44 -2.75 8.09
C GLY A 287 -50.44 -1.89 7.38
N HIS A 288 -50.37 -0.62 7.75
CA HIS A 288 -49.72 0.42 6.89
C HIS A 288 -48.20 0.43 6.89
N VAL A 289 -47.58 -0.39 7.73
CA VAL A 289 -46.16 -0.71 7.55
C VAL A 289 -45.84 -1.03 6.07
N GLN A 290 -46.73 -1.78 5.42
CA GLN A 290 -46.53 -2.21 4.03
C GLN A 290 -46.46 -1.12 2.97
N ARG A 291 -47.00 0.07 3.29
CA ARG A 291 -46.89 1.25 2.42
C ARG A 291 -45.66 2.07 2.78
N GLY A 292 -45.02 1.71 3.89
CA GLY A 292 -43.95 2.55 4.43
C GLY A 292 -42.54 2.04 4.19
N GLY A 293 -41.61 2.62 4.92
CA GLY A 293 -40.22 2.27 4.84
C GLY A 293 -39.61 2.90 3.63
N THR A 294 -38.46 2.36 3.22
CA THR A 294 -37.64 3.00 2.20
C THR A 294 -37.68 2.22 0.87
N PRO A 295 -37.69 2.94 -0.26
CA PRO A 295 -37.90 2.23 -1.53
C PRO A 295 -36.77 1.28 -1.89
N SER A 296 -37.13 0.02 -2.15
CA SER A 296 -36.16 -0.94 -2.65
C SER A 296 -35.38 -0.42 -3.85
N ALA A 297 -34.26 -1.09 -4.17
CA ALA A 297 -33.49 -0.73 -5.36
C ALA A 297 -34.33 -0.95 -6.61
N PHE A 298 -35.04 -2.08 -6.65
CA PHE A 298 -35.89 -2.36 -7.81
C PHE A 298 -36.90 -1.22 -8.03
N ASP A 299 -37.66 -0.81 -6.99
CA ASP A 299 -38.65 0.31 -7.21
C ASP A 299 -37.88 1.61 -7.62
N ARG A 300 -36.75 1.90 -7.00
CA ARG A 300 -36.00 3.13 -7.33
C ARG A 300 -35.62 3.19 -8.80
N ILE A 301 -35.11 2.07 -9.28
CA ILE A 301 -34.68 1.94 -10.65
C ILE A 301 -35.91 1.96 -11.59
N LEU A 302 -36.90 1.13 -11.25
CA LEU A 302 -38.15 1.03 -11.99
C LEU A 302 -38.80 2.40 -12.16
N ALA A 303 -38.99 3.06 -11.03
CA ALA A 303 -39.65 4.35 -11.02
C ALA A 303 -38.81 5.33 -11.80
N SER A 304 -37.50 5.25 -11.64
CA SER A 304 -36.59 6.14 -12.41
C SER A 304 -36.71 5.93 -13.94
N ARG A 305 -36.78 4.66 -14.40
CA ARG A 305 -36.91 4.36 -15.84
C ARG A 305 -38.22 4.83 -16.43
N MET A 306 -39.29 4.83 -15.64
CA MET A 306 -40.62 5.20 -16.14
C MET A 306 -40.92 6.68 -15.97
N GLY A 307 -40.28 7.32 -14.99
CA GLY A 307 -40.30 8.78 -14.94
C GLY A 307 -39.77 9.33 -16.24
N VAL A 308 -38.73 8.67 -16.76
CA VAL A 308 -38.06 9.13 -17.98
C VAL A 308 -38.88 8.84 -19.21
N GLU A 309 -39.41 7.63 -19.29
CA GLU A 309 -40.20 7.22 -20.47
C GLU A 309 -41.45 8.07 -20.59
N ALA A 310 -41.99 8.40 -19.43
CA ALA A 310 -43.19 9.24 -19.35
C ALA A 310 -42.92 10.59 -19.98
N VAL A 311 -41.77 11.20 -19.65
CA VAL A 311 -41.44 12.49 -20.25
C VAL A 311 -41.28 12.38 -21.76
N ILE A 312 -40.59 11.36 -22.24
CA ILE A 312 -40.50 11.12 -23.68
C ILE A 312 -41.89 10.96 -24.27
N ALA A 313 -42.72 10.14 -23.63
CA ALA A 313 -44.08 9.84 -24.16
C ALA A 313 -44.89 11.12 -24.34
N LEU A 314 -44.83 12.01 -23.35
CA LEU A 314 -45.47 13.33 -23.43
C LEU A 314 -44.97 14.17 -24.62
N LEU A 315 -43.68 14.29 -24.80
CA LEU A 315 -43.20 15.19 -25.85
C LEU A 315 -43.38 14.57 -27.25
N GLU A 316 -43.13 13.27 -27.39
CA GLU A 316 -43.50 12.55 -28.60
C GLU A 316 -45.02 12.53 -28.95
N ALA A 317 -45.89 12.74 -27.98
CA ALA A 317 -47.32 12.66 -28.29
C ALA A 317 -47.76 13.80 -29.16
N THR A 318 -48.87 13.54 -29.87
CA THR A 318 -49.55 14.49 -30.77
C THR A 318 -51.05 14.43 -30.46
N PRO A 319 -51.83 15.42 -30.92
CA PRO A 319 -53.24 15.42 -30.59
C PRO A 319 -53.97 14.17 -31.04
N ASP A 320 -53.41 13.46 -32.01
CA ASP A 320 -53.91 12.13 -32.37
C ASP A 320 -53.64 11.05 -31.33
N THR A 321 -52.43 11.03 -30.77
CA THR A 321 -52.02 9.91 -29.92
C THR A 321 -52.84 9.84 -28.62
N PRO A 322 -53.43 8.66 -28.32
CA PRO A 322 -54.28 8.56 -27.09
C PRO A 322 -53.47 8.64 -25.81
N ALA A 323 -54.06 9.10 -24.72
CA ALA A 323 -53.39 9.07 -23.44
C ALA A 323 -52.92 7.64 -23.19
N CYS A 324 -51.71 7.48 -22.64
CA CYS A 324 -51.13 6.15 -22.41
C CYS A 324 -50.67 6.00 -20.97
N VAL A 325 -50.27 4.77 -20.63
CA VAL A 325 -49.71 4.41 -19.33
C VAL A 325 -48.37 3.77 -19.59
N VAL A 326 -47.34 4.36 -19.02
CA VAL A 326 -45.99 3.86 -19.16
C VAL A 326 -45.81 2.60 -18.28
N SER A 327 -45.18 1.59 -18.88
CA SER A 327 -45.04 0.30 -18.28
C SER A 327 -43.71 -0.32 -18.66
N LEU A 328 -43.13 -1.11 -17.75
CA LEU A 328 -42.09 -2.11 -18.12
C LEU A 328 -42.71 -3.48 -18.29
N ASN A 329 -42.82 -3.92 -19.54
CA ASN A 329 -43.18 -5.31 -19.82
C ASN A 329 -41.98 -6.00 -20.41
N GLY A 330 -41.54 -7.08 -19.78
CA GLY A 330 -40.35 -7.80 -20.24
C GLY A 330 -39.13 -6.90 -20.31
N ASN A 331 -38.95 -6.08 -19.28
CA ASN A 331 -37.75 -5.29 -19.13
C ASN A 331 -37.53 -4.27 -20.26
N HIS A 332 -38.63 -3.96 -20.96
CA HIS A 332 -38.59 -2.98 -22.02
C HIS A 332 -39.75 -2.03 -21.77
N ALA A 333 -39.48 -0.74 -21.85
CA ALA A 333 -40.49 0.23 -21.55
C ALA A 333 -41.44 0.36 -22.71
N VAL A 334 -42.73 0.19 -22.42
CA VAL A 334 -43.77 0.28 -23.43
C VAL A 334 -44.82 1.30 -23.04
N ARG A 335 -45.51 1.85 -24.05
CA ARG A 335 -46.71 2.70 -23.85
C ARG A 335 -47.98 1.89 -24.14
N LEU A 336 -48.96 2.01 -23.27
CA LEU A 336 -50.18 1.24 -23.41
C LEU A 336 -51.34 2.21 -23.37
N PRO A 337 -52.34 2.02 -24.26
CA PRO A 337 -53.44 2.96 -24.23
C PRO A 337 -54.13 2.94 -22.84
N LEU A 338 -54.41 4.14 -22.32
CA LEU A 338 -54.87 4.34 -20.93
C LEU A 338 -56.27 3.81 -20.70
N MET A 339 -57.17 4.09 -21.66
CA MET A 339 -58.56 3.62 -21.63
C MET A 339 -58.63 2.10 -21.44
N GLU A 340 -57.97 1.37 -22.34
CA GLU A 340 -58.05 -0.08 -22.33
C GLU A 340 -57.56 -0.74 -21.05
N CYS A 341 -56.51 -0.19 -20.45
CA CYS A 341 -55.95 -0.77 -19.23
C CYS A 341 -56.85 -0.54 -18.03
N VAL A 342 -57.51 0.63 -17.98
CA VAL A 342 -58.45 0.96 -16.93
C VAL A 342 -59.66 0.03 -17.02
N GLN A 343 -60.17 -0.11 -18.24
CA GLN A 343 -61.16 -1.14 -18.55
C GLN A 343 -60.76 -2.55 -18.00
N MET A 344 -59.70 -3.15 -18.55
CA MET A 344 -59.24 -4.51 -18.17
C MET A 344 -59.15 -4.77 -16.69
N THR A 345 -58.83 -3.76 -15.91
CA THR A 345 -58.63 -3.94 -14.46
C THR A 345 -59.95 -4.10 -13.73
N GLN A 346 -60.96 -3.32 -14.17
CA GLN A 346 -62.32 -3.48 -13.66
C GLN A 346 -62.85 -4.87 -14.03
N ASP A 347 -62.66 -5.26 -15.30
CA ASP A 347 -62.97 -6.61 -15.78
C ASP A 347 -62.57 -7.74 -14.77
N VAL A 348 -61.40 -7.59 -14.15
CA VAL A 348 -60.93 -8.57 -13.18
C VAL A 348 -61.78 -8.57 -11.90
N GLN A 349 -62.23 -7.39 -11.46
CA GLN A 349 -63.18 -7.33 -10.35
C GLN A 349 -64.51 -7.97 -10.78
N LYS A 350 -64.94 -7.64 -11.99
CA LYS A 350 -66.18 -8.19 -12.53
C LYS A 350 -66.12 -9.72 -12.59
N ALA A 351 -64.96 -10.27 -12.93
CA ALA A 351 -64.82 -11.72 -12.99
C ALA A 351 -64.99 -12.35 -11.59
N MET A 352 -64.37 -11.77 -10.59
CA MET A 352 -64.49 -12.34 -9.25
C MET A 352 -65.91 -12.19 -8.77
N ASP A 353 -66.46 -10.98 -8.96
CA ASP A 353 -67.84 -10.68 -8.53
C ASP A 353 -68.79 -11.72 -9.08
N GLU A 354 -68.59 -12.09 -10.34
CA GLU A 354 -69.46 -13.07 -11.00
C GLU A 354 -69.03 -14.55 -10.77
N ARG A 355 -68.34 -14.83 -9.67
CA ARG A 355 -67.77 -16.15 -9.40
C ARG A 355 -67.03 -16.84 -10.60
N ARG A 356 -66.38 -16.04 -11.45
CA ARG A 356 -65.60 -16.56 -12.56
C ARG A 356 -64.08 -16.46 -12.22
N PHE A 357 -63.59 -17.41 -11.42
CA PHE A 357 -62.28 -17.28 -10.78
C PHE A 357 -61.04 -17.58 -11.64
N GLN A 358 -61.13 -18.60 -12.51
CA GLN A 358 -60.03 -18.85 -13.45
C GLN A 358 -59.90 -17.67 -14.39
N ASP A 359 -61.02 -17.03 -14.73
CA ASP A 359 -61.01 -15.82 -15.55
C ASP A 359 -60.31 -14.64 -14.84
N ALA A 360 -60.46 -14.53 -13.53
CA ALA A 360 -59.79 -13.43 -12.83
C ALA A 360 -58.28 -13.66 -12.88
N VAL A 361 -57.88 -14.92 -12.63
CA VAL A 361 -56.48 -15.37 -12.68
C VAL A 361 -55.88 -15.24 -14.09
N ARG A 362 -56.64 -15.61 -15.12
CA ARG A 362 -56.15 -15.50 -16.49
C ARG A 362 -55.98 -14.00 -16.87
N LEU A 363 -56.94 -13.16 -16.46
CA LEU A 363 -56.86 -11.73 -16.70
C LEU A 363 -55.76 -11.00 -15.91
N ARG A 364 -55.28 -11.63 -14.84
CA ARG A 364 -54.20 -11.06 -14.02
C ARG A 364 -52.87 -11.09 -14.73
N GLY A 365 -52.72 -11.99 -15.70
CA GLY A 365 -51.49 -12.11 -16.45
C GLY A 365 -50.94 -13.47 -16.18
N ARG A 366 -49.97 -13.88 -17.00
CA ARG A 366 -49.40 -15.24 -16.92
C ARG A 366 -48.47 -15.31 -15.72
N SER A 367 -47.70 -14.25 -15.50
CA SER A 367 -46.89 -14.08 -14.30
C SER A 367 -47.68 -14.54 -13.05
N PHE A 368 -48.83 -13.91 -12.77
CA PHE A 368 -49.66 -14.31 -11.64
C PHE A 368 -49.84 -15.83 -11.56
N ALA A 369 -50.28 -16.45 -12.65
CA ALA A 369 -50.53 -17.91 -12.68
C ALA A 369 -49.26 -18.80 -12.54
N GLY A 370 -48.12 -18.28 -12.99
CA GLY A 370 -46.83 -18.94 -12.73
C GLY A 370 -46.46 -18.98 -11.25
N ASN A 371 -46.59 -17.85 -10.56
CA ASN A 371 -46.35 -17.83 -9.12
C ASN A 371 -47.30 -18.82 -8.40
N LEU A 372 -48.57 -18.75 -8.75
CA LEU A 372 -49.56 -19.60 -8.10
C LEU A 372 -49.20 -21.07 -8.33
N ASN A 373 -48.96 -21.47 -9.58
CA ASN A 373 -48.64 -22.88 -9.88
C ASN A 373 -47.38 -23.37 -9.14
N THR A 374 -46.26 -22.67 -9.32
CA THR A 374 -45.00 -22.94 -8.55
C THR A 374 -45.22 -23.05 -7.02
N TYR A 375 -45.96 -22.10 -6.45
CA TYR A 375 -46.27 -22.15 -5.01
C TYR A 375 -46.92 -23.47 -4.56
N LYS A 376 -48.08 -23.81 -5.15
CA LYS A 376 -48.73 -25.09 -4.89
C LYS A 376 -47.75 -26.30 -4.91
N ARG A 377 -46.93 -26.40 -5.96
CA ARG A 377 -46.05 -27.57 -6.16
C ARG A 377 -45.11 -27.84 -5.02
N LEU A 378 -44.62 -26.75 -4.41
CA LEU A 378 -43.62 -26.84 -3.35
C LEU A 378 -44.27 -26.80 -1.99
N ALA A 379 -45.56 -26.47 -1.94
CA ALA A 379 -46.29 -26.36 -0.69
C ALA A 379 -47.11 -27.63 -0.37
N ILE A 380 -47.68 -28.28 -1.38
CA ILE A 380 -48.52 -29.48 -1.20
C ILE A 380 -47.84 -30.72 -1.77
N LYS A 381 -47.63 -31.75 -0.96
CA LYS A 381 -46.89 -32.96 -1.38
C LYS A 381 -47.82 -34.16 -1.53
N LEU A 382 -47.96 -34.64 -2.75
CA LEU A 382 -48.78 -35.82 -2.98
C LEU A 382 -48.15 -37.01 -2.24
N PRO A 383 -48.99 -37.89 -1.61
CA PRO A 383 -48.45 -39.05 -0.90
C PRO A 383 -47.68 -39.99 -1.83
N ASP A 384 -46.62 -40.63 -1.35
CA ASP A 384 -45.70 -41.38 -2.22
C ASP A 384 -46.48 -42.27 -3.19
N ASP A 385 -47.53 -42.91 -2.69
CA ASP A 385 -48.51 -43.68 -3.49
C ASP A 385 -48.85 -43.12 -4.86
N GLN A 386 -49.06 -41.79 -4.92
CA GLN A 386 -49.55 -41.12 -6.15
C GLN A 386 -48.43 -40.50 -7.03
N ILE A 387 -47.17 -40.60 -6.59
CA ILE A 387 -46.02 -40.06 -7.37
C ILE A 387 -45.09 -41.21 -7.73
N PRO A 388 -45.38 -41.85 -8.87
CA PRO A 388 -44.77 -43.14 -9.19
C PRO A 388 -43.34 -43.01 -9.74
N LYS A 389 -43.24 -43.02 -11.07
CA LYS A 389 -42.19 -42.35 -11.80
C LYS A 389 -40.83 -43.06 -11.75
N THR A 390 -40.00 -42.60 -12.68
CA THR A 390 -38.65 -43.05 -12.94
C THR A 390 -37.84 -43.46 -11.75
N ASN A 391 -36.91 -44.37 -12.01
CA ASN A 391 -35.88 -44.68 -11.04
C ASN A 391 -34.65 -43.81 -11.29
N CYS A 392 -34.87 -42.55 -11.71
CA CYS A 392 -33.79 -41.63 -12.07
C CYS A 392 -33.26 -40.93 -10.84
N ASN A 393 -31.93 -40.75 -10.77
CA ASN A 393 -31.30 -39.99 -9.70
C ASN A 393 -30.73 -38.70 -10.27
N VAL A 394 -31.20 -37.58 -9.75
CA VAL A 394 -30.79 -36.27 -10.21
C VAL A 394 -30.00 -35.58 -9.07
N ALA A 395 -28.86 -34.97 -9.43
CA ALA A 395 -28.02 -34.30 -8.46
C ALA A 395 -28.25 -32.80 -8.50
N VAL A 396 -28.02 -32.15 -7.36
CA VAL A 396 -28.07 -30.70 -7.26
C VAL A 396 -26.80 -30.23 -6.61
N ILE A 397 -26.17 -29.24 -7.22
CA ILE A 397 -24.89 -28.72 -6.73
C ILE A 397 -24.86 -27.16 -6.67
N ASN A 398 -23.99 -26.61 -5.83
CA ASN A 398 -23.74 -25.18 -5.87
C ASN A 398 -22.34 -24.83 -6.33
N VAL A 399 -22.19 -24.06 -7.41
CA VAL A 399 -20.87 -23.69 -7.92
C VAL A 399 -20.70 -22.19 -8.08
N GLY A 400 -19.55 -21.69 -7.67
CA GLY A 400 -19.28 -20.24 -7.71
C GLY A 400 -19.15 -19.78 -6.30
N ALA A 401 -19.08 -18.48 -6.10
CA ALA A 401 -19.06 -17.90 -4.75
C ALA A 401 -20.51 -17.82 -4.30
N PRO A 402 -20.77 -17.85 -3.01
CA PRO A 402 -22.10 -17.78 -2.44
C PRO A 402 -22.90 -16.63 -2.99
N ALA A 403 -24.18 -16.88 -3.27
CA ALA A 403 -25.12 -15.88 -3.69
C ALA A 403 -26.41 -16.04 -2.93
N ALA A 404 -26.97 -14.94 -2.44
CA ALA A 404 -28.27 -14.99 -1.74
C ALA A 404 -29.35 -15.55 -2.66
N GLY A 405 -30.09 -16.54 -2.18
CA GLY A 405 -31.13 -17.20 -3.01
C GLY A 405 -30.78 -18.63 -3.44
N MET A 406 -29.48 -18.94 -3.52
CA MET A 406 -29.02 -20.32 -3.78
C MET A 406 -29.85 -21.37 -3.03
N ASN A 407 -30.09 -21.12 -1.75
CA ASN A 407 -30.80 -22.08 -0.89
C ASN A 407 -32.24 -22.24 -1.39
N ALA A 408 -32.93 -21.11 -1.58
CA ALA A 408 -34.29 -21.16 -2.11
C ALA A 408 -34.32 -22.05 -3.33
N ALA A 409 -33.38 -21.79 -4.23
CA ALA A 409 -33.21 -22.56 -5.50
C ALA A 409 -33.07 -24.05 -5.27
N VAL A 410 -32.22 -24.42 -4.31
CA VAL A 410 -32.03 -25.84 -4.01
C VAL A 410 -33.32 -26.51 -3.52
N ARG A 411 -33.97 -25.90 -2.54
CA ARG A 411 -35.27 -26.39 -2.04
C ARG A 411 -36.28 -26.62 -3.14
N SER A 412 -36.36 -25.69 -4.09
CA SER A 412 -37.29 -25.81 -5.21
C SER A 412 -36.93 -26.98 -6.09
N ALA A 413 -35.68 -27.03 -6.52
CA ALA A 413 -35.22 -28.17 -7.35
C ALA A 413 -35.60 -29.51 -6.73
N VAL A 414 -35.35 -29.63 -5.44
CA VAL A 414 -35.48 -30.92 -4.74
C VAL A 414 -36.93 -31.34 -4.76
N ARG A 415 -37.81 -30.43 -4.33
CA ARG A 415 -39.24 -30.74 -4.20
C ARG A 415 -39.91 -31.03 -5.55
N VAL A 416 -39.58 -30.27 -6.59
CA VAL A 416 -40.10 -30.49 -7.91
C VAL A 416 -39.58 -31.80 -8.48
N GLY A 417 -38.39 -32.21 -8.07
CA GLY A 417 -37.81 -33.47 -8.54
C GLY A 417 -38.50 -34.65 -7.89
N ILE A 418 -38.65 -34.53 -6.59
CA ILE A 418 -39.33 -35.55 -5.81
C ILE A 418 -40.76 -35.61 -6.28
N ALA A 419 -41.42 -34.46 -6.37
CA ALA A 419 -42.78 -34.37 -6.91
C ALA A 419 -42.86 -35.08 -8.25
N ASP A 420 -41.84 -34.89 -9.12
CA ASP A 420 -41.74 -35.58 -10.41
C ASP A 420 -41.25 -37.07 -10.31
N GLY A 421 -41.06 -37.53 -9.08
CA GLY A 421 -40.77 -38.92 -8.77
C GLY A 421 -39.33 -39.31 -9.05
N HIS A 422 -38.43 -38.33 -8.96
CA HIS A 422 -37.01 -38.62 -9.00
C HIS A 422 -36.51 -38.85 -7.60
N ARG A 423 -35.23 -39.19 -7.51
CA ARG A 423 -34.55 -39.37 -6.27
C ARG A 423 -33.48 -38.32 -6.33
N MET A 424 -33.37 -37.51 -5.28
CA MET A 424 -32.58 -36.30 -5.34
C MET A 424 -31.34 -36.50 -4.53
N LEU A 425 -30.21 -36.25 -5.19
CA LEU A 425 -28.92 -36.30 -4.54
C LEU A 425 -28.45 -34.85 -4.33
N ALA A 426 -28.02 -34.51 -3.13
CA ALA A 426 -27.42 -33.21 -2.89
C ALA A 426 -25.92 -33.40 -2.87
N ILE A 427 -25.21 -32.61 -3.68
CA ILE A 427 -23.74 -32.62 -3.73
C ILE A 427 -23.25 -31.44 -2.95
N TYR A 428 -22.28 -31.68 -2.08
CA TYR A 428 -21.78 -30.61 -1.19
C TYR A 428 -20.52 -29.94 -1.77
N ASP A 429 -20.24 -28.72 -1.32
CA ASP A 429 -19.05 -27.96 -1.67
C ASP A 429 -18.64 -27.90 -3.16
N GLY A 430 -19.61 -27.72 -4.04
CA GLY A 430 -19.30 -27.60 -5.47
C GLY A 430 -18.52 -28.78 -6.04
N PHE A 431 -17.60 -28.50 -6.98
CA PHE A 431 -16.86 -29.58 -7.64
C PHE A 431 -15.74 -30.13 -6.79
N ASP A 432 -15.34 -29.38 -5.76
CA ASP A 432 -14.53 -29.93 -4.65
C ASP A 432 -15.22 -31.19 -4.10
N GLY A 433 -16.41 -31.02 -3.51
CA GLY A 433 -17.09 -32.13 -2.85
C GLY A 433 -17.47 -33.21 -3.83
N PHE A 434 -17.75 -32.81 -5.07
CA PHE A 434 -18.07 -33.74 -6.12
C PHE A 434 -16.86 -34.63 -6.26
N ALA A 435 -15.72 -34.06 -6.63
CA ALA A 435 -14.49 -34.86 -6.86
C ALA A 435 -14.17 -35.82 -5.71
N LYS A 436 -14.41 -35.37 -4.48
CA LYS A 436 -14.21 -36.15 -3.25
C LYS A 436 -15.44 -37.00 -2.83
N GLY A 437 -16.48 -37.04 -3.66
CA GLY A 437 -17.66 -37.86 -3.39
C GLY A 437 -18.58 -37.47 -2.23
N GLN A 438 -18.57 -36.18 -1.84
CA GLN A 438 -19.53 -35.64 -0.84
C GLN A 438 -20.99 -35.55 -1.36
N ILE A 439 -21.62 -36.70 -1.50
CA ILE A 439 -22.93 -36.82 -2.14
C ILE A 439 -23.85 -37.51 -1.17
N LYS A 440 -25.09 -37.05 -1.04
CA LYS A 440 -26.05 -37.72 -0.17
C LYS A 440 -27.46 -37.52 -0.68
N GLU A 441 -28.32 -38.52 -0.48
CA GLU A 441 -29.72 -38.43 -0.92
C GLU A 441 -30.36 -37.31 -0.09
N ILE A 442 -31.28 -36.54 -0.70
CA ILE A 442 -31.97 -35.46 0.00
C ILE A 442 -33.48 -35.48 -0.30
N GLY A 443 -34.28 -35.29 0.75
CA GLY A 443 -35.74 -35.32 0.64
C GLY A 443 -36.51 -34.02 0.79
N TRP A 444 -37.83 -34.15 0.84
CA TRP A 444 -38.76 -33.00 0.88
C TRP A 444 -38.59 -32.18 2.13
N THR A 445 -38.57 -32.88 3.27
CA THR A 445 -38.42 -32.22 4.58
C THR A 445 -37.03 -31.64 4.78
N ASP A 446 -35.99 -32.21 4.15
CA ASP A 446 -34.62 -31.75 4.38
C ASP A 446 -34.43 -30.31 3.98
N VAL A 447 -35.30 -29.81 3.10
CA VAL A 447 -35.12 -28.47 2.52
C VAL A 447 -36.15 -27.48 3.03
N GLY A 448 -36.92 -27.90 4.03
CA GLY A 448 -37.93 -27.01 4.63
C GLY A 448 -37.26 -25.86 5.38
N GLY A 449 -37.82 -24.66 5.22
CA GLY A 449 -37.32 -23.47 5.88
C GLY A 449 -36.10 -22.81 5.26
N TRP A 450 -35.74 -23.25 4.07
CA TRP A 450 -34.57 -22.68 3.37
C TRP A 450 -34.87 -21.40 2.54
N THR A 451 -36.15 -21.18 2.21
CA THR A 451 -36.51 -20.20 1.16
C THR A 451 -35.86 -18.85 1.44
N GLY A 452 -35.64 -18.52 2.71
CA GLY A 452 -35.04 -17.26 3.09
C GLY A 452 -33.68 -17.36 3.79
N GLN A 453 -32.93 -18.41 3.51
CA GLN A 453 -31.57 -18.54 4.04
C GLN A 453 -30.54 -17.94 3.09
N GLY A 454 -29.80 -16.96 3.62
CA GLY A 454 -28.62 -16.45 2.93
C GLY A 454 -27.53 -17.51 2.78
N GLY A 455 -26.54 -17.20 1.94
CA GLY A 455 -25.44 -18.13 1.67
C GLY A 455 -25.94 -19.41 1.07
N SER A 456 -25.10 -20.44 1.17
CA SER A 456 -25.32 -21.76 0.59
C SER A 456 -25.12 -22.80 1.65
N ILE A 457 -26.15 -23.54 1.95
CA ILE A 457 -26.11 -24.58 2.96
C ILE A 457 -25.37 -25.82 2.39
N LEU A 458 -25.64 -26.21 1.12
CA LEU A 458 -24.89 -27.33 0.54
C LEU A 458 -23.41 -26.98 0.38
N GLY A 459 -23.15 -25.71 0.12
CA GLY A 459 -21.77 -25.25 0.10
C GLY A 459 -21.35 -25.02 -1.33
N THR A 460 -20.61 -23.92 -1.56
CA THR A 460 -20.13 -23.54 -2.90
C THR A 460 -18.63 -23.27 -2.95
N LYS A 461 -18.03 -23.71 -4.07
CA LYS A 461 -16.63 -23.46 -4.38
C LYS A 461 -16.50 -23.05 -5.82
N ARG A 462 -15.58 -22.13 -6.06
CA ARG A 462 -15.25 -21.70 -7.42
C ARG A 462 -14.48 -22.73 -8.27
N VAL A 463 -13.87 -23.72 -7.62
CA VAL A 463 -12.97 -24.62 -8.31
C VAL A 463 -13.73 -25.35 -9.40
N LEU A 464 -13.06 -25.46 -10.56
CA LEU A 464 -13.62 -26.01 -11.80
C LEU A 464 -13.33 -27.49 -11.87
N PRO A 465 -14.11 -28.26 -12.67
CA PRO A 465 -13.99 -29.72 -12.68
C PRO A 465 -12.86 -30.28 -13.54
N GLY A 466 -12.16 -29.43 -14.29
CA GLY A 466 -11.27 -29.89 -15.37
C GLY A 466 -10.18 -30.87 -14.98
N LYS A 467 -9.69 -30.76 -13.76
CA LYS A 467 -8.56 -31.56 -13.31
C LYS A 467 -9.05 -32.70 -12.43
N TYR A 468 -10.38 -32.85 -12.36
CA TYR A 468 -11.02 -33.89 -11.53
C TYR A 468 -12.12 -34.60 -12.32
N LEU A 469 -11.96 -34.65 -13.64
CA LEU A 469 -12.92 -35.35 -14.54
C LEU A 469 -13.01 -36.84 -14.25
N GLU A 470 -11.85 -37.45 -14.02
CA GLU A 470 -11.80 -38.87 -13.75
C GLU A 470 -12.51 -39.22 -12.44
N GLU A 471 -12.29 -38.38 -11.43
CA GLU A 471 -12.84 -38.61 -10.12
C GLU A 471 -14.34 -38.34 -10.15
N ILE A 472 -14.71 -37.23 -10.75
CA ILE A 472 -16.11 -36.80 -10.82
C ILE A 472 -16.91 -37.81 -11.60
N ALA A 473 -16.39 -38.23 -12.76
CA ALA A 473 -17.02 -39.31 -13.51
C ALA A 473 -17.18 -40.58 -12.66
N THR A 474 -16.17 -40.87 -11.81
CA THR A 474 -16.26 -42.02 -10.89
C THR A 474 -17.45 -41.89 -9.95
N GLN A 475 -17.68 -40.70 -9.42
CA GLN A 475 -18.84 -40.45 -8.56
C GLN A 475 -20.21 -40.65 -9.26
N MET A 476 -20.35 -40.14 -10.48
CA MET A 476 -21.60 -40.34 -11.24
C MET A 476 -21.89 -41.85 -11.47
N ARG A 477 -20.86 -42.61 -11.77
CA ARG A 477 -20.97 -44.05 -11.92
C ARG A 477 -21.41 -44.71 -10.64
N THR A 478 -20.69 -44.40 -9.55
CA THR A 478 -21.00 -44.92 -8.22
C THR A 478 -22.45 -44.61 -7.77
N HIS A 479 -22.92 -43.39 -8.03
CA HIS A 479 -24.26 -42.97 -7.57
C HIS A 479 -25.34 -43.06 -8.65
N SER A 480 -24.98 -43.56 -9.81
CA SER A 480 -25.92 -43.66 -10.95
C SER A 480 -26.65 -42.33 -11.18
N ILE A 481 -25.88 -41.26 -11.42
CA ILE A 481 -26.45 -39.91 -11.62
C ILE A 481 -26.98 -39.74 -13.03
N ASN A 482 -28.30 -39.71 -13.18
CA ASN A 482 -28.95 -39.61 -14.47
C ASN A 482 -29.04 -38.20 -15.06
N ALA A 483 -28.86 -37.18 -14.22
CA ALA A 483 -28.87 -35.76 -14.63
C ALA A 483 -28.33 -34.87 -13.53
N LEU A 484 -28.04 -33.61 -13.91
CA LEU A 484 -27.44 -32.65 -12.99
C LEU A 484 -28.04 -31.23 -13.13
N LEU A 485 -28.36 -30.60 -12.00
CA LEU A 485 -28.72 -29.17 -11.93
C LEU A 485 -27.68 -28.40 -11.12
N ILE A 486 -27.15 -27.34 -11.71
CA ILE A 486 -26.14 -26.51 -11.09
C ILE A 486 -26.74 -25.15 -10.90
N ILE A 487 -26.59 -24.63 -9.70
CA ILE A 487 -26.98 -23.29 -9.36
C ILE A 487 -25.68 -22.57 -9.09
N GLY A 488 -25.29 -21.69 -9.98
CA GLY A 488 -24.06 -20.94 -9.75
C GLY A 488 -23.70 -19.94 -10.82
N GLY A 489 -22.50 -19.40 -10.70
CA GLY A 489 -22.09 -18.27 -11.50
C GLY A 489 -21.22 -18.75 -12.64
N PHE A 490 -20.40 -17.83 -13.15
CA PHE A 490 -19.60 -18.06 -14.30
C PHE A 490 -18.86 -19.36 -14.17
N GLU A 491 -18.42 -19.71 -12.96
CA GLU A 491 -17.69 -20.98 -12.75
C GLU A 491 -18.54 -22.22 -13.11
N ALA A 492 -19.83 -22.14 -12.89
CA ALA A 492 -20.76 -23.20 -13.37
C ALA A 492 -20.73 -23.26 -14.92
N TYR A 493 -20.93 -22.11 -15.58
CA TYR A 493 -20.94 -22.06 -17.01
C TYR A 493 -19.67 -22.68 -17.55
N LEU A 494 -18.52 -22.25 -17.02
CA LEU A 494 -17.23 -22.81 -17.46
C LEU A 494 -17.21 -24.32 -17.21
N GLY A 495 -17.75 -24.72 -16.06
CA GLY A 495 -17.87 -26.11 -15.69
C GLY A 495 -18.65 -26.94 -16.69
N LEU A 496 -19.75 -26.43 -17.20
CA LEU A 496 -20.55 -27.16 -18.22
C LEU A 496 -19.75 -27.31 -19.55
N LEU A 497 -19.04 -26.26 -19.95
CA LEU A 497 -18.23 -26.32 -21.16
C LEU A 497 -17.19 -27.44 -21.03
N GLU A 498 -16.45 -27.47 -19.89
CA GLU A 498 -15.43 -28.48 -19.63
C GLU A 498 -15.96 -29.91 -19.72
N LEU A 499 -17.11 -30.14 -19.07
CA LEU A 499 -17.79 -31.44 -18.99
C LEU A 499 -18.42 -31.82 -20.33
N SER A 500 -18.90 -30.80 -21.06
CA SER A 500 -19.43 -31.00 -22.41
C SER A 500 -18.33 -31.61 -23.26
N ALA A 501 -17.16 -30.99 -23.19
CA ALA A 501 -15.98 -31.44 -23.96
C ALA A 501 -15.47 -32.80 -23.51
N ALA A 502 -15.64 -33.12 -22.23
CA ALA A 502 -15.16 -34.39 -21.65
C ALA A 502 -16.10 -35.61 -21.86
N ARG A 503 -17.21 -35.38 -22.56
CA ARG A 503 -18.19 -36.43 -22.82
C ARG A 503 -17.60 -37.61 -23.56
N GLU A 504 -16.82 -37.33 -24.60
CA GLU A 504 -16.34 -38.34 -25.51
C GLU A 504 -15.34 -39.26 -24.83
N LYS A 505 -14.77 -38.83 -23.71
CA LYS A 505 -13.90 -39.69 -22.93
C LYS A 505 -14.60 -40.29 -21.72
N HIS A 506 -15.61 -39.61 -21.18
CA HIS A 506 -16.36 -40.16 -20.06
C HIS A 506 -17.89 -40.23 -20.29
N GLU A 507 -18.38 -41.43 -20.61
CA GLU A 507 -19.79 -41.73 -20.85
C GLU A 507 -20.70 -41.11 -19.78
N GLU A 508 -20.23 -41.12 -18.52
CA GLU A 508 -21.01 -40.63 -17.35
C GLU A 508 -21.54 -39.21 -17.47
N PHE A 509 -20.85 -38.38 -18.25
CA PHE A 509 -21.28 -37.00 -18.52
C PHE A 509 -22.25 -36.87 -19.71
N CYS A 510 -22.72 -38.00 -20.25
CA CYS A 510 -23.65 -37.98 -21.39
C CYS A 510 -25.12 -37.96 -20.93
N VAL A 511 -25.39 -37.04 -20.00
CA VAL A 511 -26.68 -36.88 -19.35
C VAL A 511 -27.14 -35.44 -19.53
N PRO A 512 -28.41 -35.15 -19.21
CA PRO A 512 -28.86 -33.77 -19.35
C PRO A 512 -28.35 -32.92 -18.18
N MET A 513 -27.64 -31.85 -18.52
CA MET A 513 -27.09 -30.95 -17.55
C MET A 513 -27.65 -29.58 -17.82
N VAL A 514 -28.28 -28.99 -16.82
CA VAL A 514 -28.79 -27.62 -16.94
C VAL A 514 -28.28 -26.80 -15.76
N MET A 515 -28.11 -25.52 -16.03
CA MET A 515 -27.57 -24.53 -15.07
C MET A 515 -28.52 -23.33 -14.96
N VAL A 516 -28.75 -22.88 -13.73
CA VAL A 516 -29.47 -21.63 -13.51
C VAL A 516 -28.46 -20.69 -12.86
N PRO A 517 -28.47 -19.40 -13.23
CA PRO A 517 -27.42 -18.49 -12.87
C PRO A 517 -27.59 -17.88 -11.47
N ALA A 518 -26.55 -17.97 -10.63
CA ALA A 518 -26.56 -17.33 -9.32
C ALA A 518 -25.22 -16.73 -8.88
N THR A 519 -25.21 -15.39 -8.76
CA THR A 519 -24.04 -14.56 -8.35
C THR A 519 -24.51 -13.16 -8.07
N VAL A 520 -23.89 -12.51 -7.10
CA VAL A 520 -24.10 -11.05 -6.93
C VAL A 520 -23.70 -10.25 -8.22
N SER A 521 -22.80 -10.80 -9.01
CA SER A 521 -22.24 -10.10 -10.16
C SER A 521 -23.12 -9.93 -11.40
N ASN A 522 -24.05 -10.83 -11.61
CA ASN A 522 -24.89 -10.85 -12.83
C ASN A 522 -24.08 -10.92 -14.10
N ASN A 523 -22.94 -11.59 -14.06
CA ASN A 523 -22.08 -11.75 -15.24
C ASN A 523 -22.24 -13.06 -16.05
N VAL A 524 -23.33 -13.78 -15.82
CA VAL A 524 -23.47 -15.10 -16.45
C VAL A 524 -24.07 -14.96 -17.83
N PRO A 525 -23.35 -15.40 -18.88
CA PRO A 525 -23.92 -15.30 -20.25
C PRO A 525 -25.14 -16.19 -20.48
N GLY A 526 -26.17 -15.62 -21.05
CA GLY A 526 -27.42 -16.31 -21.30
C GLY A 526 -28.55 -15.91 -20.38
N SER A 527 -28.32 -14.88 -19.57
CA SER A 527 -29.33 -14.41 -18.62
C SER A 527 -29.12 -12.92 -18.29
N ASP A 528 -30.17 -12.12 -18.45
CA ASP A 528 -30.18 -10.70 -18.07
C ASP A 528 -30.10 -10.51 -16.54
N PHE A 529 -30.45 -11.55 -15.78
CA PHE A 529 -30.51 -11.47 -14.32
C PHE A 529 -29.93 -12.71 -13.68
N SER A 530 -29.37 -12.55 -12.47
CA SER A 530 -28.85 -13.69 -11.72
C SER A 530 -29.34 -13.66 -10.31
N ILE A 531 -29.50 -14.85 -9.74
CA ILE A 531 -29.96 -14.98 -8.36
C ILE A 531 -28.87 -14.40 -7.44
N GLY A 532 -29.20 -13.35 -6.68
CA GLY A 532 -28.28 -12.77 -5.70
C GLY A 532 -27.99 -11.28 -5.92
N ALA A 533 -28.15 -10.80 -7.17
CA ALA A 533 -27.80 -9.41 -7.49
C ALA A 533 -28.78 -8.36 -6.91
N ASP A 534 -30.07 -8.69 -6.75
CA ASP A 534 -31.04 -7.72 -6.17
C ASP A 534 -30.71 -7.52 -4.68
N THR A 535 -30.44 -8.62 -3.97
CA THR A 535 -29.90 -8.52 -2.64
C THR A 535 -28.68 -7.54 -2.56
N ALA A 536 -27.72 -7.72 -3.44
CA ALA A 536 -26.48 -6.93 -3.42
C ALA A 536 -26.80 -5.50 -3.73
N LEU A 537 -27.65 -5.26 -4.75
CA LEU A 537 -28.09 -3.88 -5.08
C LEU A 537 -28.77 -3.21 -3.87
N ASN A 538 -29.52 -3.98 -3.08
CA ASN A 538 -30.19 -3.44 -1.91
C ASN A 538 -29.15 -3.12 -0.81
N THR A 539 -28.16 -4.00 -0.63
CA THR A 539 -27.09 -3.78 0.32
C THR A 539 -26.35 -2.50 -0.05
N ILE A 540 -26.03 -2.37 -1.35
CA ILE A 540 -25.38 -1.14 -1.85
C ILE A 540 -26.26 0.08 -1.61
N THR A 541 -27.52 -0.05 -2.02
CA THR A 541 -28.50 1.00 -1.86
C THR A 541 -28.72 1.33 -0.37
N ASP A 542 -28.90 0.29 0.46
CA ASP A 542 -29.02 0.44 1.92
C ASP A 542 -27.82 1.27 2.44
N THR A 543 -26.60 0.95 1.99
CA THR A 543 -25.40 1.48 2.60
C THR A 543 -25.23 2.96 2.30
N CYS A 544 -25.35 3.32 1.01
CA CYS A 544 -25.34 4.72 0.56
C CYS A 544 -26.39 5.53 1.31
N ASP A 545 -27.56 4.95 1.58
CA ASP A 545 -28.61 5.67 2.34
C ASP A 545 -28.12 6.06 3.73
N ARG A 546 -27.44 5.13 4.42
CA ARG A 546 -26.90 5.39 5.76
C ARG A 546 -25.75 6.38 5.69
N ILE A 547 -24.98 6.28 4.63
CA ILE A 547 -23.88 7.23 4.41
C ILE A 547 -24.45 8.66 4.27
N LYS A 548 -25.45 8.84 3.42
CA LYS A 548 -26.00 10.17 3.19
C LYS A 548 -26.68 10.68 4.45
N GLN A 549 -27.16 9.76 5.28
CA GLN A 549 -27.84 10.03 6.57
C GLN A 549 -26.91 10.65 7.60
N SER A 550 -25.66 10.18 7.60
CA SER A 550 -24.56 10.75 8.40
C SER A 550 -23.81 11.97 7.79
N ALA A 551 -23.14 12.71 8.67
CA ALA A 551 -22.25 13.88 8.32
C ALA A 551 -22.91 15.23 7.96
N SER A 552 -24.08 15.49 8.51
CA SER A 552 -25.03 16.30 7.72
C SER A 552 -24.86 17.82 7.42
N GLY A 553 -24.38 18.62 8.37
CA GLY A 553 -24.51 20.10 8.22
C GLY A 553 -23.40 20.77 7.43
N THR A 554 -22.23 20.18 7.53
CA THR A 554 -21.04 20.66 6.86
C THR A 554 -21.04 20.20 5.40
N LYS A 555 -21.29 18.91 5.17
CA LYS A 555 -21.37 18.42 3.79
C LYS A 555 -20.04 18.83 3.07
N ARG A 556 -20.07 19.34 1.83
CA ARG A 556 -18.87 19.42 0.98
C ARG A 556 -18.06 18.12 1.17
N ARG A 557 -18.71 16.98 0.96
CA ARG A 557 -18.01 15.69 1.00
C ARG A 557 -18.38 14.74 -0.17
N VAL A 558 -17.40 14.06 -0.70
CA VAL A 558 -17.63 13.16 -1.82
C VAL A 558 -17.19 11.78 -1.35
N PHE A 559 -18.05 10.78 -1.56
CA PHE A 559 -17.70 9.45 -1.17
C PHE A 559 -17.41 8.65 -2.43
N ILE A 560 -16.27 7.94 -2.43
CA ILE A 560 -15.91 7.01 -3.50
C ILE A 560 -16.15 5.64 -2.90
N ILE A 561 -16.96 4.84 -3.58
CA ILE A 561 -17.39 3.55 -3.08
C ILE A 561 -17.15 2.42 -4.11
N GLU A 562 -16.43 1.38 -3.72
CA GLU A 562 -16.08 0.30 -4.62
C GLU A 562 -17.01 -0.87 -4.42
N THR A 563 -17.43 -1.44 -5.53
CA THR A 563 -18.45 -2.49 -5.53
C THR A 563 -17.89 -3.74 -6.22
N MET A 564 -18.54 -4.85 -6.01
CA MET A 564 -18.22 -6.09 -6.68
C MET A 564 -18.80 -6.15 -8.08
N GLY A 565 -18.67 -7.31 -8.69
CA GLY A 565 -19.10 -7.53 -10.07
C GLY A 565 -18.02 -8.22 -10.93
N GLY A 566 -16.76 -8.12 -10.49
CA GLY A 566 -15.66 -8.60 -11.29
C GLY A 566 -15.51 -7.52 -12.35
N TYR A 567 -15.57 -7.90 -13.62
CA TYR A 567 -15.57 -6.94 -14.71
C TYR A 567 -16.96 -6.53 -15.11
N CYS A 568 -17.94 -7.12 -14.42
CA CYS A 568 -19.34 -6.86 -14.72
C CYS A 568 -19.89 -5.70 -13.90
N GLY A 569 -20.14 -4.61 -14.62
CA GLY A 569 -20.57 -3.37 -14.03
C GLY A 569 -22.06 -3.27 -13.75
N TYR A 570 -22.76 -4.42 -13.61
CA TYR A 570 -24.18 -4.42 -13.20
C TYR A 570 -24.41 -3.83 -11.82
N LEU A 571 -23.83 -4.38 -10.77
CA LEU A 571 -24.02 -3.78 -9.44
C LEU A 571 -23.66 -2.32 -9.44
N ALA A 572 -22.51 -2.02 -10.05
CA ALA A 572 -21.99 -0.65 -9.99
C ALA A 572 -22.98 0.33 -10.67
N ASN A 573 -23.30 0.01 -11.92
CA ASN A 573 -24.18 0.83 -12.72
C ASN A 573 -25.57 0.99 -12.09
N MET A 574 -26.25 -0.14 -11.86
CA MET A 574 -27.58 -0.13 -11.29
C MET A 574 -27.54 0.45 -9.90
N GLY A 575 -26.58 0.00 -9.08
CA GLY A 575 -26.35 0.60 -7.73
C GLY A 575 -26.25 2.11 -7.84
N GLY A 576 -25.51 2.60 -8.84
CA GLY A 576 -25.38 4.03 -9.08
C GLY A 576 -26.72 4.72 -9.26
N LEU A 577 -27.48 4.30 -10.29
CA LEU A 577 -28.90 4.75 -10.44
C LEU A 577 -29.70 4.82 -9.13
N ALA A 578 -29.88 3.67 -8.49
CA ALA A 578 -30.71 3.52 -7.31
C ALA A 578 -30.23 4.44 -6.16
N ALA A 579 -28.91 4.58 -6.03
CA ALA A 579 -28.31 5.46 -5.02
C ALA A 579 -28.21 6.91 -5.52
N GLY A 580 -28.62 7.16 -6.75
CA GLY A 580 -28.56 8.53 -7.30
C GLY A 580 -27.15 9.09 -7.35
N ALA A 581 -26.20 8.25 -7.73
CA ALA A 581 -24.80 8.64 -7.70
C ALA A 581 -24.54 9.61 -8.80
N ASP A 582 -23.39 10.26 -8.67
CA ASP A 582 -22.91 11.24 -9.66
C ASP A 582 -22.05 10.62 -10.73
N ALA A 583 -21.60 9.39 -10.49
CA ALA A 583 -20.83 8.66 -11.48
C ALA A 583 -20.68 7.20 -11.04
N ALA A 584 -20.67 6.31 -12.02
CA ALA A 584 -20.37 4.91 -11.76
C ALA A 584 -19.49 4.36 -12.87
N TYR A 585 -18.19 4.26 -12.55
CA TYR A 585 -17.18 3.84 -13.52
C TYR A 585 -17.25 2.36 -13.65
N ILE A 586 -17.25 1.89 -14.90
CA ILE A 586 -17.33 0.48 -15.19
C ILE A 586 -16.36 0.08 -16.31
N PHE A 587 -16.03 -1.21 -16.36
CA PHE A 587 -15.08 -1.74 -17.33
C PHE A 587 -15.64 -1.68 -18.77
N GLU A 588 -16.95 -1.91 -18.94
CA GLU A 588 -17.56 -1.94 -20.29
C GLU A 588 -17.66 -0.55 -20.95
N GLU A 589 -17.28 0.50 -20.23
CA GLU A 589 -17.26 1.86 -20.77
C GLU A 589 -15.96 2.52 -20.39
N PRO A 590 -14.96 2.47 -21.29
CA PRO A 590 -13.67 3.03 -20.94
C PRO A 590 -13.76 4.49 -20.51
N PHE A 591 -12.81 4.90 -19.68
CA PHE A 591 -12.70 6.30 -19.24
C PHE A 591 -11.21 6.68 -19.07
N ASP A 592 -10.86 7.90 -19.48
CA ASP A 592 -9.51 8.41 -19.33
C ASP A 592 -9.48 9.55 -18.33
N ILE A 593 -8.28 10.05 -18.07
CA ILE A 593 -8.08 11.12 -17.07
C ILE A 593 -8.81 12.42 -17.46
N ARG A 594 -9.18 12.57 -18.73
CA ARG A 594 -10.06 13.65 -19.15
C ARG A 594 -11.45 13.43 -18.57
N ASP A 595 -11.97 12.21 -18.73
CA ASP A 595 -13.27 11.86 -18.19
C ASP A 595 -13.32 12.17 -16.72
N LEU A 596 -12.27 11.82 -15.98
CA LEU A 596 -12.25 11.96 -14.52
C LEU A 596 -12.22 13.44 -14.12
N GLN A 597 -11.31 14.17 -14.77
CA GLN A 597 -11.14 15.62 -14.58
C GLN A 597 -12.47 16.34 -14.88
N SER A 598 -13.20 15.85 -15.86
CA SER A 598 -14.47 16.44 -16.23
C SER A 598 -15.52 16.19 -15.13
N ASN A 599 -15.61 14.95 -14.63
CA ASN A 599 -16.50 14.68 -13.49
C ASN A 599 -16.09 15.50 -12.26
N VAL A 600 -14.80 15.69 -12.04
CA VAL A 600 -14.34 16.40 -10.85
C VAL A 600 -14.74 17.87 -10.92
N GLU A 601 -14.65 18.42 -12.14
CA GLU A 601 -15.00 19.81 -12.39
C GLU A 601 -16.55 19.98 -12.30
N HIS A 602 -17.32 18.99 -12.73
CA HIS A 602 -18.76 19.00 -12.48
C HIS A 602 -19.10 19.12 -10.99
N LEU A 603 -18.57 18.20 -10.19
CA LEU A 603 -18.83 18.17 -8.74
C LEU A 603 -18.41 19.46 -8.11
N THR A 604 -17.37 20.08 -8.64
CA THR A 604 -16.93 21.38 -8.15
C THR A 604 -18.04 22.44 -8.32
N GLU A 605 -18.55 22.54 -9.53
CA GLU A 605 -19.69 23.39 -9.81
C GLU A 605 -20.92 23.02 -8.94
N LYS A 606 -21.17 21.72 -8.77
CA LYS A 606 -22.24 21.23 -7.91
C LYS A 606 -22.16 21.76 -6.46
N MET A 607 -20.94 22.01 -5.96
CA MET A 607 -20.79 22.57 -4.60
C MET A 607 -21.02 24.09 -4.55
N LYS A 608 -21.45 24.70 -5.65
CA LYS A 608 -21.94 26.08 -5.65
C LYS A 608 -23.47 26.12 -5.49
N THR A 609 -24.11 24.97 -5.69
CA THR A 609 -25.54 24.81 -5.40
C THR A 609 -25.66 24.44 -3.94
N THR A 610 -26.88 24.14 -3.51
CA THR A 610 -27.17 23.71 -2.12
C THR A 610 -26.91 22.20 -1.84
N ILE A 611 -26.92 21.38 -2.90
CA ILE A 611 -26.65 19.94 -2.74
C ILE A 611 -25.15 19.69 -2.79
N GLN A 612 -24.54 19.91 -1.63
CA GLN A 612 -23.13 19.77 -1.50
C GLN A 612 -22.81 18.38 -0.94
N ARG A 613 -23.06 17.38 -1.75
CA ARG A 613 -22.59 16.02 -1.48
C ARG A 613 -22.28 15.35 -2.82
N GLY A 614 -21.59 14.23 -2.76
CA GLY A 614 -21.15 13.54 -3.97
C GLY A 614 -21.13 12.06 -3.73
N LEU A 615 -21.44 11.30 -4.77
CA LEU A 615 -21.41 9.87 -4.64
C LEU A 615 -20.87 9.24 -5.91
N VAL A 616 -19.72 8.57 -5.80
CA VAL A 616 -18.99 8.04 -6.94
C VAL A 616 -18.80 6.57 -6.74
N LEU A 617 -19.25 5.77 -7.70
CA LEU A 617 -19.13 4.32 -7.55
C LEU A 617 -18.11 3.79 -8.52
N ARG A 618 -17.25 2.90 -8.02
CA ARG A 618 -16.22 2.28 -8.88
C ARG A 618 -16.33 0.78 -8.92
N ASN A 619 -16.68 0.24 -10.10
CA ASN A 619 -16.58 -1.19 -10.26
C ASN A 619 -15.16 -1.63 -9.91
N GLU A 620 -15.02 -2.65 -9.09
CA GLU A 620 -13.70 -3.09 -8.56
C GLU A 620 -12.62 -3.48 -9.57
N SER A 621 -13.00 -3.92 -10.75
CA SER A 621 -12.02 -4.22 -11.84
C SER A 621 -12.25 -3.42 -13.09
N CYS A 622 -12.65 -2.17 -12.92
CA CYS A 622 -13.01 -1.33 -14.07
C CYS A 622 -11.78 -0.76 -14.79
N SER A 623 -10.60 -0.89 -14.17
CA SER A 623 -9.36 -0.29 -14.71
C SER A 623 -8.17 -0.77 -13.91
N GLU A 624 -7.12 -1.21 -14.61
CA GLU A 624 -5.86 -1.72 -14.00
C GLU A 624 -5.23 -0.62 -13.16
N ASN A 625 -4.99 0.53 -13.79
CA ASN A 625 -4.30 1.65 -13.21
C ASN A 625 -5.18 2.58 -12.39
N TYR A 626 -6.36 2.90 -12.89
CA TYR A 626 -7.25 3.82 -12.16
C TYR A 626 -8.03 3.04 -11.08
N THR A 627 -7.34 2.81 -9.97
CA THR A 627 -7.87 2.11 -8.81
C THR A 627 -8.79 3.01 -7.94
N THR A 628 -9.56 2.41 -7.04
CA THR A 628 -10.31 3.16 -6.05
C THR A 628 -9.45 4.20 -5.33
N ASP A 629 -8.21 3.84 -4.99
CA ASP A 629 -7.27 4.82 -4.40
C ASP A 629 -6.93 5.94 -5.34
N PHE A 630 -6.59 5.61 -6.57
CA PHE A 630 -6.29 6.65 -7.58
C PHE A 630 -7.39 7.71 -7.69
N ILE A 631 -8.64 7.21 -7.77
CA ILE A 631 -9.81 8.04 -7.95
C ILE A 631 -10.00 8.85 -6.68
N TYR A 632 -9.87 8.18 -5.54
CA TYR A 632 -9.92 8.87 -4.25
C TYR A 632 -8.82 9.97 -4.12
N GLN A 633 -7.64 9.71 -4.65
CA GLN A 633 -6.54 10.66 -4.59
C GLN A 633 -6.74 11.84 -5.54
N LEU A 634 -7.22 11.56 -6.74
CA LEU A 634 -7.54 12.60 -7.71
C LEU A 634 -8.60 13.60 -7.18
N TYR A 635 -9.73 13.06 -6.77
CA TYR A 635 -10.86 13.87 -6.36
C TYR A 635 -10.53 14.64 -5.08
N SER A 636 -9.91 13.96 -4.12
CA SER A 636 -9.43 14.60 -2.89
C SER A 636 -8.66 15.84 -3.23
N GLU A 637 -7.66 15.65 -4.10
CA GLU A 637 -6.65 16.69 -4.42
C GLU A 637 -7.26 17.84 -5.21
N GLU A 638 -7.98 17.50 -6.27
CA GLU A 638 -8.56 18.53 -7.15
C GLU A 638 -9.77 19.25 -6.55
N GLY A 639 -10.39 18.71 -5.53
CA GLY A 639 -11.42 19.45 -4.80
C GLY A 639 -10.89 20.33 -3.66
N LYS A 640 -9.59 20.63 -3.65
CA LYS A 640 -8.97 20.96 -2.39
C LYS A 640 -9.63 22.17 -1.71
N GLY A 641 -10.00 23.15 -2.50
CA GLY A 641 -10.62 24.33 -1.88
C GLY A 641 -12.08 24.14 -1.57
N VAL A 642 -12.63 22.98 -1.93
CA VAL A 642 -14.05 22.87 -2.16
C VAL A 642 -14.71 21.74 -1.40
N PHE A 643 -14.22 20.52 -1.59
CA PHE A 643 -14.79 19.36 -0.95
C PHE A 643 -13.71 18.40 -0.55
N ASP A 644 -14.08 17.43 0.28
CA ASP A 644 -13.16 16.40 0.70
C ASP A 644 -13.80 15.04 0.51
N CYS A 645 -13.02 13.97 0.72
CA CYS A 645 -13.46 12.61 0.34
C CYS A 645 -13.17 11.54 1.36
N ARG A 646 -13.86 10.43 1.14
CA ARG A 646 -13.74 9.27 1.96
C ARG A 646 -13.90 8.17 0.97
N LYS A 647 -13.15 7.10 1.14
CA LYS A 647 -13.25 5.92 0.31
C LYS A 647 -13.82 4.83 1.18
N ASN A 648 -14.69 3.98 0.63
CA ASN A 648 -15.25 2.79 1.33
C ASN A 648 -15.26 1.63 0.39
N VAL A 649 -14.77 0.49 0.85
CA VAL A 649 -14.81 -0.74 0.03
C VAL A 649 -15.78 -1.72 0.68
N LEU A 650 -16.96 -1.82 0.05
CA LEU A 650 -18.07 -2.52 0.64
C LEU A 650 -17.70 -3.94 0.91
N GLY A 651 -17.16 -4.59 -0.09
CA GLY A 651 -16.70 -5.95 0.17
C GLY A 651 -17.81 -6.98 0.37
N HIS A 652 -17.53 -8.01 1.17
CA HIS A 652 -18.30 -9.28 1.08
C HIS A 652 -19.71 -9.28 1.66
N MET A 653 -20.12 -8.17 2.28
CA MET A 653 -21.52 -8.00 2.66
C MET A 653 -22.43 -7.94 1.45
N GLN A 654 -21.88 -7.55 0.32
CA GLN A 654 -22.70 -7.38 -0.86
C GLN A 654 -23.29 -8.74 -1.31
N GLN A 655 -22.72 -9.83 -0.81
CA GLN A 655 -23.37 -11.14 -0.99
C GLN A 655 -24.74 -11.21 -0.28
N GLY A 656 -24.78 -10.63 0.92
CA GLY A 656 -25.99 -10.37 1.64
C GLY A 656 -26.08 -10.95 3.02
N GLY A 657 -27.16 -10.58 3.67
CA GLY A 657 -27.57 -11.34 4.83
C GLY A 657 -28.57 -12.33 4.25
N ALA A 658 -29.85 -12.09 4.52
CA ALA A 658 -30.92 -12.87 3.91
C ALA A 658 -31.22 -12.40 2.51
N PRO A 659 -31.58 -13.32 1.63
CA PRO A 659 -31.79 -12.86 0.26
C PRO A 659 -33.03 -12.00 0.22
N SER A 660 -33.01 -11.00 -0.65
CA SER A 660 -34.18 -10.22 -0.94
C SER A 660 -35.26 -11.10 -1.54
N PRO A 661 -36.55 -10.72 -1.41
CA PRO A 661 -37.64 -11.48 -2.06
C PRO A 661 -37.47 -11.67 -3.56
N PHE A 662 -37.00 -10.67 -4.28
CA PHE A 662 -36.79 -10.87 -5.71
C PHE A 662 -35.89 -12.08 -5.88
N ASP A 663 -34.79 -12.14 -5.14
CA ASP A 663 -33.86 -13.26 -5.32
C ASP A 663 -34.49 -14.62 -4.85
N ARG A 664 -35.18 -14.62 -3.72
CA ARG A 664 -35.82 -15.86 -3.30
C ARG A 664 -36.76 -16.40 -4.44
N ASN A 665 -37.74 -15.58 -4.86
CA ASN A 665 -38.73 -15.98 -5.85
C ASN A 665 -38.08 -16.28 -7.21
N PHE A 666 -37.12 -15.45 -7.63
CA PHE A 666 -36.32 -15.76 -8.84
C PHE A 666 -35.60 -17.10 -8.66
N GLY A 667 -34.96 -17.30 -7.52
CA GLY A 667 -34.32 -18.58 -7.25
C GLY A 667 -35.31 -19.73 -7.41
N THR A 668 -36.48 -19.58 -6.75
CA THR A 668 -37.52 -20.63 -6.66
C THR A 668 -38.12 -20.95 -8.00
N LYS A 669 -38.43 -19.91 -8.76
CA LYS A 669 -39.20 -20.08 -10.00
C LYS A 669 -38.34 -20.66 -11.10
N ILE A 670 -37.14 -20.14 -11.27
CA ILE A 670 -36.34 -20.57 -12.38
C ILE A 670 -35.79 -21.98 -12.15
N SER A 671 -35.56 -22.35 -10.88
CA SER A 671 -35.00 -23.68 -10.56
C SER A 671 -36.00 -24.76 -10.80
N ALA A 672 -37.25 -24.47 -10.44
CA ALA A 672 -38.35 -25.40 -10.70
C ALA A 672 -38.50 -25.61 -12.21
N ARG A 673 -38.36 -24.53 -12.97
CA ARG A 673 -38.51 -24.57 -14.42
C ARG A 673 -37.41 -25.40 -15.02
N ALA A 674 -36.20 -25.30 -14.46
CA ALA A 674 -35.08 -26.12 -14.89
C ALA A 674 -35.32 -27.60 -14.61
N MET A 675 -35.80 -27.94 -13.41
CA MET A 675 -36.12 -29.34 -13.08
C MET A 675 -37.20 -29.94 -14.04
N GLU A 676 -38.21 -29.17 -14.36
CA GLU A 676 -39.19 -29.60 -15.33
C GLU A 676 -38.50 -30.06 -16.59
N TRP A 677 -37.59 -29.23 -17.07
CA TRP A 677 -36.84 -29.54 -18.27
C TRP A 677 -36.14 -30.87 -18.08
N ILE A 678 -35.48 -31.06 -16.94
CA ILE A 678 -34.75 -32.31 -16.70
C ILE A 678 -35.67 -33.51 -16.85
N THR A 679 -36.86 -33.44 -16.26
CA THR A 679 -37.73 -34.62 -16.21
C THR A 679 -38.23 -34.89 -17.62
N ALA A 680 -38.62 -33.83 -18.33
CA ALA A 680 -39.06 -33.98 -19.73
C ALA A 680 -37.99 -34.67 -20.58
N LYS A 681 -36.74 -34.26 -20.39
CA LYS A 681 -35.62 -34.86 -21.10
C LYS A 681 -35.44 -36.34 -20.74
N LEU A 682 -35.39 -36.62 -19.44
CA LEU A 682 -35.27 -38.02 -18.98
C LEU A 682 -36.44 -38.91 -19.47
N LYS A 683 -37.61 -38.29 -19.66
CA LYS A 683 -38.81 -38.97 -20.11
C LYS A 683 -38.64 -39.53 -21.54
N GLU A 684 -37.91 -38.82 -22.39
CA GLU A 684 -37.63 -39.32 -23.76
C GLU A 684 -36.43 -40.31 -23.72
N ALA A 685 -36.55 -41.35 -22.89
CA ALA A 685 -35.48 -42.31 -22.64
C ALA A 685 -35.97 -43.33 -21.58
N THR A 693 -25.03 -37.97 -27.00
CA THR A 693 -25.90 -36.83 -26.62
C THR A 693 -25.27 -35.53 -27.18
N THR A 694 -26.12 -34.62 -27.65
CA THR A 694 -25.68 -33.43 -28.41
C THR A 694 -25.65 -32.14 -27.58
N ASP A 695 -25.44 -31.01 -28.25
CA ASP A 695 -25.32 -29.71 -27.58
C ASP A 695 -26.58 -29.34 -26.76
N ASP A 696 -27.75 -29.71 -27.25
CA ASP A 696 -29.02 -29.22 -26.67
C ASP A 696 -29.31 -29.73 -25.25
N SER A 697 -28.54 -30.71 -24.77
CA SER A 697 -28.75 -31.27 -23.43
C SER A 697 -27.79 -30.69 -22.39
N ILE A 698 -26.90 -29.79 -22.83
CA ILE A 698 -26.09 -29.01 -21.89
C ILE A 698 -26.34 -27.52 -22.11
N CYS A 699 -27.20 -26.92 -21.28
CA CYS A 699 -27.54 -25.50 -21.46
C CYS A 699 -27.74 -24.67 -20.19
N VAL A 700 -27.82 -23.35 -20.42
CA VAL A 700 -28.10 -22.34 -19.41
C VAL A 700 -29.56 -21.91 -19.52
N LEU A 701 -30.33 -22.15 -18.47
CA LEU A 701 -31.68 -21.60 -18.37
C LEU A 701 -31.56 -20.19 -17.80
N GLY A 702 -32.00 -19.19 -18.55
CA GLY A 702 -31.86 -17.80 -18.13
C GLY A 702 -32.97 -16.92 -18.61
N ILE A 703 -33.01 -15.70 -18.07
CA ILE A 703 -34.01 -14.72 -18.45
C ILE A 703 -33.51 -13.85 -19.60
N SER A 704 -34.15 -13.96 -20.76
CA SER A 704 -33.78 -13.17 -21.96
C SER A 704 -34.95 -12.28 -22.50
N LYS A 705 -34.88 -10.97 -22.20
CA LYS A 705 -35.93 -9.98 -22.51
C LYS A 705 -37.26 -10.28 -21.84
N ARG A 706 -38.19 -10.90 -22.57
CA ARG A 706 -39.57 -11.07 -22.12
C ARG A 706 -39.72 -12.39 -21.33
N ASN A 707 -39.02 -13.45 -21.77
CA ASN A 707 -39.31 -14.85 -21.37
C ASN A 707 -38.04 -15.66 -21.07
N VAL A 708 -38.18 -16.82 -20.43
CA VAL A 708 -37.02 -17.63 -20.08
C VAL A 708 -36.73 -18.64 -21.20
N ILE A 709 -35.46 -18.93 -21.47
CA ILE A 709 -35.08 -19.88 -22.51
C ILE A 709 -33.83 -20.68 -22.16
N PHE A 710 -33.75 -21.90 -22.67
CA PHE A 710 -32.59 -22.77 -22.51
C PHE A 710 -31.68 -22.60 -23.72
N GLN A 711 -30.43 -22.21 -23.47
CA GLN A 711 -29.48 -21.94 -24.55
C GLN A 711 -28.27 -22.83 -24.41
N PRO A 712 -28.06 -23.74 -25.39
CA PRO A 712 -26.88 -24.61 -25.36
C PRO A 712 -25.62 -23.82 -25.08
N VAL A 713 -24.76 -24.36 -24.24
CA VAL A 713 -23.46 -23.73 -23.97
C VAL A 713 -22.61 -23.52 -25.23
N ALA A 714 -22.76 -24.39 -26.23
CA ALA A 714 -22.10 -24.17 -27.53
C ALA A 714 -22.36 -22.80 -28.12
N GLU A 715 -23.63 -22.39 -28.07
CA GLU A 715 -24.06 -21.13 -28.63
C GLU A 715 -23.63 -19.92 -27.83
N LEU A 716 -23.40 -20.11 -26.54
CA LEU A 716 -23.09 -18.98 -25.68
C LEU A 716 -21.60 -18.60 -25.73
N LYS A 717 -20.76 -19.49 -26.25
CA LYS A 717 -19.30 -19.20 -26.36
C LYS A 717 -19.00 -17.96 -27.16
N LYS A 718 -19.60 -17.85 -28.33
CA LYS A 718 -19.44 -16.65 -29.17
C LYS A 718 -20.06 -15.39 -28.54
N GLN A 719 -21.03 -15.54 -27.63
CA GLN A 719 -21.67 -14.41 -26.91
C GLN A 719 -20.98 -14.09 -25.59
N THR A 720 -19.79 -14.64 -25.39
CA THR A 720 -19.06 -14.52 -24.13
C THR A 720 -17.64 -13.94 -24.25
N ASP A 721 -17.37 -12.90 -23.45
CA ASP A 721 -16.01 -12.41 -23.26
C ASP A 721 -15.37 -13.28 -22.18
N PHE A 722 -14.58 -14.28 -22.58
CA PHE A 722 -14.01 -15.25 -21.64
C PHE A 722 -12.94 -14.67 -20.76
N GLU A 723 -12.34 -13.60 -21.25
CA GLU A 723 -11.12 -13.08 -20.65
C GLU A 723 -11.47 -12.19 -19.47
N HIS A 724 -12.66 -11.62 -19.47
CA HIS A 724 -13.16 -10.77 -18.36
C HIS A 724 -14.42 -11.35 -17.72
N ARG A 725 -14.78 -12.56 -18.14
CA ARG A 725 -15.97 -13.27 -17.64
C ARG A 725 -17.17 -12.37 -17.49
N ILE A 726 -17.51 -11.70 -18.57
CA ILE A 726 -18.77 -10.99 -18.70
C ILE A 726 -19.31 -11.35 -20.09
N PRO A 727 -20.63 -11.28 -20.31
CA PRO A 727 -21.12 -11.50 -21.66
C PRO A 727 -20.68 -10.36 -22.58
N LYS A 728 -20.94 -10.51 -23.88
CA LYS A 728 -20.55 -9.46 -24.83
C LYS A 728 -21.63 -8.38 -25.01
N GLU A 729 -22.89 -8.79 -25.12
CA GLU A 729 -23.98 -7.83 -25.32
C GLU A 729 -24.77 -7.82 -24.00
N GLN A 730 -24.82 -6.69 -23.30
CA GLN A 730 -25.45 -6.65 -21.99
C GLN A 730 -26.53 -5.58 -22.03
N TRP A 731 -27.76 -6.00 -21.66
CA TRP A 731 -28.98 -5.22 -21.85
C TRP A 731 -28.96 -3.93 -21.09
N TRP A 732 -28.41 -3.89 -19.86
CA TRP A 732 -28.49 -2.71 -18.97
C TRP A 732 -27.56 -1.53 -19.40
N LEU A 733 -26.56 -1.78 -20.25
CA LEU A 733 -25.73 -0.69 -20.86
C LEU A 733 -26.53 0.35 -21.63
N LYS A 734 -27.72 0.00 -22.16
CA LYS A 734 -28.58 0.95 -22.87
C LYS A 734 -29.06 2.03 -21.94
N LEU A 735 -29.07 1.73 -20.63
CA LEU A 735 -29.48 2.68 -19.59
C LEU A 735 -28.39 3.69 -19.18
N ARG A 736 -27.18 3.61 -19.76
CA ARG A 736 -26.05 4.45 -19.27
C ARG A 736 -26.32 5.96 -19.27
N PRO A 737 -27.00 6.50 -20.32
CA PRO A 737 -27.28 7.93 -20.26
C PRO A 737 -28.16 8.42 -19.07
N LEU A 738 -28.97 7.54 -18.46
CA LEU A 738 -29.82 7.96 -17.33
C LEU A 738 -29.01 8.54 -16.15
N MET A 739 -28.09 7.76 -15.57
CA MET A 739 -27.28 8.24 -14.42
C MET A 739 -26.93 9.73 -14.47
N LYS A 740 -26.50 10.18 -15.65
CA LYS A 740 -25.95 11.53 -15.87
C LYS A 740 -27.08 12.56 -15.94
N ILE A 741 -28.11 12.21 -16.72
CA ILE A 741 -29.38 12.93 -16.76
C ILE A 741 -29.95 13.10 -15.34
N LEU A 742 -30.26 11.99 -14.69
CA LEU A 742 -30.95 12.00 -13.37
C LEU A 742 -30.12 12.55 -12.17
N ALA A 743 -28.80 12.70 -12.33
CA ALA A 743 -27.90 13.13 -11.25
C ALA A 743 -28.18 14.51 -10.70
N SER B 6 -20.51 -29.11 38.69
CA SER B 6 -20.38 -30.55 38.31
C SER B 6 -21.28 -30.96 37.12
N ALA B 7 -22.58 -30.62 37.09
CA ALA B 7 -23.42 -30.72 35.84
C ALA B 7 -24.45 -29.61 35.87
N ILE B 8 -24.58 -28.92 34.76
CA ILE B 8 -25.38 -27.70 34.66
C ILE B 8 -26.46 -27.93 33.64
N GLY B 9 -27.68 -27.49 33.94
CA GLY B 9 -28.83 -27.62 33.03
C GLY B 9 -29.35 -26.21 32.77
N VAL B 10 -29.62 -25.90 31.50
CA VAL B 10 -30.04 -24.56 31.12
C VAL B 10 -31.30 -24.67 30.29
N LEU B 11 -32.27 -23.84 30.60
CA LEU B 11 -33.52 -23.88 29.88
C LEU B 11 -34.02 -22.47 29.61
N THR B 12 -34.93 -22.38 28.67
CA THR B 12 -35.43 -21.14 28.27
C THR B 12 -36.95 -21.14 28.44
N SER B 13 -37.43 -20.49 29.49
CA SER B 13 -38.87 -20.40 29.68
C SER B 13 -39.46 -19.02 29.34
N GLY B 14 -40.72 -19.03 28.94
CA GLY B 14 -41.48 -17.81 28.80
C GLY B 14 -41.36 -17.08 27.48
N GLY B 15 -42.20 -16.05 27.35
CA GLY B 15 -42.25 -15.22 26.16
C GLY B 15 -40.81 -15.00 25.81
N ASP B 16 -40.42 -15.44 24.63
CA ASP B 16 -39.02 -15.43 24.22
C ASP B 16 -38.52 -14.04 23.94
N ALA B 17 -37.21 -13.90 23.93
CA ALA B 17 -36.57 -12.61 23.88
C ALA B 17 -35.36 -12.78 23.03
N GLN B 18 -35.05 -11.73 22.26
CA GLN B 18 -33.88 -11.72 21.39
C GLN B 18 -32.63 -11.58 22.24
N GLY B 19 -31.67 -12.46 22.05
CA GLY B 19 -30.54 -12.53 22.94
C GLY B 19 -30.55 -13.78 23.78
N MET B 20 -31.69 -14.48 23.85
CA MET B 20 -31.77 -15.73 24.63
C MET B 20 -30.74 -16.72 24.16
N ASN B 21 -30.50 -16.72 22.85
CA ASN B 21 -29.52 -17.60 22.23
C ASN B 21 -28.10 -17.23 22.58
N ALA B 22 -27.80 -15.93 22.64
CA ALA B 22 -26.45 -15.50 23.04
C ALA B 22 -26.14 -15.98 24.43
N ALA B 23 -27.16 -15.94 25.30
CA ALA B 23 -27.06 -16.38 26.69
C ALA B 23 -26.82 -17.88 26.83
N VAL B 24 -27.61 -18.70 26.16
CA VAL B 24 -27.41 -20.17 26.19
C VAL B 24 -25.98 -20.52 25.74
N ARG B 25 -25.52 -19.86 24.67
CA ARG B 25 -24.17 -20.01 24.12
C ARG B 25 -23.18 -19.63 25.19
N ALA B 26 -23.33 -18.46 25.80
CA ALA B 26 -22.44 -18.07 26.92
C ALA B 26 -22.42 -19.07 28.10
N VAL B 27 -23.57 -19.63 28.47
CA VAL B 27 -23.61 -20.63 29.53
C VAL B 27 -22.95 -21.96 29.11
N VAL B 28 -23.26 -22.46 27.91
CA VAL B 28 -22.67 -23.72 27.45
C VAL B 28 -21.16 -23.61 27.31
N ARG B 29 -20.68 -22.51 26.72
CA ARG B 29 -19.23 -22.33 26.47
C ARG B 29 -18.47 -22.10 27.80
N MET B 30 -18.95 -21.16 28.60
CA MET B 30 -18.34 -20.89 29.91
C MET B 30 -18.42 -22.07 30.83
N GLY B 31 -19.53 -22.83 30.77
CA GLY B 31 -19.68 -24.06 31.57
C GLY B 31 -18.56 -25.05 31.22
N ILE B 32 -18.45 -25.33 29.92
CA ILE B 32 -17.45 -26.22 29.39
C ILE B 32 -16.04 -25.68 29.69
N TYR B 33 -15.85 -24.38 29.50
CA TYR B 33 -14.55 -23.76 29.75
C TYR B 33 -14.12 -24.01 31.22
N VAL B 34 -15.03 -23.83 32.18
CA VAL B 34 -14.72 -24.14 33.59
C VAL B 34 -14.68 -25.67 33.84
N GLY B 35 -14.72 -26.46 32.75
CA GLY B 35 -14.75 -27.93 32.84
C GLY B 35 -15.98 -28.61 33.43
N ALA B 36 -17.17 -28.06 33.23
CA ALA B 36 -18.44 -28.67 33.64
C ALA B 36 -19.10 -29.29 32.41
N LYS B 37 -20.05 -30.19 32.64
CA LYS B 37 -20.89 -30.69 31.55
C LYS B 37 -22.11 -29.84 31.57
N VAL B 38 -22.73 -29.62 30.42
CA VAL B 38 -23.90 -28.75 30.35
C VAL B 38 -25.03 -29.43 29.56
N TYR B 39 -26.25 -29.49 30.13
CA TYR B 39 -27.39 -30.13 29.50
C TYR B 39 -28.38 -29.13 29.01
N PHE B 40 -28.83 -29.32 27.76
CA PHE B 40 -29.95 -28.54 27.26
C PHE B 40 -31.20 -29.08 27.94
N ILE B 41 -32.15 -28.21 28.23
CA ILE B 41 -33.51 -28.65 28.56
C ILE B 41 -34.47 -28.02 27.61
N TYR B 42 -34.90 -28.82 26.62
CA TYR B 42 -35.68 -28.29 25.50
C TYR B 42 -37.09 -27.89 25.96
N GLU B 43 -37.72 -26.96 25.25
CA GLU B 43 -39.10 -26.58 25.54
C GLU B 43 -39.30 -26.15 26.99
N GLY B 44 -38.45 -25.24 27.50
CA GLY B 44 -38.64 -24.61 28.84
C GLY B 44 -38.98 -25.59 29.96
N TYR B 45 -39.92 -25.24 30.84
CA TYR B 45 -40.23 -26.12 31.96
C TYR B 45 -40.87 -27.41 31.48
N GLN B 46 -41.55 -27.36 30.34
CA GLN B 46 -42.18 -28.53 29.72
C GLN B 46 -41.21 -29.64 29.46
N GLY B 47 -40.05 -29.30 28.89
CA GLY B 47 -39.03 -30.31 28.64
C GLY B 47 -38.57 -30.98 29.92
N MET B 48 -38.39 -30.18 30.95
CA MET B 48 -38.01 -30.68 32.25
C MET B 48 -39.08 -31.62 32.84
N VAL B 49 -40.38 -31.33 32.61
CA VAL B 49 -41.50 -32.20 33.11
C VAL B 49 -41.59 -33.53 32.31
N ASP B 50 -41.47 -33.43 30.98
CA ASP B 50 -41.52 -34.60 30.10
C ASP B 50 -40.29 -35.50 30.26
N GLY B 51 -39.12 -34.91 30.44
CA GLY B 51 -37.87 -35.65 30.68
C GLY B 51 -37.29 -36.35 29.45
N GLY B 52 -36.70 -37.50 29.67
CA GLY B 52 -36.20 -38.32 28.59
C GLY B 52 -35.32 -37.51 27.70
N SER B 53 -35.63 -37.45 26.41
CA SER B 53 -34.73 -36.79 25.44
C SER B 53 -34.92 -35.25 25.30
N ASN B 54 -35.84 -34.66 26.08
CA ASN B 54 -35.89 -33.20 26.22
C ASN B 54 -34.67 -32.68 27.01
N ILE B 55 -34.00 -33.59 27.70
CA ILE B 55 -32.73 -33.30 28.35
C ILE B 55 -31.61 -34.00 27.60
N ALA B 56 -30.64 -33.21 27.11
CA ALA B 56 -29.57 -33.71 26.23
C ALA B 56 -28.29 -32.95 26.39
N GLU B 57 -27.16 -33.65 26.53
CA GLU B 57 -25.85 -32.99 26.76
C GLU B 57 -25.52 -32.10 25.57
N ALA B 58 -24.81 -30.98 25.83
CA ALA B 58 -24.35 -30.03 24.82
C ALA B 58 -22.81 -30.02 24.67
N ASP B 59 -22.33 -29.86 23.45
CA ASP B 59 -20.90 -29.68 23.16
C ASP B 59 -20.65 -28.26 22.59
N TRP B 60 -19.40 -27.95 22.26
CA TRP B 60 -19.01 -26.63 21.77
C TRP B 60 -19.80 -26.23 20.54
N GLU B 61 -19.81 -27.13 19.56
CA GLU B 61 -20.42 -26.92 18.24
C GLU B 61 -21.93 -26.61 18.29
N SER B 62 -22.65 -27.12 19.30
CA SER B 62 -24.10 -26.98 19.39
C SER B 62 -24.54 -25.54 19.56
N VAL B 63 -23.74 -24.70 20.19
CA VAL B 63 -24.10 -23.29 20.34
C VAL B 63 -23.46 -22.32 19.31
N SER B 64 -22.84 -22.83 18.24
CA SER B 64 -22.48 -21.91 17.14
C SER B 64 -23.62 -21.72 16.13
N SER B 65 -23.58 -20.60 15.43
CA SER B 65 -24.60 -20.19 14.47
C SER B 65 -25.93 -19.86 15.16
N ILE B 66 -25.88 -19.60 16.47
CA ILE B 66 -27.07 -19.41 17.32
C ILE B 66 -27.14 -17.95 17.78
N LEU B 67 -25.98 -17.41 18.16
CA LEU B 67 -25.75 -16.02 18.60
C LEU B 67 -26.55 -14.94 17.88
N GLN B 68 -26.58 -15.00 16.56
CA GLN B 68 -27.16 -13.90 15.76
C GLN B 68 -28.60 -14.07 15.41
N VAL B 69 -29.33 -14.79 16.27
CA VAL B 69 -30.68 -15.36 15.91
C VAL B 69 -31.72 -15.15 17.03
N GLY B 70 -32.88 -14.61 16.63
CA GLY B 70 -33.91 -14.30 17.61
C GLY B 70 -34.44 -15.58 18.21
N GLY B 71 -35.19 -15.45 19.32
CA GLY B 71 -35.83 -16.58 19.95
C GLY B 71 -34.82 -17.62 20.41
N THR B 72 -35.35 -18.76 20.87
CA THR B 72 -34.53 -19.83 21.52
C THR B 72 -34.38 -21.03 20.65
N ILE B 73 -33.13 -21.41 20.37
CA ILE B 73 -32.85 -22.56 19.53
C ILE B 73 -33.23 -23.84 20.31
N ILE B 74 -33.57 -23.74 21.62
CA ILE B 74 -34.05 -24.90 22.43
C ILE B 74 -35.50 -24.84 22.91
N GLY B 75 -36.30 -23.91 22.38
CA GLY B 75 -37.74 -23.79 22.73
C GLY B 75 -38.06 -23.05 24.03
N SER B 76 -39.23 -22.40 24.05
CA SER B 76 -39.92 -21.95 25.29
C SER B 76 -41.33 -22.53 25.20
N ALA B 77 -41.66 -23.34 26.18
CA ALA B 77 -43.03 -23.70 26.36
C ALA B 77 -43.56 -22.86 27.50
N ARG B 78 -44.76 -22.34 27.38
CA ARG B 78 -45.55 -22.07 28.56
C ARG B 78 -45.85 -23.46 29.11
N CYS B 79 -45.81 -23.60 30.41
CA CYS B 79 -45.95 -24.91 31.03
C CYS B 79 -46.87 -24.85 32.19
N GLN B 80 -48.13 -25.23 31.94
CA GLN B 80 -49.17 -25.31 32.95
C GLN B 80 -48.80 -26.33 34.01
N ALA B 81 -48.35 -27.50 33.56
CA ALA B 81 -48.00 -28.58 34.45
C ALA B 81 -47.05 -28.09 35.57
N PHE B 82 -46.09 -27.27 35.21
CA PHE B 82 -45.15 -26.72 36.20
C PHE B 82 -45.79 -25.81 37.26
N ARG B 83 -47.06 -25.46 37.11
CA ARG B 83 -47.77 -24.71 38.17
C ARG B 83 -48.40 -25.63 39.21
N THR B 84 -48.17 -26.93 39.10
CA THR B 84 -48.85 -27.94 39.94
C THR B 84 -47.84 -28.84 40.60
N ARG B 85 -48.06 -29.18 41.88
CA ARG B 85 -47.14 -30.08 42.63
C ARG B 85 -46.88 -31.33 41.80
N GLU B 86 -47.93 -31.86 41.17
CA GLU B 86 -47.79 -33.07 40.35
C GLU B 86 -46.74 -32.90 39.23
N GLY B 87 -46.73 -31.73 38.60
CA GLY B 87 -45.72 -31.39 37.57
C GLY B 87 -44.32 -31.22 38.12
N ARG B 88 -44.21 -30.51 39.24
CA ARG B 88 -42.91 -30.22 39.84
C ARG B 88 -42.20 -31.43 40.43
N LEU B 89 -42.98 -32.35 40.96
CA LEU B 89 -42.45 -33.67 41.34
C LEU B 89 -41.86 -34.40 40.12
N LYS B 90 -42.60 -34.43 39.02
CA LYS B 90 -42.14 -35.14 37.85
C LYS B 90 -40.91 -34.48 37.25
N ALA B 91 -40.78 -33.15 37.44
CA ALA B 91 -39.61 -32.37 36.92
C ALA B 91 -38.37 -32.68 37.70
N ALA B 92 -38.48 -32.46 39.00
CA ALA B 92 -37.43 -32.83 39.97
C ALA B 92 -36.97 -34.26 39.77
N CYS B 93 -37.89 -35.17 39.47
CA CYS B 93 -37.50 -36.54 39.25
C CYS B 93 -36.51 -36.66 38.08
N ASN B 94 -36.84 -36.04 36.95
CA ASN B 94 -36.00 -36.09 35.73
C ASN B 94 -34.61 -35.51 35.89
N LEU B 95 -34.52 -34.47 36.71
CA LEU B 95 -33.23 -33.86 37.01
C LEU B 95 -32.36 -34.84 37.76
N LEU B 96 -32.92 -35.42 38.80
CA LEU B 96 -32.24 -36.47 39.56
C LEU B 96 -31.84 -37.68 38.70
N GLN B 97 -32.66 -38.03 37.73
CA GLN B 97 -32.30 -39.09 36.78
C GLN B 97 -30.97 -38.87 36.07
N ARG B 98 -30.62 -37.60 35.88
CA ARG B 98 -29.36 -37.26 35.24
C ARG B 98 -28.37 -36.51 36.13
N GLY B 99 -28.65 -36.47 37.42
CA GLY B 99 -27.76 -35.79 38.36
C GLY B 99 -27.66 -34.28 38.26
N ILE B 100 -28.58 -33.66 37.52
CA ILE B 100 -28.59 -32.23 37.37
C ILE B 100 -29.13 -31.63 38.64
N THR B 101 -28.31 -30.89 39.35
CA THR B 101 -28.80 -30.09 40.49
C THR B 101 -28.30 -28.64 40.37
N ASN B 102 -27.69 -28.28 39.23
CA ASN B 102 -27.38 -26.89 38.94
C ASN B 102 -28.27 -26.46 37.78
N LEU B 103 -29.00 -25.37 37.98
CA LEU B 103 -30.00 -24.95 37.06
C LEU B 103 -29.81 -23.49 36.69
N CYS B 104 -29.75 -23.24 35.39
CA CYS B 104 -29.76 -21.87 34.89
C CYS B 104 -31.08 -21.63 34.15
N VAL B 105 -31.89 -20.70 34.63
CA VAL B 105 -33.19 -20.46 34.06
C VAL B 105 -33.29 -19.07 33.43
N ILE B 106 -33.47 -19.06 32.11
CA ILE B 106 -33.51 -17.83 31.35
C ILE B 106 -35.00 -17.58 31.03
N GLY B 107 -35.57 -16.56 31.65
CA GLY B 107 -36.99 -16.25 31.45
C GLY B 107 -37.41 -14.94 32.05
N GLY B 108 -38.67 -14.81 32.47
CA GLY B 108 -39.22 -13.51 32.91
C GLY B 108 -39.73 -13.59 34.34
N ASP B 109 -40.59 -12.62 34.70
CA ASP B 109 -41.25 -12.62 36.00
C ASP B 109 -41.68 -14.03 36.41
N GLY B 110 -42.46 -14.64 35.54
CA GLY B 110 -43.13 -15.84 35.86
C GLY B 110 -42.16 -17.00 35.93
N SER B 111 -41.29 -17.08 34.93
CA SER B 111 -40.33 -18.16 34.86
C SER B 111 -39.51 -18.17 36.13
N LEU B 112 -39.12 -16.97 36.59
CA LEU B 112 -38.28 -16.85 37.80
C LEU B 112 -39.06 -17.01 39.10
N THR B 113 -40.32 -16.56 39.12
CA THR B 113 -41.24 -16.89 40.22
C THR B 113 -41.35 -18.43 40.33
N GLY B 114 -41.45 -19.10 39.17
CA GLY B 114 -41.51 -20.55 39.12
C GLY B 114 -40.28 -21.22 39.71
N ALA B 115 -39.10 -20.71 39.35
CA ALA B 115 -37.85 -21.32 39.80
C ALA B 115 -37.63 -21.05 41.28
N ASN B 116 -38.08 -19.88 41.75
CA ASN B 116 -38.00 -19.55 43.16
C ASN B 116 -38.86 -20.48 43.97
N LEU B 117 -40.07 -20.72 43.47
CA LEU B 117 -41.01 -21.66 44.10
C LEU B 117 -40.47 -23.09 44.11
N PHE B 118 -40.02 -23.57 42.96
CA PHE B 118 -39.39 -24.89 42.80
C PHE B 118 -38.26 -25.07 43.81
N ARG B 119 -37.39 -24.05 43.93
CA ARG B 119 -36.21 -24.10 44.82
C ARG B 119 -36.68 -24.31 46.25
N LYS B 120 -37.57 -23.44 46.74
CA LYS B 120 -38.17 -23.56 48.08
C LYS B 120 -38.78 -24.94 48.33
N GLU B 121 -39.47 -25.46 47.30
CA GLU B 121 -40.13 -26.75 47.37
C GLU B 121 -39.21 -27.96 47.14
N TRP B 122 -37.94 -27.74 46.83
CA TRP B 122 -37.05 -28.84 46.43
C TRP B 122 -36.95 -29.97 47.40
N SER B 123 -37.49 -29.85 48.60
CA SER B 123 -37.87 -31.08 49.32
C SER B 123 -39.24 -31.69 48.88
N GLY B 124 -39.65 -31.52 47.61
CA GLY B 124 -40.60 -32.41 46.93
C GLY B 124 -39.94 -33.78 46.77
N LEU B 125 -38.60 -33.82 46.78
CA LEU B 125 -37.78 -35.05 46.98
C LEU B 125 -38.25 -35.96 48.12
N LEU B 126 -38.74 -35.38 49.22
CA LEU B 126 -39.18 -36.19 50.33
C LEU B 126 -40.48 -36.90 49.96
N GLU B 127 -41.26 -36.30 49.07
CA GLU B 127 -42.39 -36.99 48.48
C GLU B 127 -41.90 -38.13 47.61
N GLU B 128 -40.83 -37.91 46.87
CA GLU B 128 -40.35 -38.91 45.91
C GLU B 128 -39.98 -40.18 46.63
N LEU B 129 -39.31 -40.04 47.77
CA LEU B 129 -38.90 -41.18 48.57
C LEU B 129 -40.12 -41.87 49.18
N ALA B 130 -41.08 -41.10 49.72
CA ALA B 130 -42.30 -41.65 50.32
C ALA B 130 -43.08 -42.48 49.30
N ARG B 131 -42.77 -42.31 48.00
CA ARG B 131 -43.19 -43.24 46.93
C ARG B 131 -41.99 -44.02 46.39
N ASN B 132 -42.15 -44.69 45.29
CA ASN B 132 -41.01 -45.42 44.70
C ASN B 132 -40.02 -44.47 44.02
N GLY B 133 -40.53 -43.36 43.45
CA GLY B 133 -39.76 -42.32 42.76
C GLY B 133 -38.26 -42.52 42.83
N GLN B 134 -37.65 -42.29 44.00
CA GLN B 134 -36.21 -42.38 44.15
C GLN B 134 -35.71 -42.91 45.51
N ILE B 135 -34.55 -43.58 45.45
CA ILE B 135 -33.81 -44.11 46.63
C ILE B 135 -33.76 -43.11 47.80
N ASP B 136 -33.79 -43.65 49.01
CA ASP B 136 -33.88 -42.86 50.24
C ASP B 136 -32.60 -42.04 50.43
N LYS B 137 -31.46 -42.69 50.24
CA LYS B 137 -30.12 -42.08 50.41
C LYS B 137 -29.80 -40.99 49.37
N GLU B 138 -30.52 -40.99 48.26
CA GLU B 138 -30.34 -40.01 47.17
C GLU B 138 -31.19 -38.74 47.38
N ALA B 139 -32.11 -38.81 48.35
CA ALA B 139 -32.80 -37.63 48.88
C ALA B 139 -31.83 -36.71 49.69
N VAL B 140 -30.65 -37.26 50.04
CA VAL B 140 -29.62 -36.55 50.79
C VAL B 140 -28.39 -36.25 49.90
N GLN B 141 -28.08 -37.11 48.93
CA GLN B 141 -26.97 -36.78 48.01
C GLN B 141 -27.35 -35.54 47.18
N LYS B 142 -28.54 -35.58 46.61
CA LYS B 142 -28.99 -34.51 45.73
C LYS B 142 -29.90 -33.48 46.42
N TYR B 143 -29.69 -33.31 47.71
CA TYR B 143 -30.62 -32.56 48.54
C TYR B 143 -30.41 -31.10 48.25
N ALA B 144 -31.27 -30.25 48.81
CA ALA B 144 -31.15 -28.77 48.82
C ALA B 144 -29.80 -28.18 48.35
N TYR B 145 -29.00 -28.99 47.64
CA TYR B 145 -28.01 -28.50 46.73
C TYR B 145 -28.69 -28.47 45.34
N LEU B 146 -29.96 -28.08 45.30
CA LEU B 146 -30.53 -27.51 44.10
C LEU B 146 -30.05 -26.10 44.06
N ASN B 147 -29.17 -25.83 43.10
CA ASN B 147 -28.46 -24.58 42.97
C ASN B 147 -29.08 -23.88 41.77
N VAL B 148 -29.93 -22.90 42.03
CA VAL B 148 -30.64 -22.18 41.02
C VAL B 148 -29.96 -20.82 40.78
N VAL B 149 -29.83 -20.44 39.48
CA VAL B 149 -29.45 -19.08 39.10
C VAL B 149 -30.32 -18.68 37.92
N GLY B 150 -30.93 -17.49 38.00
CA GLY B 150 -31.77 -16.98 36.94
C GLY B 150 -31.11 -15.84 36.16
N MET B 151 -31.51 -15.70 34.89
CA MET B 151 -31.22 -14.49 34.11
C MET B 151 -32.55 -14.12 33.58
N VAL B 152 -32.80 -12.83 33.51
CA VAL B 152 -34.08 -12.37 33.04
C VAL B 152 -33.97 -12.13 31.53
N GLY B 153 -34.61 -13.01 30.75
CA GLY B 153 -34.76 -12.79 29.31
C GLY B 153 -36.18 -12.34 28.99
N SER B 154 -36.38 -11.04 28.88
CA SER B 154 -37.71 -10.52 28.61
C SER B 154 -37.67 -9.11 27.97
N ILE B 155 -38.45 -8.93 26.92
CA ILE B 155 -38.51 -7.67 26.21
C ILE B 155 -39.17 -6.54 27.01
N ASP B 156 -39.83 -6.89 28.11
CA ASP B 156 -40.70 -5.98 28.85
C ASP B 156 -39.98 -5.07 29.88
N ASN B 157 -38.72 -5.38 30.18
CA ASN B 157 -38.02 -4.92 31.38
C ASN B 157 -38.80 -5.10 32.71
N ASP B 158 -39.58 -6.18 32.80
CA ASP B 158 -40.42 -6.53 33.98
C ASP B 158 -39.73 -6.54 35.35
N PHE B 159 -38.71 -7.38 35.45
CA PHE B 159 -38.10 -7.75 36.73
C PHE B 159 -37.47 -6.57 37.50
N CYS B 160 -37.46 -6.65 38.83
CA CYS B 160 -37.13 -5.50 39.68
C CYS B 160 -35.64 -5.37 39.94
N GLY B 161 -35.00 -6.43 40.41
CA GLY B 161 -33.56 -6.37 40.60
C GLY B 161 -32.86 -5.65 39.44
N THR B 162 -32.92 -6.26 38.24
CA THR B 162 -32.20 -5.84 37.03
C THR B 162 -32.53 -4.43 36.50
N ASP B 163 -31.49 -3.71 36.06
CA ASP B 163 -31.66 -2.45 35.36
C ASP B 163 -32.15 -2.73 33.97
N MET B 164 -31.64 -3.81 33.36
CA MET B 164 -32.06 -4.21 32.01
C MET B 164 -32.26 -5.69 31.84
N THR B 165 -33.15 -6.03 30.91
CA THR B 165 -33.47 -7.43 30.59
C THR B 165 -33.14 -7.78 29.15
N ILE B 166 -32.66 -8.98 28.96
CA ILE B 166 -32.25 -9.42 27.63
C ILE B 166 -33.48 -9.49 26.75
N GLY B 167 -33.44 -8.72 25.65
CA GLY B 167 -34.59 -8.60 24.74
C GLY B 167 -35.06 -7.16 24.56
N THR B 168 -35.10 -6.39 25.63
CA THR B 168 -35.63 -5.01 25.58
C THR B 168 -35.00 -4.19 24.46
N ASP B 169 -33.66 -4.05 24.45
CA ASP B 169 -33.04 -3.21 23.41
C ASP B 169 -33.51 -3.69 22.02
N SER B 170 -33.36 -4.99 21.75
CA SER B 170 -33.85 -5.57 20.49
C SER B 170 -35.32 -5.27 20.20
N ALA B 171 -36.21 -5.44 21.17
CA ALA B 171 -37.64 -5.16 20.93
C ALA B 171 -37.85 -3.70 20.57
N LEU B 172 -37.16 -2.84 21.28
CA LEU B 172 -37.24 -1.41 21.02
C LEU B 172 -36.74 -1.09 19.61
N HIS B 173 -35.72 -1.83 19.15
CA HIS B 173 -35.28 -1.75 17.75
C HIS B 173 -36.44 -2.07 16.80
N ARG B 174 -37.19 -3.14 17.07
CA ARG B 174 -38.32 -3.50 16.20
C ARG B 174 -39.32 -2.38 16.17
N ILE B 175 -39.71 -1.95 17.36
CA ILE B 175 -40.73 -0.90 17.49
C ILE B 175 -40.32 0.32 16.68
N ILE B 176 -39.09 0.78 16.89
CA ILE B 176 -38.61 2.02 16.22
C ILE B 176 -38.44 1.85 14.70
N GLU B 177 -37.99 0.68 14.26
CA GLU B 177 -38.04 0.30 12.84
C GLU B 177 -39.45 0.44 12.24
N VAL B 178 -40.44 -0.07 12.95
CA VAL B 178 -41.84 0.12 12.58
C VAL B 178 -42.15 1.62 12.63
N VAL B 179 -41.86 2.28 13.75
CA VAL B 179 -42.28 3.67 13.88
C VAL B 179 -41.67 4.52 12.78
N ASP B 180 -40.37 4.31 12.48
CA ASP B 180 -39.64 5.09 11.43
C ASP B 180 -40.20 4.82 10.05
N ALA B 181 -40.53 3.56 9.80
CA ALA B 181 -41.16 3.14 8.54
C ALA B 181 -42.52 3.82 8.35
N ILE B 182 -43.30 3.86 9.42
CA ILE B 182 -44.65 4.36 9.35
C ILE B 182 -44.71 5.87 9.18
N MET B 183 -43.66 6.57 9.61
CA MET B 183 -43.71 8.03 9.56
C MET B 183 -43.78 8.59 8.12
N THR B 184 -43.29 7.83 7.14
CA THR B 184 -43.36 8.26 5.73
C THR B 184 -44.77 8.14 5.12
N THR B 185 -45.58 7.22 5.65
CA THR B 185 -46.99 7.07 5.21
C THR B 185 -47.97 8.04 5.91
N ALA B 186 -47.54 8.68 7.00
CA ALA B 186 -48.25 9.82 7.56
C ALA B 186 -47.80 11.12 6.80
N GLN B 187 -48.26 11.18 5.56
CA GLN B 187 -48.11 12.28 4.61
C GLN B 187 -49.17 12.09 3.53
N SER B 188 -49.40 10.82 3.14
CA SER B 188 -50.68 10.40 2.56
C SER B 188 -51.81 10.73 3.54
N HIS B 189 -52.22 11.99 3.50
CA HIS B 189 -53.05 12.64 4.51
C HIS B 189 -52.25 12.78 5.80
N GLN B 190 -52.51 13.85 6.54
CA GLN B 190 -51.81 14.09 7.81
C GLN B 190 -52.40 13.12 8.84
N ARG B 191 -51.97 11.87 8.77
CA ARG B 191 -52.59 10.81 9.54
C ARG B 191 -52.07 10.81 10.98
N THR B 192 -52.91 10.33 11.87
CA THR B 192 -52.55 10.09 13.24
C THR B 192 -52.47 8.55 13.39
N PHE B 193 -51.35 8.07 13.91
CA PHE B 193 -51.15 6.64 14.09
C PHE B 193 -51.07 6.33 15.59
N VAL B 194 -51.99 5.46 16.03
CA VAL B 194 -51.96 4.92 17.39
C VAL B 194 -51.27 3.55 17.30
N LEU B 195 -50.07 3.42 17.87
CA LEU B 195 -49.34 2.15 17.81
C LEU B 195 -49.39 1.48 19.16
N GLU B 196 -49.76 0.20 19.19
CA GLU B 196 -49.98 -0.53 20.43
C GLU B 196 -48.80 -1.48 20.65
N VAL B 197 -48.02 -1.20 21.70
CA VAL B 197 -46.80 -1.94 21.97
C VAL B 197 -46.99 -2.89 23.14
N MET B 198 -46.08 -3.84 23.27
CA MET B 198 -46.10 -4.79 24.40
C MET B 198 -45.58 -4.19 25.73
N GLY B 199 -45.66 -5.01 26.78
CA GLY B 199 -45.65 -4.51 28.17
C GLY B 199 -47.04 -4.74 28.73
N ARG B 200 -47.30 -5.98 29.11
CA ARG B 200 -48.63 -6.34 29.58
C ARG B 200 -48.95 -5.55 30.85
N HIS B 201 -48.08 -5.66 31.84
CA HIS B 201 -48.26 -4.88 33.07
C HIS B 201 -47.03 -4.05 33.33
N CYS B 202 -46.28 -3.76 32.27
CA CYS B 202 -45.11 -2.91 32.37
C CYS B 202 -45.03 -1.87 31.28
N GLY B 203 -44.78 -0.63 31.67
CA GLY B 203 -44.76 0.51 30.74
C GLY B 203 -43.43 0.88 30.12
N TYR B 204 -42.38 0.15 30.46
CA TYR B 204 -41.01 0.48 30.03
C TYR B 204 -40.87 0.53 28.50
N LEU B 205 -41.29 -0.54 27.86
CA LEU B 205 -41.15 -0.61 26.41
C LEU B 205 -41.96 0.49 25.73
N ALA B 206 -43.10 0.83 26.32
CA ALA B 206 -43.92 1.93 25.80
C ALA B 206 -43.20 3.26 25.96
N LEU B 207 -42.69 3.51 27.17
CA LEU B 207 -42.04 4.75 27.55
C LEU B 207 -40.79 5.07 26.74
N VAL B 208 -39.95 4.07 26.60
CA VAL B 208 -38.71 4.18 25.86
C VAL B 208 -38.98 4.45 24.37
N SER B 209 -39.79 3.59 23.74
CA SER B 209 -40.26 3.84 22.36
C SER B 209 -40.68 5.32 22.20
N ALA B 210 -41.60 5.74 23.07
CA ALA B 210 -42.17 7.07 22.95
C ALA B 210 -41.08 8.11 22.93
N LEU B 211 -40.23 8.07 23.95
CA LEU B 211 -39.05 8.95 24.04
C LEU B 211 -38.17 8.89 22.82
N ALA B 212 -37.92 7.67 22.32
CA ALA B 212 -36.97 7.43 21.25
C ALA B 212 -37.43 8.00 19.92
N CYS B 213 -38.75 7.97 19.68
CA CYS B 213 -39.36 8.54 18.45
C CYS B 213 -40.07 9.88 18.71
N GLY B 214 -39.76 10.52 19.83
CA GLY B 214 -40.43 11.78 20.21
C GLY B 214 -41.92 11.76 19.97
N ALA B 215 -42.61 10.82 20.59
CA ALA B 215 -44.02 10.59 20.33
C ALA B 215 -44.87 11.67 20.96
N ASP B 216 -46.01 11.92 20.35
CA ASP B 216 -46.86 13.02 20.75
C ASP B 216 -47.61 12.74 22.03
N TRP B 217 -47.95 11.47 22.25
CA TRP B 217 -48.55 11.04 23.53
C TRP B 217 -48.20 9.58 23.76
N VAL B 218 -48.14 9.23 25.04
CA VAL B 218 -47.84 7.86 25.47
C VAL B 218 -48.80 7.45 26.60
N PHE B 219 -49.05 6.14 26.74
CA PHE B 219 -49.89 5.63 27.83
C PHE B 219 -49.20 4.47 28.55
N LEU B 220 -48.92 4.66 29.83
CA LEU B 220 -48.27 3.63 30.65
C LEU B 220 -49.21 3.26 31.77
N PRO B 221 -49.21 1.98 32.16
CA PRO B 221 -49.99 1.56 33.34
C PRO B 221 -49.42 2.06 34.68
N GLU B 222 -48.12 2.28 34.77
CA GLU B 222 -47.49 2.69 36.02
C GLU B 222 -47.90 4.09 36.34
N SER B 223 -48.07 4.90 35.28
CA SER B 223 -48.31 6.33 35.41
C SER B 223 -49.46 6.72 34.46
N PRO B 224 -50.71 6.61 34.95
CA PRO B 224 -51.88 6.92 34.14
C PRO B 224 -51.99 8.41 33.81
N PRO B 225 -52.97 8.78 32.97
CA PRO B 225 -53.01 10.14 32.44
C PRO B 225 -53.53 11.17 33.42
N GLU B 226 -54.37 10.73 34.35
CA GLU B 226 -55.14 11.64 35.23
C GLU B 226 -56.23 12.39 34.47
N GLU B 227 -57.33 12.60 35.18
CA GLU B 227 -58.58 13.13 34.63
C GLU B 227 -58.41 14.39 33.79
N GLY B 228 -59.12 14.43 32.67
CA GLY B 228 -59.10 15.59 31.77
C GLY B 228 -58.02 15.53 30.69
N TRP B 229 -57.39 14.37 30.53
CA TRP B 229 -56.35 14.17 29.52
C TRP B 229 -56.93 14.19 28.09
N GLU B 230 -58.13 13.64 27.94
CA GLU B 230 -58.81 13.65 26.65
C GLU B 230 -58.72 15.02 26.00
N GLU B 231 -59.15 16.06 26.71
CA GLU B 231 -59.02 17.41 26.18
C GLU B 231 -57.57 17.88 26.05
N GLN B 232 -56.72 17.58 27.03
CA GLN B 232 -55.34 18.07 26.96
C GLN B 232 -54.59 17.47 25.78
N MET B 233 -54.79 16.17 25.53
CA MET B 233 -54.22 15.47 24.35
C MET B 233 -54.68 16.11 23.04
N CYS B 234 -55.99 16.31 22.94
CA CYS B 234 -56.57 16.91 21.74
C CYS B 234 -56.07 18.36 21.50
N VAL B 235 -55.80 19.10 22.57
CA VAL B 235 -55.15 20.42 22.45
C VAL B 235 -53.79 20.23 21.80
N LYS B 236 -53.00 19.31 22.35
CA LYS B 236 -51.71 18.94 21.76
C LYS B 236 -51.80 18.65 20.25
N LEU B 237 -52.72 17.79 19.84
CA LEU B 237 -52.78 17.36 18.42
C LEU B 237 -53.31 18.44 17.49
N SER B 238 -54.05 19.42 18.00
CA SER B 238 -54.49 20.56 17.17
C SER B 238 -53.42 21.64 17.11
N GLU B 239 -52.75 21.85 18.24
CA GLU B 239 -51.56 22.70 18.30
C GLU B 239 -50.53 22.19 17.27
N ASN B 240 -50.43 20.87 17.12
CA ASN B 240 -49.50 20.26 16.14
C ASN B 240 -49.85 20.50 14.68
N ARG B 241 -51.13 20.65 14.36
CA ARG B 241 -51.50 21.04 12.99
C ARG B 241 -51.22 22.54 12.76
N ALA B 242 -51.35 23.33 13.81
CA ALA B 242 -50.97 24.74 13.79
C ALA B 242 -49.45 24.92 13.64
N ARG B 243 -48.65 24.06 14.27
CA ARG B 243 -47.20 24.04 14.06
C ARG B 243 -46.85 23.48 12.65
N LYS B 244 -47.87 22.96 11.95
CA LYS B 244 -47.75 22.38 10.59
C LYS B 244 -47.12 20.98 10.57
N LYS B 245 -47.20 20.26 11.68
CA LYS B 245 -46.67 18.91 11.74
C LYS B 245 -47.58 18.01 10.90
N ARG B 246 -46.99 17.28 9.94
CA ARG B 246 -47.77 16.49 8.96
C ARG B 246 -48.18 15.12 9.45
N LEU B 247 -47.99 14.84 10.76
CA LEU B 247 -48.52 13.61 11.37
C LEU B 247 -48.65 13.69 12.89
N ASN B 248 -49.13 12.61 13.48
CA ASN B 248 -49.09 12.43 14.91
C ASN B 248 -48.79 11.00 15.22
N ILE B 249 -48.03 10.75 16.28
CA ILE B 249 -47.76 9.37 16.67
C ILE B 249 -48.01 9.16 18.15
N ILE B 250 -48.94 8.23 18.43
CA ILE B 250 -49.38 7.94 19.81
C ILE B 250 -49.07 6.49 20.18
N ILE B 251 -48.30 6.33 21.26
CA ILE B 251 -47.81 5.03 21.70
C ILE B 251 -48.63 4.56 22.88
N VAL B 252 -49.24 3.38 22.74
CA VAL B 252 -50.16 2.83 23.76
C VAL B 252 -49.69 1.46 24.19
N ALA B 253 -49.27 1.33 25.45
CA ALA B 253 -48.99 0.01 26.03
C ALA B 253 -50.23 -0.87 25.96
N GLU B 254 -50.01 -2.14 25.70
CA GLU B 254 -51.09 -3.12 25.80
C GLU B 254 -51.93 -2.86 27.06
N GLY B 255 -51.29 -2.78 28.21
CA GLY B 255 -51.99 -2.70 29.48
C GLY B 255 -52.13 -1.29 30.04
N ALA B 256 -52.38 -0.32 29.16
CA ALA B 256 -52.59 1.06 29.61
C ALA B 256 -53.89 1.13 30.44
N ILE B 257 -53.93 2.02 31.44
CA ILE B 257 -55.12 2.25 32.29
C ILE B 257 -55.23 3.68 32.75
N ASP B 258 -56.45 4.13 33.05
CA ASP B 258 -56.65 5.45 33.70
C ASP B 258 -56.48 5.31 35.22
N THR B 259 -56.79 6.36 35.96
CA THR B 259 -56.60 6.34 37.43
C THR B 259 -57.58 5.42 38.19
N GLN B 260 -58.48 4.75 37.46
CA GLN B 260 -59.43 3.82 38.07
C GLN B 260 -59.14 2.35 37.69
N ASN B 261 -58.00 2.13 37.04
CA ASN B 261 -57.62 0.80 36.53
C ASN B 261 -58.52 0.31 35.40
N LYS B 262 -59.05 1.22 34.58
CA LYS B 262 -59.85 0.85 33.41
C LYS B 262 -58.97 0.91 32.14
N PRO B 263 -58.99 -0.17 31.33
CA PRO B 263 -58.30 -0.22 30.04
C PRO B 263 -58.48 1.01 29.15
N ILE B 264 -57.37 1.63 28.76
CA ILE B 264 -57.41 2.60 27.67
C ILE B 264 -56.92 1.85 26.44
N THR B 265 -57.84 1.52 25.56
CA THR B 265 -57.51 0.72 24.40
C THR B 265 -57.13 1.62 23.24
N SER B 266 -56.33 1.10 22.31
CA SER B 266 -55.91 1.88 21.14
C SER B 266 -57.10 2.19 20.24
N GLU B 267 -58.07 1.28 20.16
CA GLU B 267 -59.33 1.53 19.42
C GLU B 267 -60.22 2.61 20.08
N LYS B 268 -60.06 2.77 21.39
CA LYS B 268 -60.69 3.82 22.19
C LYS B 268 -60.09 5.19 21.83
N ILE B 269 -58.77 5.23 21.69
CA ILE B 269 -58.03 6.46 21.39
C ILE B 269 -58.41 6.99 20.03
N LYS B 270 -58.57 6.07 19.07
CA LYS B 270 -58.90 6.42 17.69
C LYS B 270 -60.25 7.06 17.65
N GLU B 271 -61.21 6.46 18.34
CA GLU B 271 -62.55 7.01 18.39
C GLU B 271 -62.52 8.42 19.00
N LEU B 272 -61.75 8.63 20.06
CA LEU B 272 -61.58 9.97 20.64
C LEU B 272 -61.01 11.00 19.62
N VAL B 273 -59.96 10.61 18.90
CA VAL B 273 -59.33 11.51 17.92
C VAL B 273 -60.20 11.72 16.68
N VAL B 274 -60.76 10.65 16.12
CA VAL B 274 -61.68 10.74 14.94
C VAL B 274 -62.89 11.59 15.27
N THR B 275 -63.38 11.43 16.50
CA THR B 275 -64.55 12.17 16.99
C THR B 275 -64.26 13.67 17.20
N GLN B 276 -63.40 13.99 18.15
CA GLN B 276 -63.15 15.37 18.57
C GLN B 276 -62.50 16.25 17.53
N LEU B 277 -61.60 15.67 16.73
CA LEU B 277 -60.77 16.44 15.80
C LEU B 277 -61.06 16.11 14.32
N GLY B 278 -61.48 14.88 14.03
CA GLY B 278 -61.78 14.44 12.67
C GLY B 278 -60.55 14.21 11.83
N TYR B 279 -59.40 13.95 12.45
CA TYR B 279 -58.18 13.60 11.73
C TYR B 279 -58.26 12.15 11.28
N ASP B 280 -57.67 11.88 10.12
CA ASP B 280 -57.65 10.54 9.56
C ASP B 280 -56.71 9.72 10.44
N THR B 281 -57.22 8.59 10.96
CA THR B 281 -56.54 7.87 12.04
C THR B 281 -56.51 6.34 11.89
N ARG B 282 -55.32 5.78 11.98
CA ARG B 282 -55.17 4.35 11.97
C ARG B 282 -54.52 3.88 13.26
N VAL B 283 -54.67 2.58 13.48
CA VAL B 283 -54.19 1.88 14.66
C VAL B 283 -53.43 0.64 14.15
N THR B 284 -52.20 0.49 14.61
CA THR B 284 -51.38 -0.64 14.27
C THR B 284 -51.17 -1.39 15.59
N ILE B 285 -51.55 -2.66 15.64
CA ILE B 285 -51.16 -3.53 16.73
C ILE B 285 -49.95 -4.33 16.28
N LEU B 286 -48.78 -3.95 16.81
CA LEU B 286 -47.49 -4.49 16.35
C LEU B 286 -47.44 -6.00 16.59
N GLY B 287 -47.71 -6.40 17.83
CA GLY B 287 -47.79 -7.80 18.15
C GLY B 287 -46.41 -8.44 18.15
N HIS B 288 -46.31 -9.67 17.66
CA HIS B 288 -45.12 -10.50 17.90
C HIS B 288 -43.84 -10.18 17.09
N VAL B 289 -43.95 -9.29 16.11
CA VAL B 289 -42.77 -8.68 15.52
C VAL B 289 -41.80 -8.31 16.63
N GLN B 290 -42.33 -7.77 17.73
CA GLN B 290 -41.51 -7.18 18.78
C GLN B 290 -40.68 -8.19 19.53
N ARG B 291 -41.05 -9.46 19.43
CA ARG B 291 -40.25 -10.56 20.00
C ARG B 291 -39.28 -11.13 18.96
N GLY B 292 -39.43 -10.67 17.73
CA GLY B 292 -38.70 -11.26 16.63
C GLY B 292 -37.55 -10.43 16.11
N GLY B 293 -37.06 -10.84 14.95
CA GLY B 293 -35.90 -10.20 14.33
C GLY B 293 -34.61 -10.64 14.99
N THR B 294 -33.55 -9.88 14.76
CA THR B 294 -32.25 -10.29 15.16
C THR B 294 -31.74 -9.52 16.39
N PRO B 295 -31.01 -10.18 17.27
CA PRO B 295 -30.60 -9.55 18.49
C PRO B 295 -29.63 -8.42 18.35
N SER B 296 -30.00 -7.26 18.88
CA SER B 296 -29.12 -6.07 18.83
C SER B 296 -27.77 -6.40 19.38
N ALA B 297 -26.79 -5.53 19.11
CA ALA B 297 -25.46 -5.72 19.66
C ALA B 297 -25.54 -5.65 21.21
N PHE B 298 -26.30 -4.70 21.75
CA PHE B 298 -26.42 -4.56 23.19
C PHE B 298 -26.93 -5.85 23.77
N ASP B 299 -28.03 -6.41 23.26
CA ASP B 299 -28.54 -7.71 23.88
C ASP B 299 -27.52 -8.82 23.69
N ARG B 300 -26.89 -8.93 22.53
CA ARG B 300 -25.91 -9.99 22.31
C ARG B 300 -24.80 -9.93 23.39
N ILE B 301 -24.32 -8.71 23.65
CA ILE B 301 -23.22 -8.49 24.58
C ILE B 301 -23.72 -8.73 26.01
N LEU B 302 -24.86 -8.12 26.31
CA LEU B 302 -25.51 -8.22 27.64
C LEU B 302 -25.76 -9.67 27.98
N ALA B 303 -26.41 -10.38 27.06
CA ALA B 303 -26.74 -11.77 27.27
C ALA B 303 -25.45 -12.58 27.41
N SER B 304 -24.45 -12.26 26.59
CA SER B 304 -23.17 -12.95 26.69
C SER B 304 -22.52 -12.73 28.08
N ARG B 305 -22.55 -11.49 28.62
CA ARG B 305 -21.92 -11.22 29.91
C ARG B 305 -22.59 -11.95 31.05
N MET B 306 -23.89 -12.17 30.94
CA MET B 306 -24.66 -12.76 32.05
C MET B 306 -24.78 -14.28 31.94
N GLY B 307 -24.68 -14.80 30.73
CA GLY B 307 -24.48 -16.22 30.56
C GLY B 307 -23.25 -16.63 31.34
N VAL B 308 -22.19 -15.83 31.26
CA VAL B 308 -20.92 -16.15 31.87
C VAL B 308 -20.95 -16.00 33.40
N GLU B 309 -21.50 -14.87 33.88
CA GLU B 309 -21.63 -14.64 35.32
C GLU B 309 -22.49 -15.70 35.97
N ALA B 310 -23.52 -16.13 35.25
CA ALA B 310 -24.41 -17.17 35.73
C ALA B 310 -23.66 -18.45 36.01
N VAL B 311 -22.79 -18.85 35.09
CA VAL B 311 -22.04 -20.06 35.27
C VAL B 311 -21.11 -19.94 36.46
N ILE B 312 -20.42 -18.79 36.58
CA ILE B 312 -19.60 -18.51 37.79
C ILE B 312 -20.47 -18.57 39.08
N ALA B 313 -21.61 -17.92 39.06
CA ALA B 313 -22.49 -17.89 40.25
C ALA B 313 -22.89 -19.29 40.70
N LEU B 314 -23.27 -20.16 39.76
CA LEU B 314 -23.56 -21.58 40.06
C LEU B 314 -22.36 -22.32 40.70
N LEU B 315 -21.14 -22.17 40.16
CA LEU B 315 -20.06 -22.97 40.70
C LEU B 315 -19.56 -22.40 42.01
N GLU B 316 -19.51 -21.08 42.10
CA GLU B 316 -19.25 -20.44 43.38
C GLU B 316 -20.31 -20.69 44.48
N ALA B 317 -21.53 -21.05 44.11
CA ALA B 317 -22.57 -21.28 45.12
C ALA B 317 -22.28 -22.51 46.00
N THR B 318 -22.81 -22.44 47.23
CA THR B 318 -22.75 -23.48 48.25
C THR B 318 -24.18 -23.65 48.81
N PRO B 319 -24.43 -24.75 49.55
CA PRO B 319 -25.79 -24.97 50.08
C PRO B 319 -26.29 -23.86 51.00
N ASP B 320 -25.39 -23.05 51.55
CA ASP B 320 -25.77 -21.79 52.20
C ASP B 320 -26.35 -20.75 51.22
N THR B 321 -25.69 -20.54 50.08
CA THR B 321 -25.99 -19.38 49.23
C THR B 321 -27.40 -19.46 48.64
N PRO B 322 -28.22 -18.41 48.84
CA PRO B 322 -29.56 -18.46 48.28
C PRO B 322 -29.56 -18.37 46.75
N ALA B 323 -30.60 -18.89 46.09
CA ALA B 323 -30.77 -18.71 44.65
C ALA B 323 -30.74 -17.24 44.32
N CYS B 324 -30.05 -16.89 43.23
CA CYS B 324 -29.84 -15.49 42.85
C CYS B 324 -30.18 -15.29 41.38
N VAL B 325 -30.19 -14.03 40.98
CA VAL B 325 -30.55 -13.60 39.64
C VAL B 325 -29.41 -12.73 39.21
N VAL B 326 -28.80 -13.10 38.07
CA VAL B 326 -27.70 -12.38 37.51
C VAL B 326 -28.20 -11.12 36.80
N SER B 327 -27.53 -10.02 37.07
CA SER B 327 -27.97 -8.73 36.63
C SER B 327 -26.78 -7.87 36.29
N LEU B 328 -26.93 -6.98 35.30
CA LEU B 328 -26.03 -5.82 35.15
C LEU B 328 -26.67 -4.58 35.76
N ASN B 329 -26.17 -4.16 36.93
CA ASN B 329 -26.55 -2.87 37.50
C ASN B 329 -25.35 -1.97 37.47
N GLY B 330 -25.50 -0.83 36.82
CA GLY B 330 -24.40 0.09 36.64
C GLY B 330 -23.21 -0.51 35.91
N ASN B 331 -23.50 -1.27 34.87
CA ASN B 331 -22.46 -1.86 34.04
C ASN B 331 -21.50 -2.77 34.78
N HIS B 332 -21.96 -3.31 35.91
CA HIS B 332 -21.20 -4.27 36.71
C HIS B 332 -22.14 -5.42 36.96
N ALA B 333 -21.65 -6.65 36.75
CA ALA B 333 -22.48 -7.82 36.96
C ALA B 333 -22.62 -8.09 38.45
N VAL B 334 -23.85 -8.14 38.91
CA VAL B 334 -24.13 -8.46 40.31
C VAL B 334 -25.04 -9.66 40.44
N ARG B 335 -24.99 -10.29 41.61
CA ARG B 335 -25.97 -11.32 42.02
C ARG B 335 -26.98 -10.74 42.99
N LEU B 336 -28.24 -11.01 42.76
CA LEU B 336 -29.31 -10.50 43.59
C LEU B 336 -30.14 -11.66 44.12
N PRO B 337 -30.58 -11.59 45.38
CA PRO B 337 -31.29 -12.75 45.90
C PRO B 337 -32.60 -12.89 45.15
N LEU B 338 -32.91 -14.12 44.77
CA LEU B 338 -33.99 -14.37 43.81
C LEU B 338 -35.38 -14.13 44.43
N MET B 339 -35.56 -14.60 45.68
CA MET B 339 -36.77 -14.41 46.42
C MET B 339 -37.18 -12.93 46.45
N GLU B 340 -36.27 -12.10 46.95
CA GLU B 340 -36.56 -10.66 47.13
C GLU B 340 -36.98 -9.95 45.82
N CYS B 341 -36.35 -10.30 44.70
CA CYS B 341 -36.63 -9.67 43.42
C CYS B 341 -38.00 -10.07 42.87
N VAL B 342 -38.36 -11.33 43.10
CA VAL B 342 -39.65 -11.83 42.72
C VAL B 342 -40.72 -11.14 43.53
N GLN B 343 -40.50 -11.07 44.83
CA GLN B 343 -41.34 -10.30 45.74
C GLN B 343 -41.56 -8.87 45.22
N MET B 344 -40.50 -8.07 45.15
CA MET B 344 -40.53 -6.67 44.71
C MET B 344 -41.34 -6.46 43.44
N THR B 345 -41.28 -7.40 42.50
CA THR B 345 -41.97 -7.26 41.20
C THR B 345 -43.48 -7.37 41.34
N GLN B 346 -43.93 -8.30 42.19
CA GLN B 346 -45.34 -8.43 42.50
C GLN B 346 -45.84 -7.15 43.21
N ASP B 347 -45.07 -6.70 44.20
CA ASP B 347 -45.32 -5.43 44.88
C ASP B 347 -45.69 -4.29 43.90
N VAL B 348 -45.03 -4.24 42.75
CA VAL B 348 -45.33 -3.23 41.75
C VAL B 348 -46.74 -3.43 41.18
N GLN B 349 -47.15 -4.69 40.98
CA GLN B 349 -48.50 -4.96 40.51
C GLN B 349 -49.48 -4.55 41.60
N LYS B 350 -49.14 -4.90 42.83
CA LYS B 350 -49.97 -4.56 43.97
C LYS B 350 -50.12 -3.05 44.09
N ALA B 351 -49.07 -2.28 43.82
CA ALA B 351 -49.17 -0.82 43.90
C ALA B 351 -50.14 -0.28 42.85
N MET B 352 -50.07 -0.78 41.64
CA MET B 352 -50.98 -0.32 40.61
C MET B 352 -52.40 -0.74 40.94
N ASP B 353 -52.56 -2.03 41.28
CA ASP B 353 -53.87 -2.58 41.64
C ASP B 353 -54.52 -1.69 42.71
N GLU B 354 -53.74 -1.22 43.68
CA GLU B 354 -54.24 -0.40 44.78
C GLU B 354 -54.24 1.10 44.46
N ARG B 355 -54.33 1.46 43.17
CA ARG B 355 -54.27 2.87 42.74
C ARG B 355 -53.14 3.70 43.38
N ARG B 356 -52.00 3.08 43.70
CA ARG B 356 -50.84 3.77 44.28
C ARG B 356 -49.75 3.95 43.22
N PHE B 357 -49.93 4.94 42.34
CA PHE B 357 -49.19 5.00 41.07
C PHE B 357 -47.75 5.52 41.17
N GLN B 358 -47.51 6.53 41.99
CA GLN B 358 -46.14 6.98 42.21
C GLN B 358 -45.31 5.87 42.84
N ASP B 359 -45.95 5.05 43.68
CA ASP B 359 -45.28 3.89 44.29
C ASP B 359 -44.89 2.87 43.23
N ALA B 360 -45.71 2.70 42.20
CA ALA B 360 -45.36 1.71 41.18
C ALA B 360 -44.12 2.19 40.45
N VAL B 361 -44.13 3.48 40.13
CA VAL B 361 -43.03 4.15 39.44
C VAL B 361 -41.75 4.15 40.27
N ARG B 362 -41.87 4.44 41.56
CA ARG B 362 -40.69 4.45 42.43
C ARG B 362 -40.09 3.03 42.55
N LEU B 363 -40.95 2.04 42.67
CA LEU B 363 -40.54 0.64 42.75
C LEU B 363 -39.96 0.09 41.43
N ARG B 364 -40.26 0.73 40.31
CA ARG B 364 -39.73 0.31 39.01
C ARG B 364 -38.23 0.57 38.90
N GLY B 365 -37.72 1.52 39.69
CA GLY B 365 -36.33 1.89 39.63
C GLY B 365 -36.26 3.34 39.23
N ARG B 366 -35.11 3.96 39.43
CA ARG B 366 -34.94 5.37 39.16
C ARG B 366 -34.86 5.60 37.68
N SER B 367 -34.17 4.69 37.00
CA SER B 367 -34.13 4.68 35.53
C SER B 367 -35.53 4.96 34.93
N PHE B 368 -36.51 4.12 35.27
CA PHE B 368 -37.88 4.32 34.79
C PHE B 368 -38.32 5.76 34.93
N ALA B 369 -38.16 6.32 36.12
CA ALA B 369 -38.62 7.68 36.40
C ALA B 369 -37.87 8.76 35.63
N GLY B 370 -36.60 8.51 35.35
CA GLY B 370 -35.80 9.44 34.55
C GLY B 370 -36.36 9.53 33.15
N ASN B 371 -36.67 8.38 32.55
CA ASN B 371 -37.29 8.34 31.23
C ASN B 371 -38.63 9.08 31.19
N LEU B 372 -39.46 8.77 32.18
CA LEU B 372 -40.78 9.38 32.25
C LEU B 372 -40.68 10.90 32.41
N ASN B 373 -39.86 11.36 33.35
CA ASN B 373 -39.75 12.78 33.60
C ASN B 373 -39.21 13.52 32.37
N THR B 374 -38.06 13.08 31.87
CA THR B 374 -37.49 13.58 30.61
C THR B 374 -38.52 13.63 29.47
N TYR B 375 -39.26 12.53 29.26
CA TYR B 375 -40.26 12.49 28.18
C TYR B 375 -41.29 13.66 28.28
N LYS B 376 -41.97 13.76 29.41
CA LYS B 376 -42.91 14.85 29.68
C LYS B 376 -42.35 16.23 29.31
N ARG B 377 -41.13 16.51 29.80
CA ARG B 377 -40.49 17.82 29.66
C ARG B 377 -40.35 18.23 28.21
N LEU B 378 -40.09 17.27 27.33
CA LEU B 378 -39.85 17.54 25.91
C LEU B 378 -41.12 17.32 25.06
N ALA B 379 -42.18 16.77 25.65
CA ALA B 379 -43.44 16.52 24.92
C ALA B 379 -44.54 17.56 25.17
N ILE B 380 -44.61 18.07 26.39
CA ILE B 380 -45.62 19.07 26.80
C ILE B 380 -44.99 20.44 27.12
N LYS B 381 -45.44 21.48 26.41
CA LYS B 381 -44.85 22.80 26.53
C LYS B 381 -45.78 23.74 27.25
N LEU B 382 -45.39 24.19 28.44
CA LEU B 382 -46.17 25.21 29.14
C LEU B 382 -46.23 26.49 28.29
N PRO B 383 -47.40 27.15 28.23
CA PRO B 383 -47.49 28.44 27.49
C PRO B 383 -46.52 29.52 28.03
N ASP B 384 -45.97 30.35 27.13
CA ASP B 384 -44.89 31.28 27.51
C ASP B 384 -45.20 32.01 28.81
N ASP B 385 -46.45 32.44 28.96
CA ASP B 385 -47.01 33.00 30.20
C ASP B 385 -46.49 32.36 31.51
N GLN B 386 -46.42 31.02 31.55
CA GLN B 386 -46.13 30.27 32.76
C GLN B 386 -44.66 29.90 32.92
N ILE B 387 -43.83 30.22 31.94
CA ILE B 387 -42.37 29.93 32.01
C ILE B 387 -41.61 31.25 31.99
N PRO B 388 -41.41 31.84 33.18
CA PRO B 388 -40.95 33.23 33.32
C PRO B 388 -39.44 33.38 33.07
N LYS B 389 -38.69 33.42 34.18
CA LYS B 389 -37.31 32.99 34.22
C LYS B 389 -36.31 33.98 33.61
N THR B 390 -35.06 33.71 33.93
CA THR B 390 -33.87 34.44 33.50
C THR B 390 -33.93 35.02 32.10
N ASN B 391 -33.20 36.11 31.91
CA ASN B 391 -32.91 36.65 30.59
C ASN B 391 -31.58 36.07 30.10
N CYS B 392 -31.30 34.80 30.43
CA CYS B 392 -30.03 34.14 30.08
C CYS B 392 -30.12 33.61 28.66
N ASN B 393 -29.04 33.73 27.91
CA ASN B 393 -28.92 33.11 26.60
C ASN B 393 -27.91 31.98 26.64
N VAL B 394 -28.35 30.77 26.31
CA VAL B 394 -27.50 29.57 26.32
C VAL B 394 -27.30 29.06 24.88
N ALA B 395 -26.06 28.76 24.54
CA ALA B 395 -25.72 28.29 23.19
C ALA B 395 -25.59 26.77 23.15
N VAL B 396 -25.88 26.19 21.99
CA VAL B 396 -25.70 24.75 21.78
C VAL B 396 -24.91 24.55 20.51
N ILE B 397 -23.87 23.73 20.59
CA ILE B 397 -22.95 23.53 19.44
C ILE B 397 -22.62 22.05 19.21
N ASN B 398 -22.23 21.70 17.99
CA ASN B 398 -21.73 20.34 17.71
C ASN B 398 -20.26 20.34 17.32
N VAL B 399 -19.42 19.63 18.07
CA VAL B 399 -17.97 19.59 17.81
C VAL B 399 -17.43 18.16 17.70
N GLY B 400 -16.61 17.91 16.71
CA GLY B 400 -16.13 16.55 16.43
C GLY B 400 -16.68 16.10 15.10
N ALA B 401 -16.47 14.84 14.77
CA ALA B 401 -17.06 14.29 13.60
C ALA B 401 -18.47 13.91 13.95
N PRO B 402 -19.39 13.88 12.95
CA PRO B 402 -20.78 13.49 13.16
C PRO B 402 -20.90 12.18 13.92
N ALA B 403 -21.84 12.14 14.85
CA ALA B 403 -22.20 10.94 15.58
C ALA B 403 -23.73 10.81 15.63
N ALA B 404 -24.22 9.59 15.40
CA ALA B 404 -25.67 9.36 15.44
C ALA B 404 -26.19 9.71 16.83
N GLY B 405 -27.23 10.53 16.91
CA GLY B 405 -27.82 10.94 18.21
C GLY B 405 -27.59 12.41 18.54
N MET B 406 -26.54 13.01 17.97
CA MET B 406 -26.30 14.46 18.11
C MET B 406 -27.55 15.31 17.97
N ASN B 407 -28.36 15.02 16.97
CA ASN B 407 -29.61 15.74 16.75
C ASN B 407 -30.60 15.59 17.90
N ALA B 408 -30.87 14.34 18.29
CA ALA B 408 -31.72 14.09 19.44
C ALA B 408 -31.26 14.96 20.60
N ALA B 409 -29.95 14.93 20.84
CA ALA B 409 -29.33 15.68 21.94
C ALA B 409 -29.65 17.16 21.84
N VAL B 410 -29.51 17.73 20.65
CA VAL B 410 -29.74 19.17 20.46
C VAL B 410 -31.19 19.52 20.78
N ARG B 411 -32.12 18.79 20.22
CA ARG B 411 -33.55 18.96 20.49
C ARG B 411 -33.86 18.95 21.97
N SER B 412 -33.21 18.04 22.70
CA SER B 412 -33.40 17.95 24.15
C SER B 412 -32.87 19.17 24.88
N ALA B 413 -31.63 19.52 24.61
CA ALA B 413 -31.03 20.73 25.21
C ALA B 413 -31.91 21.97 25.02
N VAL B 414 -32.40 22.14 23.80
CA VAL B 414 -33.18 23.31 23.43
C VAL B 414 -34.46 23.39 24.24
N ARG B 415 -35.23 22.32 24.21
CA ARG B 415 -36.54 22.31 24.86
C ARG B 415 -36.45 22.45 26.39
N VAL B 416 -35.46 21.80 26.99
CA VAL B 416 -35.26 21.89 28.44
C VAL B 416 -34.80 23.29 28.83
N GLY B 417 -34.09 23.96 27.92
CA GLY B 417 -33.61 25.32 28.19
C GLY B 417 -34.76 26.31 28.10
N ILE B 418 -35.55 26.14 27.05
CA ILE B 418 -36.74 26.95 26.83
C ILE B 418 -37.66 26.70 27.98
N ALA B 419 -37.91 25.43 28.28
CA ALA B 419 -38.77 25.03 29.42
C ALA B 419 -38.29 25.70 30.70
N ASP B 420 -36.97 25.76 30.90
CA ASP B 420 -36.36 26.46 32.05
C ASP B 420 -36.30 28.01 31.87
N GLY B 421 -36.83 28.50 30.76
CA GLY B 421 -37.02 29.92 30.52
C GLY B 421 -35.75 30.63 30.09
N HIS B 422 -34.87 29.88 29.45
CA HIS B 422 -33.74 30.49 28.79
C HIS B 422 -34.11 30.80 27.35
N ARG B 423 -33.17 31.43 26.66
CA ARG B 423 -33.29 31.74 25.26
C ARG B 423 -32.17 30.97 24.65
N MET B 424 -32.48 30.20 23.60
CA MET B 424 -31.55 29.21 23.10
C MET B 424 -30.98 29.68 21.78
N LEU B 425 -29.65 29.69 21.73
CA LEU B 425 -28.92 30.05 20.53
C LEU B 425 -28.32 28.78 19.95
N ALA B 426 -28.57 28.53 18.66
CA ALA B 426 -27.95 27.40 18.01
C ALA B 426 -26.75 27.92 17.25
N ILE B 427 -25.58 27.31 17.48
CA ILE B 427 -24.35 27.64 16.77
C ILE B 427 -24.11 26.58 15.71
N TYR B 428 -23.80 27.01 14.51
CA TYR B 428 -23.65 26.11 13.38
C TYR B 428 -22.18 25.73 13.15
N ASP B 429 -21.95 24.61 12.47
CA ASP B 429 -20.61 24.16 12.05
C ASP B 429 -19.52 24.24 13.12
N GLY B 430 -19.82 23.86 14.36
CA GLY B 430 -18.79 23.77 15.39
C GLY B 430 -18.07 25.08 15.61
N PHE B 431 -16.77 25.02 15.90
CA PHE B 431 -16.01 26.25 16.21
C PHE B 431 -15.67 27.07 14.98
N ASP B 432 -15.72 26.43 13.81
CA ASP B 432 -15.70 27.16 12.53
C ASP B 432 -16.81 28.22 12.55
N GLY B 433 -18.07 27.79 12.60
CA GLY B 433 -19.21 28.71 12.55
C GLY B 433 -19.26 29.66 13.72
N PHE B 434 -18.76 29.19 14.86
CA PHE B 434 -18.63 30.02 16.04
C PHE B 434 -17.72 31.19 15.66
N ALA B 435 -16.46 30.90 15.35
CA ALA B 435 -15.48 31.95 14.99
C ALA B 435 -16.03 32.95 13.97
N LYS B 436 -16.79 32.44 12.99
CA LYS B 436 -17.42 33.26 11.93
C LYS B 436 -18.82 33.79 12.28
N GLY B 437 -19.24 33.59 13.53
CA GLY B 437 -20.52 34.15 14.01
C GLY B 437 -21.80 33.55 13.43
N GLN B 438 -21.75 32.29 12.96
CA GLN B 438 -22.96 31.53 12.54
C GLN B 438 -23.86 31.10 13.71
N ILE B 439 -24.55 32.08 14.28
CA ILE B 439 -25.33 31.93 15.50
C ILE B 439 -26.75 32.42 15.23
N LYS B 440 -27.76 31.69 15.70
CA LYS B 440 -29.13 32.11 15.55
C LYS B 440 -29.99 31.56 16.69
N GLU B 441 -31.02 32.33 17.07
CA GLU B 441 -31.95 31.93 18.13
C GLU B 441 -32.74 30.74 17.61
N ILE B 442 -33.03 29.78 18.50
CA ILE B 442 -33.71 28.52 18.13
C ILE B 442 -34.80 28.14 19.16
N GLY B 443 -35.96 27.76 18.66
CA GLY B 443 -37.11 27.50 19.51
C GLY B 443 -37.55 26.06 19.59
N TRP B 444 -38.72 25.88 20.20
CA TRP B 444 -39.29 24.55 20.45
C TRP B 444 -39.64 23.79 19.21
N THR B 445 -40.37 24.46 18.30
CA THR B 445 -40.81 23.83 17.05
C THR B 445 -39.64 23.60 16.09
N ASP B 446 -38.60 24.43 16.18
CA ASP B 446 -37.44 24.28 15.26
C ASP B 446 -36.76 22.90 15.32
N VAL B 447 -36.88 22.24 16.48
CA VAL B 447 -36.19 20.98 16.73
C VAL B 447 -37.13 19.76 16.71
N GLY B 448 -38.36 19.97 16.28
CA GLY B 448 -39.35 18.91 16.18
C GLY B 448 -38.97 17.94 15.08
N GLY B 449 -39.16 16.65 15.36
CA GLY B 449 -38.87 15.57 14.42
C GLY B 449 -37.40 15.19 14.31
N TRP B 450 -36.56 15.68 15.24
CA TRP B 450 -35.12 15.45 15.18
C TRP B 450 -34.69 14.17 15.86
N THR B 451 -35.52 13.68 16.78
CA THR B 451 -35.08 12.63 17.72
C THR B 451 -34.43 11.45 17.02
N GLY B 452 -34.84 11.17 15.78
CA GLY B 452 -34.25 10.06 15.00
C GLY B 452 -33.50 10.47 13.74
N GLN B 453 -32.94 11.67 13.71
CA GLN B 453 -32.15 12.09 12.57
C GLN B 453 -30.67 11.78 12.78
N GLY B 454 -30.14 11.01 11.83
CA GLY B 454 -28.69 10.76 11.78
C GLY B 454 -27.92 12.03 11.48
N GLY B 455 -26.61 11.96 11.67
CA GLY B 455 -25.74 13.10 11.46
C GLY B 455 -26.05 14.26 12.38
N SER B 456 -25.62 15.45 11.96
CA SER B 456 -25.74 16.70 12.70
C SER B 456 -26.35 17.78 11.81
N ILE B 457 -27.52 18.27 12.19
CA ILE B 457 -28.26 19.27 11.40
C ILE B 457 -27.63 20.66 11.60
N LEU B 458 -27.28 21.01 12.84
CA LEU B 458 -26.51 22.24 13.08
C LEU B 458 -25.14 22.21 12.37
N GLY B 459 -24.54 21.05 12.28
CA GLY B 459 -23.28 20.91 11.58
C GLY B 459 -22.14 20.83 12.54
N THR B 460 -21.18 19.96 12.21
CA THR B 460 -20.05 19.70 13.10
C THR B 460 -18.70 19.72 12.38
N LYS B 461 -17.70 20.27 13.06
CA LYS B 461 -16.33 20.34 12.58
C LYS B 461 -15.38 19.95 13.71
N ARG B 462 -14.29 19.26 13.35
CA ARG B 462 -13.25 18.89 14.29
C ARG B 462 -12.38 20.06 14.73
N VAL B 463 -12.40 21.17 13.99
CA VAL B 463 -11.48 22.29 14.23
C VAL B 463 -11.66 22.83 15.64
N LEU B 464 -10.53 23.08 16.28
CA LEU B 464 -10.46 23.47 17.69
C LEU B 464 -10.45 24.99 17.77
N PRO B 465 -10.82 25.56 18.94
CA PRO B 465 -11.00 27.01 19.04
C PRO B 465 -9.72 27.81 19.27
N GLY B 466 -8.59 27.13 19.43
CA GLY B 466 -7.37 27.78 19.93
C GLY B 466 -6.86 28.98 19.16
N LYS B 467 -7.10 28.99 17.86
CA LYS B 467 -6.58 30.01 16.97
C LYS B 467 -7.66 31.03 16.64
N TYR B 468 -8.82 30.89 17.26
CA TYR B 468 -9.98 31.78 17.03
C TYR B 468 -10.61 32.24 18.35
N LEU B 469 -9.79 32.30 19.41
CA LEU B 469 -10.25 32.74 20.74
C LEU B 469 -10.75 34.18 20.72
N GLU B 470 -10.03 35.04 20.03
CA GLU B 470 -10.39 36.45 19.94
C GLU B 470 -11.74 36.61 19.23
N GLU B 471 -11.91 35.87 18.14
CA GLU B 471 -13.12 35.97 17.34
C GLU B 471 -14.30 35.36 18.07
N ILE B 472 -14.06 34.18 18.64
CA ILE B 472 -15.09 33.47 19.38
C ILE B 472 -15.54 34.30 20.58
N ALA B 473 -14.59 34.80 21.35
CA ALA B 473 -14.92 35.69 22.47
C ALA B 473 -15.74 36.89 21.98
N THR B 474 -15.40 37.41 20.78
CA THR B 474 -16.18 38.49 20.18
C THR B 474 -17.66 38.10 19.98
N GLN B 475 -17.91 36.87 19.51
CA GLN B 475 -19.28 36.38 19.32
C GLN B 475 -20.08 36.26 20.62
N MET B 476 -19.46 35.75 21.67
CA MET B 476 -20.13 35.65 22.98
C MET B 476 -20.54 37.03 23.52
N ARG B 477 -19.67 38.01 23.33
CA ARG B 477 -19.95 39.40 23.71
C ARG B 477 -21.12 39.95 22.90
N THR B 478 -21.05 39.79 21.57
CA THR B 478 -22.11 40.24 20.66
C THR B 478 -23.48 39.63 20.96
N HIS B 479 -23.52 38.33 21.27
CA HIS B 479 -24.79 37.62 21.51
C HIS B 479 -25.14 37.46 22.99
N SER B 480 -24.31 38.01 23.87
CA SER B 480 -24.50 37.88 25.30
C SER B 480 -24.73 36.42 25.69
N ILE B 481 -23.77 35.55 25.37
CA ILE B 481 -23.88 34.11 25.69
C ILE B 481 -23.53 33.82 27.15
N ASN B 482 -24.55 33.49 27.94
CA ASN B 482 -24.38 33.25 29.38
C ASN B 482 -23.86 31.87 29.77
N ALA B 483 -23.98 30.90 28.84
CA ALA B 483 -23.48 29.54 29.04
C ALA B 483 -23.46 28.76 27.73
N LEU B 484 -22.75 27.63 27.73
CA LEU B 484 -22.52 26.83 26.53
C LEU B 484 -22.65 25.32 26.79
N LEU B 485 -23.40 24.64 25.92
CA LEU B 485 -23.45 23.17 25.88
C LEU B 485 -22.84 22.67 24.56
N ILE B 486 -21.88 21.77 24.68
CA ILE B 486 -21.22 21.14 23.54
C ILE B 486 -21.56 19.66 23.50
N ILE B 487 -22.02 19.21 22.34
CA ILE B 487 -22.27 17.79 22.10
C ILE B 487 -21.19 17.35 21.10
N GLY B 488 -20.21 16.58 21.58
CA GLY B 488 -19.15 16.13 20.70
C GLY B 488 -18.11 15.20 21.27
N GLY B 489 -17.10 14.91 20.47
CA GLY B 489 -16.11 13.92 20.84
C GLY B 489 -14.89 14.58 21.42
N PHE B 490 -13.77 13.86 21.30
CA PHE B 490 -12.50 14.29 21.88
C PHE B 490 -12.18 15.74 21.54
N GLU B 491 -12.54 16.19 20.33
CA GLU B 491 -12.28 17.59 19.98
C GLU B 491 -13.03 18.59 20.90
N ALA B 492 -14.22 18.24 21.37
CA ALA B 492 -14.94 19.08 22.32
C ALA B 492 -14.16 19.16 23.60
N TYR B 493 -13.79 18.00 24.14
CA TYR B 493 -12.98 17.94 25.37
C TYR B 493 -11.75 18.87 25.22
N LEU B 494 -10.99 18.69 24.14
CA LEU B 494 -9.81 19.52 23.90
C LEU B 494 -10.23 20.98 23.86
N GLY B 495 -11.35 21.25 23.21
CA GLY B 495 -11.93 22.60 23.13
C GLY B 495 -12.20 23.26 24.47
N LEU B 496 -12.74 22.50 25.42
CA LEU B 496 -12.98 23.03 26.78
C LEU B 496 -11.67 23.36 27.51
N LEU B 497 -10.65 22.51 27.34
CA LEU B 497 -9.36 22.74 27.96
C LEU B 497 -8.77 24.06 27.45
N GLU B 498 -8.77 24.23 26.13
CA GLU B 498 -8.26 25.45 25.52
C GLU B 498 -8.95 26.73 26.04
N LEU B 499 -10.28 26.70 26.08
CA LEU B 499 -11.12 27.84 26.53
C LEU B 499 -10.99 28.05 28.03
N SER B 500 -10.82 26.96 28.78
CA SER B 500 -10.58 27.04 30.23
C SER B 500 -9.33 27.87 30.48
N ALA B 501 -8.27 27.53 29.74
CA ALA B 501 -6.98 28.25 29.82
C ALA B 501 -7.07 29.68 29.32
N ALA B 502 -7.95 29.95 28.36
CA ALA B 502 -8.12 31.30 27.78
C ALA B 502 -9.02 32.26 28.58
N ARG B 503 -9.54 31.79 29.71
CA ARG B 503 -10.41 32.60 30.58
C ARG B 503 -9.75 33.88 31.05
N GLU B 504 -8.51 33.76 31.50
CA GLU B 504 -7.81 34.86 32.14
C GLU B 504 -7.51 35.99 31.17
N LYS B 505 -7.56 35.71 29.87
CA LYS B 505 -7.42 36.75 28.87
C LYS B 505 -8.76 37.18 28.27
N HIS B 506 -9.76 36.30 28.28
CA HIS B 506 -11.08 36.67 27.76
C HIS B 506 -12.23 36.39 28.75
N GLU B 507 -12.70 37.47 29.39
CA GLU B 507 -13.81 37.44 30.35
C GLU B 507 -15.00 36.62 29.84
N GLU B 508 -15.30 36.74 28.55
CA GLU B 508 -16.46 36.07 27.92
C GLU B 508 -16.55 34.53 28.13
N PHE B 509 -15.40 33.89 28.35
CA PHE B 509 -15.34 32.46 28.60
C PHE B 509 -15.47 32.12 30.09
N CYS B 510 -15.77 33.12 30.93
CA CYS B 510 -15.97 32.89 32.36
C CYS B 510 -17.44 32.55 32.72
N VAL B 511 -17.97 31.60 31.96
CA VAL B 511 -19.36 31.15 32.05
C VAL B 511 -19.37 29.63 32.28
N PRO B 512 -20.54 29.06 32.62
CA PRO B 512 -20.57 27.61 32.79
C PRO B 512 -20.59 26.90 31.45
N MET B 513 -19.61 26.04 31.25
CA MET B 513 -19.48 25.28 30.02
C MET B 513 -19.53 23.80 30.36
N VAL B 514 -20.45 23.09 29.75
CA VAL B 514 -20.54 21.65 29.94
C VAL B 514 -20.61 20.96 28.60
N MET B 515 -20.09 19.74 28.60
CA MET B 515 -19.99 18.92 27.40
C MET B 515 -20.64 17.59 27.71
N VAL B 516 -21.38 17.08 26.73
CA VAL B 516 -21.80 15.65 26.73
C VAL B 516 -21.11 14.94 25.55
N PRO B 517 -20.70 13.66 25.73
CA PRO B 517 -19.80 12.98 24.76
C PRO B 517 -20.52 12.32 23.62
N ALA B 518 -20.11 12.65 22.39
CA ALA B 518 -20.72 12.05 21.19
C ALA B 518 -19.70 11.75 20.07
N THR B 519 -19.49 10.45 19.85
CA THR B 519 -18.61 9.86 18.80
C THR B 519 -18.86 8.37 18.67
N VAL B 520 -18.79 7.87 17.46
CA VAL B 520 -18.79 6.41 17.31
C VAL B 520 -17.67 5.74 18.18
N SER B 521 -16.58 6.45 18.41
CA SER B 521 -15.35 5.86 18.90
C SER B 521 -15.39 5.50 20.38
N ASN B 522 -16.25 6.21 21.13
CA ASN B 522 -16.28 6.09 22.60
C ASN B 522 -14.91 6.34 23.26
N ASN B 523 -14.12 7.23 22.69
CA ASN B 523 -12.82 7.53 23.24
C ASN B 523 -12.79 8.77 24.16
N VAL B 524 -13.96 9.27 24.59
CA VAL B 524 -14.02 10.53 25.35
C VAL B 524 -13.75 10.27 26.81
N PRO B 525 -12.69 10.89 27.38
CA PRO B 525 -12.41 10.68 28.81
C PRO B 525 -13.46 11.28 29.73
N GLY B 526 -13.87 10.51 30.73
CA GLY B 526 -14.92 10.92 31.66
C GLY B 526 -16.28 10.31 31.41
N SER B 527 -16.32 9.35 30.49
CA SER B 527 -17.56 8.65 30.19
C SER B 527 -17.26 7.25 29.67
N ASP B 528 -17.88 6.25 30.27
CA ASP B 528 -17.81 4.88 29.78
C ASP B 528 -18.54 4.68 28.43
N PHE B 529 -19.46 5.60 28.08
CA PHE B 529 -20.24 5.51 26.85
C PHE B 529 -20.35 6.86 26.13
N SER B 530 -20.52 6.81 24.83
CA SER B 530 -20.66 8.01 24.04
C SER B 530 -21.84 7.87 23.09
N ILE B 531 -22.48 9.00 22.80
CA ILE B 531 -23.61 9.01 21.88
C ILE B 531 -23.05 8.67 20.48
N GLY B 532 -23.50 7.55 19.90
CA GLY B 532 -23.16 7.16 18.56
C GLY B 532 -22.55 5.77 18.44
N ALA B 533 -21.96 5.28 19.52
CA ALA B 533 -21.24 3.99 19.48
C ALA B 533 -22.15 2.78 19.36
N ASP B 534 -23.38 2.85 19.87
CA ASP B 534 -24.30 1.66 19.77
C ASP B 534 -24.74 1.49 18.33
N THR B 535 -25.09 2.62 17.71
CA THR B 535 -25.34 2.65 16.28
C THR B 535 -24.22 1.95 15.50
N ALA B 536 -22.98 2.33 15.81
CA ALA B 536 -21.84 1.82 15.08
C ALA B 536 -21.73 0.32 15.32
N LEU B 537 -21.85 -0.09 16.59
CA LEU B 537 -21.71 -1.50 16.94
C LEU B 537 -22.73 -2.31 16.18
N ASN B 538 -23.92 -1.71 15.97
CA ASN B 538 -25.00 -2.42 15.29
C ASN B 538 -24.68 -2.60 13.81
N THR B 539 -24.11 -1.57 13.19
CA THR B 539 -23.72 -1.72 11.78
C THR B 539 -22.57 -2.71 11.64
N ILE B 540 -21.62 -2.64 12.55
CA ILE B 540 -20.53 -3.63 12.53
C ILE B 540 -21.10 -5.03 12.70
N THR B 541 -21.95 -5.17 13.71
CA THR B 541 -22.53 -6.47 14.02
C THR B 541 -23.27 -7.01 12.81
N ASP B 542 -24.10 -6.16 12.18
CA ASP B 542 -24.82 -6.61 10.99
C ASP B 542 -23.86 -7.11 9.95
N THR B 543 -22.76 -6.38 9.78
CA THR B 543 -21.84 -6.62 8.67
C THR B 543 -21.06 -7.93 8.85
N CYS B 544 -20.47 -8.11 10.02
CA CYS B 544 -19.84 -9.37 10.38
C CYS B 544 -20.79 -10.54 10.23
N ASP B 545 -22.08 -10.37 10.54
CA ASP B 545 -23.07 -11.47 10.37
C ASP B 545 -23.14 -11.91 8.93
N ARG B 546 -23.20 -10.92 8.03
CA ARG B 546 -23.22 -11.24 6.58
C ARG B 546 -21.91 -11.87 6.14
N ILE B 547 -20.81 -11.40 6.74
CA ILE B 547 -19.48 -11.91 6.41
C ILE B 547 -19.37 -13.38 6.79
N LYS B 548 -19.75 -13.70 8.02
CA LYS B 548 -19.66 -15.11 8.48
C LYS B 548 -20.53 -16.00 7.65
N GLN B 549 -21.63 -15.43 7.14
CA GLN B 549 -22.55 -16.23 6.31
C GLN B 549 -21.82 -16.67 5.05
N SER B 550 -21.07 -15.72 4.50
CA SER B 550 -20.17 -16.02 3.40
C SER B 550 -19.19 -17.13 3.82
N ALA B 551 -18.25 -16.82 4.70
CA ALA B 551 -17.26 -17.75 5.18
C ALA B 551 -17.88 -19.14 5.31
N SER B 552 -19.04 -19.15 5.94
CA SER B 552 -19.79 -20.42 6.04
C SER B 552 -20.25 -21.17 4.77
N GLY B 553 -20.57 -20.50 3.67
CA GLY B 553 -21.04 -21.17 2.47
C GLY B 553 -19.88 -21.76 1.71
N THR B 554 -18.78 -21.02 1.77
CA THR B 554 -17.54 -21.39 1.06
C THR B 554 -16.82 -22.47 1.86
N LYS B 555 -16.72 -22.23 3.18
CA LYS B 555 -16.05 -23.09 4.13
C LYS B 555 -14.57 -23.03 4.02
N ARG B 556 -13.94 -23.39 5.13
CA ARG B 556 -12.51 -23.21 5.29
C ARG B 556 -12.10 -21.81 4.85
N ARG B 557 -12.75 -20.78 5.40
CA ARG B 557 -12.36 -19.42 5.12
C ARG B 557 -12.28 -18.53 6.36
N VAL B 558 -11.26 -17.66 6.41
CA VAL B 558 -11.10 -16.78 7.53
C VAL B 558 -11.12 -15.34 7.01
N PHE B 559 -11.90 -14.49 7.66
CA PHE B 559 -12.01 -13.12 7.22
C PHE B 559 -11.27 -12.30 8.23
N ILE B 560 -10.43 -11.39 7.72
CA ILE B 560 -9.81 -10.38 8.54
C ILE B 560 -10.50 -9.08 8.18
N ILE B 561 -11.00 -8.39 9.21
CA ILE B 561 -11.87 -7.22 9.04
C ILE B 561 -11.33 -6.07 9.87
N GLU B 562 -11.10 -4.93 9.24
CA GLU B 562 -10.60 -3.77 9.94
C GLU B 562 -11.74 -2.85 10.32
N THR B 563 -11.68 -2.30 11.53
CA THR B 563 -12.71 -1.43 12.09
C THR B 563 -12.18 -0.08 12.52
N MET B 564 -13.09 0.86 12.81
CA MET B 564 -12.75 2.18 13.32
C MET B 564 -12.52 2.20 14.78
N GLY B 565 -12.33 3.43 15.31
CA GLY B 565 -12.07 3.69 16.74
C GLY B 565 -10.90 4.62 16.97
N GLY B 566 -10.01 4.71 15.98
CA GLY B 566 -8.74 5.39 16.15
C GLY B 566 -7.90 4.43 16.94
N TYR B 567 -7.40 4.89 18.10
CA TYR B 567 -6.67 4.02 19.01
C TYR B 567 -7.58 3.41 20.06
N CYS B 568 -8.86 3.77 19.97
CA CYS B 568 -9.87 3.24 20.88
C CYS B 568 -10.52 1.94 20.35
N GLY B 569 -10.14 0.85 21.00
CA GLY B 569 -10.62 -0.48 20.62
C GLY B 569 -12.01 -0.88 21.11
N TYR B 570 -12.85 0.11 21.46
CA TYR B 570 -14.23 -0.16 21.88
C TYR B 570 -15.03 -0.81 20.76
N LEU B 571 -15.18 -0.14 19.63
CA LEU B 571 -15.95 -0.76 18.51
C LEU B 571 -15.38 -2.17 18.10
N ALA B 572 -14.05 -2.30 17.99
CA ALA B 572 -13.38 -3.55 17.60
C ALA B 572 -13.68 -4.66 18.61
N ASN B 573 -13.36 -4.39 19.88
CA ASN B 573 -13.56 -5.34 20.98
C ASN B 573 -15.04 -5.76 21.12
N MET B 574 -15.90 -4.79 21.36
CA MET B 574 -17.31 -5.05 21.57
C MET B 574 -17.91 -5.64 20.29
N GLY B 575 -17.61 -5.03 19.16
CA GLY B 575 -17.99 -5.61 17.86
C GLY B 575 -17.61 -7.07 17.74
N GLY B 576 -16.40 -7.40 18.16
CA GLY B 576 -15.93 -8.82 18.18
C GLY B 576 -16.87 -9.74 18.97
N LEU B 577 -17.05 -9.48 20.27
CA LEU B 577 -18.05 -10.15 21.11
C LEU B 577 -19.42 -10.40 20.45
N ALA B 578 -20.10 -9.31 20.09
CA ALA B 578 -21.43 -9.35 19.46
C ALA B 578 -21.50 -10.13 18.16
N ALA B 579 -20.45 -10.02 17.32
CA ALA B 579 -20.31 -10.86 16.10
C ALA B 579 -19.76 -12.28 16.38
N GLY B 580 -19.40 -12.57 17.61
CA GLY B 580 -18.81 -13.88 17.90
C GLY B 580 -17.55 -14.17 17.09
N ALA B 581 -16.67 -13.17 17.01
CA ALA B 581 -15.43 -13.34 16.30
C ALA B 581 -14.56 -14.29 17.07
N ASP B 582 -13.52 -14.74 16.40
CA ASP B 582 -12.47 -15.55 16.98
C ASP B 582 -11.32 -14.72 17.58
N ALA B 583 -11.21 -13.44 17.20
CA ALA B 583 -10.16 -12.55 17.79
C ALA B 583 -10.42 -11.11 17.42
N ALA B 584 -10.06 -10.20 18.31
CA ALA B 584 -10.14 -8.77 17.99
C ALA B 584 -8.88 -8.08 18.55
N TYR B 585 -7.92 -7.79 17.67
CA TYR B 585 -6.71 -7.10 18.05
C TYR B 585 -6.95 -5.59 18.28
N ILE B 586 -6.41 -5.07 19.39
CA ILE B 586 -6.59 -3.65 19.78
C ILE B 586 -5.28 -3.02 20.29
N PHE B 587 -5.22 -1.69 20.24
CA PHE B 587 -4.03 -0.96 20.67
C PHE B 587 -3.77 -1.12 22.16
N GLU B 588 -4.81 -1.13 22.98
CA GLU B 588 -4.65 -1.16 24.46
C GLU B 588 -4.19 -2.53 24.98
N GLU B 589 -4.05 -3.52 24.08
CA GLU B 589 -3.52 -4.84 24.48
C GLU B 589 -2.46 -5.29 23.49
N PRO B 590 -1.18 -5.17 23.90
CA PRO B 590 -0.13 -5.51 22.96
C PRO B 590 -0.25 -6.93 22.57
N PHE B 591 0.19 -7.23 21.35
CA PHE B 591 0.23 -8.58 20.84
C PHE B 591 1.46 -8.76 19.97
N ASP B 592 2.12 -9.90 20.13
CA ASP B 592 3.32 -10.18 19.34
C ASP B 592 3.01 -11.32 18.37
N ILE B 593 4.00 -11.68 17.58
CA ILE B 593 3.88 -12.76 16.60
C ILE B 593 3.61 -14.13 17.24
N ARG B 594 3.88 -14.28 18.52
CA ARG B 594 3.46 -15.48 19.30
C ARG B 594 1.94 -15.49 19.48
N ASP B 595 1.40 -14.36 19.91
CA ASP B 595 -0.07 -14.19 20.03
C ASP B 595 -0.80 -14.52 18.72
N LEU B 596 -0.24 -14.08 17.58
CA LEU B 596 -0.87 -14.29 16.25
C LEU B 596 -0.78 -15.75 15.82
N GLN B 597 0.42 -16.30 15.97
CA GLN B 597 0.69 -17.72 15.69
C GLN B 597 -0.25 -18.61 16.55
N SER B 598 -0.52 -18.17 17.76
CA SER B 598 -1.37 -18.94 18.67
C SER B 598 -2.83 -18.95 18.19
N ASN B 599 -3.32 -17.79 17.80
CA ASN B 599 -4.62 -17.73 17.22
C ASN B 599 -4.69 -18.50 15.92
N VAL B 600 -3.61 -18.48 15.13
CA VAL B 600 -3.64 -19.17 13.83
C VAL B 600 -3.75 -20.66 14.04
N GLU B 601 -3.09 -21.15 15.10
CA GLU B 601 -3.04 -22.59 15.39
C GLU B 601 -4.40 -23.02 15.95
N HIS B 602 -5.04 -22.14 16.70
CA HIS B 602 -6.41 -22.43 17.16
C HIS B 602 -7.33 -22.64 15.99
N LEU B 603 -7.37 -21.67 15.09
CA LEU B 603 -8.24 -21.72 13.91
C LEU B 603 -7.97 -22.96 13.11
N THR B 604 -6.72 -23.40 13.10
CA THR B 604 -6.34 -24.62 12.39
C THR B 604 -7.06 -25.81 12.96
N GLU B 605 -6.98 -25.96 14.27
CA GLU B 605 -7.73 -27.02 14.98
C GLU B 605 -9.23 -26.89 14.77
N LYS B 606 -9.72 -25.65 14.78
CA LYS B 606 -11.15 -25.36 14.53
C LYS B 606 -11.64 -25.90 13.19
N MET B 607 -10.76 -25.99 12.18
CA MET B 607 -11.16 -26.52 10.88
C MET B 607 -11.17 -28.06 10.86
N LYS B 608 -10.94 -28.70 11.99
CA LYS B 608 -11.18 -30.14 12.10
C LYS B 608 -12.61 -30.42 12.62
N THR B 609 -13.25 -29.39 13.18
CA THR B 609 -14.64 -29.49 13.60
C THR B 609 -15.49 -29.15 12.37
N THR B 610 -16.81 -29.03 12.54
CA THR B 610 -17.78 -28.65 11.49
C THR B 610 -17.95 -27.16 11.30
N ILE B 611 -17.57 -26.36 12.30
CA ILE B 611 -17.61 -24.88 12.15
C ILE B 611 -16.30 -24.38 11.49
N GLN B 612 -16.23 -24.52 10.16
CA GLN B 612 -15.01 -24.19 9.39
C GLN B 612 -15.15 -22.79 8.84
N ARG B 613 -15.16 -21.84 9.76
CA ARG B 613 -15.13 -20.42 9.39
C ARG B 613 -14.31 -19.70 10.43
N GLY B 614 -13.93 -18.46 10.11
CA GLY B 614 -13.13 -17.67 11.03
C GLY B 614 -13.44 -16.20 10.89
N LEU B 615 -13.37 -15.48 11.99
CA LEU B 615 -13.63 -14.08 11.95
C LEU B 615 -12.66 -13.35 12.86
N VAL B 616 -11.82 -12.50 12.26
CA VAL B 616 -10.73 -11.80 12.99
C VAL B 616 -10.87 -10.28 12.79
N LEU B 617 -10.96 -9.54 13.88
CA LEU B 617 -11.19 -8.11 13.79
C LEU B 617 -9.91 -7.37 14.16
N ARG B 618 -9.54 -6.35 13.38
CA ARG B 618 -8.38 -5.56 13.64
C ARG B 618 -8.71 -4.10 13.81
N ASN B 619 -8.54 -3.57 15.03
CA ASN B 619 -8.63 -2.11 15.21
C ASN B 619 -7.66 -1.45 14.30
N GLU B 620 -8.14 -0.44 13.56
CA GLU B 620 -7.36 0.21 12.47
C GLU B 620 -5.99 0.77 12.88
N SER B 621 -5.84 1.19 14.15
CA SER B 621 -4.58 1.74 14.61
C SER B 621 -4.02 0.98 15.78
N CYS B 622 -4.17 -0.33 15.74
CA CYS B 622 -3.73 -1.18 16.85
C CYS B 622 -2.25 -1.54 16.86
N SER B 623 -1.56 -1.28 15.77
CA SER B 623 -0.15 -1.69 15.66
C SER B 623 0.44 -1.08 14.42
N GLU B 624 1.62 -0.47 14.58
CA GLU B 624 2.31 0.25 13.50
C GLU B 624 2.62 -0.76 12.39
N ASN B 625 3.30 -1.82 12.80
CA ASN B 625 3.84 -2.83 11.90
C ASN B 625 2.86 -3.89 11.52
N TYR B 626 2.11 -4.39 12.50
CA TYR B 626 1.16 -5.48 12.23
C TYR B 626 -0.17 -4.93 11.67
N THR B 627 -0.12 -4.65 10.38
CA THR B 627 -1.23 -4.03 9.67
C THR B 627 -2.27 -5.09 9.30
N THR B 628 -3.46 -4.64 8.87
CA THR B 628 -4.47 -5.55 8.31
C THR B 628 -3.89 -6.48 7.23
N ASP B 629 -2.99 -5.94 6.40
CA ASP B 629 -2.27 -6.76 5.38
C ASP B 629 -1.33 -7.78 5.99
N PHE B 630 -0.54 -7.35 6.96
CA PHE B 630 0.36 -8.27 7.66
C PHE B 630 -0.35 -9.49 8.24
N ILE B 631 -1.48 -9.21 8.90
CA ILE B 631 -2.30 -10.24 9.55
C ILE B 631 -2.89 -11.12 8.47
N TYR B 632 -3.43 -10.47 7.43
CA TYR B 632 -3.97 -11.21 6.28
C TYR B 632 -2.92 -12.12 5.64
N GLN B 633 -1.67 -11.64 5.58
CA GLN B 633 -0.58 -12.41 4.94
C GLN B 633 -0.12 -13.59 5.80
N LEU B 634 -0.03 -13.35 7.11
CA LEU B 634 0.31 -14.42 8.05
C LEU B 634 -0.69 -15.58 7.99
N TYR B 635 -1.98 -15.25 8.20
CA TYR B 635 -3.01 -16.25 8.34
C TYR B 635 -3.19 -16.98 7.03
N SER B 636 -3.22 -16.22 5.92
CA SER B 636 -3.27 -16.82 4.57
C SER B 636 -2.24 -17.91 4.43
N GLU B 637 -0.99 -17.54 4.75
CA GLU B 637 0.16 -18.39 4.50
C GLU B 637 0.21 -19.58 5.41
N GLU B 638 0.04 -19.34 6.71
CA GLU B 638 0.11 -20.44 7.69
C GLU B 638 -1.06 -21.41 7.60
N GLY B 639 -2.18 -21.00 7.04
CA GLY B 639 -3.31 -21.90 6.91
C GLY B 639 -3.24 -22.73 5.65
N LYS B 640 -2.09 -22.79 5.01
CA LYS B 640 -2.10 -23.03 3.56
C LYS B 640 -2.76 -24.35 3.22
N GLY B 641 -2.58 -25.35 4.05
CA GLY B 641 -3.23 -26.63 3.75
C GLY B 641 -4.67 -26.71 4.15
N VAL B 642 -5.16 -25.65 4.80
CA VAL B 642 -6.32 -25.76 5.66
C VAL B 642 -7.44 -24.75 5.35
N PHE B 643 -7.11 -23.48 5.30
CA PHE B 643 -8.08 -22.46 5.06
C PHE B 643 -7.47 -21.38 4.27
N ASP B 644 -8.32 -20.51 3.76
CA ASP B 644 -7.87 -19.34 3.04
C ASP B 644 -8.52 -18.05 3.61
N CYS B 645 -8.12 -16.88 3.11
CA CYS B 645 -8.58 -15.60 3.73
C CYS B 645 -8.97 -14.54 2.77
N ARG B 646 -9.62 -13.55 3.34
CA ARG B 646 -10.12 -12.40 2.60
C ARG B 646 -9.98 -11.33 3.60
N LYS B 647 -9.58 -10.15 3.13
CA LYS B 647 -9.51 -9.00 3.98
C LYS B 647 -10.65 -8.09 3.52
N ASN B 648 -11.30 -7.39 4.46
CA ASN B 648 -12.27 -6.31 4.17
C ASN B 648 -11.98 -5.11 5.06
N VAL B 649 -11.93 -3.92 4.47
CA VAL B 649 -11.82 -2.72 5.26
C VAL B 649 -13.15 -1.94 5.16
N LEU B 650 -13.90 -2.02 6.25
CA LEU B 650 -15.21 -1.49 6.31
C LEU B 650 -15.14 0.02 6.05
N GLY B 651 -14.32 0.71 6.82
CA GLY B 651 -14.29 2.15 6.73
C GLY B 651 -15.58 2.79 7.24
N HIS B 652 -15.84 4.00 6.78
CA HIS B 652 -16.73 4.91 7.50
C HIS B 652 -18.23 4.64 7.34
N MET B 653 -18.58 3.62 6.58
CA MET B 653 -19.94 3.09 6.53
C MET B 653 -20.35 2.43 7.85
N GLN B 654 -19.36 2.02 8.64
CA GLN B 654 -19.64 1.52 10.00
C GLN B 654 -20.43 2.48 10.86
N GLN B 655 -20.31 3.75 10.59
CA GLN B 655 -21.10 4.73 11.31
C GLN B 655 -22.56 4.28 11.40
N GLY B 656 -23.09 3.71 10.32
CA GLY B 656 -24.50 3.41 10.31
C GLY B 656 -25.24 4.66 9.88
N GLY B 657 -26.56 4.66 9.96
CA GLY B 657 -27.36 5.79 9.50
C GLY B 657 -28.08 6.47 10.65
N ALA B 658 -29.42 6.30 10.67
CA ALA B 658 -30.26 6.84 11.74
C ALA B 658 -29.67 6.28 13.02
N PRO B 659 -29.65 7.09 14.07
CA PRO B 659 -29.21 6.54 15.33
C PRO B 659 -30.10 5.42 15.85
N SER B 660 -29.46 4.43 16.45
CA SER B 660 -30.13 3.39 17.19
C SER B 660 -30.85 4.01 18.38
N PRO B 661 -31.91 3.36 18.87
CA PRO B 661 -32.62 3.88 20.04
C PRO B 661 -31.71 4.14 21.27
N PHE B 662 -30.77 3.25 21.55
CA PHE B 662 -29.88 3.49 22.70
C PHE B 662 -29.28 4.86 22.53
N ASP B 663 -28.77 5.17 21.34
CA ASP B 663 -28.14 6.47 21.14
C ASP B 663 -29.18 7.63 21.22
N ARG B 664 -30.36 7.48 20.60
CA ARG B 664 -31.38 8.56 20.68
C ARG B 664 -31.70 8.92 22.15
N ASN B 665 -32.12 7.91 22.90
CA ASN B 665 -32.42 8.10 24.32
C ASN B 665 -31.22 8.57 25.16
N PHE B 666 -30.05 7.94 25.00
CA PHE B 666 -28.81 8.39 25.63
C PHE B 666 -28.59 9.87 25.26
N GLY B 667 -28.72 10.18 23.98
CA GLY B 667 -28.56 11.58 23.53
C GLY B 667 -29.51 12.49 24.29
N THR B 668 -30.78 12.07 24.31
CA THR B 668 -31.87 12.86 24.90
C THR B 668 -31.75 13.03 26.40
N LYS B 669 -31.40 11.96 27.08
CA LYS B 669 -31.37 11.95 28.53
C LYS B 669 -30.19 12.67 29.14
N ILE B 670 -29.00 12.43 28.62
CA ILE B 670 -27.83 13.06 29.19
C ILE B 670 -27.78 14.55 28.85
N SER B 671 -28.35 14.96 27.71
CA SER B 671 -28.34 16.38 27.31
C SER B 671 -29.24 17.23 28.19
N ALA B 672 -30.42 16.69 28.47
CA ALA B 672 -31.36 17.33 29.36
C ALA B 672 -30.75 17.49 30.76
N ARG B 673 -30.04 16.46 31.19
CA ARG B 673 -29.39 16.46 32.50
C ARG B 673 -28.30 17.54 32.54
N ALA B 674 -27.60 17.70 31.43
CA ALA B 674 -26.59 18.78 31.30
C ALA B 674 -27.21 20.18 31.37
N MET B 675 -28.32 20.40 30.67
CA MET B 675 -29.02 21.67 30.72
C MET B 675 -29.52 22.00 32.12
N GLU B 676 -30.06 21.02 32.84
CA GLU B 676 -30.45 21.20 34.24
C GLU B 676 -29.29 21.80 35.03
N TRP B 677 -28.11 21.20 34.85
CA TRP B 677 -26.89 21.68 35.50
C TRP B 677 -26.66 23.14 35.12
N ILE B 678 -26.76 23.47 33.83
CA ILE B 678 -26.54 24.86 33.40
C ILE B 678 -27.50 25.85 34.11
N THR B 679 -28.77 25.52 34.22
CA THR B 679 -29.73 26.43 34.80
C THR B 679 -29.46 26.59 36.29
N ALA B 680 -29.25 25.48 36.98
CA ALA B 680 -28.89 25.50 38.41
C ALA B 680 -27.67 26.41 38.68
N LYS B 681 -26.65 26.30 37.83
CA LYS B 681 -25.45 27.15 37.92
C LYS B 681 -25.77 28.64 37.68
N LEU B 682 -26.46 28.94 36.59
CA LEU B 682 -26.87 30.32 36.30
C LEU B 682 -27.75 30.90 37.43
N LYS B 683 -28.50 30.03 38.09
CA LYS B 683 -29.40 30.43 39.17
C LYS B 683 -28.64 30.99 40.39
N GLU B 684 -27.45 30.47 40.66
CA GLU B 684 -26.60 31.02 41.75
C GLU B 684 -25.79 32.23 41.23
N ALA B 685 -26.51 33.24 40.71
CA ALA B 685 -25.90 34.42 40.09
C ALA B 685 -26.99 35.37 39.63
N THR B 693 -14.39 32.62 37.90
CA THR B 693 -14.98 31.28 37.85
C THR B 693 -13.92 30.16 37.83
N THR B 694 -14.21 29.07 38.53
CA THR B 694 -13.24 28.02 38.86
C THR B 694 -13.32 26.78 37.98
N ASP B 695 -12.54 25.72 38.32
CA ASP B 695 -12.53 24.46 37.54
C ASP B 695 -13.90 23.78 37.42
N ASP B 696 -14.69 23.85 38.48
CA ASP B 696 -15.98 23.12 38.56
C ASP B 696 -17.06 23.58 37.57
N SER B 697 -16.86 24.70 36.90
CA SER B 697 -17.85 25.20 35.92
C SER B 697 -17.48 24.85 34.48
N ILE B 698 -16.33 24.19 34.29
CA ILE B 698 -15.99 23.62 32.97
C ILE B 698 -15.79 22.10 33.12
N CYS B 699 -16.81 21.32 32.78
CA CYS B 699 -16.72 19.85 32.94
C CYS B 699 -17.41 19.00 31.87
N VAL B 700 -17.09 17.70 31.94
CA VAL B 700 -17.65 16.65 31.11
C VAL B 700 -18.72 15.90 31.90
N LEU B 701 -19.96 15.95 31.44
CA LEU B 701 -21.05 15.13 31.99
C LEU B 701 -21.00 13.78 31.30
N GLY B 702 -20.75 12.74 32.05
CA GLY B 702 -20.56 11.42 31.48
C GLY B 702 -21.02 10.31 32.38
N ILE B 703 -21.12 9.11 31.79
CA ILE B 703 -21.55 7.92 32.51
C ILE B 703 -20.34 7.20 33.11
N SER B 704 -20.25 7.19 34.45
CA SER B 704 -19.13 6.52 35.17
C SER B 704 -19.60 5.45 36.16
N LYS B 705 -19.47 4.19 35.75
CA LYS B 705 -19.97 3.04 36.49
C LYS B 705 -21.50 3.07 36.67
N ARG B 706 -21.97 3.50 37.84
CA ARG B 706 -23.38 3.38 38.22
C ARG B 706 -24.19 4.57 37.80
N ASN B 707 -23.59 5.75 37.91
CA ASN B 707 -24.33 7.01 37.86
C ASN B 707 -23.61 8.02 36.98
N VAL B 708 -24.29 9.10 36.62
CA VAL B 708 -23.71 10.11 35.76
C VAL B 708 -23.09 11.16 36.68
N ILE B 709 -21.93 11.68 36.30
CA ILE B 709 -21.26 12.69 37.08
C ILE B 709 -20.57 13.77 36.22
N PHE B 710 -20.49 14.98 36.77
CA PHE B 710 -19.80 16.10 36.13
C PHE B 710 -18.37 16.15 36.64
N GLN B 711 -17.40 16.04 35.75
CA GLN B 711 -16.00 16.00 36.14
C GLN B 711 -15.25 17.14 35.49
N PRO B 712 -14.73 18.07 36.32
CA PRO B 712 -13.91 19.17 35.79
C PRO B 712 -12.85 18.68 34.80
N VAL B 713 -12.70 19.40 33.69
CA VAL B 713 -11.67 19.08 32.72
C VAL B 713 -10.25 19.04 33.32
N ALA B 714 -10.02 19.84 34.36
CA ALA B 714 -8.75 19.82 35.09
C ALA B 714 -8.38 18.41 35.55
N GLU B 715 -9.38 17.73 36.11
CA GLU B 715 -9.18 16.41 36.68
C GLU B 715 -8.99 15.33 35.64
N LEU B 716 -9.53 15.56 34.44
CA LEU B 716 -9.53 14.52 33.42
C LEU B 716 -8.21 14.45 32.65
N LYS B 717 -7.41 15.51 32.74
CA LYS B 717 -6.13 15.55 32.06
C LYS B 717 -5.22 14.39 32.45
N LYS B 718 -5.07 14.18 33.75
CA LYS B 718 -4.25 13.08 34.25
C LYS B 718 -4.84 11.69 33.93
N GLN B 719 -6.16 11.62 33.66
CA GLN B 719 -6.82 10.36 33.26
C GLN B 719 -6.89 10.15 31.72
N THR B 720 -6.11 10.96 30.98
CA THR B 720 -6.19 11.00 29.52
C THR B 720 -4.87 10.78 28.81
N ASP B 721 -4.86 9.84 27.87
CA ASP B 721 -3.73 9.63 26.96
C ASP B 721 -3.97 10.57 25.81
N PHE B 722 -3.29 11.72 25.85
CA PHE B 722 -3.49 12.77 24.85
C PHE B 722 -2.92 12.42 23.48
N GLU B 723 -1.95 11.52 23.48
CA GLU B 723 -1.17 11.21 22.29
C GLU B 723 -1.89 10.20 21.39
N HIS B 724 -2.78 9.39 21.95
CA HIS B 724 -3.62 8.46 21.17
C HIS B 724 -5.12 8.80 21.31
N ARG B 725 -5.43 9.93 21.95
CA ARG B 725 -6.80 10.36 22.23
C ARG B 725 -7.69 9.21 22.65
N ILE B 726 -7.28 8.50 23.69
CA ILE B 726 -8.12 7.53 24.38
C ILE B 726 -7.90 7.77 25.88
N PRO B 727 -8.86 7.37 26.74
CA PRO B 727 -8.62 7.54 28.16
C PRO B 727 -7.55 6.54 28.62
N LYS B 728 -7.12 6.63 29.88
CA LYS B 728 -6.09 5.71 30.40
C LYS B 728 -6.67 4.44 31.00
N GLU B 729 -7.73 4.56 31.78
CA GLU B 729 -8.38 3.37 32.36
C GLU B 729 -9.68 3.25 31.63
N GLN B 730 -9.87 2.13 30.93
CA GLN B 730 -11.10 1.92 30.16
C GLN B 730 -11.80 0.69 30.68
N TRP B 731 -13.07 0.87 31.04
CA TRP B 731 -13.84 -0.15 31.75
C TRP B 731 -13.98 -1.49 31.02
N TRP B 732 -14.17 -1.44 29.70
CA TRP B 732 -14.49 -2.64 28.88
C TRP B 732 -13.31 -3.60 28.70
N LEU B 733 -12.09 -3.12 28.93
CA LEU B 733 -10.88 -4.02 28.95
C LEU B 733 -10.98 -5.21 29.92
N LYS B 734 -11.77 -5.09 31.00
CA LYS B 734 -11.96 -6.20 31.95
C LYS B 734 -12.69 -7.38 31.28
N LEU B 735 -13.40 -7.09 30.19
CA LEU B 735 -14.10 -8.12 29.46
C LEU B 735 -13.23 -8.91 28.48
N ARG B 736 -11.95 -8.59 28.35
CA ARG B 736 -11.15 -9.18 27.25
C ARG B 736 -11.15 -10.72 27.22
N PRO B 737 -11.15 -11.38 28.39
CA PRO B 737 -11.09 -12.84 28.32
C PRO B 737 -12.33 -13.52 27.68
N LEU B 738 -13.48 -12.82 27.67
CA LEU B 738 -14.71 -13.41 27.11
C LEU B 738 -14.59 -13.85 25.66
N MET B 739 -14.27 -12.94 24.76
CA MET B 739 -14.08 -13.26 23.32
C MET B 739 -13.51 -14.65 23.06
N LYS B 740 -12.45 -14.96 23.79
CA LYS B 740 -11.65 -16.19 23.56
C LYS B 740 -12.39 -17.42 24.11
N ILE B 741 -12.89 -17.28 25.34
CA ILE B 741 -13.79 -18.25 25.96
C ILE B 741 -15.00 -18.57 25.06
N LEU B 742 -15.80 -17.53 24.77
CA LEU B 742 -17.06 -17.67 24.05
C LEU B 742 -16.90 -18.06 22.56
N ALA B 743 -15.69 -17.92 21.99
CA ALA B 743 -15.48 -18.23 20.60
C ALA B 743 -15.86 -19.71 20.30
N SER C 6 43.02 -30.32 18.99
CA SER C 6 43.13 -29.73 17.60
C SER C 6 43.17 -28.18 17.68
N ALA C 7 44.08 -27.56 16.90
CA ALA C 7 44.32 -26.10 16.87
C ALA C 7 44.84 -25.70 15.51
N ILE C 8 44.31 -24.60 14.98
CA ILE C 8 44.58 -24.15 13.61
C ILE C 8 45.18 -22.77 13.67
N GLY C 9 46.20 -22.55 12.86
CA GLY C 9 46.81 -21.21 12.75
C GLY C 9 46.75 -20.76 11.32
N VAL C 10 46.43 -19.48 11.13
CA VAL C 10 46.28 -18.96 9.80
C VAL C 10 47.15 -17.73 9.69
N LEU C 11 47.87 -17.63 8.56
CA LEU C 11 48.69 -16.46 8.32
C LEU C 11 48.60 -16.00 6.86
N THR C 12 49.03 -14.76 6.63
CA THR C 12 48.93 -14.17 5.32
C THR C 12 50.31 -13.73 4.90
N SER C 13 50.95 -14.50 4.04
CA SER C 13 52.29 -14.12 3.58
C SER C 13 52.25 -13.58 2.15
N GLY C 14 53.18 -12.69 1.85
CA GLY C 14 53.40 -12.27 0.47
C GLY C 14 52.60 -11.09 -0.03
N GLY C 15 52.96 -10.65 -1.22
CA GLY C 15 52.31 -9.53 -1.89
C GLY C 15 50.83 -9.71 -1.73
N ASP C 16 50.20 -8.77 -1.04
CA ASP C 16 48.82 -8.94 -0.62
C ASP C 16 47.81 -8.85 -1.79
N ALA C 17 46.62 -9.36 -1.54
CA ALA C 17 45.58 -9.51 -2.58
C ALA C 17 44.24 -9.24 -1.93
N GLN C 18 43.33 -8.64 -2.72
CA GLN C 18 41.97 -8.34 -2.27
C GLN C 18 41.15 -9.63 -2.15
N GLY C 19 40.52 -9.86 -1.02
CA GLY C 19 39.92 -11.16 -0.75
C GLY C 19 40.67 -11.97 0.30
N MET C 20 41.90 -11.60 0.61
CA MET C 20 42.67 -12.29 1.67
C MET C 20 41.89 -12.25 3.00
N ASN C 21 41.17 -11.14 3.24
CA ASN C 21 40.36 -10.96 4.45
C ASN C 21 39.12 -11.84 4.49
N ALA C 22 38.45 -11.98 3.34
CA ALA C 22 37.34 -12.89 3.28
C ALA C 22 37.78 -14.30 3.65
N ALA C 23 38.97 -14.67 3.21
CA ALA C 23 39.58 -16.04 3.47
C ALA C 23 39.95 -16.33 4.91
N VAL C 24 40.62 -15.39 5.56
CA VAL C 24 40.86 -15.45 7.02
C VAL C 24 39.56 -15.60 7.83
N ARG C 25 38.55 -14.79 7.48
CA ARG C 25 37.21 -14.88 8.06
C ARG C 25 36.65 -16.29 7.87
N ALA C 26 36.62 -16.78 6.64
CA ALA C 26 36.10 -18.12 6.37
C ALA C 26 36.85 -19.20 7.16
N VAL C 27 38.18 -19.08 7.30
CA VAL C 27 38.94 -20.09 8.08
C VAL C 27 38.67 -19.98 9.59
N VAL C 28 38.61 -18.76 10.13
CA VAL C 28 38.33 -18.60 11.56
C VAL C 28 36.91 -19.09 11.91
N ARG C 29 35.92 -18.73 11.07
CA ARG C 29 34.51 -19.08 11.37
C ARG C 29 34.27 -20.58 11.17
N MET C 30 34.75 -21.10 10.04
CA MET C 30 34.62 -22.53 9.78
C MET C 30 35.41 -23.41 10.74
N GLY C 31 36.58 -22.93 11.16
CA GLY C 31 37.38 -23.61 12.18
C GLY C 31 36.66 -23.73 13.51
N ILE C 32 36.17 -22.59 14.01
CA ILE C 32 35.34 -22.52 15.21
C ILE C 32 34.06 -23.35 15.03
N TYR C 33 33.41 -23.22 13.87
CA TYR C 33 32.20 -24.00 13.63
C TYR C 33 32.43 -25.53 13.77
N VAL C 34 33.48 -26.06 13.16
CA VAL C 34 33.88 -27.47 13.34
C VAL C 34 34.50 -27.71 14.76
N GLY C 35 34.40 -26.70 15.66
CA GLY C 35 34.84 -26.83 17.04
C GLY C 35 36.33 -26.93 17.25
N ALA C 36 37.11 -26.23 16.43
CA ALA C 36 38.54 -26.10 16.61
C ALA C 36 38.85 -24.72 17.22
N LYS C 37 40.04 -24.56 17.78
CA LYS C 37 40.53 -23.23 18.17
C LYS C 37 41.34 -22.73 17.00
N VAL C 38 41.35 -21.41 16.77
CA VAL C 38 42.02 -20.84 15.62
C VAL C 38 42.82 -19.63 16.05
N TYR C 39 44.10 -19.63 15.67
CA TYR C 39 44.99 -18.53 16.01
C TYR C 39 45.40 -17.67 14.83
N PHE C 40 45.35 -16.35 15.02
CA PHE C 40 45.90 -15.43 14.03
C PHE C 40 47.39 -15.55 14.15
N ILE C 41 48.08 -15.45 13.02
CA ILE C 41 49.50 -15.24 13.04
C ILE C 41 49.80 -13.95 12.28
N TYR C 42 50.06 -12.89 13.03
CA TYR C 42 50.19 -11.57 12.45
C TYR C 42 51.48 -11.49 11.65
N GLU C 43 51.51 -10.60 10.67
CA GLU C 43 52.70 -10.34 9.92
C GLU C 43 53.29 -11.61 9.34
N GLY C 44 52.49 -12.40 8.64
CA GLY C 44 53.01 -13.53 7.83
C GLY C 44 53.99 -14.45 8.56
N TYR C 45 55.04 -14.91 7.88
CA TYR C 45 55.99 -15.83 8.56
C TYR C 45 56.75 -15.15 9.69
N GLN C 46 56.91 -13.82 9.58
CA GLN C 46 57.57 -13.00 10.62
C GLN C 46 56.89 -13.16 11.97
N GLY C 47 55.57 -13.06 12.01
CA GLY C 47 54.85 -13.20 13.26
C GLY C 47 55.10 -14.55 13.89
N MET C 48 55.11 -15.58 13.04
CA MET C 48 55.38 -16.95 13.49
C MET C 48 56.79 -17.10 14.11
N VAL C 49 57.78 -16.42 13.54
CA VAL C 49 59.17 -16.46 14.05
C VAL C 49 59.30 -15.70 15.38
N ASP C 50 58.71 -14.51 15.42
CA ASP C 50 58.74 -13.63 16.59
C ASP C 50 57.95 -14.21 17.77
N GLY C 51 56.81 -14.83 17.48
CA GLY C 51 56.01 -15.51 18.50
C GLY C 51 55.26 -14.57 19.44
N GLY C 52 55.17 -14.98 20.71
CA GLY C 52 54.55 -14.15 21.73
C GLY C 52 53.20 -13.66 21.25
N SER C 53 52.99 -12.36 21.18
CA SER C 53 51.67 -11.81 20.88
C SER C 53 51.37 -11.62 19.38
N ASN C 54 52.29 -11.99 18.49
CA ASN C 54 51.98 -12.13 17.05
C ASN C 54 51.07 -13.34 16.79
N ILE C 55 51.00 -14.24 17.77
CA ILE C 55 50.06 -15.34 17.74
C ILE C 55 49.01 -15.08 18.79
N ALA C 56 47.76 -15.00 18.34
CA ALA C 56 46.66 -14.62 19.21
C ALA C 56 45.43 -15.37 18.81
N GLU C 57 44.79 -16.02 19.79
CA GLU C 57 43.55 -16.75 19.54
C GLU C 57 42.49 -15.83 18.96
N ALA C 58 41.67 -16.37 18.07
CA ALA C 58 40.63 -15.60 17.39
C ALA C 58 39.26 -16.09 17.82
N ASP C 59 38.36 -15.14 18.05
CA ASP C 59 36.94 -15.47 18.35
C ASP C 59 36.08 -15.06 17.14
N TRP C 60 34.77 -15.23 17.24
CA TRP C 60 33.88 -14.91 16.15
C TRP C 60 34.00 -13.44 15.73
N GLU C 61 33.94 -12.56 16.72
CA GLU C 61 33.85 -11.11 16.51
C GLU C 61 35.06 -10.56 15.77
N SER C 62 36.20 -11.22 15.91
CA SER C 62 37.45 -10.68 15.38
C SER C 62 37.45 -10.58 13.85
N VAL C 63 36.75 -11.48 13.18
CA VAL C 63 36.71 -11.47 11.72
C VAL C 63 35.50 -10.74 11.09
N SER C 64 34.73 -10.00 11.88
CA SER C 64 33.67 -9.14 11.30
C SER C 64 34.24 -7.77 10.95
N SER C 65 33.59 -7.11 9.99
CA SER C 65 34.04 -5.83 9.44
C SER C 65 35.36 -5.95 8.64
N ILE C 66 35.69 -7.17 8.23
CA ILE C 66 36.96 -7.50 7.60
C ILE C 66 36.70 -7.87 6.12
N LEU C 67 35.65 -8.66 5.89
CA LEU C 67 35.20 -9.13 4.58
C LEU C 67 35.28 -8.16 3.40
N GLN C 68 34.87 -6.91 3.63
CA GLN C 68 34.73 -5.92 2.55
C GLN C 68 35.94 -5.01 2.41
N VAL C 69 37.12 -5.53 2.78
CA VAL C 69 38.35 -4.73 2.91
C VAL C 69 39.57 -5.36 2.20
N GLY C 70 40.25 -4.53 1.39
CA GLY C 70 41.43 -4.95 0.65
C GLY C 70 42.56 -5.25 1.62
N GLY C 71 43.58 -5.94 1.12
CA GLY C 71 44.71 -6.37 1.95
C GLY C 71 44.32 -7.25 3.13
N THR C 72 45.30 -7.48 4.01
CA THR C 72 45.16 -8.36 5.15
C THR C 72 45.04 -7.58 6.43
N ILE C 73 44.00 -7.83 7.19
CA ILE C 73 43.86 -7.20 8.48
C ILE C 73 44.89 -7.74 9.49
N ILE C 74 45.61 -8.81 9.12
CA ILE C 74 46.65 -9.39 9.99
C ILE C 74 48.09 -9.31 9.46
N GLY C 75 48.30 -8.52 8.41
CA GLY C 75 49.65 -8.26 7.87
C GLY C 75 50.21 -9.30 6.92
N SER C 76 51.09 -8.85 6.02
CA SER C 76 52.03 -9.71 5.25
C SER C 76 53.43 -9.16 5.44
N ALA C 77 54.31 -9.93 6.07
CA ALA C 77 55.72 -9.58 6.07
C ALA C 77 56.38 -10.44 5.03
N ARG C 78 57.30 -9.86 4.29
CA ARG C 78 58.37 -10.66 3.72
C ARG C 78 59.20 -11.09 4.94
N CYS C 79 59.73 -12.31 4.93
CA CYS C 79 60.43 -12.81 6.11
C CYS C 79 61.71 -13.55 5.75
N GLN C 80 62.82 -12.83 5.87
CA GLN C 80 64.15 -13.40 5.63
C GLN C 80 64.46 -14.53 6.59
N ALA C 81 64.19 -14.29 7.88
CA ALA C 81 64.49 -15.27 8.93
C ALA C 81 63.93 -16.66 8.59
N PHE C 82 62.71 -16.68 8.04
CA PHE C 82 62.09 -17.95 7.61
C PHE C 82 62.83 -18.71 6.49
N ARG C 83 63.84 -18.10 5.88
CA ARG C 83 64.66 -18.78 4.86
C ARG C 83 65.82 -19.50 5.49
N THR C 84 65.89 -19.49 6.81
CA THR C 84 67.05 -20.02 7.53
C THR C 84 66.58 -21.06 8.55
N ARG C 85 67.33 -22.15 8.70
CA ARG C 85 67.02 -23.16 9.73
C ARG C 85 66.82 -22.50 11.10
N GLU C 86 67.67 -21.54 11.43
CA GLU C 86 67.57 -20.85 12.73
C GLU C 86 66.19 -20.19 12.90
N GLY C 87 65.66 -19.61 11.83
CA GLY C 87 64.31 -19.04 11.85
C GLY C 87 63.19 -20.07 11.96
N ARG C 88 63.28 -21.15 11.19
CA ARG C 88 62.25 -22.17 11.15
C ARG C 88 62.16 -22.98 12.43
N LEU C 89 63.28 -23.19 13.09
CA LEU C 89 63.28 -23.76 14.44
C LEU C 89 62.50 -22.84 15.37
N LYS C 90 62.79 -21.56 15.33
CA LYS C 90 62.17 -20.63 16.28
C LYS C 90 60.68 -20.53 16.01
N ALA C 91 60.28 -20.73 14.75
CA ALA C 91 58.89 -20.69 14.34
C ALA C 91 58.15 -21.90 14.87
N ALA C 92 58.62 -23.07 14.47
CA ALA C 92 58.13 -24.36 14.97
C ALA C 92 58.01 -24.35 16.48
N CYS C 93 58.95 -23.70 17.15
CA CYS C 93 58.89 -23.65 18.60
C CYS C 93 57.63 -22.96 19.11
N ASN C 94 57.38 -21.77 18.56
CA ASN C 94 56.23 -20.95 18.96
C ASN C 94 54.87 -21.65 18.69
N LEU C 95 54.81 -22.46 17.63
CA LEU C 95 53.62 -23.23 17.27
C LEU C 95 53.33 -24.26 18.33
N LEU C 96 54.34 -25.05 18.66
CA LEU C 96 54.25 -26.01 19.74
C LEU C 96 53.85 -25.36 21.08
N GLN C 97 54.34 -24.15 21.35
CA GLN C 97 54.01 -23.47 22.59
C GLN C 97 52.52 -23.30 22.74
N ARG C 98 51.82 -23.20 21.63
CA ARG C 98 50.35 -23.03 21.65
C ARG C 98 49.58 -24.23 21.06
N GLY C 99 50.27 -25.35 20.86
CA GLY C 99 49.66 -26.56 20.29
C GLY C 99 49.20 -26.47 18.84
N ILE C 100 49.64 -25.44 18.12
CA ILE C 100 49.27 -25.30 16.74
C ILE C 100 50.04 -26.29 15.90
N THR C 101 49.35 -27.25 15.29
CA THR C 101 49.98 -28.14 14.31
C THR C 101 49.18 -28.22 13.02
N ASN C 102 48.20 -27.35 12.91
CA ASN C 102 47.49 -27.24 11.66
C ASN C 102 47.72 -25.81 11.19
N LEU C 103 48.11 -25.70 9.93
CA LEU C 103 48.53 -24.43 9.39
C LEU C 103 47.83 -24.15 8.08
N CYS C 104 47.24 -22.97 8.00
CA CYS C 104 46.64 -22.49 6.77
C CYS C 104 47.45 -21.28 6.31
N VAL C 105 48.05 -21.39 5.13
CA VAL C 105 48.92 -20.34 4.62
C VAL C 105 48.34 -19.71 3.33
N ILE C 106 47.97 -18.43 3.43
CA ILE C 106 47.36 -17.69 2.36
C ILE C 106 48.43 -16.82 1.73
N GLY C 107 48.85 -17.14 0.51
CA GLY C 107 49.98 -16.44 -0.13
C GLY C 107 50.20 -16.84 -1.60
N GLY C 108 51.46 -16.83 -2.05
CA GLY C 108 51.77 -17.05 -3.46
C GLY C 108 52.82 -18.09 -3.67
N ASP C 109 53.44 -18.10 -4.86
CA ASP C 109 54.48 -19.06 -5.21
C ASP C 109 55.42 -19.30 -4.02
N GLY C 110 55.98 -18.20 -3.50
CA GLY C 110 57.08 -18.28 -2.54
C GLY C 110 56.63 -18.65 -1.15
N SER C 111 55.52 -18.04 -0.73
CA SER C 111 54.88 -18.35 0.54
C SER C 111 54.63 -19.84 0.62
N LEU C 112 54.11 -20.39 -0.47
CA LEU C 112 53.71 -21.79 -0.54
C LEU C 112 54.92 -22.73 -0.68
N THR C 113 55.92 -22.27 -1.42
CA THR C 113 57.20 -23.02 -1.49
C THR C 113 57.81 -23.09 -0.06
N GLY C 114 57.67 -21.97 0.69
CA GLY C 114 58.12 -21.90 2.08
C GLY C 114 57.42 -22.89 2.97
N ALA C 115 56.10 -23.00 2.82
CA ALA C 115 55.32 -23.91 3.68
C ALA C 115 55.53 -25.37 3.32
N ASN C 116 55.73 -25.64 2.05
CA ASN C 116 56.09 -27.00 1.63
C ASN C 116 57.46 -27.42 2.26
N LEU C 117 58.43 -26.50 2.23
CA LEU C 117 59.76 -26.75 2.80
C LEU C 117 59.66 -27.01 4.32
N PHE C 118 58.97 -26.10 5.01
CA PHE C 118 58.75 -26.19 6.47
C PHE C 118 58.15 -27.56 6.84
N ARG C 119 57.18 -27.98 6.05
CA ARG C 119 56.52 -29.26 6.28
C ARG C 119 57.51 -30.42 6.20
N LYS C 120 58.23 -30.53 5.09
CA LYS C 120 59.29 -31.53 4.92
C LYS C 120 60.29 -31.56 6.09
N GLU C 121 60.67 -30.36 6.56
CA GLU C 121 61.64 -30.19 7.66
C GLU C 121 61.06 -30.34 9.08
N TRP C 122 59.75 -30.54 9.18
CA TRP C 122 59.12 -30.58 10.49
C TRP C 122 59.62 -31.85 11.18
N SER C 123 60.16 -31.69 12.36
CA SER C 123 61.18 -32.59 12.99
C SER C 123 62.58 -31.92 12.82
N GLY C 124 62.52 -30.62 12.50
CA GLY C 124 63.37 -29.65 13.15
C GLY C 124 63.09 -29.80 14.65
N LEU C 125 61.92 -30.32 14.99
CA LEU C 125 61.56 -30.82 16.36
C LEU C 125 62.61 -31.69 17.05
N LEU C 126 63.30 -32.53 16.28
CA LEU C 126 64.31 -33.39 16.89
C LEU C 126 65.50 -32.52 17.28
N GLU C 127 65.73 -31.42 16.58
CA GLU C 127 66.70 -30.44 17.05
C GLU C 127 66.22 -29.82 18.35
N GLU C 128 64.94 -29.54 18.45
CA GLU C 128 64.40 -28.82 19.62
C GLU C 128 64.66 -29.59 20.88
N LEU C 129 64.46 -30.91 20.79
CA LEU C 129 64.69 -31.80 21.93
C LEU C 129 66.19 -31.91 22.27
N ALA C 130 67.04 -32.04 21.25
CA ALA C 130 68.50 -32.09 21.44
C ALA C 130 69.02 -30.82 22.14
N ARG C 131 68.22 -29.75 22.17
CA ARG C 131 68.43 -28.57 23.03
C ARG C 131 67.35 -28.48 24.12
N ASN C 132 67.26 -27.33 24.80
CA ASN C 132 66.24 -27.11 25.83
C ASN C 132 64.85 -26.95 25.21
N GLY C 133 64.81 -26.32 24.03
CA GLY C 133 63.56 -26.07 23.30
C GLY C 133 62.32 -26.73 23.89
N GLN C 134 62.17 -28.04 23.69
CA GLN C 134 60.95 -28.76 24.11
C GLN C 134 61.12 -30.21 24.58
N ILE C 135 60.23 -30.60 25.51
CA ILE C 135 60.14 -31.96 26.09
C ILE C 135 60.30 -33.06 25.03
N ASP C 136 60.91 -34.17 25.44
CA ASP C 136 61.23 -35.29 24.53
C ASP C 136 59.95 -35.92 24.00
N LYS C 137 59.02 -36.17 24.91
CA LYS C 137 57.72 -36.79 24.65
C LYS C 137 56.79 -36.01 23.73
N GLU C 138 57.03 -34.71 23.66
CA GLU C 138 56.20 -33.79 22.87
C GLU C 138 56.73 -33.67 21.43
N ALA C 139 57.92 -34.22 21.20
CA ALA C 139 58.45 -34.44 19.85
C ALA C 139 57.68 -35.56 19.12
N VAL C 140 56.91 -36.35 19.88
CA VAL C 140 56.07 -37.46 19.35
C VAL C 140 54.55 -37.14 19.44
N GLN C 141 54.11 -36.34 20.41
CA GLN C 141 52.71 -35.88 20.41
C GLN C 141 52.45 -34.95 19.20
N LYS C 142 53.32 -33.97 19.01
CA LYS C 142 53.12 -32.98 17.98
C LYS C 142 53.95 -33.28 16.74
N TYR C 143 54.20 -34.56 16.49
CA TYR C 143 55.17 -34.95 15.45
C TYR C 143 54.50 -34.80 14.09
N ALA C 144 55.28 -34.94 13.00
CA ALA C 144 54.79 -34.96 11.59
C ALA C 144 53.26 -35.05 11.39
N TYR C 145 52.51 -34.72 12.43
CA TYR C 145 51.19 -34.24 12.30
C TYR C 145 51.27 -32.71 12.26
N LEU C 146 52.29 -32.17 11.58
CA LEU C 146 52.18 -30.84 11.01
C LEU C 146 51.39 -30.99 9.73
N ASN C 147 50.21 -30.42 9.77
CA ASN C 147 49.28 -30.55 8.70
C ASN C 147 49.16 -29.19 8.01
N VAL C 148 49.67 -29.10 6.79
CA VAL C 148 49.72 -27.81 6.06
C VAL C 148 48.69 -27.82 4.94
N VAL C 149 48.01 -26.68 4.79
CA VAL C 149 47.15 -26.43 3.64
C VAL C 149 47.32 -25.00 3.17
N GLY C 150 47.51 -24.81 1.86
CA GLY C 150 47.66 -23.46 1.28
C GLY C 150 46.47 -23.01 0.46
N MET C 151 46.27 -21.69 0.42
CA MET C 151 45.35 -21.08 -0.54
C MET C 151 46.19 -20.02 -1.23
N VAL C 152 46.00 -19.83 -2.54
CA VAL C 152 46.78 -18.89 -3.32
C VAL C 152 46.07 -17.53 -3.36
N GLY C 153 46.62 -16.57 -2.63
CA GLY C 153 46.12 -15.19 -2.64
C GLY C 153 47.05 -14.30 -3.45
N SER C 154 46.72 -14.09 -4.72
CA SER C 154 47.58 -13.33 -5.63
C SER C 154 46.85 -12.76 -6.84
N ILE C 155 47.08 -11.49 -7.13
CA ILE C 155 46.40 -10.82 -8.24
C ILE C 155 46.82 -11.28 -9.63
N ASP C 156 47.92 -12.03 -9.67
CA ASP C 156 48.64 -12.32 -10.93
C ASP C 156 48.09 -13.49 -11.71
N ASN C 157 47.26 -14.27 -11.07
CA ASN C 157 46.99 -15.67 -11.44
C ASN C 157 48.22 -16.55 -11.73
N ASP C 158 49.30 -16.33 -10.95
CA ASP C 158 50.57 -17.08 -11.01
C ASP C 158 50.45 -18.60 -10.98
N PHE C 159 49.92 -19.10 -9.88
CA PHE C 159 50.01 -20.52 -9.48
C PHE C 159 49.39 -21.46 -10.50
N CYS C 160 49.93 -22.68 -10.62
CA CYS C 160 49.60 -23.58 -11.71
C CYS C 160 48.38 -24.43 -11.40
N GLY C 161 48.37 -25.11 -10.24
CA GLY C 161 47.17 -25.90 -9.88
C GLY C 161 45.86 -25.16 -10.15
N THR C 162 45.68 -24.04 -9.45
CA THR C 162 44.46 -23.23 -9.47
C THR C 162 44.09 -22.63 -10.83
N ASP C 163 42.80 -22.65 -11.15
CA ASP C 163 42.25 -21.93 -12.31
C ASP C 163 42.24 -20.44 -11.99
N MET C 164 41.93 -20.10 -10.74
CA MET C 164 41.91 -18.69 -10.29
C MET C 164 42.50 -18.47 -8.93
N THR C 165 43.02 -17.28 -8.75
CA THR C 165 43.65 -16.88 -7.50
C THR C 165 42.92 -15.72 -6.86
N ILE C 166 42.85 -15.75 -5.53
CA ILE C 166 42.18 -14.69 -4.81
C ILE C 166 42.91 -13.38 -5.06
N GLY C 167 42.20 -12.39 -5.60
CA GLY C 167 42.79 -11.07 -5.91
C GLY C 167 42.70 -10.68 -7.39
N THR C 168 42.86 -11.66 -8.28
CA THR C 168 42.78 -11.40 -9.70
C THR C 168 41.54 -10.62 -10.10
N ASP C 169 40.36 -11.15 -9.83
CA ASP C 169 39.11 -10.45 -10.33
C ASP C 169 39.14 -9.00 -9.83
N SER C 170 39.37 -8.82 -8.53
CA SER C 170 39.51 -7.48 -7.96
C SER C 170 40.54 -6.60 -8.68
N ALA C 171 41.74 -7.12 -8.92
CA ALA C 171 42.79 -6.33 -9.59
C ALA C 171 42.35 -5.95 -10.99
N LEU C 172 41.76 -6.90 -11.70
CA LEU C 172 41.19 -6.63 -13.02
C LEU C 172 40.09 -5.55 -12.95
N HIS C 173 39.32 -5.52 -11.86
CA HIS C 173 38.42 -4.41 -11.63
C HIS C 173 39.19 -3.04 -11.58
N ARG C 174 40.30 -2.99 -10.83
CA ARG C 174 41.02 -1.72 -10.69
C ARG C 174 41.48 -1.28 -12.07
N ILE C 175 42.10 -2.22 -12.78
CA ILE C 175 42.64 -1.92 -14.07
C ILE C 175 41.56 -1.34 -14.96
N ILE C 176 40.42 -2.02 -15.03
CA ILE C 176 39.35 -1.62 -15.97
C ILE C 176 38.68 -0.28 -15.55
N GLU C 177 38.51 -0.06 -14.25
CA GLU C 177 38.10 1.25 -13.72
C GLU C 177 39.04 2.38 -14.19
N VAL C 178 40.34 2.13 -14.15
CA VAL C 178 41.32 3.04 -14.75
C VAL C 178 41.10 3.11 -16.25
N VAL C 179 41.08 1.96 -16.91
CA VAL C 179 41.02 1.98 -18.38
C VAL C 179 39.75 2.73 -18.86
N ASP C 180 38.61 2.46 -18.21
CA ASP C 180 37.34 3.11 -18.58
C ASP C 180 37.43 4.61 -18.37
N ALA C 181 38.05 4.98 -17.23
CA ALA C 181 38.18 6.40 -16.85
C ALA C 181 39.02 7.16 -17.89
N ILE C 182 40.08 6.49 -18.34
CA ILE C 182 41.02 7.10 -19.24
C ILE C 182 40.49 7.25 -20.66
N MET C 183 39.54 6.40 -21.06
CA MET C 183 39.05 6.44 -22.47
C MET C 183 38.40 7.75 -22.83
N THR C 184 38.02 8.37 -21.82
CA THR C 184 37.34 9.54 -22.05
C THR C 184 38.24 10.65 -22.48
N THR C 185 39.46 10.70 -21.93
CA THR C 185 40.35 11.78 -22.32
C THR C 185 41.14 11.38 -23.57
N ALA C 186 41.12 10.13 -23.94
CA ALA C 186 41.68 9.77 -25.20
C ALA C 186 40.78 10.24 -26.29
N GLN C 187 39.46 10.13 -26.19
CA GLN C 187 38.57 10.53 -27.28
C GLN C 187 38.92 11.97 -27.57
N SER C 188 39.07 12.70 -26.50
CA SER C 188 39.08 14.09 -26.60
C SER C 188 40.19 14.54 -27.43
N HIS C 189 41.34 13.90 -27.34
CA HIS C 189 42.50 14.43 -28.05
C HIS C 189 43.06 13.44 -29.05
N GLN C 190 42.37 12.34 -29.28
CA GLN C 190 42.84 11.34 -30.18
C GLN C 190 44.19 10.77 -29.85
N ARG C 191 44.33 10.53 -28.56
CA ARG C 191 45.59 10.09 -27.95
C ARG C 191 45.74 8.59 -27.97
N THR C 192 46.96 8.16 -27.77
CA THR C 192 47.26 6.74 -27.65
C THR C 192 47.80 6.56 -26.25
N PHE C 193 47.19 5.65 -25.49
CA PHE C 193 47.58 5.44 -24.11
C PHE C 193 48.20 4.08 -24.02
N VAL C 194 49.46 4.06 -23.57
CA VAL C 194 50.14 2.83 -23.19
C VAL C 194 49.99 2.63 -21.65
N LEU C 195 49.27 1.58 -21.21
CA LEU C 195 49.06 1.37 -19.79
C LEU C 195 49.84 0.17 -19.39
N GLU C 196 50.58 0.29 -18.29
CA GLU C 196 51.48 -0.76 -17.85
C GLU C 196 50.89 -1.43 -16.64
N VAL C 197 50.53 -2.69 -16.80
CA VAL C 197 49.84 -3.47 -15.71
C VAL C 197 50.78 -4.49 -15.05
N MET C 198 50.37 -4.97 -13.88
CA MET C 198 51.15 -5.97 -13.15
C MET C 198 51.03 -7.39 -13.75
N GLY C 199 51.80 -8.31 -13.16
CA GLY C 199 52.16 -9.56 -13.81
C GLY C 199 53.65 -9.45 -14.09
N ARG C 200 54.46 -9.67 -13.06
CA ARG C 200 55.92 -9.53 -13.20
C ARG C 200 56.42 -10.60 -14.17
N HIS C 201 56.09 -11.86 -13.93
CA HIS C 201 56.41 -12.95 -14.86
C HIS C 201 55.18 -13.69 -15.30
N CYS C 202 54.02 -13.04 -15.21
CA CYS C 202 52.76 -13.64 -15.66
C CYS C 202 51.89 -12.68 -16.48
N GLY C 203 51.44 -13.15 -17.65
CA GLY C 203 50.69 -12.30 -18.57
C GLY C 203 49.18 -12.26 -18.37
N TYR C 204 48.66 -13.03 -17.40
CA TYR C 204 47.19 -13.22 -17.26
C TYR C 204 46.46 -11.91 -17.06
N LEU C 205 46.90 -11.17 -16.06
CA LEU C 205 46.28 -9.89 -15.76
C LEU C 205 46.33 -8.92 -16.97
N ALA C 206 47.40 -8.98 -17.74
CA ALA C 206 47.54 -8.18 -18.97
C ALA C 206 46.55 -8.63 -20.01
N LEU C 207 46.48 -9.93 -20.20
CA LEU C 207 45.63 -10.60 -21.25
C LEU C 207 44.14 -10.39 -21.06
N VAL C 208 43.72 -10.58 -19.83
CA VAL C 208 42.34 -10.42 -19.44
C VAL C 208 41.91 -8.93 -19.54
N SER C 209 42.67 -8.02 -18.91
CA SER C 209 42.46 -6.57 -19.11
C SER C 209 42.27 -6.24 -20.58
N ALA C 210 43.23 -6.65 -21.39
CA ALA C 210 43.21 -6.31 -22.79
C ALA C 210 41.88 -6.73 -23.39
N LEU C 211 41.56 -8.00 -23.22
CA LEU C 211 40.31 -8.58 -23.72
C LEU C 211 39.08 -7.83 -23.21
N ALA C 212 39.12 -7.46 -21.93
CA ALA C 212 37.99 -6.83 -21.26
C ALA C 212 37.69 -5.42 -21.74
N CYS C 213 38.73 -4.66 -22.07
CA CYS C 213 38.60 -3.32 -22.66
C CYS C 213 38.87 -3.30 -24.19
N GLY C 214 38.78 -4.45 -24.87
CA GLY C 214 39.05 -4.54 -26.32
C GLY C 214 40.25 -3.71 -26.76
N ALA C 215 41.41 -3.99 -26.18
CA ALA C 215 42.61 -3.19 -26.38
C ALA C 215 43.21 -3.43 -27.75
N ASP C 216 43.84 -2.39 -28.27
CA ASP C 216 44.33 -2.42 -29.64
C ASP C 216 45.58 -3.27 -29.80
N TRP C 217 46.40 -3.31 -28.76
CA TRP C 217 47.53 -4.22 -28.72
C TRP C 217 47.82 -4.58 -27.26
N VAL C 218 48.39 -5.76 -27.06
CA VAL C 218 48.76 -6.27 -25.73
C VAL C 218 50.17 -6.88 -25.81
N PHE C 219 50.88 -6.90 -24.69
CA PHE C 219 52.20 -7.55 -24.62
C PHE C 219 52.26 -8.48 -23.40
N LEU C 220 52.45 -9.76 -23.68
CA LEU C 220 52.57 -10.76 -22.64
C LEU C 220 53.97 -11.37 -22.72
N PRO C 221 54.55 -11.71 -21.56
CA PRO C 221 55.80 -12.48 -21.57
C PRO C 221 55.67 -13.93 -22.03
N GLU C 222 54.51 -14.55 -21.83
CA GLU C 222 54.32 -15.96 -22.18
C GLU C 222 54.35 -16.09 -23.69
N SER C 223 53.80 -15.09 -24.37
CA SER C 223 53.57 -15.13 -25.82
C SER C 223 54.02 -13.80 -26.44
N PRO C 224 55.34 -13.69 -26.74
CA PRO C 224 55.92 -12.49 -27.30
C PRO C 224 55.34 -12.14 -28.67
N PRO C 225 55.67 -10.95 -29.19
CA PRO C 225 55.06 -10.49 -30.42
C PRO C 225 55.53 -11.17 -31.68
N GLU C 226 56.76 -11.66 -31.66
CA GLU C 226 57.43 -12.21 -32.86
C GLU C 226 57.84 -11.09 -33.82
N GLU C 227 59.00 -11.29 -34.42
CA GLU C 227 59.74 -10.27 -35.15
C GLU C 227 58.95 -9.60 -36.32
N GLY C 228 59.05 -8.27 -36.42
CA GLY C 228 58.24 -7.48 -37.36
C GLY C 228 56.91 -6.92 -36.84
N TRP C 229 56.70 -6.99 -35.52
CA TRP C 229 55.46 -6.49 -34.90
C TRP C 229 55.38 -4.98 -34.90
N GLU C 230 56.53 -4.34 -34.73
CA GLU C 230 56.61 -2.89 -34.82
C GLU C 230 55.80 -2.37 -36.01
N GLU C 231 56.08 -2.86 -37.23
CA GLU C 231 55.30 -2.47 -38.42
C GLU C 231 53.86 -2.92 -38.36
N GLN C 232 53.63 -4.15 -37.92
CA GLN C 232 52.27 -4.66 -37.94
C GLN C 232 51.37 -3.86 -36.97
N MET C 233 51.90 -3.53 -35.78
CA MET C 233 51.17 -2.70 -34.79
C MET C 233 50.83 -1.32 -35.37
N CYS C 234 51.83 -0.68 -35.97
CA CYS C 234 51.66 0.63 -36.53
C CYS C 234 50.62 0.61 -37.67
N VAL C 235 50.54 -0.48 -38.42
CA VAL C 235 49.49 -0.66 -39.45
C VAL C 235 48.15 -0.62 -38.76
N LYS C 236 48.00 -1.45 -37.73
CA LYS C 236 46.80 -1.41 -36.90
C LYS C 236 46.41 -0.01 -36.46
N LEU C 237 47.33 0.75 -35.87
CA LEU C 237 46.98 2.07 -35.29
C LEU C 237 46.69 3.15 -36.35
N SER C 238 47.21 2.99 -37.56
CA SER C 238 46.88 3.93 -38.67
C SER C 238 45.57 3.52 -39.33
N GLU C 239 45.36 2.21 -39.48
CA GLU C 239 44.08 1.66 -39.90
C GLU C 239 42.97 2.16 -38.97
N ASN C 240 43.27 2.26 -37.67
CA ASN C 240 42.33 2.79 -36.68
C ASN C 240 41.99 4.28 -36.82
N ARG C 241 42.91 5.08 -37.32
CA ARG C 241 42.58 6.46 -37.59
C ARG C 241 41.75 6.56 -38.89
N ALA C 242 42.00 5.64 -39.82
CA ALA C 242 41.21 5.53 -41.06
C ALA C 242 39.77 5.08 -40.76
N ARG C 243 39.62 4.19 -39.78
CA ARG C 243 38.29 3.83 -39.28
C ARG C 243 37.66 4.99 -38.47
N LYS C 244 38.46 6.01 -38.16
CA LYS C 244 38.04 7.20 -37.36
C LYS C 244 37.89 6.89 -35.84
N LYS C 245 38.62 5.91 -35.35
CA LYS C 245 38.64 5.65 -33.93
C LYS C 245 39.40 6.76 -33.23
N ARG C 246 38.80 7.38 -32.24
CA ARG C 246 39.36 8.62 -31.65
C ARG C 246 40.38 8.37 -30.56
N LEU C 247 40.81 7.12 -30.41
CA LEU C 247 41.90 6.79 -29.48
C LEU C 247 42.60 5.48 -29.82
N ASN C 248 43.62 5.16 -29.03
CA ASN C 248 44.17 3.81 -29.02
C ASN C 248 44.52 3.41 -27.61
N ILE C 249 44.35 2.14 -27.28
CA ILE C 249 44.75 1.69 -25.95
C ILE C 249 45.64 0.46 -26.03
N ILE C 250 46.88 0.60 -25.50
CA ILE C 250 47.88 -0.46 -25.55
C ILE C 250 48.27 -0.93 -24.13
N ILE C 251 48.12 -2.24 -23.89
CA ILE C 251 48.27 -2.82 -22.57
C ILE C 251 49.58 -3.54 -22.56
N VAL C 252 50.44 -3.15 -21.61
CA VAL C 252 51.80 -3.70 -21.52
C VAL C 252 52.04 -4.28 -20.16
N ALA C 253 52.23 -5.60 -20.10
CA ALA C 253 52.66 -6.25 -18.84
C ALA C 253 53.98 -5.67 -18.38
N GLU C 254 54.13 -5.49 -17.07
CA GLU C 254 55.41 -5.13 -16.49
C GLU C 254 56.52 -5.94 -17.15
N GLY C 255 56.36 -7.25 -17.18
CA GLY C 255 57.44 -8.12 -17.68
C GLY C 255 57.32 -8.56 -19.13
N ALA C 256 56.89 -7.66 -20.00
CA ALA C 256 56.77 -8.00 -21.41
C ALA C 256 58.16 -8.22 -22.00
N ILE C 257 58.28 -9.10 -23.00
CA ILE C 257 59.54 -9.37 -23.70
C ILE C 257 59.31 -9.71 -25.18
N ASP C 258 60.31 -9.49 -26.04
CA ASP C 258 60.31 -10.05 -27.40
C ASP C 258 60.82 -11.52 -27.40
N THR C 259 61.02 -12.10 -28.60
CA THR C 259 61.45 -13.52 -28.72
C THR C 259 62.91 -13.80 -28.27
N GLN C 260 63.62 -12.76 -27.83
CA GLN C 260 64.97 -12.90 -27.31
C GLN C 260 65.09 -12.65 -25.80
N ASN C 261 63.95 -12.53 -25.13
CA ASN C 261 63.89 -12.18 -23.69
C ASN C 261 64.38 -10.78 -23.40
N LYS C 262 64.19 -9.85 -24.34
CA LYS C 262 64.51 -8.44 -24.10
C LYS C 262 63.26 -7.63 -23.70
N PRO C 263 63.35 -6.85 -22.60
CA PRO C 263 62.25 -6.02 -22.13
C PRO C 263 61.63 -5.15 -23.22
N ILE C 264 60.32 -5.24 -23.37
CA ILE C 264 59.59 -4.24 -24.14
C ILE C 264 58.94 -3.33 -23.11
N THR C 265 59.47 -2.14 -22.96
CA THR C 265 59.01 -1.19 -21.95
C THR C 265 57.92 -0.31 -22.52
N SER C 266 57.04 0.18 -21.66
CA SER C 266 55.98 1.07 -22.10
C SER C 266 56.52 2.41 -22.65
N GLU C 267 57.64 2.88 -22.09
CA GLU C 267 58.34 4.08 -22.62
C GLU C 267 58.98 3.82 -24.01
N LYS C 268 59.31 2.56 -24.28
CA LYS C 268 59.82 2.08 -25.57
C LYS C 268 58.71 2.14 -26.63
N ILE C 269 57.51 1.70 -26.23
CA ILE C 269 56.33 1.66 -27.10
C ILE C 269 55.89 3.06 -27.52
N LYS C 270 55.96 3.99 -26.57
CA LYS C 270 55.61 5.38 -26.83
C LYS C 270 56.55 5.97 -27.87
N GLU C 271 57.86 5.76 -27.71
CA GLU C 271 58.82 6.28 -28.64
C GLU C 271 58.57 5.70 -30.04
N LEU C 272 58.26 4.41 -30.14
CA LEU C 272 57.89 3.81 -31.44
C LEU C 272 56.65 4.48 -32.09
N VAL C 273 55.61 4.70 -31.30
CA VAL C 273 54.37 5.32 -31.80
C VAL C 273 54.55 6.80 -32.12
N VAL C 274 55.18 7.56 -31.21
CA VAL C 274 55.44 9.01 -31.42
C VAL C 274 56.30 9.19 -32.64
N THR C 275 57.25 8.29 -32.81
CA THR C 275 58.18 8.32 -33.93
C THR C 275 57.48 8.00 -35.28
N GLN C 276 57.03 6.77 -35.44
CA GLN C 276 56.55 6.28 -36.73
C GLN C 276 55.29 6.96 -37.21
N LEU C 277 54.42 7.32 -36.27
CA LEU C 277 53.06 7.80 -36.60
C LEU C 277 52.82 9.24 -36.18
N GLY C 278 53.47 9.68 -35.09
CA GLY C 278 53.34 11.05 -34.61
C GLY C 278 52.01 11.34 -33.95
N TYR C 279 51.37 10.30 -33.44
CA TYR C 279 50.18 10.48 -32.60
C TYR C 279 50.58 10.95 -31.18
N ASP C 280 49.71 11.74 -30.57
CA ASP C 280 49.94 12.22 -29.21
C ASP C 280 49.78 11.05 -28.25
N THR C 281 50.80 10.81 -27.42
CA THR C 281 50.92 9.54 -26.68
C THR C 281 51.35 9.67 -25.22
N ARG C 282 50.57 9.10 -24.32
CA ARG C 282 50.91 9.07 -22.91
C ARG C 282 51.00 7.66 -22.43
N VAL C 283 51.65 7.54 -21.28
CA VAL C 283 51.96 6.29 -20.64
C VAL C 283 51.53 6.43 -19.19
N THR C 284 50.77 5.46 -18.70
CA THR C 284 50.33 5.44 -17.31
C THR C 284 50.89 4.17 -16.70
N ILE C 285 51.64 4.31 -15.61
CA ILE C 285 52.06 3.14 -14.84
C ILE C 285 51.12 3.02 -13.65
N LEU C 286 50.22 2.04 -13.70
CA LEU C 286 49.14 1.92 -12.70
C LEU C 286 49.69 1.66 -11.31
N GLY C 287 50.55 0.65 -11.21
CA GLY C 287 51.23 0.40 -9.94
C GLY C 287 50.30 -0.13 -8.92
N HIS C 288 50.46 0.28 -7.66
CA HIS C 288 49.85 -0.44 -6.53
C HIS C 288 48.35 -0.24 -6.31
N VAL C 289 47.76 0.68 -7.06
CA VAL C 289 46.32 0.74 -7.17
C VAL C 289 45.76 -0.68 -7.38
N GLN C 290 46.42 -1.46 -8.21
CA GLN C 290 45.92 -2.77 -8.61
C GLN C 290 45.84 -3.78 -7.48
N ARG C 291 46.57 -3.54 -6.40
CA ARG C 291 46.51 -4.41 -5.19
C ARG C 291 45.50 -3.85 -4.23
N GLY C 292 44.99 -2.68 -4.53
CA GLY C 292 44.14 -1.96 -3.58
C GLY C 292 42.68 -1.94 -3.93
N GLY C 293 41.96 -1.04 -3.26
CA GLY C 293 40.52 -0.98 -3.39
C GLY C 293 39.82 -2.10 -2.63
N THR C 294 38.57 -2.35 -3.00
CA THR C 294 37.72 -3.24 -2.25
C THR C 294 37.45 -4.56 -2.98
N PRO C 295 37.35 -5.68 -2.24
CA PRO C 295 37.28 -6.98 -2.95
C PRO C 295 36.00 -7.19 -3.72
N SER C 296 36.13 -7.49 -5.02
CA SER C 296 34.97 -7.83 -5.83
C SER C 296 34.12 -8.91 -5.19
N ALA C 297 32.89 -9.06 -5.66
CA ALA C 297 32.02 -10.13 -5.16
C ALA C 297 32.63 -11.52 -5.47
N PHE C 298 33.13 -11.71 -6.68
CA PHE C 298 33.77 -12.97 -7.04
C PHE C 298 34.92 -13.31 -6.09
N ASP C 299 35.86 -12.41 -5.82
CA ASP C 299 36.93 -12.73 -4.84
C ASP C 299 36.34 -12.99 -3.43
N ARG C 300 35.40 -12.18 -2.98
CA ARG C 300 34.78 -12.40 -1.67
C ARG C 300 34.21 -13.85 -1.54
N ILE C 301 33.51 -14.29 -2.57
CA ILE C 301 32.84 -15.56 -2.60
C ILE C 301 33.86 -16.67 -2.75
N LEU C 302 34.77 -16.49 -3.72
CA LEU C 302 35.89 -17.42 -3.95
C LEU C 302 36.73 -17.65 -2.71
N ALA C 303 37.20 -16.55 -2.12
CA ALA C 303 38.01 -16.63 -0.93
C ALA C 303 37.18 -17.30 0.19
N SER C 304 35.90 -16.95 0.30
CA SER C 304 35.04 -17.56 1.33
C SER C 304 34.90 -19.06 1.16
N ARG C 305 34.73 -19.53 -0.07
CA ARG C 305 34.59 -20.98 -0.33
C ARG C 305 35.86 -21.75 -0.01
N MET C 306 37.01 -21.13 -0.22
CA MET C 306 38.30 -21.84 -0.04
C MET C 306 38.83 -21.71 1.39
N GLY C 307 38.45 -20.64 2.10
CA GLY C 307 38.68 -20.58 3.52
C GLY C 307 38.04 -21.80 4.16
N VAL C 308 36.85 -22.16 3.68
CA VAL C 308 36.07 -23.27 4.28
C VAL C 308 36.63 -24.62 3.89
N GLU C 309 36.95 -24.81 2.61
CA GLU C 309 37.50 -26.07 2.15
C GLU C 309 38.83 -26.37 2.82
N ALA C 310 39.59 -25.30 3.04
CA ALA C 310 40.88 -25.39 3.68
C ALA C 310 40.72 -25.97 5.07
N VAL C 311 39.75 -25.48 5.82
CA VAL C 311 39.54 -25.99 7.17
C VAL C 311 39.17 -27.45 7.12
N ILE C 312 38.28 -27.82 6.22
CA ILE C 312 37.91 -29.24 6.03
C ILE C 312 39.16 -30.05 5.69
N ALA C 313 39.95 -29.56 4.74
CA ALA C 313 41.11 -30.29 4.27
C ALA C 313 42.04 -30.60 5.44
N LEU C 314 42.27 -29.61 6.30
CA LEU C 314 43.10 -29.77 7.52
C LEU C 314 42.57 -30.86 8.46
N LEU C 315 41.30 -30.85 8.76
CA LEU C 315 40.81 -31.81 9.73
C LEU C 315 40.69 -33.21 9.12
N GLU C 316 40.25 -33.31 7.87
CA GLU C 316 40.28 -34.59 7.15
C GLU C 316 41.69 -35.16 6.93
N ALA C 317 42.73 -34.33 6.95
CA ALA C 317 44.09 -34.83 6.68
C ALA C 317 44.58 -35.76 7.79
N THR C 318 45.52 -36.61 7.40
CA THR C 318 46.20 -37.58 8.28
C THR C 318 47.70 -37.47 8.00
N PRO C 319 48.54 -38.04 8.89
CA PRO C 319 49.99 -37.96 8.66
C PRO C 319 50.45 -38.54 7.32
N ASP C 320 49.64 -39.40 6.72
CA ASP C 320 49.87 -39.87 5.35
C ASP C 320 49.65 -38.77 4.32
N THR C 321 48.56 -38.02 4.45
CA THR C 321 48.13 -37.12 3.37
C THR C 321 49.17 -35.98 3.14
N PRO C 322 49.66 -35.81 1.89
CA PRO C 322 50.61 -34.71 1.62
C PRO C 322 49.95 -33.33 1.76
N ALA C 323 50.74 -32.32 2.08
CA ALA C 323 50.23 -30.95 2.12
C ALA C 323 49.63 -30.64 0.76
N CYS C 324 48.52 -29.92 0.79
CA CYS C 324 47.78 -29.61 -0.45
C CYS C 324 47.49 -28.10 -0.56
N VAL C 325 46.97 -27.71 -1.71
CA VAL C 325 46.59 -26.36 -2.01
C VAL C 325 45.14 -26.42 -2.46
N VAL C 326 44.31 -25.67 -1.75
CA VAL C 326 42.89 -25.61 -2.05
C VAL C 326 42.64 -24.69 -3.28
N SER C 327 41.79 -25.19 -4.17
CA SER C 327 41.59 -24.60 -5.45
C SER C 327 40.14 -24.78 -5.87
N LEU C 328 39.59 -23.81 -6.60
CA LEU C 328 38.37 -24.03 -7.42
C LEU C 328 38.73 -24.30 -8.88
N ASN C 329 38.60 -25.56 -9.29
CA ASN C 329 38.73 -25.91 -10.69
C ASN C 329 37.38 -26.34 -11.18
N GLY C 330 36.89 -25.66 -12.21
CA GLY C 330 35.56 -25.93 -12.73
C GLY C 330 34.46 -25.78 -11.69
N ASN C 331 34.56 -24.72 -10.89
CA ASN C 331 33.53 -24.41 -9.93
C ASN C 331 33.27 -25.51 -8.87
N HIS C 332 34.27 -26.36 -8.68
CA HIS C 332 34.24 -27.39 -7.65
C HIS C 332 35.53 -27.30 -6.90
N ALA C 333 35.45 -27.33 -5.57
CA ALA C 333 36.66 -27.17 -4.75
C ALA C 333 37.46 -28.47 -4.72
N VAL C 334 38.74 -28.36 -5.10
CA VAL C 334 39.60 -29.52 -5.14
C VAL C 334 40.85 -29.29 -4.31
N ARG C 335 41.46 -30.40 -3.87
CA ARG C 335 42.78 -30.40 -3.21
C ARG C 335 43.86 -30.85 -4.19
N LEU C 336 44.96 -30.11 -4.24
CA LEU C 336 46.03 -30.41 -5.18
C LEU C 336 47.32 -30.54 -4.40
N PRO C 337 48.15 -31.52 -4.77
CA PRO C 337 49.35 -31.72 -3.95
C PRO C 337 50.19 -30.46 -4.08
N LEU C 338 50.71 -30.00 -2.93
CA LEU C 338 51.38 -28.72 -2.84
C LEU C 338 52.72 -28.70 -3.60
N MET C 339 53.50 -29.77 -3.42
CA MET C 339 54.81 -29.92 -4.07
C MET C 339 54.68 -29.71 -5.60
N GLU C 340 53.82 -30.51 -6.23
CA GLU C 340 53.70 -30.53 -7.68
C GLU C 340 53.31 -29.19 -8.29
N CYS C 341 52.45 -28.44 -7.59
CA CYS C 341 51.98 -27.13 -8.08
C CYS C 341 53.08 -26.06 -8.02
N VAL C 342 53.88 -26.11 -6.96
CA VAL C 342 55.02 -25.23 -6.81
C VAL C 342 56.04 -25.49 -7.90
N GLN C 343 56.34 -26.77 -8.09
CA GLN C 343 57.16 -27.23 -9.22
C GLN C 343 56.68 -26.63 -10.57
N MET C 344 55.48 -27.03 -11.00
CA MET C 344 54.91 -26.62 -12.29
C MET C 344 55.05 -25.12 -12.56
N THR C 345 54.96 -24.30 -11.52
CA THR C 345 54.95 -22.85 -11.72
C THR C 345 56.33 -22.31 -12.08
N GLN C 346 57.36 -22.88 -11.44
CA GLN C 346 58.74 -22.57 -11.79
C GLN C 346 59.01 -23.03 -13.21
N ASP C 347 58.60 -24.26 -13.53
CA ASP C 347 58.69 -24.78 -14.91
C ASP C 347 58.28 -23.74 -15.97
N VAL C 348 57.26 -22.95 -15.67
CA VAL C 348 56.76 -21.96 -16.62
C VAL C 348 57.81 -20.86 -16.81
N GLN C 349 58.51 -20.51 -15.73
CA GLN C 349 59.59 -19.51 -15.82
C GLN C 349 60.73 -20.08 -16.62
N LYS C 350 61.05 -21.34 -16.33
CA LYS C 350 62.07 -22.05 -17.08
C LYS C 350 61.74 -22.12 -18.58
N ALA C 351 60.47 -22.32 -18.94
CA ALA C 351 60.09 -22.37 -20.36
C ALA C 351 60.34 -21.02 -21.05
N MET C 352 59.96 -19.93 -20.40
CA MET C 352 60.18 -18.62 -21.00
C MET C 352 61.66 -18.33 -21.08
N ASP C 353 62.37 -18.57 -19.96
CA ASP C 353 63.82 -18.35 -19.90
C ASP C 353 64.50 -19.04 -21.08
N GLU C 354 64.08 -20.26 -21.40
CA GLU C 354 64.68 -21.05 -22.48
C GLU C 354 64.06 -20.78 -23.86
N ARG C 355 63.48 -19.59 -24.06
CA ARG C 355 62.76 -19.25 -25.29
C ARG C 355 61.76 -20.32 -25.82
N ARG C 356 61.12 -21.07 -24.91
CA ARG C 356 60.12 -22.12 -25.28
C ARG C 356 58.70 -21.61 -25.00
N PHE C 357 58.18 -20.75 -25.88
CA PHE C 357 57.02 -19.88 -25.53
C PHE C 357 55.65 -20.56 -25.60
N GLN C 358 55.43 -21.42 -26.57
CA GLN C 358 54.21 -22.20 -26.59
C GLN C 358 54.13 -23.11 -25.36
N ASP C 359 55.28 -23.60 -24.90
CA ASP C 359 55.36 -24.41 -23.67
C ASP C 359 54.98 -23.61 -22.43
N ALA C 360 55.32 -22.33 -22.39
CA ALA C 360 54.92 -21.51 -21.25
C ALA C 360 53.39 -21.36 -21.25
N VAL C 361 52.84 -21.09 -22.43
CA VAL C 361 51.40 -20.93 -22.64
C VAL C 361 50.64 -22.22 -22.35
N ARG C 362 51.18 -23.35 -22.80
CA ARG C 362 50.52 -24.64 -22.57
C ARG C 362 50.52 -24.96 -21.06
N LEU C 363 51.64 -24.68 -20.40
CA LEU C 363 51.76 -24.91 -18.95
C LEU C 363 50.92 -23.96 -18.11
N ARG C 364 50.50 -22.83 -18.67
CA ARG C 364 49.65 -21.86 -17.97
C ARG C 364 48.25 -22.38 -17.73
N GLY C 365 47.80 -23.30 -18.59
CA GLY C 365 46.45 -23.84 -18.49
C GLY C 365 45.75 -23.52 -19.77
N ARG C 366 44.62 -24.20 -19.98
CA ARG C 366 43.85 -24.04 -21.22
C ARG C 366 43.12 -22.70 -21.22
N SER C 367 42.57 -22.34 -20.06
CA SER C 367 42.00 -21.02 -19.85
C SER C 367 42.88 -19.90 -20.48
N PHE C 368 44.13 -19.79 -20.04
CA PHE C 368 45.05 -18.80 -20.60
C PHE C 368 44.99 -18.79 -22.13
N ALA C 369 45.13 -19.95 -22.76
CA ALA C 369 45.17 -20.03 -24.25
C ALA C 369 43.84 -19.68 -24.94
N GLY C 370 42.74 -19.94 -24.26
CA GLY C 370 41.44 -19.49 -24.75
C GLY C 370 41.30 -17.96 -24.81
N ASN C 371 41.71 -17.29 -23.73
CA ASN C 371 41.73 -15.83 -23.71
C ASN C 371 42.63 -15.25 -24.82
N LEU C 372 43.82 -15.81 -24.95
CA LEU C 372 44.77 -15.33 -25.95
C LEU C 372 44.20 -15.53 -27.34
N ASN C 373 43.70 -16.73 -27.66
CA ASN C 373 43.18 -16.96 -28.99
C ASN C 373 42.00 -16.03 -29.34
N THR C 374 40.97 -16.02 -28.47
CA THR C 374 39.82 -15.10 -28.62
C THR C 374 40.26 -13.66 -28.83
N TYR C 375 41.20 -13.18 -28.01
CA TYR C 375 41.66 -11.78 -28.11
C TYR C 375 42.18 -11.45 -29.53
N LYS C 376 43.16 -12.23 -30.01
CA LYS C 376 43.67 -12.09 -31.38
C LYS C 376 42.56 -11.95 -32.43
N ARG C 377 41.59 -12.87 -32.38
CA ARG C 377 40.53 -12.97 -33.41
C ARG C 377 39.72 -11.71 -33.57
N LEU C 378 39.50 -11.02 -32.45
CA LEU C 378 38.67 -9.81 -32.42
C LEU C 378 39.52 -8.53 -32.51
N ALA C 379 40.84 -8.69 -32.38
CA ALA C 379 41.76 -7.55 -32.41
C ALA C 379 42.42 -7.35 -33.78
N ILE C 380 42.76 -8.44 -34.47
CA ILE C 380 43.45 -8.38 -35.78
C ILE C 380 42.53 -8.89 -36.91
N LYS C 381 42.29 -8.05 -37.92
CA LYS C 381 41.36 -8.36 -38.99
C LYS C 381 42.09 -8.66 -40.28
N LEU C 382 42.02 -9.91 -40.74
CA LEU C 382 42.61 -10.25 -42.03
C LEU C 382 41.94 -9.44 -43.13
N PRO C 383 42.71 -8.93 -44.11
CA PRO C 383 42.12 -8.16 -45.21
C PRO C 383 41.11 -9.00 -46.01
N ASP C 384 40.03 -8.36 -46.48
CA ASP C 384 38.93 -9.08 -47.10
C ASP C 384 39.42 -10.16 -48.08
N ASP C 385 40.42 -9.80 -48.87
CA ASP C 385 41.17 -10.73 -49.76
C ASP C 385 41.39 -12.15 -49.19
N GLN C 386 41.78 -12.24 -47.93
CA GLN C 386 42.19 -13.51 -47.29
C GLN C 386 41.07 -14.22 -46.51
N ILE C 387 39.88 -13.62 -46.42
CA ILE C 387 38.73 -14.24 -45.73
C ILE C 387 37.61 -14.46 -46.76
N PRO C 388 37.64 -15.62 -47.42
CA PRO C 388 36.81 -15.87 -48.59
C PRO C 388 35.35 -16.21 -48.23
N LYS C 389 35.07 -17.51 -48.22
CA LYS C 389 34.03 -18.09 -47.39
C LYS C 389 32.61 -17.87 -47.90
N THR C 390 31.74 -18.68 -47.31
CA THR C 390 30.31 -18.74 -47.57
C THR C 390 29.64 -17.44 -47.90
N ASN C 391 28.57 -17.56 -48.67
CA ASN C 391 27.65 -16.46 -48.87
C ASN C 391 26.51 -16.52 -47.85
N CYS C 392 26.85 -16.93 -46.63
CA CYS C 392 25.85 -17.12 -45.56
C CYS C 392 25.62 -15.81 -44.86
N ASN C 393 24.36 -15.55 -44.51
CA ASN C 393 23.99 -14.38 -43.67
C ASN C 393 23.50 -14.84 -42.30
N VAL C 394 24.20 -14.41 -41.26
CA VAL C 394 23.91 -14.81 -39.90
C VAL C 394 23.39 -13.57 -39.13
N ALA C 395 22.29 -13.76 -38.39
CA ALA C 395 21.69 -12.67 -37.63
C ALA C 395 22.13 -12.71 -36.16
N VAL C 396 22.19 -11.55 -35.53
CA VAL C 396 22.45 -11.45 -34.10
C VAL C 396 21.37 -10.57 -33.45
N ILE C 397 20.79 -11.06 -32.36
CA ILE C 397 19.65 -10.41 -31.72
C ILE C 397 19.81 -10.37 -30.19
N ASN C 398 19.14 -9.40 -29.56
CA ASN C 398 19.07 -9.38 -28.10
C ASN C 398 17.65 -9.61 -27.57
N VAL C 399 17.46 -10.65 -26.78
CA VAL C 399 16.14 -11.00 -26.23
C VAL C 399 16.16 -11.14 -24.70
N GLY C 400 15.15 -10.56 -24.05
CA GLY C 400 15.11 -10.52 -22.58
C GLY C 400 15.26 -9.08 -22.13
N ALA C 401 15.36 -8.87 -20.83
CA ALA C 401 15.65 -7.54 -20.30
C ALA C 401 17.13 -7.32 -20.40
N PRO C 402 17.58 -6.03 -20.47
CA PRO C 402 18.98 -5.68 -20.64
C PRO C 402 19.85 -6.37 -19.59
N ALA C 403 21.01 -6.84 -20.02
CA ALA C 403 22.01 -7.39 -19.14
C ALA C 403 23.37 -6.86 -19.50
N ALA C 404 24.14 -6.48 -18.49
CA ALA C 404 25.47 -5.91 -18.74
C ALA C 404 26.30 -6.97 -19.41
N GLY C 405 26.97 -6.63 -20.51
CA GLY C 405 27.77 -7.61 -21.27
C GLY C 405 27.18 -8.05 -22.61
N MET C 406 25.86 -7.91 -22.76
CA MET C 406 25.19 -8.08 -24.08
C MET C 406 25.98 -7.44 -25.23
N ASN C 407 26.44 -6.21 -25.03
CA ASN C 407 27.12 -5.48 -26.11
C ASN C 407 28.43 -6.18 -26.44
N ALA C 408 29.24 -6.45 -25.42
CA ALA C 408 30.49 -7.14 -25.63
C ALA C 408 30.22 -8.37 -26.48
N ALA C 409 29.20 -9.13 -26.07
CA ALA C 409 28.77 -10.37 -26.75
C ALA C 409 28.47 -10.14 -28.24
N VAL C 410 27.72 -9.08 -28.53
CA VAL C 410 27.37 -8.78 -29.92
C VAL C 410 28.63 -8.53 -30.75
N ARG C 411 29.49 -7.63 -30.25
CA ARG C 411 30.77 -7.31 -30.92
C ARG C 411 31.58 -8.54 -31.25
N SER C 412 31.62 -9.47 -30.30
CA SER C 412 32.35 -10.71 -30.49
C SER C 412 31.70 -11.54 -31.62
N ALA C 413 30.40 -11.79 -31.50
CA ALA C 413 29.70 -12.56 -32.52
C ALA C 413 29.99 -12.01 -33.92
N VAL C 414 29.90 -10.69 -34.03
CA VAL C 414 29.98 -10.03 -35.34
C VAL C 414 31.37 -10.28 -35.97
N ARG C 415 32.41 -9.96 -35.20
CA ARG C 415 33.78 -10.04 -35.69
C ARG C 415 34.21 -11.48 -36.03
N VAL C 416 33.82 -12.45 -35.20
CA VAL C 416 34.10 -13.85 -35.46
C VAL C 416 33.35 -14.35 -36.69
N GLY C 417 32.18 -13.78 -36.97
CA GLY C 417 31.36 -14.19 -38.11
C GLY C 417 31.95 -13.63 -39.40
N ILE C 418 32.32 -12.35 -39.32
CA ILE C 418 32.99 -11.67 -40.43
C ILE C 418 34.33 -12.36 -40.67
N ALA C 419 35.10 -12.57 -39.59
CA ALA C 419 36.37 -13.32 -39.66
C ALA C 419 36.17 -14.66 -40.35
N ASP C 420 35.09 -15.34 -40.00
CA ASP C 420 34.71 -16.63 -40.65
C ASP C 420 34.03 -16.46 -42.05
N GLY C 421 33.94 -15.21 -42.50
CA GLY C 421 33.53 -14.89 -43.86
C GLY C 421 32.03 -14.97 -44.06
N HIS C 422 31.30 -14.73 -42.99
CA HIS C 422 29.88 -14.57 -43.10
C HIS C 422 29.57 -13.09 -43.32
N ARG C 423 28.30 -12.83 -43.51
CA ARG C 423 27.79 -11.49 -43.60
C ARG C 423 26.87 -11.40 -42.38
N MET C 424 27.03 -10.34 -41.60
CA MET C 424 26.39 -10.27 -40.31
C MET C 424 25.24 -9.26 -40.36
N LEU C 425 24.08 -9.72 -39.94
CA LEU C 425 22.90 -8.90 -39.87
C LEU C 425 22.62 -8.64 -38.39
N ALA C 426 22.43 -7.38 -38.05
CA ALA C 426 22.06 -7.04 -36.69
C ALA C 426 20.56 -6.82 -36.69
N ILE C 427 19.86 -7.52 -35.79
CA ILE C 427 18.41 -7.35 -35.59
C ILE C 427 18.19 -6.50 -34.36
N TYR C 428 17.32 -5.48 -34.50
CA TYR C 428 17.10 -4.51 -33.43
C TYR C 428 15.90 -4.90 -32.58
N ASP C 429 15.87 -4.38 -31.36
CA ASP C 429 14.69 -4.54 -30.44
C ASP C 429 14.10 -5.97 -30.28
N GLY C 430 14.94 -6.98 -30.21
CA GLY C 430 14.48 -8.36 -29.99
C GLY C 430 13.50 -8.83 -31.03
N PHE C 431 12.50 -9.61 -30.60
CA PHE C 431 11.49 -10.15 -31.56
C PHE C 431 10.44 -9.15 -32.01
N ASP C 432 10.27 -8.06 -31.26
CA ASP C 432 9.57 -6.87 -31.74
C ASP C 432 10.16 -6.43 -33.08
N GLY C 433 11.41 -5.99 -33.07
CA GLY C 433 12.06 -5.47 -34.29
C GLY C 433 12.20 -6.51 -35.37
N PHE C 434 12.35 -7.77 -34.96
CA PHE C 434 12.38 -8.88 -35.90
C PHE C 434 11.04 -8.89 -36.63
N ALA C 435 9.94 -9.10 -35.90
CA ALA C 435 8.61 -9.14 -36.50
C ALA C 435 8.37 -7.96 -37.47
N LYS C 436 8.85 -6.77 -37.08
CA LYS C 436 8.72 -5.52 -37.89
C LYS C 436 9.86 -5.28 -38.89
N GLY C 437 10.74 -6.26 -39.06
CA GLY C 437 11.83 -6.17 -40.03
C GLY C 437 12.94 -5.18 -39.76
N GLN C 438 13.15 -4.79 -38.50
CA GLN C 438 14.29 -3.92 -38.11
C GLN C 438 15.65 -4.65 -38.17
N ILE C 439 16.12 -4.87 -39.39
CA ILE C 439 17.31 -5.67 -39.68
C ILE C 439 18.26 -4.80 -40.53
N LYS C 440 19.56 -4.85 -40.24
CA LYS C 440 20.53 -4.19 -41.07
C LYS C 440 21.88 -4.92 -41.03
N GLU C 441 22.64 -4.86 -42.13
CA GLU C 441 23.97 -5.47 -42.19
C GLU C 441 24.87 -4.73 -41.23
N ILE C 442 25.78 -5.45 -40.58
CA ILE C 442 26.66 -4.87 -39.56
C ILE C 442 28.09 -5.38 -39.73
N GLY C 443 29.04 -4.47 -39.69
CA GLY C 443 30.45 -4.80 -39.92
C GLY C 443 31.38 -4.75 -38.72
N TRP C 444 32.67 -4.87 -39.00
CA TRP C 444 33.71 -4.94 -37.99
C TRP C 444 33.82 -3.67 -37.18
N THR C 445 33.87 -2.54 -37.90
CA THR C 445 33.99 -1.23 -37.27
C THR C 445 32.72 -0.80 -36.54
N ASP C 446 31.55 -1.25 -36.98
CA ASP C 446 30.29 -0.84 -36.35
C ASP C 446 30.24 -1.22 -34.88
N VAL C 447 31.00 -2.24 -34.46
CA VAL C 447 30.95 -2.77 -33.09
C VAL C 447 32.18 -2.41 -32.24
N GLY C 448 33.02 -1.54 -32.77
CA GLY C 448 34.21 -1.08 -32.06
C GLY C 448 33.83 -0.23 -30.87
N GLY C 449 34.54 -0.44 -29.77
CA GLY C 449 34.30 0.30 -28.54
C GLY C 449 33.12 -0.16 -27.70
N TRP C 450 32.56 -1.33 -28.03
CA TRP C 450 31.37 -1.85 -27.33
C TRP C 450 31.71 -2.66 -26.10
N THR C 451 32.93 -3.18 -26.04
CA THR C 451 33.27 -4.23 -25.06
C THR C 451 32.87 -3.87 -23.64
N GLY C 452 32.88 -2.56 -23.32
CA GLY C 452 32.50 -2.08 -22.00
C GLY C 452 31.26 -1.17 -21.97
N GLN C 453 30.35 -1.37 -22.90
CA GLN C 453 29.04 -0.68 -22.88
C GLN C 453 27.98 -1.48 -22.11
N GLY C 454 27.47 -0.86 -21.06
CA GLY C 454 26.29 -1.35 -20.37
C GLY C 454 25.04 -1.31 -21.26
N GLY C 455 23.97 -1.94 -20.81
CA GLY C 455 22.76 -2.09 -21.59
C GLY C 455 22.95 -2.81 -22.91
N SER C 456 22.01 -2.57 -23.83
CA SER C 456 21.97 -3.20 -25.13
C SER C 456 21.79 -2.13 -26.20
N ILE C 457 22.75 -2.00 -27.09
CA ILE C 457 22.72 -1.00 -28.13
C ILE C 457 21.76 -1.43 -29.25
N LEU C 458 21.80 -2.70 -29.66
CA LEU C 458 20.84 -3.21 -30.64
C LEU C 458 19.42 -3.10 -30.09
N GLY C 459 19.26 -3.29 -28.79
CA GLY C 459 17.98 -3.14 -28.16
C GLY C 459 17.41 -4.49 -27.85
N THR C 460 16.77 -4.59 -26.67
CA THR C 460 16.21 -5.85 -26.20
C THR C 460 14.77 -5.73 -25.66
N LYS C 461 13.95 -6.73 -26.00
CA LYS C 461 12.57 -6.83 -25.55
C LYS C 461 12.30 -8.24 -25.08
N ARG C 462 11.47 -8.33 -24.02
CA ARG C 462 11.02 -9.63 -23.50
C ARG C 462 10.00 -10.35 -24.41
N VAL C 463 9.36 -9.62 -25.31
CA VAL C 463 8.27 -10.20 -26.11
C VAL C 463 8.75 -11.43 -26.89
N LEU C 464 7.91 -12.47 -26.87
CA LEU C 464 8.21 -13.78 -27.48
C LEU C 464 7.72 -13.82 -28.90
N PRO C 465 8.28 -14.73 -29.73
CA PRO C 465 7.96 -14.73 -31.16
C PRO C 465 6.64 -15.44 -31.54
N GLY C 466 5.95 -16.05 -30.57
CA GLY C 466 4.86 -16.97 -30.87
C GLY C 466 3.71 -16.44 -31.70
N LYS C 467 3.45 -15.15 -31.59
CA LYS C 467 2.30 -14.53 -32.24
C LYS C 467 2.75 -13.80 -33.48
N TYR C 468 4.03 -13.92 -33.81
CA TYR C 468 4.63 -13.21 -34.97
C TYR C 468 5.48 -14.15 -35.83
N LEU C 469 5.15 -15.43 -35.81
CA LEU C 469 5.86 -16.45 -36.56
C LEU C 469 5.80 -16.19 -38.06
N GLU C 470 4.62 -15.82 -38.54
CA GLU C 470 4.44 -15.56 -39.95
C GLU C 470 5.27 -14.36 -40.43
N GLU C 471 5.27 -13.32 -39.62
CA GLU C 471 6.00 -12.09 -39.93
C GLU C 471 7.52 -12.31 -39.86
N ILE C 472 7.95 -12.95 -38.76
CA ILE C 472 9.35 -13.23 -38.53
C ILE C 472 9.88 -14.13 -39.64
N ALA C 473 9.16 -15.21 -39.94
CA ALA C 473 9.54 -16.08 -41.06
C ALA C 473 9.65 -15.25 -42.34
N THR C 474 8.77 -14.27 -42.52
CA THR C 474 8.83 -13.41 -43.70
C THR C 474 10.16 -12.67 -43.77
N GLN C 475 10.63 -12.18 -42.63
CA GLN C 475 11.90 -11.47 -42.58
C GLN C 475 13.10 -12.34 -42.94
N MET C 476 13.11 -13.57 -42.43
CA MET C 476 14.22 -14.51 -42.74
C MET C 476 14.29 -14.82 -44.23
N ARG C 477 13.12 -14.97 -44.86
CA ARG C 477 13.00 -15.14 -46.31
C ARG C 477 13.52 -13.93 -47.06
N THR C 478 13.02 -12.74 -46.69
CA THR C 478 13.47 -11.46 -47.28
C THR C 478 14.98 -11.22 -47.19
N HIS C 479 15.59 -11.53 -46.02
CA HIS C 479 17.02 -11.28 -45.80
C HIS C 479 17.92 -12.49 -46.01
N SER C 480 17.33 -13.61 -46.43
CA SER C 480 18.07 -14.86 -46.57
C SER C 480 18.92 -15.13 -45.33
N ILE C 481 18.29 -15.25 -44.17
CA ILE C 481 18.99 -15.54 -42.91
C ILE C 481 19.31 -17.04 -42.77
N ASN C 482 20.59 -17.37 -42.89
CA ASN C 482 21.05 -18.76 -42.82
C ASN C 482 21.24 -19.36 -41.43
N ALA C 483 21.32 -18.50 -40.41
CA ALA C 483 21.44 -18.91 -39.01
C ALA C 483 21.19 -17.72 -38.10
N LEU C 484 21.00 -18.03 -36.81
CA LEU C 484 20.66 -17.04 -35.78
C LEU C 484 21.40 -17.27 -34.45
N LEU C 485 22.00 -16.20 -33.93
CA LEU C 485 22.55 -16.17 -32.57
C LEU C 485 21.75 -15.19 -31.68
N ILE C 486 21.29 -15.68 -30.54
CA ILE C 486 20.48 -14.90 -29.60
C ILE C 486 21.27 -14.77 -28.31
N ILE C 487 21.38 -13.56 -27.83
CA ILE C 487 22.01 -13.26 -26.57
C ILE C 487 20.88 -12.79 -25.66
N GLY C 488 20.51 -13.61 -24.70
CA GLY C 488 19.41 -13.23 -23.84
C GLY C 488 19.05 -14.21 -22.75
N GLY C 489 18.00 -13.87 -22.02
CA GLY C 489 17.61 -14.65 -20.85
C GLY C 489 16.55 -15.68 -21.17
N PHE C 490 15.80 -16.05 -20.15
CA PHE C 490 14.78 -17.06 -20.25
C PHE C 490 13.89 -16.83 -21.45
N GLU C 491 13.58 -15.58 -21.78
CA GLU C 491 12.73 -15.29 -22.94
C GLU C 491 13.36 -15.82 -24.26
N ALA C 492 14.68 -15.80 -24.37
CA ALA C 492 15.35 -16.37 -25.54
C ALA C 492 15.11 -17.86 -25.57
N TYR C 493 15.40 -18.51 -24.45
CA TYR C 493 15.17 -19.97 -24.34
C TYR C 493 13.73 -20.32 -24.78
N LEU C 494 12.74 -19.64 -24.22
CA LEU C 494 11.33 -19.86 -24.59
C LEU C 494 11.16 -19.61 -26.07
N GLY C 495 11.81 -18.55 -26.57
CA GLY C 495 11.81 -18.22 -28.01
C GLY C 495 12.32 -19.33 -28.94
N LEU C 496 13.39 -20.00 -28.56
CA LEU C 496 13.89 -21.13 -29.34
C LEU C 496 12.91 -22.31 -29.33
N LEU C 497 12.29 -22.60 -28.18
CA LEU C 497 11.30 -23.68 -28.09
C LEU C 497 10.15 -23.42 -29.05
N GLU C 498 9.60 -22.21 -29.01
CA GLU C 498 8.49 -21.81 -29.90
C GLU C 498 8.82 -21.97 -31.40
N LEU C 499 9.99 -21.47 -31.79
CA LEU C 499 10.49 -21.53 -33.17
C LEU C 499 10.86 -22.96 -33.57
N SER C 500 11.39 -23.74 -32.63
CA SER C 500 11.68 -25.16 -32.87
C SER C 500 10.41 -25.88 -33.28
N ALA C 501 9.34 -25.64 -32.53
CA ALA C 501 8.03 -26.21 -32.79
C ALA C 501 7.42 -25.70 -34.09
N ALA C 502 7.72 -24.45 -34.46
CA ALA C 502 7.15 -23.81 -35.67
C ALA C 502 7.90 -24.14 -36.98
N ARG C 503 8.93 -24.98 -36.88
CA ARG C 503 9.69 -25.42 -38.06
C ARG C 503 8.86 -26.09 -39.13
N GLU C 504 7.99 -27.01 -38.71
CA GLU C 504 7.23 -27.85 -39.63
C GLU C 504 6.22 -27.05 -40.43
N LYS C 505 5.89 -25.84 -39.97
CA LYS C 505 5.04 -24.94 -40.74
C LYS C 505 5.83 -23.84 -41.47
N HIS C 506 6.99 -23.46 -40.94
CA HIS C 506 7.82 -22.44 -41.59
C HIS C 506 9.24 -22.91 -41.85
N GLU C 507 9.50 -23.30 -43.12
CA GLU C 507 10.83 -23.72 -43.59
C GLU C 507 11.95 -22.81 -43.14
N GLU C 508 11.70 -21.50 -43.13
CA GLU C 508 12.70 -20.46 -42.77
C GLU C 508 13.39 -20.66 -41.39
N PHE C 509 12.70 -21.33 -40.46
CA PHE C 509 13.26 -21.64 -39.15
C PHE C 509 14.05 -22.97 -39.12
N CYS C 510 14.27 -23.59 -40.29
CA CYS C 510 15.03 -24.85 -40.36
C CYS C 510 16.54 -24.61 -40.53
N VAL C 511 17.05 -23.72 -39.68
CA VAL C 511 18.45 -23.25 -39.70
C VAL C 511 19.06 -23.47 -38.33
N PRO C 512 20.39 -23.34 -38.20
CA PRO C 512 21.01 -23.55 -36.91
C PRO C 512 20.79 -22.33 -36.04
N MET C 513 20.17 -22.54 -34.89
CA MET C 513 19.86 -21.47 -33.93
C MET C 513 20.51 -21.79 -32.62
N VAL C 514 21.37 -20.89 -32.14
CA VAL C 514 22.06 -21.08 -30.87
C VAL C 514 21.87 -19.84 -30.01
N MET C 515 21.85 -20.07 -28.71
CA MET C 515 21.61 -19.04 -27.73
C MET C 515 22.72 -19.08 -26.70
N VAL C 516 23.18 -17.89 -26.32
CA VAL C 516 24.04 -17.74 -25.15
C VAL C 516 23.27 -16.94 -24.10
N PRO C 517 23.41 -17.31 -22.79
CA PRO C 517 22.56 -16.78 -21.74
C PRO C 517 22.99 -15.43 -21.18
N ALA C 518 22.06 -14.46 -21.16
CA ALA C 518 22.35 -13.14 -20.60
C ALA C 518 21.15 -12.53 -19.83
N THR C 519 21.35 -12.41 -18.51
CA THR C 519 20.41 -11.83 -17.55
C THR C 519 21.10 -11.62 -16.22
N VAL C 520 20.71 -10.55 -15.52
CA VAL C 520 21.16 -10.40 -14.12
C VAL C 520 20.73 -11.62 -13.25
N SER C 521 19.63 -12.27 -13.64
CA SER C 521 19.01 -13.31 -12.80
C SER C 521 19.72 -14.65 -12.70
N ASN C 522 20.52 -14.99 -13.72
CA ASN C 522 21.15 -16.29 -13.85
C ASN C 522 20.14 -17.45 -13.77
N ASN C 523 18.94 -17.24 -14.32
CA ASN C 523 17.90 -18.31 -14.32
C ASN C 523 17.78 -19.15 -15.60
N VAL C 524 18.76 -19.08 -16.48
CA VAL C 524 18.63 -19.73 -17.78
C VAL C 524 19.04 -21.18 -17.67
N PRO C 525 18.12 -22.11 -17.98
CA PRO C 525 18.46 -23.54 -17.91
C PRO C 525 19.53 -23.95 -18.95
N GLY C 526 20.53 -24.70 -18.50
CA GLY C 526 21.63 -25.10 -19.36
C GLY C 526 22.92 -24.36 -19.14
N SER C 527 22.96 -23.51 -18.11
CA SER C 527 24.16 -22.72 -17.80
C SER C 527 24.20 -22.33 -16.32
N ASP C 528 25.32 -22.65 -15.67
CA ASP C 528 25.58 -22.27 -14.27
C ASP C 528 25.76 -20.73 -14.11
N PHE C 529 26.06 -20.04 -15.20
CA PHE C 529 26.33 -18.61 -15.17
C PHE C 529 25.69 -17.91 -16.37
N SER C 530 25.36 -16.63 -16.17
CA SER C 530 24.76 -15.81 -17.22
C SER C 530 25.45 -14.47 -17.30
N ILE C 531 25.52 -13.94 -18.52
CA ILE C 531 26.15 -12.65 -18.74
C ILE C 531 25.29 -11.61 -18.04
N GLY C 532 25.88 -10.90 -17.06
CA GLY C 532 25.20 -9.79 -16.39
C GLY C 532 25.11 -9.95 -14.90
N ALA C 533 25.13 -11.20 -14.43
CA ALA C 533 24.95 -11.46 -13.00
C ALA C 533 26.13 -10.98 -12.11
N ASP C 534 27.38 -10.98 -12.62
CA ASP C 534 28.55 -10.58 -11.78
C ASP C 534 28.46 -9.05 -11.54
N THR C 535 28.11 -8.33 -12.62
CA THR C 535 27.77 -6.92 -12.51
C THR C 535 26.73 -6.63 -11.40
N ALA C 536 25.64 -7.39 -11.42
CA ALA C 536 24.57 -7.22 -10.46
C ALA C 536 25.05 -7.54 -9.05
N LEU C 537 25.75 -8.66 -8.90
CA LEU C 537 26.33 -9.04 -7.59
C LEU C 537 27.25 -7.95 -7.05
N ASN C 538 28.02 -7.33 -7.95
CA ASN C 538 28.90 -6.27 -7.53
C ASN C 538 28.12 -5.01 -7.11
N THR C 539 27.04 -4.71 -7.85
CA THR C 539 26.13 -3.62 -7.49
C THR C 539 25.55 -3.88 -6.12
N ILE C 540 25.09 -5.09 -5.92
CA ILE C 540 24.54 -5.45 -4.61
C ILE C 540 25.60 -5.31 -3.53
N THR C 541 26.73 -5.92 -3.81
CA THR C 541 27.85 -5.91 -2.90
C THR C 541 28.31 -4.44 -2.62
N ASP C 542 28.45 -3.64 -3.70
CA ASP C 542 28.81 -2.22 -3.64
C ASP C 542 27.87 -1.52 -2.69
N THR C 543 26.57 -1.79 -2.83
CA THR C 543 25.55 -1.03 -2.13
C THR C 543 25.58 -1.31 -0.63
N CYS C 544 25.55 -2.61 -0.28
CA CYS C 544 25.69 -3.01 1.11
C CYS C 544 26.96 -2.42 1.78
N ASP C 545 28.05 -2.34 1.04
CA ASP C 545 29.27 -1.74 1.60
C ASP C 545 29.00 -0.29 2.01
N ARG C 546 28.29 0.46 1.17
CA ARG C 546 27.99 1.86 1.46
C ARG C 546 27.04 1.93 2.64
N ILE C 547 26.16 0.98 2.69
CA ILE C 547 25.18 0.93 3.77
C ILE C 547 25.93 0.75 5.09
N LYS C 548 26.83 -0.21 5.14
CA LYS C 548 27.54 -0.47 6.37
C LYS C 548 28.43 0.70 6.73
N GLN C 549 28.84 1.47 5.73
CA GLN C 549 29.68 2.69 5.85
C GLN C 549 28.94 3.86 6.53
N SER C 550 27.67 4.02 6.15
CA SER C 550 26.80 5.08 6.66
C SER C 550 26.23 4.59 7.95
N ALA C 551 25.65 5.46 8.73
CA ALA C 551 25.11 4.90 9.96
C ALA C 551 26.20 4.06 10.65
N SER C 552 27.45 4.52 10.60
CA SER C 552 28.61 3.91 11.20
C SER C 552 29.16 4.69 12.43
N GLY C 553 28.72 4.36 13.64
CA GLY C 553 27.64 3.43 13.87
C GLY C 553 26.41 4.27 14.12
N THR C 554 25.29 3.95 13.45
CA THR C 554 23.98 4.18 14.04
C THR C 554 23.89 3.14 15.15
N LYS C 555 24.21 1.89 14.79
CA LYS C 555 24.21 0.75 15.68
C LYS C 555 22.82 0.32 16.01
N ARG C 556 22.73 -0.93 16.45
CA ARG C 556 21.44 -1.54 16.67
C ARG C 556 20.50 -1.28 15.47
N ARG C 557 20.94 -1.62 14.26
CA ARG C 557 20.10 -1.47 13.07
C ARG C 557 20.17 -2.67 12.14
N VAL C 558 19.04 -3.03 11.59
CA VAL C 558 18.96 -4.15 10.67
C VAL C 558 18.41 -3.61 9.35
N PHE C 559 19.10 -3.94 8.26
CA PHE C 559 18.63 -3.56 6.96
C PHE C 559 18.03 -4.77 6.26
N ILE C 560 16.81 -4.61 5.72
CA ILE C 560 16.19 -5.61 4.88
C ILE C 560 16.31 -5.07 3.48
N ILE C 561 16.90 -5.85 2.58
CA ILE C 561 17.21 -5.43 1.21
C ILE C 561 16.64 -6.43 0.18
N GLU C 562 15.83 -5.95 -0.76
CA GLU C 562 15.24 -6.80 -1.76
C GLU C 562 16.06 -6.78 -3.04
N THR C 563 16.23 -7.96 -3.65
CA THR C 563 17.04 -8.13 -4.83
C THR C 563 16.24 -8.71 -5.98
N MET C 564 16.77 -8.64 -7.19
CA MET C 564 16.16 -9.24 -8.35
C MET C 564 16.51 -10.69 -8.46
N GLY C 565 16.08 -11.29 -9.60
CA GLY C 565 16.29 -12.71 -9.85
C GLY C 565 15.04 -13.39 -10.37
N GLY C 566 13.89 -12.80 -10.08
CA GLY C 566 12.62 -13.45 -10.36
C GLY C 566 12.50 -14.44 -9.25
N TYR C 567 12.33 -15.70 -9.60
CA TYR C 567 12.29 -16.75 -8.60
C TYR C 567 13.66 -17.33 -8.37
N CYS C 568 14.63 -16.81 -9.13
CA CYS C 568 15.98 -17.32 -9.08
C CYS C 568 16.83 -16.60 -8.03
N GLY C 569 17.11 -17.35 -6.96
CA GLY C 569 17.79 -16.80 -5.79
C GLY C 569 19.31 -16.72 -5.91
N TYR C 570 19.85 -16.73 -7.13
CA TYR C 570 21.27 -16.57 -7.34
C TYR C 570 21.76 -15.21 -6.79
N LEU C 571 21.24 -14.08 -7.28
CA LEU C 571 21.72 -12.78 -6.80
C LEU C 571 21.55 -12.68 -5.31
N ALA C 572 20.39 -13.09 -4.84
CA ALA C 572 20.12 -12.98 -3.40
C ALA C 572 21.12 -13.81 -2.57
N ASN C 573 21.21 -15.10 -2.89
CA ASN C 573 22.08 -16.03 -2.17
C ASN C 573 23.55 -15.61 -2.22
N MET C 574 24.07 -15.48 -3.44
CA MET C 574 25.47 -15.10 -3.65
C MET C 574 25.72 -13.70 -3.09
N GLY C 575 24.84 -12.77 -3.44
CA GLY C 575 24.88 -11.45 -2.82
C GLY C 575 24.99 -11.52 -1.30
N GLY C 576 24.20 -12.40 -0.70
CA GLY C 576 24.24 -12.59 0.77
C GLY C 576 25.62 -12.95 1.28
N LEU C 577 26.18 -14.07 0.79
CA LEU C 577 27.59 -14.45 1.03
C LEU C 577 28.60 -13.29 0.94
N ALA C 578 28.70 -12.70 -0.25
CA ALA C 578 29.62 -11.60 -0.54
C ALA C 578 29.45 -10.38 0.39
N ALA C 579 28.21 -10.03 0.70
CA ALA C 579 27.91 -8.94 1.66
C ALA C 579 27.98 -9.42 3.14
N GLY C 580 28.22 -10.71 3.37
CA GLY C 580 28.25 -11.22 4.74
C GLY C 580 26.96 -11.02 5.49
N ALA C 581 25.85 -11.29 4.81
CA ALA C 581 24.54 -11.08 5.39
C ALA C 581 24.27 -12.14 6.43
N ASP C 582 23.25 -11.86 7.24
CA ASP C 582 22.77 -12.74 8.31
C ASP C 582 21.68 -13.65 7.82
N ALA C 583 21.10 -13.35 6.67
CA ALA C 583 20.12 -14.23 6.05
C ALA C 583 19.88 -13.79 4.60
N ALA C 584 19.61 -14.76 3.74
CA ALA C 584 19.11 -14.49 2.39
C ALA C 584 17.97 -15.45 2.00
N TYR C 585 16.74 -14.93 2.06
CA TYR C 585 15.54 -15.72 1.80
C TYR C 585 15.39 -15.89 0.32
N ILE C 586 15.15 -17.12 -0.10
CA ILE C 586 14.99 -17.43 -1.50
C ILE C 586 13.83 -18.41 -1.74
N PHE C 587 13.33 -18.42 -2.98
CA PHE C 587 12.18 -19.24 -3.34
C PHE C 587 12.55 -20.73 -3.29
N GLU C 588 13.76 -21.09 -3.70
CA GLU C 588 14.15 -22.52 -3.79
C GLU C 588 14.36 -23.18 -2.43
N GLU C 589 14.24 -22.40 -1.35
CA GLU C 589 14.31 -22.92 0.03
C GLU C 589 13.15 -22.35 0.84
N PRO C 590 12.04 -23.11 0.97
CA PRO C 590 10.90 -22.59 1.68
C PRO C 590 11.23 -22.16 3.13
N PHE C 591 10.47 -21.20 3.63
CA PHE C 591 10.63 -20.70 4.98
C PHE C 591 9.26 -20.29 5.55
N ASP C 592 9.03 -20.62 6.81
CA ASP C 592 7.80 -20.28 7.50
C ASP C 592 8.08 -19.25 8.61
N ILE C 593 7.02 -18.83 9.29
CA ILE C 593 7.13 -17.84 10.37
C ILE C 593 8.00 -18.32 11.55
N ARG C 594 8.21 -19.63 11.66
CA ARG C 594 9.16 -20.18 12.64
C ARG C 594 10.57 -19.80 12.20
N ASP C 595 10.86 -20.02 10.92
CA ASP C 595 12.17 -19.68 10.36
C ASP C 595 12.49 -18.22 10.61
N LEU C 596 11.50 -17.35 10.42
CA LEU C 596 11.71 -15.89 10.55
C LEU C 596 11.94 -15.51 12.00
N GLN C 597 11.07 -16.04 12.85
CA GLN C 597 11.13 -15.82 14.31
C GLN C 597 12.50 -16.31 14.86
N SER C 598 13.02 -17.39 14.29
CA SER C 598 14.30 -17.90 14.75
C SER C 598 15.47 -16.97 14.31
N ASN C 599 15.44 -16.47 13.07
CA ASN C 599 16.41 -15.49 12.66
C ASN C 599 16.29 -14.23 13.49
N VAL C 600 15.09 -13.84 13.87
CA VAL C 600 14.90 -12.57 14.59
C VAL C 600 15.47 -12.68 15.96
N GLU C 601 15.32 -13.87 16.56
CA GLU C 601 15.82 -14.13 17.90
C GLU C 601 17.34 -14.22 17.84
N HIS C 602 17.90 -14.77 16.77
CA HIS C 602 19.35 -14.77 16.59
C HIS C 602 19.90 -13.34 16.62
N LEU C 603 19.39 -12.49 15.74
CA LEU C 603 19.85 -11.12 15.63
C LEU C 603 19.71 -10.41 16.95
N THR C 604 18.71 -10.78 17.74
CA THR C 604 18.52 -10.21 19.06
C THR C 604 19.71 -10.53 19.95
N GLU C 605 20.05 -11.82 20.01
CA GLU C 605 21.24 -12.25 20.74
C GLU C 605 22.50 -11.58 20.19
N LYS C 606 22.60 -11.47 18.87
CA LYS C 606 23.72 -10.77 18.23
C LYS C 606 23.93 -9.35 18.74
N MET C 607 22.86 -8.67 19.15
CA MET C 607 22.98 -7.32 19.68
C MET C 607 23.40 -7.30 21.16
N LYS C 608 23.73 -8.45 21.72
CA LYS C 608 24.43 -8.53 23.02
C LYS C 608 25.96 -8.63 22.83
N THR C 609 26.40 -8.92 21.61
CA THR C 609 27.82 -8.84 21.24
C THR C 609 28.11 -7.41 20.83
N THR C 610 29.35 -7.17 20.35
CA THR C 610 29.77 -5.84 19.85
C THR C 610 29.37 -5.54 18.38
N ILE C 611 29.10 -6.56 17.58
CA ILE C 611 28.66 -6.37 16.18
C ILE C 611 27.14 -6.18 16.12
N GLN C 612 26.74 -4.94 16.39
CA GLN C 612 25.34 -4.60 16.47
C GLN C 612 24.91 -4.00 15.14
N ARG C 613 24.89 -4.86 14.14
CA ARG C 613 24.27 -4.55 12.85
C ARG C 613 23.65 -5.83 12.28
N GLY C 614 22.82 -5.67 11.25
CA GLY C 614 22.13 -6.80 10.66
C GLY C 614 21.89 -6.59 9.20
N LEU C 615 21.93 -7.67 8.44
CA LEU C 615 21.75 -7.56 7.03
C LEU C 615 20.95 -8.75 6.61
N VAL C 616 19.78 -8.47 6.08
CA VAL C 616 18.85 -9.49 5.59
C VAL C 616 18.50 -9.26 4.11
N LEU C 617 18.70 -10.26 3.28
CA LEU C 617 18.38 -10.12 1.89
C LEU C 617 17.17 -10.95 1.50
N ARG C 618 16.27 -10.36 0.71
CA ARG C 618 15.05 -11.06 0.29
C ARG C 618 14.94 -11.12 -1.22
N ASN C 619 15.02 -12.32 -1.77
CA ASN C 619 14.71 -12.47 -3.19
C ASN C 619 13.31 -11.99 -3.45
N GLU C 620 13.15 -11.16 -4.49
CA GLU C 620 11.89 -10.42 -4.75
C GLU C 620 10.63 -11.25 -4.91
N SER C 621 10.76 -12.50 -5.34
CA SER C 621 9.60 -13.41 -5.48
C SER C 621 9.76 -14.68 -4.68
N CYS C 622 10.32 -14.58 -3.50
CA CYS C 622 10.62 -15.74 -2.70
C CYS C 622 9.41 -16.24 -1.94
N SER C 623 8.35 -15.45 -1.93
CA SER C 623 7.16 -15.79 -1.15
C SER C 623 6.05 -14.82 -1.45
N GLU C 624 4.88 -15.34 -1.70
CA GLU C 624 3.77 -14.52 -2.11
C GLU C 624 3.40 -13.62 -0.94
N ASN C 625 3.20 -14.24 0.22
CA ASN C 625 2.69 -13.55 1.38
C ASN C 625 3.74 -12.86 2.23
N TYR C 626 4.89 -13.52 2.39
CA TYR C 626 6.01 -12.91 3.15
C TYR C 626 6.86 -11.96 2.27
N THR C 627 6.33 -10.75 2.13
CA THR C 627 6.90 -9.72 1.29
C THR C 627 8.05 -9.03 2.01
N THR C 628 8.83 -8.24 1.27
CA THR C 628 9.83 -7.33 1.89
C THR C 628 9.23 -6.44 3.00
N ASP C 629 7.99 -5.95 2.81
CA ASP C 629 7.28 -5.22 3.89
C ASP C 629 6.95 -6.12 5.09
N PHE C 630 6.44 -7.31 4.84
CA PHE C 630 6.13 -8.24 5.94
C PHE C 630 7.35 -8.49 6.83
N ILE C 631 8.48 -8.77 6.18
CA ILE C 631 9.73 -9.13 6.88
C ILE C 631 10.21 -7.87 7.61
N TYR C 632 10.14 -6.73 6.92
CA TYR C 632 10.47 -5.46 7.55
C TYR C 632 9.58 -5.17 8.77
N GLN C 633 8.29 -5.51 8.68
CA GLN C 633 7.35 -5.26 9.78
C GLN C 633 7.58 -6.21 10.98
N LEU C 634 7.85 -7.48 10.68
CA LEU C 634 8.16 -8.47 11.70
C LEU C 634 9.41 -8.10 12.51
N TYR C 635 10.50 -7.88 11.80
CA TYR C 635 11.76 -7.65 12.45
C TYR C 635 11.71 -6.31 13.23
N SER C 636 11.18 -5.26 12.59
CA SER C 636 10.98 -3.96 13.24
C SER C 636 10.32 -4.17 14.59
N GLU C 637 9.20 -4.91 14.57
CA GLU C 637 8.31 -5.06 15.72
C GLU C 637 8.95 -5.92 16.79
N GLU C 638 9.45 -7.07 16.40
CA GLU C 638 10.02 -8.01 17.41
C GLU C 638 11.37 -7.54 17.96
N GLY C 639 12.08 -6.65 17.28
CA GLY C 639 13.32 -6.11 17.82
C GLY C 639 13.07 -4.88 18.70
N LYS C 640 11.83 -4.67 19.15
CA LYS C 640 11.46 -3.34 19.56
C LYS C 640 12.34 -2.77 20.69
N GLY C 641 12.71 -3.61 21.64
CA GLY C 641 13.58 -3.12 22.70
C GLY C 641 15.04 -3.02 22.34
N VAL C 642 15.38 -3.43 21.12
CA VAL C 642 16.74 -3.87 20.82
C VAL C 642 17.35 -3.22 19.57
N PHE C 643 16.68 -3.33 18.43
CA PHE C 643 17.18 -2.83 17.17
C PHE C 643 16.05 -2.28 16.36
N ASP C 644 16.40 -1.53 15.32
CA ASP C 644 15.43 -0.98 14.43
C ASP C 644 15.83 -1.26 12.98
N CYS C 645 14.95 -0.94 12.02
CA CYS C 645 15.11 -1.39 10.65
C CYS C 645 14.85 -0.36 9.60
N ARG C 646 15.37 -0.68 8.41
CA ARG C 646 15.20 0.13 7.25
C ARG C 646 15.04 -0.88 6.16
N LYS C 647 14.17 -0.61 5.21
CA LYS C 647 13.99 -1.46 4.05
C LYS C 647 14.52 -0.67 2.86
N ASN C 648 15.15 -1.35 1.92
CA ASN C 648 15.59 -0.78 0.64
C ASN C 648 15.24 -1.78 -0.47
N VAL C 649 14.65 -1.28 -1.54
CA VAL C 649 14.49 -2.09 -2.75
C VAL C 649 15.42 -1.57 -3.89
N LEU C 650 16.46 -2.35 -4.14
CA LEU C 650 17.55 -1.93 -5.02
C LEU C 650 17.04 -1.66 -6.39
N GLY C 651 16.24 -2.58 -6.93
CA GLY C 651 15.61 -2.30 -8.23
C GLY C 651 16.58 -2.28 -9.40
N HIS C 652 16.30 -1.45 -10.42
CA HIS C 652 16.87 -1.62 -11.75
C HIS C 652 18.31 -1.24 -11.97
N MET C 653 18.96 -0.66 -10.95
CA MET C 653 20.41 -0.46 -10.98
C MET C 653 21.15 -1.81 -11.03
N GLN C 654 20.50 -2.85 -10.55
CA GLN C 654 21.15 -4.14 -10.45
C GLN C 654 21.50 -4.65 -11.84
N GLN C 655 20.89 -4.06 -12.88
CA GLN C 655 21.31 -4.34 -14.26
C GLN C 655 22.72 -3.84 -14.54
N GLY C 656 23.02 -2.67 -14.00
CA GLY C 656 24.35 -2.13 -13.96
C GLY C 656 24.56 -0.77 -14.65
N GLY C 657 25.74 -0.26 -14.43
CA GLY C 657 26.23 0.81 -15.27
C GLY C 657 26.99 0.04 -16.33
N ALA C 658 28.31 0.12 -16.25
CA ALA C 658 29.14 -0.66 -17.15
C ALA C 658 29.27 -2.10 -16.68
N PRO C 659 29.38 -3.05 -17.62
CA PRO C 659 29.48 -4.42 -17.16
C PRO C 659 30.81 -4.61 -16.48
N SER C 660 30.81 -5.45 -15.45
CA SER C 660 32.00 -5.87 -14.78
C SER C 660 32.86 -6.67 -15.77
N PRO C 661 34.18 -6.73 -15.55
CA PRO C 661 35.04 -7.52 -16.44
C PRO C 661 34.60 -8.97 -16.58
N PHE C 662 34.19 -9.61 -15.50
CA PHE C 662 33.77 -11.00 -15.64
C PHE C 662 32.75 -11.05 -16.74
N ASP C 663 31.76 -10.16 -16.69
CA ASP C 663 30.66 -10.24 -17.68
C ASP C 663 31.17 -9.89 -19.11
N ARG C 664 32.02 -8.86 -19.25
CA ARG C 664 32.56 -8.51 -20.58
C ARG C 664 33.24 -9.74 -21.20
N ASN C 665 34.21 -10.28 -20.49
CA ASN C 665 34.94 -11.44 -20.99
C ASN C 665 34.08 -12.69 -21.19
N PHE C 666 33.23 -12.99 -20.22
CA PHE C 666 32.23 -14.06 -20.37
C PHE C 666 31.38 -13.78 -21.61
N GLY C 667 30.88 -12.56 -21.74
CA GLY C 667 30.12 -12.17 -22.94
C GLY C 667 30.91 -12.45 -24.21
N THR C 668 32.17 -11.99 -24.22
CA THR C 668 33.07 -12.10 -25.36
C THR C 668 33.42 -13.56 -25.73
N LYS C 669 33.76 -14.33 -24.72
CA LYS C 669 34.29 -15.67 -24.94
C LYS C 669 33.24 -16.68 -25.34
N ILE C 670 32.11 -16.67 -24.67
CA ILE C 670 31.07 -17.64 -24.99
C ILE C 670 30.38 -17.32 -26.34
N SER C 671 30.28 -16.05 -26.70
CA SER C 671 29.63 -15.66 -27.96
C SER C 671 30.46 -16.07 -29.17
N ALA C 672 31.77 -15.87 -29.08
CA ALA C 672 32.70 -16.31 -30.13
C ALA C 672 32.61 -17.81 -30.29
N ARG C 673 32.53 -18.52 -29.16
CA ARG C 673 32.44 -19.95 -29.18
C ARG C 673 31.13 -20.39 -29.90
N ALA C 674 30.05 -19.64 -29.66
CA ALA C 674 28.76 -19.94 -30.29
C ALA C 674 28.81 -19.73 -31.79
N MET C 675 29.45 -18.64 -32.22
CA MET C 675 29.63 -18.38 -33.66
C MET C 675 30.47 -19.49 -34.36
N GLU C 676 31.53 -19.96 -33.72
CA GLU C 676 32.30 -21.08 -34.24
C GLU C 676 31.39 -22.23 -34.56
N TRP C 677 30.52 -22.54 -33.62
CA TRP C 677 29.55 -23.61 -33.78
C TRP C 677 28.73 -23.35 -35.03
N ILE C 678 28.22 -22.13 -35.17
CA ILE C 678 27.37 -21.79 -36.32
C ILE C 678 28.08 -22.05 -37.65
N THR C 679 29.34 -21.64 -37.76
CA THR C 679 30.08 -21.76 -39.02
C THR C 679 30.35 -23.24 -39.32
N ALA C 680 30.80 -23.98 -38.32
CA ALA C 680 30.99 -25.43 -38.45
C ALA C 680 29.73 -26.13 -38.97
N LYS C 681 28.56 -25.76 -38.41
CA LYS C 681 27.27 -26.30 -38.86
C LYS C 681 26.97 -25.93 -40.31
N LEU C 682 27.05 -24.65 -40.63
CA LEU C 682 26.81 -24.19 -42.01
C LEU C 682 27.78 -24.84 -43.02
N LYS C 683 28.97 -25.19 -42.53
CA LYS C 683 30.00 -25.80 -43.36
C LYS C 683 29.60 -27.20 -43.83
N GLU C 684 28.85 -27.95 -43.02
CA GLU C 684 28.34 -29.26 -43.44
C GLU C 684 27.05 -29.11 -44.27
N ALA C 685 27.13 -28.36 -45.37
CA ALA C 685 25.94 -28.02 -46.19
C ALA C 685 26.32 -27.24 -47.45
N THR C 693 15.64 -30.64 -40.43
CA THR C 693 16.64 -30.35 -39.39
C THR C 693 16.08 -30.79 -38.01
N THR C 694 16.95 -31.36 -37.18
CA THR C 694 16.56 -32.05 -35.91
C THR C 694 16.82 -31.19 -34.66
N ASP C 695 16.69 -31.81 -33.49
CA ASP C 695 16.86 -31.11 -32.20
C ASP C 695 18.25 -30.48 -32.01
N ASP C 696 19.30 -31.14 -32.51
CA ASP C 696 20.68 -30.74 -32.22
C ASP C 696 21.12 -29.41 -32.82
N SER C 697 20.31 -28.85 -33.72
CA SER C 697 20.63 -27.55 -34.34
C SER C 697 19.91 -26.38 -33.66
N ILE C 698 19.10 -26.66 -32.65
CA ILE C 698 18.56 -25.61 -31.79
C ILE C 698 18.97 -25.87 -30.33
N CYS C 699 19.99 -25.16 -29.85
CA CYS C 699 20.48 -25.36 -28.49
C CYS C 699 20.98 -24.15 -27.73
N VAL C 700 21.22 -24.35 -26.44
CA VAL C 700 21.77 -23.37 -25.49
C VAL C 700 23.24 -23.69 -25.22
N LEU C 701 24.11 -22.77 -25.60
CA LEU C 701 25.52 -22.86 -25.25
C LEU C 701 25.69 -22.28 -23.86
N GLY C 702 26.13 -23.10 -22.91
CA GLY C 702 26.22 -22.66 -21.51
C GLY C 702 27.34 -23.33 -20.75
N ILE C 703 27.64 -22.79 -19.57
CA ILE C 703 28.72 -23.27 -18.72
C ILE C 703 28.16 -24.32 -17.76
N SER C 704 28.59 -25.56 -17.91
CA SER C 704 28.16 -26.67 -17.03
C SER C 704 29.36 -27.38 -16.31
N LYS C 705 29.53 -27.05 -15.03
CA LYS C 705 30.66 -27.51 -14.22
C LYS C 705 32.05 -27.05 -14.72
N ARG C 706 32.74 -27.91 -15.44
CA ARG C 706 34.15 -27.66 -15.80
C ARG C 706 34.26 -26.93 -17.15
N ASN C 707 33.37 -27.25 -18.07
CA ASN C 707 33.50 -26.90 -19.49
C ASN C 707 32.16 -26.45 -20.11
N VAL C 708 32.21 -25.85 -21.30
CA VAL C 708 31.02 -25.33 -21.95
C VAL C 708 30.45 -26.41 -22.85
N ILE C 709 29.11 -26.50 -22.94
CA ILE C 709 28.47 -27.48 -23.81
C ILE C 709 27.19 -26.97 -24.47
N PHE C 710 26.91 -27.49 -25.67
CA PHE C 710 25.69 -27.17 -26.41
C PHE C 710 24.64 -28.23 -26.08
N GLN C 711 23.50 -27.79 -25.55
CA GLN C 711 22.43 -28.71 -25.15
C GLN C 711 21.14 -28.37 -25.90
N PRO C 712 20.67 -29.30 -26.76
CA PRO C 712 19.38 -29.13 -27.44
C PRO C 712 18.26 -28.65 -26.49
N VAL C 713 17.46 -27.70 -26.94
CA VAL C 713 16.33 -27.21 -26.16
C VAL C 713 15.34 -28.32 -25.79
N ALA C 714 15.21 -29.34 -26.63
CA ALA C 714 14.40 -30.50 -26.32
C ALA C 714 14.78 -31.13 -24.96
N GLU C 715 16.09 -31.27 -24.73
CA GLU C 715 16.60 -31.90 -23.54
C GLU C 715 16.44 -31.05 -22.30
N LEU C 716 16.37 -29.74 -22.49
CA LEU C 716 16.36 -28.84 -21.35
C LEU C 716 14.96 -28.67 -20.75
N LYS C 717 13.94 -29.05 -21.49
CA LYS C 717 12.55 -28.91 -21.02
C LYS C 717 12.35 -29.66 -19.71
N LYS C 718 12.78 -30.92 -19.68
CA LYS C 718 12.67 -31.75 -18.45
C LYS C 718 13.54 -31.26 -17.28
N GLN C 719 14.59 -30.48 -17.58
CA GLN C 719 15.45 -29.85 -16.57
C GLN C 719 15.01 -28.41 -16.18
N THR C 720 13.79 -28.02 -16.59
CA THR C 720 13.27 -26.68 -16.39
C THR C 720 11.94 -26.56 -15.63
N ASP C 721 11.92 -25.75 -14.60
CA ASP C 721 10.69 -25.33 -13.92
C ASP C 721 10.11 -24.14 -14.71
N PHE C 722 9.11 -24.43 -15.56
CA PHE C 722 8.55 -23.42 -16.50
C PHE C 722 7.70 -22.40 -15.82
N GLU C 723 7.18 -22.78 -14.66
CA GLU C 723 6.19 -22.02 -13.98
C GLU C 723 6.82 -20.91 -13.13
N HIS C 724 8.08 -21.08 -12.72
CA HIS C 724 8.85 -20.02 -12.01
C HIS C 724 10.10 -19.59 -12.81
N ARG C 725 10.21 -20.04 -14.06
CA ARG C 725 11.33 -19.75 -14.92
C ARG C 725 12.66 -19.78 -14.15
N ILE C 726 12.93 -20.91 -13.50
CA ILE C 726 14.25 -21.24 -13.00
C ILE C 726 14.53 -22.66 -13.42
N PRO C 727 15.79 -23.06 -13.55
CA PRO C 727 16.05 -24.49 -13.75
C PRO C 727 15.60 -25.34 -12.53
N LYS C 728 15.67 -26.66 -12.66
CA LYS C 728 15.31 -27.53 -11.56
C LYS C 728 16.49 -27.84 -10.61
N GLU C 729 17.65 -28.15 -11.16
CA GLU C 729 18.80 -28.44 -10.32
C GLU C 729 19.74 -27.29 -10.50
N GLN C 730 20.03 -26.58 -9.41
CA GLN C 730 20.87 -25.37 -9.48
C GLN C 730 22.11 -25.55 -8.57
N TRP C 731 23.29 -25.38 -9.19
CA TRP C 731 24.58 -25.73 -8.59
C TRP C 731 24.87 -25.02 -7.28
N TRP C 732 24.53 -23.74 -7.20
CA TRP C 732 24.92 -22.89 -6.06
C TRP C 732 24.14 -23.19 -4.76
N LEU C 733 22.99 -23.87 -4.86
CA LEU C 733 22.23 -24.33 -3.66
C LEU C 733 23.07 -25.20 -2.72
N LYS C 734 24.07 -25.93 -3.23
CA LYS C 734 24.98 -26.73 -2.38
C LYS C 734 25.78 -25.83 -1.38
N LEU C 735 25.89 -24.55 -1.70
CA LEU C 735 26.58 -23.61 -0.85
C LEU C 735 25.73 -23.06 0.27
N ARG C 736 24.44 -23.44 0.37
CA ARG C 736 23.51 -22.78 1.34
C ARG C 736 23.99 -22.80 2.80
N PRO C 737 24.60 -23.92 3.26
CA PRO C 737 25.08 -23.89 4.66
C PRO C 737 26.15 -22.84 4.99
N LEU C 738 26.89 -22.36 3.98
CA LEU C 738 27.94 -21.36 4.25
C LEU C 738 27.40 -20.08 4.90
N MET C 739 26.49 -19.36 4.26
CA MET C 739 25.92 -18.11 4.81
C MET C 739 25.80 -18.10 6.34
N LYS C 740 25.27 -19.20 6.88
CA LYS C 740 24.88 -19.34 8.30
C LYS C 740 26.13 -19.56 9.15
N ILE C 741 26.97 -20.49 8.67
CA ILE C 741 28.30 -20.70 9.21
C ILE C 741 29.08 -19.38 9.26
N LEU C 742 29.33 -18.79 8.10
CA LEU C 742 30.21 -17.60 7.97
C LEU C 742 29.65 -16.30 8.60
N ALA C 743 28.35 -16.26 8.95
CA ALA C 743 27.69 -15.05 9.47
C ALA C 743 28.31 -14.51 10.74
N SER D 6 22.13 35.17 -37.54
CA SER D 6 22.49 35.03 -36.09
C SER D 6 22.51 33.55 -35.69
N ALA D 7 23.51 33.25 -34.86
CA ALA D 7 23.98 31.90 -34.82
C ALA D 7 25.11 31.79 -33.83
N ILE D 8 25.15 30.66 -33.13
CA ILE D 8 26.08 30.47 -32.03
C ILE D 8 26.99 29.31 -32.37
N GLY D 9 28.30 29.45 -32.10
CA GLY D 9 29.26 28.38 -32.30
C GLY D 9 29.89 28.06 -30.98
N VAL D 10 30.01 26.79 -30.68
CA VAL D 10 30.56 26.37 -29.41
C VAL D 10 31.71 25.39 -29.67
N LEU D 11 32.82 25.56 -28.94
CA LEU D 11 33.95 24.67 -29.09
C LEU D 11 34.57 24.35 -27.74
N THR D 12 35.34 23.27 -27.72
CA THR D 12 35.92 22.78 -26.49
C THR D 12 37.43 22.70 -26.62
N SER D 13 38.14 23.66 -26.06
CA SER D 13 39.57 23.67 -26.21
C SER D 13 40.25 23.27 -24.93
N GLY D 14 41.43 22.68 -25.08
CA GLY D 14 42.32 22.50 -23.95
C GLY D 14 42.14 21.24 -23.18
N GLY D 15 43.10 21.02 -22.27
CA GLY D 15 43.10 19.86 -21.43
C GLY D 15 41.67 19.73 -21.04
N ASP D 16 41.09 18.60 -21.42
CA ASP D 16 39.67 18.38 -21.19
C ASP D 16 39.30 18.23 -19.74
N ALA D 17 38.03 18.40 -19.46
CA ALA D 17 37.53 18.40 -18.09
C ALA D 17 36.22 17.73 -18.07
N GLN D 18 35.96 17.02 -17.00
CA GLN D 18 34.65 16.33 -16.78
C GLN D 18 33.53 17.35 -16.51
N GLY D 19 32.47 17.28 -17.26
CA GLY D 19 31.49 18.36 -17.22
C GLY D 19 31.48 19.21 -18.47
N MET D 20 32.49 19.10 -19.31
CA MET D 20 32.50 19.79 -20.59
C MET D 20 31.30 19.46 -21.45
N ASN D 21 30.86 18.21 -21.36
CA ASN D 21 29.70 17.70 -22.13
C ASN D 21 28.41 18.22 -21.59
N ALA D 22 28.28 18.31 -20.26
CA ALA D 22 27.09 18.92 -19.69
C ALA D 22 26.93 20.33 -20.22
N ALA D 23 28.06 21.05 -20.34
CA ALA D 23 28.10 22.43 -20.79
C ALA D 23 27.69 22.63 -22.26
N VAL D 24 28.28 21.87 -23.15
CA VAL D 24 27.89 21.88 -24.56
C VAL D 24 26.37 21.62 -24.71
N ARG D 25 25.87 20.61 -23.99
CA ARG D 25 24.43 20.27 -23.94
C ARG D 25 23.62 21.50 -23.49
N ALA D 26 24.00 22.11 -22.37
CA ALA D 26 23.32 23.30 -21.89
C ALA D 26 23.33 24.43 -22.93
N VAL D 27 24.45 24.64 -23.64
CA VAL D 27 24.53 25.67 -24.66
C VAL D 27 23.66 25.35 -25.88
N VAL D 28 23.70 24.13 -26.37
CA VAL D 28 22.92 23.75 -27.53
C VAL D 28 21.43 23.83 -27.22
N ARG D 29 21.03 23.34 -26.05
CA ARG D 29 19.58 23.26 -25.68
C ARG D 29 19.06 24.64 -25.37
N MET D 30 19.78 25.37 -24.54
CA MET D 30 19.40 26.76 -24.24
C MET D 30 19.44 27.67 -25.47
N GLY D 31 20.40 27.44 -26.34
CA GLY D 31 20.50 28.20 -27.60
C GLY D 31 19.25 27.99 -28.44
N ILE D 32 18.92 26.73 -28.68
CA ILE D 32 17.72 26.32 -29.43
C ILE D 32 16.46 26.81 -28.73
N TYR D 33 16.43 26.68 -27.40
CA TYR D 33 15.27 27.13 -26.62
C TYR D 33 15.00 28.62 -26.86
N VAL D 34 16.04 29.46 -26.81
CA VAL D 34 15.91 30.90 -27.11
C VAL D 34 15.69 31.13 -28.64
N GLY D 35 15.51 30.05 -29.39
CA GLY D 35 15.36 30.13 -30.85
C GLY D 35 16.57 30.56 -31.70
N ALA D 36 17.78 30.16 -31.29
CA ALA D 36 19.01 30.38 -32.06
C ALA D 36 19.41 29.08 -32.72
N LYS D 37 20.24 29.17 -33.74
CA LYS D 37 20.86 28.00 -34.33
C LYS D 37 22.19 27.86 -33.65
N VAL D 38 22.66 26.62 -33.47
CA VAL D 38 23.91 26.37 -32.75
C VAL D 38 24.82 25.42 -33.52
N TYR D 39 26.09 25.82 -33.77
CA TYR D 39 27.05 25.04 -34.54
C TYR D 39 28.09 24.43 -33.64
N PHE D 40 28.34 23.13 -33.84
CA PHE D 40 29.47 22.48 -33.20
C PHE D 40 30.71 22.97 -33.89
N ILE D 41 31.79 23.15 -33.14
CA ILE D 41 33.10 23.29 -33.76
C ILE D 41 33.95 22.18 -33.20
N TYR D 42 34.15 21.15 -34.02
CA TYR D 42 34.85 19.95 -33.56
C TYR D 42 36.34 20.23 -33.35
N GLU D 43 36.96 19.47 -32.46
CA GLU D 43 38.41 19.54 -32.25
C GLU D 43 38.90 20.97 -31.91
N GLY D 44 38.25 21.60 -30.93
CA GLY D 44 38.72 22.91 -30.39
C GLY D 44 39.07 23.95 -31.44
N TYR D 45 40.15 24.70 -31.22
CA TYR D 45 40.50 25.74 -32.15
C TYR D 45 40.91 25.16 -33.53
N GLN D 46 41.43 23.93 -33.51
CA GLN D 46 41.82 23.21 -34.74
C GLN D 46 40.66 23.11 -35.72
N GLY D 47 39.51 22.71 -35.25
CA GLY D 47 38.33 22.59 -36.11
C GLY D 47 38.00 23.91 -36.76
N MET D 48 38.08 24.98 -35.97
CA MET D 48 37.80 26.32 -36.47
C MET D 48 38.83 26.76 -37.56
N VAL D 49 40.11 26.36 -37.42
CA VAL D 49 41.17 26.67 -38.42
C VAL D 49 40.99 25.86 -39.69
N ASP D 50 40.71 24.56 -39.54
CA ASP D 50 40.47 23.66 -40.67
C ASP D 50 39.19 23.99 -41.44
N GLY D 51 38.12 24.37 -40.72
CA GLY D 51 36.83 24.74 -41.33
C GLY D 51 36.00 23.58 -41.90
N GLY D 52 35.33 23.83 -43.03
CA GLY D 52 34.57 22.80 -43.72
C GLY D 52 33.65 22.07 -42.76
N SER D 53 33.79 20.77 -42.66
CA SER D 53 32.87 19.94 -41.88
C SER D 53 33.26 19.76 -40.41
N ASN D 54 34.33 20.42 -39.95
CA ASN D 54 34.57 20.60 -38.48
C ASN D 54 33.54 21.58 -37.85
N ILE D 55 32.87 22.36 -38.69
CA ILE D 55 31.75 23.17 -38.29
C ILE D 55 30.45 22.58 -38.83
N ALA D 56 29.54 22.22 -37.92
CA ALA D 56 28.31 21.47 -38.27
C ALA D 56 27.16 21.82 -37.36
N GLU D 57 25.99 22.13 -37.92
CA GLU D 57 24.81 22.53 -37.12
C GLU D 57 24.37 21.39 -36.14
N ALA D 58 23.86 21.77 -34.96
CA ALA D 58 23.37 20.83 -33.92
C ALA D 58 21.83 20.91 -33.74
N ASP D 59 21.19 19.78 -33.49
CA ASP D 59 19.77 19.69 -33.10
C ASP D 59 19.64 19.19 -31.64
N TRP D 60 18.41 19.01 -31.17
CA TRP D 60 18.15 18.59 -29.78
C TRP D 60 18.81 17.25 -29.43
N GLU D 61 18.58 16.28 -30.31
CA GLU D 61 18.99 14.89 -30.11
C GLU D 61 20.50 14.73 -29.98
N SER D 62 21.28 15.64 -30.61
CA SER D 62 22.75 15.50 -30.69
C SER D 62 23.39 15.57 -29.33
N VAL D 63 22.83 16.34 -28.42
CA VAL D 63 23.40 16.47 -27.07
C VAL D 63 22.78 15.53 -25.97
N SER D 64 21.98 14.53 -26.36
CA SER D 64 21.56 13.52 -25.37
C SER D 64 22.56 12.41 -25.29
N SER D 65 22.56 11.73 -24.15
CA SER D 65 23.50 10.64 -23.83
C SER D 65 24.94 11.13 -23.69
N ILE D 66 25.09 12.43 -23.46
CA ILE D 66 26.39 13.12 -23.46
C ILE D 66 26.69 13.56 -22.00
N LEU D 67 25.66 14.09 -21.34
CA LEU D 67 25.71 14.61 -19.95
C LEU D 67 26.54 13.84 -18.95
N GLN D 68 26.40 12.53 -19.00
CA GLN D 68 27.00 11.66 -17.95
C GLN D 68 28.34 11.07 -18.38
N VAL D 69 29.08 11.80 -19.23
CA VAL D 69 30.29 11.33 -19.88
C VAL D 69 31.46 12.33 -19.77
N GLY D 70 32.60 11.80 -19.33
CA GLY D 70 33.83 12.61 -19.22
C GLY D 70 34.31 13.09 -20.57
N GLY D 71 35.22 14.04 -20.56
CA GLY D 71 35.75 14.61 -21.79
C GLY D 71 34.69 15.26 -22.68
N THR D 72 35.09 15.62 -23.89
CA THR D 72 34.24 16.28 -24.86
C THR D 72 33.82 15.38 -26.00
N ILE D 73 32.53 15.27 -26.22
CA ILE D 73 32.03 14.51 -27.34
C ILE D 73 32.37 15.20 -28.70
N ILE D 74 32.87 16.45 -28.66
CA ILE D 74 33.29 17.19 -29.89
C ILE D 74 34.79 17.50 -30.02
N GLY D 75 35.61 16.88 -29.19
CA GLY D 75 37.06 17.00 -29.25
C GLY D 75 37.65 18.23 -28.59
N SER D 76 38.89 18.09 -28.09
CA SER D 76 39.80 19.21 -27.77
C SER D 76 41.07 18.96 -28.50
N ALA D 77 41.43 19.86 -29.39
CA ALA D 77 42.75 19.82 -29.95
C ALA D 77 43.52 20.86 -29.23
N ARG D 78 44.77 20.55 -28.87
CA ARG D 78 45.72 21.64 -28.71
C ARG D 78 45.91 22.14 -30.14
N CYS D 79 46.02 23.44 -30.31
CA CYS D 79 46.10 24.01 -31.66
C CYS D 79 47.21 25.02 -31.73
N GLN D 80 48.37 24.58 -32.22
CA GLN D 80 49.51 25.41 -32.43
C GLN D 80 49.19 26.52 -33.42
N ALA D 81 48.53 26.13 -34.53
CA ALA D 81 48.18 27.06 -35.60
C ALA D 81 47.49 28.30 -35.03
N PHE D 82 46.59 28.11 -34.08
CA PHE D 82 45.88 29.22 -33.44
C PHE D 82 46.74 30.14 -32.60
N ARG D 83 48.00 29.82 -32.38
CA ARG D 83 48.97 30.77 -31.79
C ARG D 83 49.67 31.66 -32.83
N THR D 84 49.27 31.58 -34.09
CA THR D 84 49.90 32.32 -35.19
C THR D 84 48.89 33.15 -35.95
N ARG D 85 49.25 34.36 -36.36
CA ARG D 85 48.35 35.20 -37.19
C ARG D 85 47.81 34.41 -38.38
N GLU D 86 48.67 33.61 -39.03
CA GLU D 86 48.29 32.81 -40.22
C GLU D 86 47.13 31.87 -39.88
N GLY D 87 47.18 31.26 -38.69
CA GLY D 87 46.08 30.44 -38.21
C GLY D 87 44.79 31.22 -37.92
N ARG D 88 44.91 32.34 -37.22
CA ARG D 88 43.75 33.10 -36.76
C ARG D 88 43.01 33.80 -37.90
N LEU D 89 43.74 34.21 -38.91
CA LEU D 89 43.12 34.65 -40.15
C LEU D 89 42.25 33.52 -40.75
N LYS D 90 42.82 32.32 -40.86
CA LYS D 90 42.12 31.23 -41.51
C LYS D 90 40.89 30.84 -40.70
N ALA D 91 40.95 31.05 -39.39
CA ALA D 91 39.84 30.71 -38.47
C ALA D 91 38.68 31.66 -38.64
N ALA D 92 39.00 32.94 -38.43
CA ALA D 92 38.09 34.03 -38.70
C ALA D 92 37.43 33.88 -40.07
N CYS D 93 38.18 33.42 -41.05
CA CYS D 93 37.62 33.26 -42.38
C CYS D 93 36.46 32.26 -42.36
N ASN D 94 36.70 31.10 -41.76
CA ASN D 94 35.69 30.03 -41.70
C ASN D 94 34.40 30.41 -40.94
N LEU D 95 34.56 31.22 -39.91
CA LEU D 95 33.41 31.71 -39.14
C LEU D 95 32.54 32.58 -40.04
N LEU D 96 33.19 33.53 -40.73
CA LEU D 96 32.51 34.38 -41.70
C LEU D 96 31.86 33.59 -42.83
N GLN D 97 32.48 32.50 -43.24
CA GLN D 97 31.85 31.64 -44.25
C GLN D 97 30.48 31.11 -43.83
N ARG D 98 30.25 30.95 -42.52
CA ARG D 98 28.96 30.47 -42.00
C ARG D 98 28.21 31.52 -41.16
N GLY D 99 28.66 32.78 -41.21
CA GLY D 99 28.03 33.87 -40.48
C GLY D 99 28.08 33.74 -38.95
N ILE D 100 28.92 32.85 -38.45
CA ILE D 100 29.10 32.73 -37.00
C ILE D 100 29.91 33.93 -36.50
N THR D 101 29.30 34.78 -35.69
CA THR D 101 30.05 35.79 -34.98
C THR D 101 29.73 35.75 -33.48
N ASN D 102 29.00 34.71 -33.00
CA ASN D 102 28.81 34.46 -31.57
C ASN D 102 29.56 33.18 -31.23
N LEU D 103 30.42 33.27 -30.24
CA LEU D 103 31.35 32.22 -29.93
C LEU D 103 31.32 31.92 -28.44
N CYS D 104 31.11 30.64 -28.12
CA CYS D 104 31.18 30.16 -26.76
C CYS D 104 32.38 29.22 -26.68
N VAL D 105 33.37 29.60 -25.87
CA VAL D 105 34.60 28.84 -25.76
C VAL D 105 34.75 28.20 -24.38
N ILE D 106 34.74 26.87 -24.35
CA ILE D 106 34.85 26.11 -23.11
C ILE D 106 36.26 25.55 -22.98
N GLY D 107 37.07 26.10 -22.06
CA GLY D 107 38.48 25.73 -21.95
C GLY D 107 39.16 26.22 -20.69
N GLY D 108 40.48 26.45 -20.75
CA GLY D 108 41.23 26.91 -19.55
C GLY D 108 41.89 28.26 -19.71
N ASP D 109 42.85 28.54 -18.82
CA ASP D 109 43.65 29.77 -18.89
C ASP D 109 44.13 30.08 -20.34
N GLY D 110 44.65 29.06 -21.04
CA GLY D 110 45.18 29.27 -22.40
C GLY D 110 44.13 29.45 -23.47
N SER D 111 43.11 28.57 -23.43
CA SER D 111 42.00 28.63 -24.38
C SER D 111 41.36 30.00 -24.34
N LEU D 112 41.18 30.50 -23.11
CA LEU D 112 40.56 31.84 -22.94
C LEU D 112 41.49 33.02 -23.26
N THR D 113 42.79 32.88 -22.95
CA THR D 113 43.80 33.82 -23.37
C THR D 113 43.72 33.90 -24.89
N GLY D 114 43.56 32.74 -25.54
CA GLY D 114 43.47 32.66 -26.99
C GLY D 114 42.25 33.40 -27.54
N ALA D 115 41.11 33.23 -26.88
CA ALA D 115 39.87 33.86 -27.33
C ALA D 115 39.90 35.36 -27.07
N ASN D 116 40.56 35.76 -26.00
CA ASN D 116 40.71 37.19 -25.67
C ASN D 116 41.56 37.86 -26.73
N LEU D 117 42.64 37.18 -27.12
CA LEU D 117 43.54 37.68 -28.15
C LEU D 117 42.84 37.76 -29.48
N PHE D 118 42.18 36.66 -29.88
CA PHE D 118 41.38 36.61 -31.12
C PHE D 118 40.39 37.78 -31.18
N ARG D 119 39.69 38.03 -30.08
CA ARG D 119 38.68 39.05 -30.02
C ARG D 119 39.30 40.41 -30.32
N LYS D 120 40.33 40.77 -29.57
CA LYS D 120 41.10 42.02 -29.83
C LYS D 120 41.57 42.16 -31.29
N GLU D 121 42.06 41.05 -31.84
CA GLU D 121 42.57 40.97 -33.22
C GLU D 121 41.48 40.82 -34.29
N TRP D 122 40.22 40.71 -33.90
CA TRP D 122 39.15 40.55 -34.84
C TRP D 122 39.09 41.88 -35.60
N SER D 123 39.21 41.76 -36.90
CA SER D 123 39.70 42.85 -37.82
C SER D 123 41.20 42.53 -38.18
N GLY D 124 41.54 41.27 -37.93
CA GLY D 124 42.32 40.49 -38.88
C GLY D 124 41.49 40.48 -40.15
N LEU D 125 40.17 40.69 -40.02
CA LEU D 125 39.22 40.99 -41.13
C LEU D 125 39.74 42.03 -42.11
N LEU D 126 40.45 43.04 -41.62
CA LEU D 126 40.97 44.07 -42.51
C LEU D 126 42.09 43.49 -43.35
N GLU D 127 42.81 42.51 -42.81
CA GLU D 127 43.75 41.75 -43.64
C GLU D 127 43.00 40.95 -44.70
N GLU D 128 41.86 40.37 -44.33
CA GLU D 128 41.11 39.49 -45.23
C GLU D 128 40.69 40.24 -46.47
N LEU D 129 40.23 41.48 -46.28
CA LEU D 129 39.82 42.34 -47.39
C LEU D 129 41.03 42.73 -48.24
N ALA D 130 42.14 43.10 -47.60
CA ALA D 130 43.37 43.51 -48.29
C ALA D 130 43.90 42.38 -49.19
N ARG D 131 43.41 41.15 -48.96
CA ARG D 131 43.56 40.04 -49.90
C ARG D 131 42.19 39.68 -50.52
N ASN D 132 42.11 38.54 -51.19
CA ASN D 132 40.82 38.07 -51.74
C ASN D 132 39.86 37.57 -50.65
N GLY D 133 40.42 36.97 -49.59
CA GLY D 133 39.64 36.44 -48.46
C GLY D 133 38.15 36.74 -48.50
N GLN D 134 37.77 37.98 -48.20
CA GLN D 134 36.35 38.36 -48.12
C GLN D 134 36.01 39.77 -48.56
N ILE D 135 34.79 39.91 -49.11
CA ILE D 135 34.20 41.18 -49.61
C ILE D 135 34.46 42.36 -48.66
N ASP D 136 34.61 43.55 -49.23
CA ASP D 136 34.96 44.76 -48.47
C ASP D 136 33.84 45.14 -47.50
N LYS D 137 32.61 45.13 -48.00
CA LYS D 137 31.41 45.51 -47.24
C LYS D 137 31.07 44.54 -46.09
N GLU D 138 31.61 43.32 -46.16
CA GLU D 138 31.37 42.27 -45.15
C GLU D 138 32.40 42.35 -44.01
N ALA D 139 33.44 43.17 -44.21
CA ALA D 139 34.34 43.62 -43.13
C ALA D 139 33.65 44.56 -42.13
N VAL D 140 32.48 45.08 -42.53
CA VAL D 140 31.66 45.98 -41.70
C VAL D 140 30.34 45.29 -41.25
N GLN D 141 29.78 44.36 -42.04
CA GLN D 141 28.60 43.62 -41.57
C GLN D 141 29.00 42.74 -40.38
N LYS D 142 30.09 41.99 -40.55
CA LYS D 142 30.52 41.04 -39.55
C LYS D 142 31.66 41.60 -38.70
N TYR D 143 31.67 42.91 -38.51
CA TYR D 143 32.78 43.57 -37.82
C TYR D 143 32.67 43.29 -36.35
N ALA D 144 33.70 43.71 -35.61
CA ALA D 144 33.73 43.73 -34.15
C ALA D 144 32.39 43.46 -33.40
N TYR D 145 31.42 42.88 -34.10
CA TYR D 145 30.37 42.11 -33.48
C TYR D 145 30.84 40.66 -33.49
N LEU D 146 32.14 40.43 -33.25
CA LEU D 146 32.58 39.16 -32.71
C LEU D 146 32.26 39.17 -31.24
N ASN D 147 31.29 38.33 -30.85
CA ASN D 147 30.73 38.32 -29.52
C ASN D 147 31.26 37.05 -28.90
N VAL D 148 32.25 37.20 -28.03
CA VAL D 148 32.87 36.08 -27.36
C VAL D 148 32.33 35.95 -25.95
N VAL D 149 32.03 34.70 -25.53
CA VAL D 149 31.80 34.37 -24.11
C VAL D 149 32.57 33.09 -23.77
N GLY D 150 33.31 33.10 -22.67
CA GLY D 150 34.02 31.92 -22.22
C GLY D 150 33.42 31.27 -20.98
N MET D 151 33.62 29.95 -20.86
CA MET D 151 33.39 29.22 -19.62
C MET D 151 34.64 28.46 -19.37
N VAL D 152 35.05 28.36 -18.10
CA VAL D 152 36.34 27.78 -17.76
C VAL D 152 36.12 26.32 -17.44
N GLY D 153 36.53 25.45 -18.36
CA GLY D 153 36.49 24.00 -18.17
C GLY D 153 37.86 23.47 -17.89
N SER D 154 38.20 23.35 -16.62
CA SER D 154 39.53 22.93 -16.26
C SER D 154 39.59 22.35 -14.86
N ILE D 155 40.25 21.21 -14.74
CA ILE D 155 40.35 20.53 -13.47
C ILE D 155 41.21 21.27 -12.43
N ASP D 156 41.96 22.27 -12.88
CA ASP D 156 43.05 22.88 -12.11
C ASP D 156 42.64 24.00 -11.17
N ASN D 157 41.41 24.46 -11.35
CA ASN D 157 40.95 25.77 -10.84
C ASN D 157 41.88 26.97 -11.13
N ASP D 158 42.52 26.92 -12.31
CA ASP D 158 43.44 27.96 -12.81
C ASP D 158 42.94 29.39 -12.75
N PHE D 159 41.85 29.64 -13.47
CA PHE D 159 41.39 30.99 -13.82
C PHE D 159 41.04 31.86 -12.59
N CYS D 160 41.22 33.18 -12.71
CA CYS D 160 41.13 34.08 -11.57
C CYS D 160 39.72 34.52 -11.28
N GLY D 161 39.01 35.06 -12.25
CA GLY D 161 37.60 35.45 -12.02
C GLY D 161 36.81 34.42 -11.20
N THR D 162 36.64 33.23 -11.78
CA THR D 162 35.83 32.13 -11.23
C THR D 162 36.27 31.62 -9.87
N ASP D 163 35.29 31.35 -9.02
CA ASP D 163 35.52 30.62 -7.76
C ASP D 163 35.82 29.15 -8.07
N MET D 164 35.12 28.60 -9.05
CA MET D 164 35.30 27.20 -9.44
C MET D 164 35.24 26.96 -10.92
N THR D 165 35.92 25.91 -11.32
CA THR D 165 36.03 25.55 -12.72
C THR D 165 35.44 24.18 -12.98
N ILE D 166 34.82 24.03 -14.12
CA ILE D 166 34.19 22.76 -14.49
C ILE D 166 35.29 21.71 -14.67
N GLY D 167 35.19 20.62 -13.91
CA GLY D 167 36.19 19.55 -13.89
C GLY D 167 36.86 19.34 -12.53
N THR D 168 37.15 20.42 -11.81
CA THR D 168 37.79 20.32 -10.51
C THR D 168 37.12 19.30 -9.61
N ASP D 169 35.82 19.47 -9.31
CA ASP D 169 35.19 18.53 -8.32
C ASP D 169 35.41 17.09 -8.80
N SER D 170 35.08 16.82 -10.07
CA SER D 170 35.28 15.51 -10.65
C SER D 170 36.71 15.01 -10.54
N ALA D 171 37.68 15.87 -10.83
CA ALA D 171 39.10 15.44 -10.71
C ALA D 171 39.44 15.09 -9.28
N LEU D 172 38.97 15.92 -8.35
CA LEU D 172 39.18 15.68 -6.93
C LEU D 172 38.54 14.35 -6.51
N HIS D 173 37.40 14.00 -7.10
CA HIS D 173 36.82 12.66 -6.95
C HIS D 173 37.77 11.56 -7.38
N ARG D 174 38.41 11.71 -8.54
CA ARG D 174 39.37 10.68 -9.03
C ARG D 174 40.52 10.54 -8.07
N ILE D 175 41.13 11.67 -7.72
CA ILE D 175 42.23 11.68 -6.79
C ILE D 175 41.86 10.96 -5.49
N ILE D 176 40.74 11.32 -4.88
CA ILE D 176 40.35 10.76 -3.57
C ILE D 176 39.96 9.30 -3.68
N GLU D 177 39.30 8.91 -4.77
CA GLU D 177 39.08 7.50 -5.10
C GLU D 177 40.41 6.70 -5.13
N VAL D 178 41.44 7.24 -5.79
CA VAL D 178 42.77 6.70 -5.74
C VAL D 178 43.31 6.74 -4.31
N VAL D 179 43.25 7.91 -3.67
CA VAL D 179 43.80 8.02 -2.34
C VAL D 179 43.12 7.03 -1.36
N ASP D 180 41.80 6.92 -1.39
CA ASP D 180 41.02 5.96 -0.50
C ASP D 180 41.37 4.50 -0.79
N ALA D 181 41.50 4.17 -2.08
CA ALA D 181 41.89 2.85 -2.52
C ALA D 181 43.29 2.47 -2.00
N ILE D 182 44.21 3.42 -2.09
CA ILE D 182 45.60 3.17 -1.75
C ILE D 182 45.80 3.04 -0.25
N MET D 183 44.91 3.63 0.57
CA MET D 183 45.12 3.62 2.01
C MET D 183 45.03 2.21 2.61
N THR D 184 44.32 1.29 1.96
CA THR D 184 44.24 -0.11 2.41
C THR D 184 45.55 -0.91 2.17
N THR D 185 46.32 -0.53 1.14
CA THR D 185 47.63 -1.15 0.85
C THR D 185 48.81 -0.57 1.68
N ALA D 186 48.60 0.58 2.33
CA ALA D 186 49.52 1.07 3.36
C ALA D 186 49.13 0.41 4.73
N GLN D 187 49.42 -0.87 4.80
CA GLN D 187 49.25 -1.76 5.96
C GLN D 187 50.10 -2.99 5.68
N SER D 188 50.13 -3.42 4.42
CA SER D 188 51.26 -4.21 3.87
C SER D 188 52.55 -3.40 4.01
N HIS D 189 53.11 -3.47 5.22
CA HIS D 189 54.16 -2.56 5.71
C HIS D 189 53.56 -1.18 5.90
N GLN D 190 54.06 -0.46 6.89
CA GLN D 190 53.57 0.90 7.16
C GLN D 190 54.18 1.81 6.09
N ARG D 191 53.59 1.77 4.89
CA ARG D 191 54.19 2.42 3.73
C ARG D 191 53.88 3.92 3.73
N THR D 192 54.78 4.67 3.10
CA THR D 192 54.59 6.09 2.86
C THR D 192 54.33 6.20 1.36
N PHE D 193 53.23 6.85 1.00
CA PHE D 193 52.89 7.04 -0.41
C PHE D 193 52.98 8.51 -0.78
N VAL D 194 53.81 8.81 -1.76
CA VAL D 194 53.93 10.13 -2.35
C VAL D 194 53.08 10.11 -3.61
N LEU D 195 51.99 10.87 -3.62
CA LEU D 195 51.12 10.90 -4.79
C LEU D 195 51.30 12.22 -5.50
N GLU D 196 51.51 12.15 -6.82
CA GLU D 196 51.79 13.35 -7.62
C GLU D 196 50.56 13.76 -8.45
N VAL D 197 49.98 14.89 -8.12
CA VAL D 197 48.69 15.31 -8.69
C VAL D 197 48.91 16.44 -9.66
N MET D 198 47.92 16.68 -10.50
CA MET D 198 48.00 17.76 -11.47
C MET D 198 47.79 19.15 -10.84
N GLY D 199 47.90 20.15 -11.69
CA GLY D 199 48.10 21.53 -11.25
C GLY D 199 49.51 21.87 -11.69
N ARG D 200 49.66 22.19 -12.96
CA ARG D 200 50.98 22.46 -13.51
C ARG D 200 51.53 23.72 -12.81
N HIS D 201 50.80 24.82 -12.84
CA HIS D 201 51.23 26.04 -12.15
C HIS D 201 50.18 26.46 -11.15
N CYS D 202 49.34 25.51 -10.73
CA CYS D 202 48.29 25.81 -9.76
C CYS D 202 48.18 24.76 -8.69
N GLY D 203 48.15 25.21 -7.44
CA GLY D 203 48.17 24.31 -6.29
C GLY D 203 46.82 23.89 -5.73
N TYR D 204 45.74 24.37 -6.33
CA TYR D 204 44.38 24.12 -5.82
C TYR D 204 44.03 22.62 -5.70
N LEU D 205 44.19 21.90 -6.79
CA LEU D 205 43.87 20.47 -6.81
C LEU D 205 44.72 19.72 -5.79
N ALA D 206 45.97 20.15 -5.61
CA ALA D 206 46.85 19.56 -4.60
C ALA D 206 46.35 19.85 -3.19
N LEU D 207 46.03 21.12 -2.95
CA LEU D 207 45.59 21.63 -1.65
C LEU D 207 44.29 20.98 -1.15
N VAL D 208 43.31 20.93 -2.05
CA VAL D 208 41.99 20.37 -1.75
C VAL D 208 42.07 18.85 -1.47
N SER D 209 42.69 18.09 -2.39
CA SER D 209 43.02 16.68 -2.15
C SER D 209 43.61 16.48 -0.76
N ALA D 210 44.68 17.21 -0.47
CA ALA D 210 45.39 17.06 0.78
C ALA D 210 44.42 17.22 1.95
N LEU D 211 43.70 18.33 1.96
CA LEU D 211 42.66 18.62 2.97
C LEU D 211 41.61 17.53 3.06
N ALA D 212 41.16 17.05 1.91
CA ALA D 212 40.06 16.09 1.82
C ALA D 212 40.41 14.73 2.38
N CYS D 213 41.66 14.30 2.20
CA CYS D 213 42.18 13.05 2.77
C CYS D 213 43.11 13.28 3.98
N GLY D 214 43.03 14.45 4.60
CA GLY D 214 43.87 14.77 5.77
C GLY D 214 45.30 14.32 5.58
N ALA D 215 45.94 14.77 4.51
CA ALA D 215 47.27 14.30 4.12
C ALA D 215 48.34 14.85 5.06
N ASP D 216 49.41 14.07 5.20
CA ASP D 216 50.43 14.37 6.18
C ASP D 216 51.30 15.54 5.77
N TRP D 217 51.51 15.68 4.46
CA TRP D 217 52.23 16.83 3.93
C TRP D 217 51.74 17.09 2.51
N VAL D 218 51.81 18.35 2.11
CA VAL D 218 51.40 18.79 0.78
C VAL D 218 52.46 19.77 0.22
N PHE D 219 52.56 19.84 -1.10
CA PHE D 219 53.45 20.79 -1.76
C PHE D 219 52.68 21.57 -2.83
N LEU D 220 52.61 22.88 -2.65
CA LEU D 220 51.98 23.79 -3.61
C LEU D 220 53.02 24.76 -4.15
N PRO D 221 52.91 25.13 -5.45
CA PRO D 221 53.78 26.16 -6.01
C PRO D 221 53.47 27.58 -5.52
N GLU D 222 52.21 27.85 -5.13
CA GLU D 222 51.82 29.18 -4.65
C GLU D 222 52.48 29.46 -3.31
N SER D 223 52.60 28.41 -2.50
CA SER D 223 53.05 28.54 -1.13
C SER D 223 54.08 27.44 -0.86
N PRO D 224 55.37 27.71 -1.18
CA PRO D 224 56.45 26.77 -0.98
C PRO D 224 56.67 26.42 0.49
N PRO D 225 57.53 25.43 0.77
CA PRO D 225 57.74 24.97 2.13
C PRO D 225 58.54 25.91 3.05
N GLU D 226 59.44 26.69 2.47
CA GLU D 226 60.40 27.48 3.22
C GLU D 226 61.46 26.60 3.90
N GLU D 227 62.68 27.16 3.93
CA GLU D 227 63.90 26.45 4.31
C GLU D 227 63.79 25.66 5.62
N GLY D 228 64.35 24.45 5.62
CA GLY D 228 64.35 23.59 6.80
C GLY D 228 63.14 22.65 6.91
N TRP D 229 62.35 22.56 5.84
CA TRP D 229 61.16 21.71 5.83
C TRP D 229 61.54 20.23 5.84
N GLU D 230 62.63 19.89 5.15
CA GLU D 230 63.11 18.51 5.11
C GLU D 230 63.10 17.90 6.50
N GLU D 231 63.74 18.58 7.45
CA GLU D 231 63.73 18.09 8.83
C GLU D 231 62.35 18.19 9.50
N GLN D 232 61.61 19.27 9.27
CA GLN D 232 60.33 19.41 9.94
C GLN D 232 59.34 18.32 9.46
N MET D 233 59.33 18.03 8.16
CA MET D 233 58.50 16.95 7.59
C MET D 233 58.85 15.60 8.23
N CYS D 234 60.14 15.30 8.27
CA CYS D 234 60.61 14.05 8.83
C CYS D 234 60.25 13.92 10.32
N VAL D 235 60.25 15.04 11.05
CA VAL D 235 59.78 15.04 12.44
C VAL D 235 58.32 14.58 12.43
N LYS D 236 57.50 15.22 11.60
CA LYS D 236 56.09 14.83 11.42
C LYS D 236 55.92 13.31 11.19
N LEU D 237 56.66 12.75 10.23
CA LEU D 237 56.47 11.33 9.86
C LEU D 237 56.98 10.34 10.90
N SER D 238 57.92 10.76 11.76
CA SER D 238 58.37 9.90 12.87
C SER D 238 57.43 10.04 14.08
N GLU D 239 56.98 11.27 14.32
CA GLU D 239 55.93 11.53 15.29
C GLU D 239 54.69 10.68 14.96
N ASN D 240 54.40 10.51 13.67
CA ASN D 240 53.28 9.66 13.22
C ASN D 240 53.45 8.15 13.48
N ARG D 241 54.69 7.65 13.49
CA ARG D 241 54.89 6.25 13.88
C ARG D 241 54.78 6.12 15.40
N ALA D 242 55.13 7.18 16.12
CA ALA D 242 54.95 7.25 17.59
C ALA D 242 53.47 7.31 17.98
N ARG D 243 52.67 8.02 17.18
CA ARG D 243 51.20 8.01 17.34
C ARG D 243 50.62 6.64 16.88
N LYS D 244 51.46 5.80 16.26
CA LYS D 244 51.10 4.46 15.76
C LYS D 244 50.28 4.49 14.46
N LYS D 245 50.40 5.58 13.71
CA LYS D 245 49.70 5.68 12.42
C LYS D 245 50.34 4.68 11.44
N ARG D 246 49.54 3.81 10.83
CA ARG D 246 50.07 2.71 10.00
C ARG D 246 50.39 3.09 8.55
N LEU D 247 50.35 4.39 8.25
CA LEU D 247 50.81 4.89 6.94
C LEU D 247 51.19 6.37 6.97
N ASN D 248 51.62 6.86 5.80
CA ASN D 248 51.75 8.28 5.57
C ASN D 248 51.32 8.60 4.15
N ILE D 249 50.70 9.75 3.96
CA ILE D 249 50.31 10.14 2.63
C ILE D 249 50.75 11.55 2.33
N ILE D 250 51.58 11.69 1.30
CA ILE D 250 52.18 12.98 0.89
C ILE D 250 51.74 13.35 -0.53
N ILE D 251 51.10 14.53 -0.63
CA ILE D 251 50.51 15.00 -1.88
C ILE D 251 51.43 16.04 -2.49
N VAL D 252 51.85 15.79 -3.73
CA VAL D 252 52.81 16.66 -4.41
C VAL D 252 52.21 17.14 -5.73
N ALA D 253 51.94 18.43 -5.83
CA ALA D 253 51.62 19.03 -7.13
C ALA D 253 52.73 18.76 -8.17
N GLU D 254 52.34 18.48 -9.40
CA GLU D 254 53.28 18.43 -10.51
C GLU D 254 54.31 19.56 -10.39
N GLY D 255 53.83 20.80 -10.27
CA GLY D 255 54.71 21.97 -10.31
C GLY D 255 55.10 22.52 -8.97
N ALA D 256 55.37 21.64 -8.02
CA ALA D 256 55.80 22.09 -6.69
C ALA D 256 57.19 22.70 -6.80
N ILE D 257 57.47 23.69 -5.95
CA ILE D 257 58.78 24.37 -5.93
C ILE D 257 59.14 24.83 -4.52
N ASP D 258 60.44 24.97 -4.25
CA ASP D 258 60.91 25.62 -3.01
C ASP D 258 60.94 27.15 -3.20
N THR D 259 61.49 27.88 -2.22
CA THR D 259 61.49 29.36 -2.27
C THR D 259 62.42 29.95 -3.33
N GLN D 260 63.11 29.10 -4.08
CA GLN D 260 64.01 29.54 -5.14
C GLN D 260 63.47 29.20 -6.55
N ASN D 261 62.24 28.71 -6.62
CA ASN D 261 61.64 28.22 -7.86
C ASN D 261 62.30 26.97 -8.43
N LYS D 262 62.81 26.11 -7.55
CA LYS D 262 63.39 24.82 -7.98
C LYS D 262 62.38 23.67 -7.76
N PRO D 263 62.18 22.82 -8.78
CA PRO D 263 61.29 21.66 -8.69
C PRO D 263 61.51 20.77 -7.47
N ILE D 264 60.43 20.54 -6.72
CA ILE D 264 60.45 19.48 -5.71
C ILE D 264 59.71 18.35 -6.38
N THR D 265 60.45 17.33 -6.79
CA THR D 265 59.88 16.21 -7.50
C THR D 265 59.45 15.11 -6.48
N SER D 266 58.45 14.31 -6.85
CA SER D 266 57.98 13.23 -5.97
C SER D 266 59.06 12.16 -5.77
N GLU D 267 59.90 11.94 -6.80
CA GLU D 267 61.06 11.02 -6.68
C GLU D 267 62.14 11.59 -5.73
N LYS D 268 62.18 12.92 -5.61
CA LYS D 268 63.04 13.65 -4.67
C LYS D 268 62.58 13.43 -3.21
N ILE D 269 61.27 13.48 -3.00
CA ILE D 269 60.66 13.30 -1.69
C ILE D 269 60.90 11.89 -1.17
N LYS D 270 60.82 10.92 -2.06
CA LYS D 270 60.99 9.51 -1.70
C LYS D 270 62.40 9.26 -1.22
N GLU D 271 63.37 9.79 -1.96
CA GLU D 271 64.75 9.64 -1.60
C GLU D 271 64.99 10.28 -0.22
N LEU D 272 64.39 11.45 0.04
CA LEU D 272 64.49 12.09 1.37
C LEU D 272 63.93 11.19 2.50
N VAL D 273 62.73 10.63 2.28
CA VAL D 273 62.08 9.76 3.28
C VAL D 273 62.79 8.41 3.44
N VAL D 274 63.12 7.75 2.32
CA VAL D 274 63.84 6.45 2.35
C VAL D 274 65.20 6.63 3.05
N THR D 275 65.84 7.77 2.77
CA THR D 275 67.16 8.08 3.34
C THR D 275 67.09 8.37 4.86
N GLN D 276 66.43 9.46 5.24
CA GLN D 276 66.44 9.95 6.61
C GLN D 276 65.74 9.04 7.62
N LEU D 277 64.67 8.36 7.20
CA LEU D 277 63.81 7.56 8.09
C LEU D 277 63.82 6.06 7.80
N GLY D 278 64.03 5.70 6.54
CA GLY D 278 64.09 4.30 6.13
C GLY D 278 62.74 3.62 6.10
N TYR D 279 61.68 4.40 5.95
CA TYR D 279 60.33 3.83 5.77
C TYR D 279 60.17 3.35 4.33
N ASP D 280 59.39 2.29 4.16
CA ASP D 280 59.13 1.72 2.85
C ASP D 280 58.23 2.69 2.11
N THR D 281 58.66 3.11 0.92
CA THR D 281 58.06 4.27 0.24
C THR D 281 57.83 4.09 -1.26
N ARG D 282 56.60 4.34 -1.69
CA ARG D 282 56.26 4.31 -3.09
C ARG D 282 55.74 5.66 -3.54
N VAL D 283 55.76 5.84 -4.86
CA VAL D 283 55.38 7.05 -5.55
C VAL D 283 54.43 6.65 -6.66
N THR D 284 53.27 7.28 -6.69
CA THR D 284 52.27 7.02 -7.70
C THR D 284 52.13 8.33 -8.46
N ILE D 285 52.33 8.30 -9.76
CA ILE D 285 52.02 9.45 -10.61
C ILE D 285 50.66 9.18 -11.23
N LEU D 286 49.64 9.88 -10.73
CA LEU D 286 48.24 9.61 -11.11
C LEU D 286 48.04 9.85 -12.61
N GLY D 287 48.44 11.03 -13.07
CA GLY D 287 48.40 11.31 -14.50
C GLY D 287 46.99 11.49 -14.97
N HIS D 288 46.69 11.01 -16.17
CA HIS D 288 45.44 11.39 -16.85
C HIS D 288 44.13 10.78 -16.33
N VAL D 289 44.23 9.82 -15.42
CA VAL D 289 43.04 9.36 -14.67
C VAL D 289 42.25 10.58 -14.19
N GLN D 290 42.98 11.61 -13.77
CA GLN D 290 42.36 12.78 -13.14
C GLN D 290 41.50 13.60 -14.06
N ARG D 291 41.70 13.45 -15.37
CA ARG D 291 40.86 14.11 -16.36
C ARG D 291 39.70 13.21 -16.75
N GLY D 292 39.74 11.98 -16.30
CA GLY D 292 38.81 10.96 -16.78
C GLY D 292 37.74 10.58 -15.79
N GLY D 293 37.07 9.48 -16.09
CA GLY D 293 35.92 9.05 -15.32
C GLY D 293 34.66 9.85 -15.65
N THR D 294 33.69 9.79 -14.78
CA THR D 294 32.38 10.38 -15.03
C THR D 294 32.15 11.67 -14.22
N PRO D 295 31.49 12.66 -14.83
CA PRO D 295 31.30 13.94 -14.15
C PRO D 295 30.47 13.91 -12.87
N SER D 296 31.06 14.35 -11.75
CA SER D 296 30.35 14.50 -10.48
C SER D 296 29.03 15.28 -10.66
N ALA D 297 28.14 15.16 -9.67
CA ALA D 297 26.89 15.88 -9.72
C ALA D 297 27.18 17.39 -9.68
N PHE D 298 28.11 17.82 -8.85
CA PHE D 298 28.45 19.23 -8.81
C PHE D 298 28.89 19.71 -10.21
N ASP D 299 29.83 19.05 -10.89
CA ASP D 299 30.25 19.56 -12.21
C ASP D 299 29.07 19.52 -13.22
N ARG D 300 28.27 18.46 -13.21
CA ARG D 300 27.13 18.40 -14.12
C ARG D 300 26.24 19.63 -13.96
N ILE D 301 25.97 19.97 -12.71
CA ILE D 301 25.03 21.03 -12.38
C ILE D 301 25.69 22.36 -12.73
N LEU D 302 26.93 22.51 -12.26
CA LEU D 302 27.72 23.71 -12.48
C LEU D 302 27.84 24.02 -13.98
N ALA D 303 28.26 23.01 -14.74
CA ALA D 303 28.41 23.14 -16.19
C ALA D 303 27.07 23.44 -16.83
N SER D 304 26.03 22.77 -16.35
CA SER D 304 24.68 23.04 -16.86
C SER D 304 24.22 24.50 -16.61
N ARG D 305 24.48 25.05 -15.42
CA ARG D 305 24.09 26.44 -15.10
C ARG D 305 24.83 27.47 -15.94
N MET D 306 26.08 27.18 -16.31
CA MET D 306 26.90 28.13 -17.03
C MET D 306 26.84 27.98 -18.54
N GLY D 307 26.50 26.79 -19.01
CA GLY D 307 26.09 26.63 -20.41
C GLY D 307 24.94 27.58 -20.69
N VAL D 308 24.01 27.68 -19.74
CA VAL D 308 22.78 28.45 -19.92
C VAL D 308 23.04 29.94 -19.84
N GLU D 309 23.78 30.36 -18.82
CA GLU D 309 24.11 31.77 -18.64
C GLU D 309 24.89 32.28 -19.85
N ALA D 310 25.76 31.41 -20.37
CA ALA D 310 26.60 31.76 -21.50
C ALA D 310 25.73 32.12 -22.69
N VAL D 311 24.72 31.32 -22.95
CA VAL D 311 23.86 31.61 -24.06
C VAL D 311 23.12 32.94 -23.85
N ILE D 312 22.61 33.18 -22.65
CA ILE D 312 22.00 34.47 -22.32
C ILE D 312 23.01 35.60 -22.54
N ALA D 313 24.22 35.42 -22.03
CA ALA D 313 25.26 36.47 -22.13
C ALA D 313 25.53 36.86 -23.59
N LEU D 314 25.65 35.86 -24.47
CA LEU D 314 25.80 36.10 -25.92
C LEU D 314 24.63 36.88 -26.55
N LEU D 315 23.39 36.52 -26.26
CA LEU D 315 22.27 37.20 -26.91
C LEU D 315 22.01 38.58 -26.34
N GLU D 316 22.15 38.71 -25.02
CA GLU D 316 22.15 40.04 -24.40
C GLU D 316 23.30 40.97 -24.82
N ALA D 317 24.43 40.44 -25.29
CA ALA D 317 25.55 41.29 -25.63
C ALA D 317 25.28 42.18 -26.84
N THR D 318 25.99 43.31 -26.86
CA THR D 318 25.97 44.32 -27.93
C THR D 318 27.43 44.66 -28.27
N PRO D 319 27.67 45.33 -29.43
CA PRO D 319 29.06 45.68 -29.79
C PRO D 319 29.82 46.48 -28.72
N ASP D 320 29.09 47.17 -27.86
CA ASP D 320 29.68 47.81 -26.69
C ASP D 320 30.16 46.81 -25.64
N THR D 321 29.37 45.80 -25.33
CA THR D 321 29.67 44.92 -24.20
C THR D 321 30.97 44.10 -24.42
N PRO D 322 31.90 44.17 -23.46
CA PRO D 322 33.15 43.41 -23.67
C PRO D 322 32.96 41.89 -23.57
N ALA D 323 33.83 41.11 -24.21
CA ALA D 323 33.86 39.67 -24.01
C ALA D 323 33.97 39.37 -22.54
N CYS D 324 33.20 38.37 -22.10
CA CYS D 324 33.15 38.04 -20.68
C CYS D 324 33.37 36.57 -20.48
N VAL D 325 33.48 36.21 -19.20
CA VAL D 325 33.66 34.82 -18.78
C VAL D 325 32.60 34.54 -17.76
N VAL D 326 31.79 33.51 -18.03
CA VAL D 326 30.67 33.13 -17.17
C VAL D 326 31.23 32.37 -15.97
N SER D 327 30.75 32.75 -14.81
CA SER D 327 31.27 32.28 -13.56
C SER D 327 30.15 32.16 -12.52
N LEU D 328 30.26 31.17 -11.64
CA LEU D 328 29.48 31.15 -10.39
C LEU D 328 30.35 31.64 -9.23
N ASN D 329 30.08 32.86 -8.80
CA ASN D 329 30.70 33.38 -7.63
C ASN D 329 29.64 33.53 -6.62
N GLY D 330 29.86 32.90 -5.47
CA GLY D 330 28.88 32.93 -4.42
C GLY D 330 27.53 32.38 -4.85
N ASN D 331 27.56 31.29 -5.60
CA ASN D 331 26.34 30.60 -6.02
C ASN D 331 25.36 31.47 -6.82
N HIS D 332 25.89 32.51 -7.45
CA HIS D 332 25.12 33.38 -8.33
C HIS D 332 25.94 33.53 -9.60
N ALA D 333 25.29 33.38 -10.75
CA ALA D 333 26.00 33.43 -12.02
C ALA D 333 26.32 34.85 -12.37
N VAL D 334 27.60 35.12 -12.60
CA VAL D 334 28.04 36.45 -12.95
C VAL D 334 28.82 36.47 -14.26
N ARG D 335 28.85 37.64 -14.92
CA ARG D 335 29.71 37.90 -16.09
C ARG D 335 30.91 38.75 -15.69
N LEU D 336 32.10 38.33 -16.11
CA LEU D 336 33.33 38.98 -15.71
C LEU D 336 34.09 39.34 -16.93
N PRO D 337 34.72 40.54 -16.94
CA PRO D 337 35.35 40.91 -18.20
C PRO D 337 36.49 39.94 -18.46
N LEU D 338 36.59 39.48 -19.71
CA LEU D 338 37.51 38.40 -20.10
C LEU D 338 38.98 38.82 -20.02
N MET D 339 39.25 40.04 -20.50
CA MET D 339 40.58 40.62 -20.51
C MET D 339 41.17 40.61 -19.12
N GLU D 340 40.47 41.25 -18.18
CA GLU D 340 40.96 41.42 -16.81
C GLU D 340 41.26 40.09 -16.11
N CYS D 341 40.45 39.07 -16.35
CA CYS D 341 40.65 37.77 -15.72
C CYS D 341 41.87 37.03 -16.28
N VAL D 342 42.10 37.17 -17.58
CA VAL D 342 43.26 36.58 -18.23
C VAL D 342 44.51 37.25 -17.72
N GLN D 343 44.45 38.57 -17.67
CA GLN D 343 45.50 39.38 -17.05
C GLN D 343 45.81 38.84 -15.67
N MET D 344 44.87 38.96 -14.75
CA MET D 344 45.05 38.54 -13.34
C MET D 344 45.71 37.17 -13.21
N THR D 345 45.40 36.23 -14.10
CA THR D 345 45.90 34.84 -13.97
C THR D 345 47.39 34.75 -14.30
N GLN D 346 47.83 35.52 -15.31
CA GLN D 346 49.25 35.65 -15.61
C GLN D 346 49.97 36.30 -14.45
N ASP D 347 49.41 37.39 -13.95
CA ASP D 347 49.91 38.07 -12.75
C ASP D 347 50.31 37.08 -11.66
N VAL D 348 49.53 36.03 -11.49
CA VAL D 348 49.81 35.02 -10.46
C VAL D 348 51.08 34.25 -10.81
N GLN D 349 51.28 33.97 -12.09
CA GLN D 349 52.52 33.33 -12.53
C GLN D 349 53.69 34.29 -12.30
N LYS D 350 53.49 35.55 -12.66
CA LYS D 350 54.48 36.59 -12.46
C LYS D 350 54.84 36.75 -10.98
N ALA D 351 53.88 36.65 -10.07
CA ALA D 351 54.17 36.71 -8.63
C ALA D 351 55.05 35.53 -8.15
N MET D 352 54.73 34.32 -8.59
CA MET D 352 55.56 33.17 -8.22
C MET D 352 56.94 33.30 -8.85
N ASP D 353 56.97 33.62 -10.15
CA ASP D 353 58.24 33.79 -10.88
C ASP D 353 59.15 34.75 -10.13
N GLU D 354 58.58 35.84 -9.60
CA GLU D 354 59.34 36.84 -8.90
C GLU D 354 59.47 36.55 -7.38
N ARG D 355 59.41 35.29 -7.00
CA ARG D 355 59.48 34.89 -5.59
C ARG D 355 58.57 35.71 -4.63
N ARG D 356 57.42 36.16 -5.11
CA ARG D 356 56.47 36.91 -4.28
C ARG D 356 55.27 36.01 -3.92
N PHE D 357 55.45 35.15 -2.94
CA PHE D 357 54.55 34.01 -2.73
C PHE D 357 53.21 34.31 -2.03
N GLN D 358 53.22 35.17 -1.02
CA GLN D 358 51.95 35.58 -0.42
C GLN D 358 51.10 36.32 -1.43
N ASP D 359 51.76 37.06 -2.33
CA ASP D 359 51.05 37.71 -3.44
C ASP D 359 50.38 36.71 -4.40
N ALA D 360 51.00 35.56 -4.65
CA ALA D 360 50.39 34.58 -5.54
C ALA D 360 49.12 34.06 -4.89
N VAL D 361 49.24 33.77 -3.60
CA VAL D 361 48.13 33.24 -2.78
C VAL D 361 46.99 34.25 -2.65
N ARG D 362 47.34 35.51 -2.43
CA ARG D 362 46.33 36.55 -2.30
C ARG D 362 45.59 36.73 -3.64
N LEU D 363 46.33 36.69 -4.73
CA LEU D 363 45.74 36.81 -6.05
C LEU D 363 44.91 35.62 -6.47
N ARG D 364 45.11 34.47 -5.83
CA ARG D 364 44.33 33.25 -6.15
C ARG D 364 42.87 33.37 -5.75
N GLY D 365 42.61 34.24 -4.79
CA GLY D 365 41.27 34.38 -4.24
C GLY D 365 41.32 34.00 -2.76
N ARG D 366 40.29 34.37 -2.03
CA ARG D 366 40.25 34.15 -0.59
C ARG D 366 39.99 32.68 -0.31
N SER D 367 39.12 32.09 -1.11
CA SER D 367 38.91 30.63 -1.07
C SER D 367 40.24 29.87 -0.92
N PHE D 368 41.14 30.04 -1.88
CA PHE D 368 42.43 29.38 -1.84
C PHE D 368 43.04 29.49 -0.43
N ALA D 369 43.12 30.71 0.08
CA ALA D 369 43.77 30.98 1.38
C ALA D 369 43.03 30.37 2.59
N GLY D 370 41.71 30.26 2.49
CA GLY D 370 40.93 29.55 3.50
C GLY D 370 41.28 28.06 3.58
N ASN D 371 41.38 27.40 2.43
CA ASN D 371 41.83 26.01 2.38
C ASN D 371 43.23 25.82 2.96
N LEU D 372 44.14 26.67 2.53
CA LEU D 372 45.52 26.56 2.95
C LEU D 372 45.61 26.76 4.45
N ASN D 373 44.97 27.81 4.97
CA ASN D 373 45.08 28.10 6.37
C ASN D 373 44.49 26.97 7.20
N THR D 374 43.24 26.62 6.92
CA THR D 374 42.58 25.46 7.53
C THR D 374 43.46 24.19 7.50
N TYR D 375 44.04 23.85 6.33
CA TYR D 375 44.85 22.63 6.22
C TYR D 375 46.01 22.60 7.24
N LYS D 376 46.85 23.66 7.23
CA LYS D 376 47.97 23.83 8.18
C LYS D 376 47.55 23.58 9.62
N ARG D 377 46.46 24.23 10.02
CA ARG D 377 45.95 24.20 11.38
C ARG D 377 45.67 22.80 11.88
N LEU D 378 45.19 21.93 11.01
CA LEU D 378 44.82 20.57 11.36
C LEU D 378 45.91 19.54 11.05
N ALA D 379 46.94 19.95 10.32
CA ALA D 379 48.04 19.04 9.93
C ALA D 379 49.30 19.17 10.81
N ILE D 380 49.62 20.40 11.24
CA ILE D 380 50.78 20.70 12.08
C ILE D 380 50.36 21.16 13.49
N LYS D 381 50.83 20.44 14.50
CA LYS D 381 50.44 20.68 15.87
C LYS D 381 51.56 21.33 16.64
N LEU D 382 51.36 22.57 17.06
CA LEU D 382 52.35 23.21 17.92
C LEU D 382 52.49 22.40 19.20
N PRO D 383 53.74 22.21 19.68
CA PRO D 383 53.92 21.50 20.96
C PRO D 383 53.18 22.19 22.13
N ASP D 384 52.66 21.40 23.07
CA ASP D 384 51.79 21.94 24.12
C ASP D 384 52.36 23.22 24.73
N ASP D 385 53.68 23.22 24.95
CA ASP D 385 54.47 24.39 25.39
C ASP D 385 54.02 25.72 24.80
N GLN D 386 53.74 25.73 23.50
CA GLN D 386 53.46 26.97 22.73
C GLN D 386 51.96 27.29 22.55
N ILE D 387 51.07 26.42 23.05
CA ILE D 387 49.61 26.66 22.97
C ILE D 387 49.06 26.76 24.39
N PRO D 388 49.09 27.98 24.95
CA PRO D 388 48.82 28.20 26.39
C PRO D 388 47.32 28.16 26.75
N LYS D 389 46.72 29.35 26.84
CA LYS D 389 45.30 29.56 26.59
C LYS D 389 44.38 29.10 27.71
N THR D 390 43.14 29.61 27.58
CA THR D 390 42.01 29.40 28.48
C THR D 390 41.93 28.04 29.14
N ASN D 391 41.31 28.03 30.31
CA ASN D 391 40.90 26.80 30.95
C ASN D 391 39.46 26.46 30.55
N CYS D 392 39.10 26.76 29.29
CA CYS D 392 37.74 26.55 28.80
C CYS D 392 37.57 25.12 28.32
N ASN D 393 36.42 24.52 28.61
CA ASN D 393 36.06 23.21 28.07
C ASN D 393 34.91 23.36 27.07
N VAL D 394 35.16 22.93 25.82
CA VAL D 394 34.18 23.03 24.74
C VAL D 394 33.73 21.62 24.32
N ALA D 395 32.43 21.44 24.17
CA ALA D 395 31.88 20.15 23.81
C ALA D 395 31.57 20.07 22.32
N VAL D 396 31.64 18.87 21.76
CA VAL D 396 31.24 18.62 20.37
C VAL D 396 30.29 17.43 20.33
N ILE D 397 29.17 17.62 19.64
CA ILE D 397 28.08 16.63 19.61
C ILE D 397 27.54 16.40 18.20
N ASN D 398 26.95 15.23 17.94
CA ASN D 398 26.26 14.99 16.68
C ASN D 398 24.75 14.78 16.88
N VAL D 399 23.93 15.61 16.24
CA VAL D 399 22.46 15.54 16.39
C VAL D 399 21.75 15.47 15.04
N GLY D 400 20.77 14.60 14.95
CA GLY D 400 20.08 14.36 13.68
C GLY D 400 20.42 12.98 13.22
N ALA D 401 20.01 12.64 12.00
CA ALA D 401 20.36 11.36 11.42
C ALA D 401 21.74 11.50 10.84
N PRO D 402 22.49 10.39 10.73
CA PRO D 402 23.85 10.41 10.17
C PRO D 402 23.91 11.12 8.85
N ALA D 403 24.97 11.89 8.66
CA ALA D 403 25.26 12.54 7.39
C ALA D 403 26.74 12.37 7.10
N ALA D 404 27.06 12.05 5.84
CA ALA D 404 28.44 11.89 5.42
C ALA D 404 29.15 13.22 5.65
N GLY D 405 30.29 13.17 6.33
CA GLY D 405 31.09 14.38 6.61
C GLY D 405 31.09 14.80 8.07
N MET D 406 30.06 14.38 8.83
CA MET D 406 30.01 14.61 10.30
C MET D 406 31.35 14.35 10.99
N ASN D 407 31.99 13.25 10.62
CA ASN D 407 33.27 12.88 11.21
C ASN D 407 34.37 13.90 10.89
N ALA D 408 34.52 14.20 9.61
CA ALA D 408 35.48 15.19 9.19
C ALA D 408 35.28 16.42 10.07
N ALA D 409 34.02 16.84 10.18
CA ALA D 409 33.64 18.03 10.95
C ALA D 409 34.12 17.93 12.40
N VAL D 410 33.91 16.78 13.02
CA VAL D 410 34.31 16.61 14.41
C VAL D 410 35.82 16.78 14.55
N ARG D 411 36.57 16.06 13.72
CA ARG D 411 38.03 16.14 13.73
C ARG D 411 38.54 17.58 13.65
N SER D 412 37.91 18.37 12.79
CA SER D 412 38.28 19.77 12.59
C SER D 412 38.01 20.57 13.86
N ALA D 413 36.79 20.49 14.36
CA ALA D 413 36.43 21.21 15.58
C ALA D 413 37.43 20.92 16.69
N VAL D 414 37.78 19.66 16.86
CA VAL D 414 38.61 19.22 17.97
C VAL D 414 40.00 19.86 17.87
N ARG D 415 40.64 19.69 16.71
CA ARG D 415 42.01 20.15 16.50
C ARG D 415 42.14 21.67 16.57
N VAL D 416 41.17 22.39 16.03
CA VAL D 416 41.15 23.85 16.11
C VAL D 416 40.95 24.33 17.55
N GLY D 417 40.22 23.55 18.34
CA GLY D 417 39.92 23.91 19.73
C GLY D 417 41.14 23.68 20.60
N ILE D 418 41.77 22.53 20.38
CA ILE D 418 43.03 22.18 21.02
C ILE D 418 44.11 23.17 20.58
N ALA D 419 44.24 23.37 19.27
CA ALA D 419 45.12 24.41 18.74
C ALA D 419 44.89 25.77 19.41
N ASP D 420 43.62 26.15 19.62
CA ASP D 420 43.24 27.39 20.35
C ASP D 420 43.37 27.28 21.89
N GLY D 421 43.83 26.12 22.36
CA GLY D 421 44.16 25.88 23.76
C GLY D 421 42.95 25.64 24.65
N HIS D 422 41.90 25.10 24.05
CA HIS D 422 40.78 24.65 24.82
C HIS D 422 41.01 23.19 25.15
N ARG D 423 40.07 22.65 25.91
CA ARG D 423 40.05 21.29 26.25
C ARG D 423 38.77 20.82 25.62
N MET D 424 38.84 19.73 24.85
CA MET D 424 37.72 19.30 24.02
C MET D 424 37.03 18.09 24.62
N LEU D 425 35.72 18.22 24.81
CA LEU D 425 34.89 17.14 25.29
C LEU D 425 34.05 16.60 24.13
N ALA D 426 34.08 15.28 23.90
CA ALA D 426 33.27 14.69 22.88
C ALA D 426 32.07 14.11 23.59
N ILE D 427 30.88 14.48 23.13
CA ILE D 427 29.61 13.93 23.66
C ILE D 427 29.12 12.87 22.67
N TYR D 428 28.73 11.72 23.19
CA TYR D 428 28.31 10.58 22.37
C TYR D 428 26.79 10.52 22.21
N ASP D 429 26.34 9.85 21.14
CA ASP D 429 24.91 9.62 20.85
C ASP D 429 23.96 10.83 21.00
N GLY D 430 24.38 12.00 20.54
CA GLY D 430 23.49 13.17 20.54
C GLY D 430 22.97 13.52 21.92
N PHE D 431 21.72 13.97 22.00
CA PHE D 431 21.18 14.42 23.29
C PHE D 431 20.80 13.26 24.22
N ASP D 432 20.62 12.08 23.63
CA ASP D 432 20.53 10.84 24.41
C ASP D 432 21.76 10.77 25.33
N GLY D 433 22.94 10.67 24.74
CA GLY D 433 24.16 10.45 25.51
C GLY D 433 24.45 11.61 26.40
N PHE D 434 24.05 12.79 25.95
CA PHE D 434 24.20 14.01 26.74
C PHE D 434 23.41 13.79 28.03
N ALA D 435 22.09 13.61 27.91
CA ALA D 435 21.22 13.41 29.07
C ALA D 435 21.76 12.35 30.05
N LYS D 436 22.30 11.27 29.50
CA LYS D 436 22.91 10.17 30.28
C LYS D 436 24.42 10.37 30.62
N GLY D 437 24.96 11.53 30.33
CA GLY D 437 26.34 11.84 30.69
C GLY D 437 27.45 11.09 29.97
N GLN D 438 27.17 10.59 28.76
CA GLN D 438 28.20 10.03 27.86
C GLN D 438 29.19 11.06 27.28
N ILE D 439 30.06 11.56 28.15
CA ILE D 439 30.97 12.65 27.83
C ILE D 439 32.40 12.20 28.14
N LYS D 440 33.35 12.50 27.27
CA LYS D 440 34.75 12.20 27.54
C LYS D 440 35.68 13.21 26.84
N GLU D 441 36.83 13.49 27.47
CA GLU D 441 37.82 14.40 26.90
C GLU D 441 38.36 13.76 25.63
N ILE D 442 38.64 14.58 24.61
CA ILE D 442 39.10 14.08 23.30
C ILE D 442 40.24 14.94 22.75
N GLY D 443 41.27 14.26 22.25
CA GLY D 443 42.50 14.94 21.83
C GLY D 443 42.75 14.93 20.35
N TRP D 444 43.96 15.36 20.00
CA TRP D 444 44.39 15.50 18.61
C TRP D 444 44.46 14.18 17.87
N THR D 445 45.15 13.20 18.47
CA THR D 445 45.32 11.87 17.85
C THR D 445 44.01 11.08 17.82
N ASP D 446 43.10 11.34 18.76
CA ASP D 446 41.84 10.60 18.82
C ASP D 446 41.01 10.74 17.54
N VAL D 447 41.22 11.83 16.78
CA VAL D 447 40.42 12.12 15.61
C VAL D 447 41.17 11.94 14.30
N GLY D 448 42.35 11.35 14.38
CA GLY D 448 43.17 11.10 13.18
C GLY D 448 42.53 10.05 12.28
N GLY D 449 42.57 10.29 10.98
CA GLY D 449 42.03 9.37 9.96
C GLY D 449 40.52 9.42 9.78
N TRP D 450 39.89 10.43 10.37
CA TRP D 450 38.42 10.56 10.31
C TRP D 450 37.92 11.27 9.06
N THR D 451 38.79 12.05 8.42
CA THR D 451 38.39 13.00 7.37
C THR D 451 37.50 12.36 6.30
N GLY D 452 37.71 11.07 6.01
CA GLY D 452 36.90 10.33 5.04
C GLY D 452 36.04 9.20 5.61
N GLN D 453 35.64 9.29 6.88
CA GLN D 453 34.76 8.27 7.48
C GLN D 453 33.30 8.65 7.34
N GLY D 454 32.55 7.78 6.68
CA GLY D 454 31.09 7.92 6.60
C GLY D 454 30.45 7.75 7.95
N GLY D 455 29.17 8.09 8.02
CA GLY D 455 28.47 8.05 9.28
C GLY D 455 29.06 8.93 10.36
N SER D 456 28.74 8.61 11.62
CA SER D 456 29.11 9.37 12.80
C SER D 456 29.71 8.43 13.84
N ILE D 457 30.97 8.66 14.18
CA ILE D 457 31.69 7.82 15.11
C ILE D 457 31.29 8.15 16.55
N LEU D 458 31.13 9.43 16.87
CA LEU D 458 30.58 9.81 18.19
C LEU D 458 29.15 9.29 18.36
N GLY D 459 28.40 9.25 17.28
CA GLY D 459 27.06 8.74 17.33
C GLY D 459 26.04 9.87 17.32
N THR D 460 24.95 9.66 16.58
CA THR D 460 23.88 10.65 16.42
C THR D 460 22.51 10.06 16.76
N LYS D 461 21.69 10.88 17.39
CA LYS D 461 20.27 10.62 17.61
C LYS D 461 19.42 11.86 17.28
N ARG D 462 18.23 11.63 16.70
CA ARG D 462 17.26 12.69 16.40
C ARG D 462 16.59 13.24 17.65
N VAL D 463 16.66 12.52 18.77
CA VAL D 463 15.92 12.92 19.98
C VAL D 463 16.34 14.32 20.41
N LEU D 464 15.32 15.11 20.77
CA LEU D 464 15.49 16.50 21.15
C LEU D 464 15.69 16.62 22.65
N PRO D 465 16.32 17.74 23.12
CA PRO D 465 16.69 17.87 24.54
C PRO D 465 15.56 18.28 25.48
N GLY D 466 14.37 18.56 24.95
CA GLY D 466 13.30 19.22 25.72
C GLY D 466 12.86 18.57 27.02
N LYS D 467 12.97 17.25 27.07
CA LYS D 467 12.49 16.49 28.21
C LYS D 467 13.64 16.07 29.10
N TYR D 468 14.85 16.54 28.79
CA TYR D 468 16.06 16.17 29.51
C TYR D 468 16.89 17.39 29.83
N LEU D 469 16.23 18.54 29.94
CA LEU D 469 16.89 19.81 30.26
C LEU D 469 17.60 19.78 31.61
N GLU D 470 16.92 19.21 32.59
CA GLU D 470 17.46 19.13 33.94
C GLU D 470 18.72 18.28 33.97
N GLU D 471 18.66 17.16 33.26
CA GLU D 471 19.76 16.19 33.24
C GLU D 471 20.93 16.75 32.45
N ILE D 472 20.61 17.30 31.29
CA ILE D 472 21.62 17.88 30.41
C ILE D 472 22.33 19.04 31.11
N ALA D 473 21.55 19.94 31.70
CA ALA D 473 22.12 21.02 32.51
C ALA D 473 23.03 20.46 33.62
N THR D 474 22.63 19.33 34.23
CA THR D 474 23.45 18.68 35.24
C THR D 474 24.81 18.29 34.68
N GLN D 475 24.83 17.75 33.47
CA GLN D 475 26.09 17.36 32.81
C GLN D 475 27.03 18.55 32.54
N MET D 476 26.49 19.66 32.06
CA MET D 476 27.30 20.86 31.81
C MET D 476 27.94 21.37 33.10
N ARG D 477 27.19 21.35 34.19
CA ARG D 477 27.69 21.71 35.52
C ARG D 477 28.82 20.76 35.97
N THR D 478 28.54 19.45 35.90
CA THR D 478 29.54 18.42 36.23
C THR D 478 30.84 18.53 35.42
N HIS D 479 30.74 18.81 34.12
CA HIS D 479 31.93 18.86 33.24
C HIS D 479 32.44 20.28 32.97
N SER D 480 31.81 21.26 33.59
CA SER D 480 32.17 22.66 33.38
C SER D 480 32.27 22.96 31.88
N ILE D 481 31.17 22.75 31.16
CA ILE D 481 31.12 23.00 29.71
C ILE D 481 30.92 24.50 29.39
N ASN D 482 31.98 25.15 28.89
CA ASN D 482 31.95 26.59 28.63
C ASN D 482 31.31 26.99 27.32
N ALA D 483 31.17 26.03 26.40
CA ALA D 483 30.54 26.26 25.09
C ALA D 483 30.24 24.94 24.40
N LEU D 484 29.40 25.01 23.36
CA LEU D 484 28.93 23.82 22.62
C LEU D 484 28.91 24.01 21.12
N LEU D 485 29.47 23.05 20.38
CA LEU D 485 29.33 22.95 18.91
C LEU D 485 28.53 21.72 18.53
N ILE D 486 27.47 21.93 17.75
CA ILE D 486 26.58 20.87 17.28
C ILE D 486 26.69 20.73 15.78
N ILE D 487 26.92 19.50 15.33
CA ILE D 487 26.97 19.18 13.93
C ILE D 487 25.75 18.34 13.68
N GLY D 488 24.75 18.91 13.01
CA GLY D 488 23.55 18.15 12.72
C GLY D 488 22.52 18.84 11.90
N GLY D 489 21.38 18.17 11.75
CA GLY D 489 20.32 18.66 10.90
C GLY D 489 19.27 19.42 11.67
N PHE D 490 18.07 19.46 11.10
CA PHE D 490 16.97 20.21 11.65
C PHE D 490 16.77 19.94 13.15
N GLU D 491 17.01 18.70 13.59
CA GLU D 491 16.90 18.40 15.02
C GLU D 491 17.88 19.24 15.89
N ALA D 492 19.07 19.53 15.36
CA ALA D 492 19.99 20.40 16.07
C ALA D 492 19.35 21.79 16.20
N TYR D 493 18.92 22.34 15.08
CA TYR D 493 18.30 23.66 15.08
C TYR D 493 17.20 23.70 16.13
N LEU D 494 16.29 22.72 16.09
CA LEU D 494 15.19 22.66 17.07
C LEU D 494 15.77 22.61 18.47
N GLY D 495 16.84 21.83 18.62
CA GLY D 495 17.57 21.72 19.88
C GLY D 495 18.09 23.03 20.45
N LEU D 496 18.64 23.88 19.60
CA LEU D 496 19.12 25.20 20.04
C LEU D 496 17.95 26.09 20.50
N LEU D 497 16.83 26.04 19.78
CA LEU D 497 15.65 26.84 20.15
C LEU D 497 15.20 26.45 21.55
N GLU D 498 15.07 25.15 21.80
CA GLU D 498 14.62 24.61 23.10
C GLU D 498 15.52 25.06 24.25
N LEU D 499 16.83 24.93 24.04
CA LEU D 499 17.87 25.31 25.02
C LEU D 499 17.96 26.83 25.20
N SER D 500 17.77 27.56 24.11
CA SER D 500 17.72 29.01 24.16
C SER D 500 16.62 29.45 25.12
N ALA D 501 15.44 28.85 24.96
CA ALA D 501 14.28 29.12 25.81
C ALA D 501 14.49 28.67 27.25
N ALA D 502 15.28 27.61 27.45
CA ALA D 502 15.52 27.05 28.78
C ALA D 502 16.65 27.73 29.58
N ARG D 503 17.25 28.77 28.99
CA ARG D 503 18.29 29.55 29.66
C ARG D 503 17.86 30.15 30.98
N GLU D 504 16.68 30.76 30.98
CA GLU D 504 16.20 31.51 32.13
C GLU D 504 15.92 30.62 33.33
N LYS D 505 15.78 29.32 33.11
CA LYS D 505 15.68 28.36 34.21
C LYS D 505 16.99 27.61 34.50
N HIS D 506 17.85 27.46 33.49
CA HIS D 506 19.12 26.80 33.71
C HIS D 506 20.32 27.63 33.25
N GLU D 507 21.01 28.25 34.22
CA GLU D 507 22.22 29.06 34.01
C GLU D 507 23.23 28.36 33.08
N GLU D 508 23.37 27.05 33.22
CA GLU D 508 24.36 26.24 32.45
C GLU D 508 24.27 26.39 30.92
N PHE D 509 23.09 26.74 30.41
CA PHE D 509 22.87 26.95 28.98
C PHE D 509 23.15 28.41 28.55
N CYS D 510 23.68 29.23 29.46
CA CYS D 510 24.02 30.64 29.15
C CYS D 510 25.44 30.79 28.61
N VAL D 511 25.76 29.93 27.65
CA VAL D 511 27.09 29.83 27.04
C VAL D 511 26.93 29.98 25.54
N PRO D 512 28.05 30.15 24.82
CA PRO D 512 27.93 30.30 23.38
C PRO D 512 27.67 28.95 22.74
N MET D 513 26.58 28.84 22.00
CA MET D 513 26.19 27.62 21.31
C MET D 513 26.07 27.90 19.85
N VAL D 514 26.83 27.17 19.04
CA VAL D 514 26.79 27.31 17.61
C VAL D 514 26.57 25.95 16.97
N MET D 515 25.90 26.00 15.83
CA MET D 515 25.57 24.81 15.08
C MET D 515 26.07 24.98 13.63
N VAL D 516 26.62 23.91 13.08
CA VAL D 516 26.87 23.81 11.65
C VAL D 516 25.96 22.71 11.09
N PRO D 517 25.45 22.90 9.86
CA PRO D 517 24.37 22.06 9.36
C PRO D 517 24.90 20.80 8.70
N ALA D 518 24.37 19.64 9.12
CA ALA D 518 24.69 18.36 8.48
C ALA D 518 23.49 17.37 8.34
N THR D 519 23.10 17.15 7.07
CA THR D 519 22.02 16.24 6.64
C THR D 519 22.09 16.02 5.14
N VAL D 520 21.75 14.82 4.69
CA VAL D 520 21.54 14.61 3.24
C VAL D 520 20.45 15.57 2.67
N SER D 521 19.50 15.98 3.52
CA SER D 521 18.31 16.67 3.07
C SER D 521 18.51 18.12 2.65
N ASN D 522 19.54 18.77 3.21
CA ASN D 522 19.76 20.22 3.03
C ASN D 522 18.55 21.08 3.41
N ASN D 523 17.81 20.66 4.43
CA ASN D 523 16.63 21.39 4.86
C ASN D 523 16.87 22.33 6.06
N VAL D 524 18.14 22.58 6.41
CA VAL D 524 18.43 23.35 7.62
C VAL D 524 18.33 24.84 7.33
N PRO D 525 17.44 25.57 8.05
CA PRO D 525 17.31 27.00 7.81
C PRO D 525 18.55 27.79 8.22
N GLY D 526 19.00 28.70 7.36
CA GLY D 526 20.18 29.51 7.62
C GLY D 526 21.41 29.07 6.86
N SER D 527 21.23 28.14 5.93
CA SER D 527 22.32 27.66 5.11
C SER D 527 21.80 27.14 3.79
N ASP D 528 22.39 27.64 2.72
CA ASP D 528 22.11 27.14 1.37
C ASP D 528 22.60 25.67 1.14
N PHE D 529 23.56 25.22 1.96
CA PHE D 529 24.19 23.91 1.81
C PHE D 529 24.33 23.21 3.16
N SER D 530 24.28 21.88 3.13
CA SER D 530 24.46 21.07 4.34
C SER D 530 25.49 19.94 4.09
N ILE D 531 26.22 19.60 5.14
CA ILE D 531 27.23 18.56 5.04
C ILE D 531 26.46 17.27 4.84
N GLY D 532 26.71 16.61 3.71
CA GLY D 532 26.12 15.28 3.41
C GLY D 532 25.32 15.21 2.11
N ALA D 533 24.82 16.35 1.65
CA ALA D 533 23.97 16.38 0.47
C ALA D 533 24.69 16.12 -0.84
N ASP D 534 25.97 16.49 -0.96
CA ASP D 534 26.73 16.23 -2.26
C ASP D 534 26.95 14.73 -2.42
N THR D 535 27.33 14.09 -1.32
CA THR D 535 27.40 12.64 -1.26
C THR D 535 26.12 12.02 -1.79
N ALA D 536 24.99 12.50 -1.28
CA ALA D 536 23.67 11.94 -1.62
C ALA D 536 23.38 12.18 -3.09
N LEU D 537 23.65 13.41 -3.56
CA LEU D 537 23.40 13.76 -4.99
C LEU D 537 24.22 12.89 -5.90
N ASN D 538 25.42 12.54 -5.44
CA ASN D 538 26.27 11.67 -6.23
C ASN D 538 25.74 10.22 -6.31
N THR D 539 25.24 9.69 -5.20
CA THR D 539 24.65 8.34 -5.25
C THR D 539 23.32 8.34 -6.06
N ILE D 540 22.52 9.39 -5.92
CA ILE D 540 21.36 9.49 -6.76
C ILE D 540 21.75 9.59 -8.24
N THR D 541 22.68 10.48 -8.53
CA THR D 541 23.14 10.68 -9.91
C THR D 541 23.63 9.36 -10.52
N ASP D 542 24.48 8.65 -9.76
CA ASP D 542 24.98 7.39 -10.25
C ASP D 542 23.80 6.46 -10.61
N THR D 543 22.82 6.43 -9.73
CA THR D 543 21.75 5.44 -9.82
C THR D 543 20.86 5.70 -11.02
N CYS D 544 20.42 6.96 -11.15
CA CYS D 544 19.66 7.40 -12.34
C CYS D 544 20.39 7.09 -13.64
N ASP D 545 21.73 7.26 -13.65
CA ASP D 545 22.53 6.96 -14.86
C ASP D 545 22.32 5.50 -15.26
N ARG D 546 22.33 4.60 -14.27
CA ARG D 546 22.18 3.19 -14.57
C ARG D 546 20.76 2.93 -15.02
N ILE D 547 19.84 3.63 -14.40
CA ILE D 547 18.43 3.46 -14.70
C ILE D 547 18.23 3.83 -16.18
N LYS D 548 18.73 4.99 -16.60
CA LYS D 548 18.47 5.45 -17.95
C LYS D 548 19.11 4.52 -18.94
N GLN D 549 20.19 3.86 -18.52
CA GLN D 549 20.87 2.91 -19.39
C GLN D 549 19.94 1.77 -19.69
N SER D 550 19.20 1.39 -18.64
CA SER D 550 18.12 0.38 -18.76
C SER D 550 17.08 0.88 -19.73
N ALA D 551 16.32 1.88 -19.31
CA ALA D 551 15.30 2.48 -20.15
C ALA D 551 15.78 2.43 -21.64
N SER D 552 16.99 2.91 -21.83
CA SER D 552 17.57 2.93 -23.19
C SER D 552 17.75 1.60 -23.96
N GLY D 553 18.00 0.49 -23.30
CA GLY D 553 18.15 -0.81 -24.01
C GLY D 553 16.82 -1.45 -24.36
N THR D 554 15.86 -1.18 -23.51
CA THR D 554 14.51 -1.66 -23.69
C THR D 554 13.76 -0.75 -24.67
N LYS D 555 13.88 0.55 -24.45
CA LYS D 555 13.24 1.60 -25.26
C LYS D 555 11.77 1.70 -25.00
N ARG D 556 11.25 2.87 -25.34
CA ARG D 556 9.90 3.24 -24.98
C ARG D 556 9.63 2.89 -23.53
N ARG D 557 10.46 3.38 -22.60
CA ARG D 557 10.25 3.15 -21.18
C ARG D 557 10.49 4.38 -20.32
N VAL D 558 9.63 4.56 -19.34
CA VAL D 558 9.71 5.70 -18.47
C VAL D 558 9.83 5.17 -17.04
N PHE D 559 10.81 5.70 -16.30
CA PHE D 559 11.02 5.28 -14.95
C PHE D 559 10.56 6.40 -14.07
N ILE D 560 9.79 6.03 -13.04
CA ILE D 560 9.41 6.94 -11.98
C ILE D 560 10.20 6.52 -10.81
N ILE D 561 10.93 7.44 -10.23
CA ILE D 561 11.90 7.16 -9.16
C ILE D 561 11.66 8.09 -7.96
N GLU D 562 11.48 7.51 -6.79
CA GLU D 562 11.23 8.28 -5.58
C GLU D 562 12.52 8.52 -4.81
N THR D 563 12.70 9.76 -4.31
CA THR D 563 13.92 10.18 -3.61
C THR D 563 13.63 10.72 -2.21
N MET D 564 14.67 10.84 -1.40
CA MET D 564 14.56 11.42 -0.06
C MET D 564 14.53 12.93 -0.07
N GLY D 565 14.56 13.49 1.15
CA GLY D 565 14.55 14.94 1.38
C GLY D 565 13.55 15.36 2.46
N GLY D 566 12.55 14.50 2.70
CA GLY D 566 11.44 14.86 3.53
C GLY D 566 10.61 15.72 2.66
N TYR D 567 10.33 16.95 3.12
CA TYR D 567 9.61 17.92 2.29
C TYR D 567 10.56 18.80 1.53
N CYS D 568 11.86 18.56 1.74
CA CYS D 568 12.92 19.34 1.08
C CYS D 568 13.36 18.74 -0.26
N GLY D 569 12.95 19.43 -1.32
CA GLY D 569 13.14 18.95 -2.70
C GLY D 569 14.52 19.24 -3.27
N TYR D 570 15.53 19.47 -2.41
CA TYR D 570 16.91 19.68 -2.85
C TYR D 570 17.46 18.45 -3.56
N LEU D 571 17.53 17.31 -2.88
CA LEU D 571 18.03 16.10 -3.56
C LEU D 571 17.25 15.78 -4.85
N ALA D 572 15.93 15.85 -4.81
CA ALA D 572 15.09 15.52 -5.97
C ALA D 572 15.42 16.44 -7.11
N ASN D 573 15.32 17.75 -6.84
CA ASN D 573 15.51 18.81 -7.88
C ASN D 573 16.88 18.76 -8.50
N MET D 574 17.89 18.87 -7.63
CA MET D 574 19.28 18.87 -8.08
C MET D 574 19.63 17.53 -8.69
N GLY D 575 19.27 16.46 -8.00
CA GLY D 575 19.36 15.11 -8.57
C GLY D 575 18.79 15.04 -9.98
N GLY D 576 17.61 15.62 -10.18
CA GLY D 576 16.98 15.67 -11.52
C GLY D 576 17.87 16.28 -12.57
N LEU D 577 18.24 17.54 -12.37
CA LEU D 577 19.25 18.24 -13.24
C LEU D 577 20.44 17.39 -13.59
N ALA D 578 21.18 16.97 -12.58
CA ALA D 578 22.40 16.19 -12.77
C ALA D 578 22.18 14.87 -13.56
N ALA D 579 21.07 14.17 -13.29
CA ALA D 579 20.66 12.95 -14.06
C ALA D 579 19.96 13.29 -15.38
N GLY D 580 19.73 14.57 -15.66
CA GLY D 580 19.05 14.93 -16.91
C GLY D 580 17.68 14.26 -16.99
N ALA D 581 16.95 14.29 -15.88
CA ALA D 581 15.59 13.80 -15.86
C ALA D 581 14.67 14.71 -16.68
N ASP D 582 13.50 14.18 -16.96
CA ASP D 582 12.47 14.90 -17.67
C ASP D 582 11.55 15.67 -16.73
N ALA D 583 11.57 15.34 -15.45
CA ALA D 583 10.77 16.06 -14.47
C ALA D 583 11.21 15.66 -13.06
N ALA D 584 11.09 16.58 -12.12
CA ALA D 584 11.29 16.27 -10.67
C ALA D 584 10.25 16.98 -9.81
N TYR D 585 9.24 16.25 -9.37
CA TYR D 585 8.12 16.81 -8.60
C TYR D 585 8.54 17.04 -7.16
N ILE D 586 8.22 18.23 -6.63
CA ILE D 586 8.64 18.60 -5.29
C ILE D 586 7.53 19.30 -4.52
N PHE D 587 7.64 19.30 -3.21
CA PHE D 587 6.61 19.89 -2.36
C PHE D 587 6.55 21.42 -2.50
N GLU D 588 7.69 22.06 -2.68
CA GLU D 588 7.73 23.54 -2.74
C GLU D 588 7.18 24.13 -4.08
N GLU D 589 6.78 23.27 -5.01
CA GLU D 589 6.14 23.71 -6.25
C GLU D 589 4.91 22.89 -6.49
N PRO D 590 3.73 23.46 -6.19
CA PRO D 590 2.52 22.65 -6.34
C PRO D 590 2.36 22.22 -7.76
N PHE D 591 1.69 21.08 -7.94
CA PHE D 591 1.43 20.55 -9.28
C PHE D 591 0.09 19.87 -9.28
N ASP D 592 -0.68 20.10 -10.32
CA ASP D 592 -1.98 19.50 -10.43
C ASP D 592 -1.98 18.50 -11.59
N ILE D 593 -3.08 17.84 -11.78
CA ILE D 593 -3.23 16.84 -12.81
C ILE D 593 -3.06 17.40 -14.23
N ARG D 594 -3.17 18.73 -14.38
CA ARG D 594 -2.83 19.41 -15.65
C ARG D 594 -1.33 19.35 -15.85
N ASP D 595 -0.59 19.69 -14.79
CA ASP D 595 0.88 19.63 -14.82
C ASP D 595 1.37 18.27 -15.22
N LEU D 596 0.73 17.22 -14.68
CA LEU D 596 1.14 15.83 -14.94
C LEU D 596 0.82 15.43 -16.38
N GLN D 597 -0.40 15.73 -16.77
CA GLN D 597 -0.90 15.43 -18.11
C GLN D 597 0.03 16.11 -19.12
N SER D 598 0.52 17.30 -18.78
CA SER D 598 1.34 18.07 -19.70
C SER D 598 2.69 17.37 -19.85
N ASN D 599 3.28 16.95 -18.74
CA ASN D 599 4.50 16.19 -18.81
C ASN D 599 4.30 14.89 -19.56
N VAL D 600 3.14 14.26 -19.40
CA VAL D 600 2.88 12.95 -20.05
C VAL D 600 2.81 13.11 -21.57
N GLU D 601 2.24 14.23 -22.00
CA GLU D 601 2.06 14.52 -23.41
C GLU D 601 3.42 14.85 -23.99
N HIS D 602 4.26 15.53 -23.22
CA HIS D 602 5.63 15.82 -23.68
C HIS D 602 6.38 14.55 -23.99
N LEU D 603 6.41 13.64 -23.01
CA LEU D 603 7.08 12.37 -23.15
C LEU D 603 6.55 11.58 -24.29
N THR D 604 5.25 11.71 -24.56
CA THR D 604 4.64 11.07 -25.72
C THR D 604 5.28 11.55 -27.03
N GLU D 605 5.36 12.88 -27.19
CA GLU D 605 6.04 13.49 -28.34
C GLU D 605 7.52 13.08 -28.41
N LYS D 606 8.18 13.04 -27.26
CA LYS D 606 9.55 12.58 -27.15
C LYS D 606 9.76 11.21 -27.71
N MET D 607 8.74 10.34 -27.66
CA MET D 607 8.87 8.95 -28.21
C MET D 607 8.63 8.91 -29.72
N LYS D 608 8.47 10.05 -30.35
CA LYS D 608 8.55 10.14 -31.82
C LYS D 608 9.96 10.46 -32.32
N THR D 609 10.83 10.91 -31.38
CA THR D 609 12.26 11.13 -31.64
C THR D 609 12.96 9.83 -31.35
N THR D 610 14.29 9.83 -31.47
CA THR D 610 15.14 8.62 -31.26
C THR D 610 15.46 8.38 -29.79
N ILE D 611 15.33 9.42 -28.96
CA ILE D 611 15.60 9.30 -27.52
C ILE D 611 14.33 8.83 -26.82
N GLN D 612 14.07 7.52 -26.92
CA GLN D 612 12.86 6.93 -26.39
C GLN D 612 13.09 6.37 -25.00
N ARG D 613 13.31 7.30 -24.08
CA ARG D 613 13.43 6.95 -22.66
C ARG D 613 12.86 8.11 -21.87
N GLY D 614 12.61 7.87 -20.61
CA GLY D 614 12.03 8.89 -19.73
C GLY D 614 12.51 8.72 -18.30
N LEU D 615 12.68 9.81 -17.60
CA LEU D 615 13.13 9.75 -16.24
C LEU D 615 12.38 10.79 -15.44
N VAL D 616 11.56 10.31 -14.47
CA VAL D 616 10.72 11.17 -13.65
C VAL D 616 11.04 10.99 -12.18
N LEU D 617 11.39 12.07 -11.47
CA LEU D 617 11.78 11.97 -10.07
C LEU D 617 10.71 12.54 -9.19
N ARG D 618 10.37 11.82 -8.12
CA ARG D 618 9.34 12.28 -7.17
C ARG D 618 9.86 12.42 -5.78
N ASN D 619 9.92 13.65 -5.29
CA ASN D 619 10.26 13.83 -3.87
C ASN D 619 9.25 13.07 -3.05
N GLU D 620 9.75 12.26 -2.11
CA GLU D 620 8.93 11.32 -1.33
C GLU D 620 7.71 11.91 -0.60
N SER D 621 7.78 13.19 -0.20
CA SER D 621 6.66 13.83 0.49
C SER D 621 6.12 15.06 -0.25
N CYS D 622 6.14 14.98 -1.59
CA CYS D 622 5.79 16.14 -2.40
C CYS D 622 4.29 16.34 -2.55
N SER D 623 3.51 15.34 -2.14
CA SER D 623 2.05 15.39 -2.33
C SER D 623 1.41 14.23 -1.60
N GLU D 624 0.37 14.52 -0.81
CA GLU D 624 -0.34 13.53 0.01
C GLU D 624 -1.01 12.53 -0.92
N ASN D 625 -1.77 13.05 -1.88
CA ASN D 625 -2.57 12.24 -2.79
C ASN D 625 -1.82 11.76 -4.03
N TYR D 626 -0.99 12.63 -4.64
CA TYR D 626 -0.22 12.21 -5.83
C TYR D 626 1.09 11.45 -5.44
N THR D 627 0.90 10.17 -5.13
CA THR D 627 1.97 9.29 -4.65
C THR D 627 2.77 8.75 -5.81
N THR D 628 3.91 8.17 -5.50
CA THR D 628 4.72 7.49 -6.53
C THR D 628 3.87 6.51 -7.38
N ASP D 629 2.95 5.82 -6.74
CA ASP D 629 2.03 4.90 -7.42
C ASP D 629 1.09 5.67 -8.33
N PHE D 630 0.50 6.74 -7.82
CA PHE D 630 -0.44 7.53 -8.63
C PHE D 630 0.18 7.99 -9.97
N ILE D 631 1.42 8.50 -9.85
CA ILE D 631 2.16 9.04 -10.97
C ILE D 631 2.51 7.86 -11.88
N TYR D 632 2.96 6.77 -11.28
CA TYR D 632 3.21 5.55 -12.02
C TYR D 632 1.95 5.08 -12.78
N GLN D 633 0.78 5.21 -12.16
CA GLN D 633 -0.50 4.70 -12.75
C GLN D 633 -0.97 5.56 -13.85
N LEU D 634 -0.82 6.86 -13.64
CA LEU D 634 -1.13 7.85 -14.70
C LEU D 634 -0.31 7.61 -15.99
N TYR D 635 1.02 7.64 -15.83
CA TYR D 635 1.91 7.64 -16.94
C TYR D 635 1.77 6.31 -17.65
N SER D 636 1.74 5.23 -16.87
CA SER D 636 1.53 3.87 -17.43
C SER D 636 0.34 3.86 -18.38
N GLU D 637 -0.79 4.37 -17.85
CA GLU D 637 -2.08 4.31 -18.53
C GLU D 637 -2.12 5.23 -19.75
N GLU D 638 -1.70 6.47 -19.57
CA GLU D 638 -1.75 7.45 -20.66
C GLU D 638 -0.69 7.21 -21.75
N GLY D 639 0.35 6.47 -21.46
CA GLY D 639 1.31 6.11 -22.49
C GLY D 639 0.94 4.84 -23.23
N LYS D 640 -0.32 4.42 -23.17
CA LYS D 640 -0.60 3.01 -23.40
C LYS D 640 -0.20 2.54 -24.80
N GLY D 641 -0.37 3.39 -25.78
CA GLY D 641 0.08 3.00 -27.11
C GLY D 641 1.57 3.16 -27.38
N VAL D 642 2.30 3.69 -26.40
CA VAL D 642 3.54 4.42 -26.69
C VAL D 642 4.75 3.99 -25.85
N PHE D 643 4.61 4.04 -24.53
CA PHE D 643 5.67 3.68 -23.63
C PHE D 643 5.09 3.00 -22.44
N ASP D 644 5.96 2.37 -21.66
CA ASP D 644 5.56 1.72 -20.45
C ASP D 644 6.46 2.17 -19.30
N CYS D 645 6.14 1.75 -18.07
CA CYS D 645 6.80 2.30 -16.88
C CYS D 645 7.19 1.31 -15.85
N ARG D 646 8.06 1.80 -14.98
CA ARG D 646 8.57 1.02 -13.91
C ARG D 646 8.71 2.04 -12.83
N LYS D 647 8.44 1.63 -11.61
CA LYS D 647 8.63 2.48 -10.46
C LYS D 647 9.78 1.88 -9.70
N ASN D 648 10.65 2.75 -9.13
CA ASN D 648 11.72 2.35 -8.19
C ASN D 648 11.74 3.28 -6.95
N VAL D 649 11.78 2.72 -5.75
CA VAL D 649 11.92 3.52 -4.56
C VAL D 649 13.31 3.25 -3.93
N LEU D 650 14.20 4.23 -4.15
CA LEU D 650 15.59 4.10 -3.79
C LEU D 650 15.71 3.87 -2.27
N GLY D 651 15.10 4.77 -1.50
CA GLY D 651 15.22 4.69 -0.06
C GLY D 651 16.62 5.04 0.41
N HIS D 652 16.98 4.57 1.60
CA HIS D 652 18.09 5.14 2.37
C HIS D 652 19.51 4.76 1.91
N MET D 653 19.62 3.91 0.89
CA MET D 653 20.88 3.69 0.18
C MET D 653 21.36 4.95 -0.57
N GLN D 654 20.45 5.87 -0.89
CA GLN D 654 20.82 7.16 -1.48
C GLN D 654 21.86 7.90 -0.66
N GLN D 655 21.86 7.69 0.64
CA GLN D 655 22.84 8.33 1.49
C GLN D 655 24.24 8.20 0.90
N GLY D 656 24.55 7.04 0.33
CA GLY D 656 25.90 6.83 -0.17
C GLY D 656 26.71 6.32 1.01
N GLY D 657 28.02 6.17 0.84
CA GLY D 657 28.92 5.64 1.88
C GLY D 657 29.89 6.71 2.39
N ALA D 658 31.18 6.57 2.05
CA ALA D 658 32.18 7.52 2.47
C ALA D 658 31.70 8.88 1.94
N PRO D 659 31.95 9.95 2.70
CA PRO D 659 31.56 11.25 2.19
C PRO D 659 32.36 11.65 0.96
N SER D 660 31.67 12.32 0.04
CA SER D 660 32.30 12.89 -1.13
C SER D 660 33.29 13.94 -0.63
N PRO D 661 34.34 14.26 -1.44
CA PRO D 661 35.21 15.38 -1.07
C PRO D 661 34.49 16.74 -0.76
N PHE D 662 33.49 17.11 -1.54
CA PHE D 662 32.81 18.37 -1.23
C PHE D 662 32.38 18.31 0.23
N ASP D 663 31.77 17.21 0.65
CA ASP D 663 31.27 17.14 2.03
C ASP D 663 32.39 17.09 3.07
N ARG D 664 33.46 16.34 2.80
CA ARG D 664 34.59 16.32 3.72
C ARG D 664 35.11 17.76 3.96
N ASN D 665 35.51 18.43 2.89
CA ASN D 665 36.07 19.76 2.99
C ASN D 665 35.06 20.76 3.56
N PHE D 666 33.82 20.71 3.10
CA PHE D 666 32.75 21.54 3.66
C PHE D 666 32.67 21.25 5.15
N GLY D 667 32.64 19.97 5.51
CA GLY D 667 32.60 19.60 6.93
C GLY D 667 33.76 20.24 7.68
N THR D 668 34.96 20.09 7.12
CA THR D 668 36.20 20.53 7.74
C THR D 668 36.27 22.04 7.88
N LYS D 669 35.89 22.75 6.82
CA LYS D 669 36.09 24.19 6.77
C LYS D 669 35.09 24.95 7.63
N ILE D 670 33.82 24.56 7.58
CA ILE D 670 32.82 25.33 8.29
C ILE D 670 32.87 25.07 9.77
N SER D 671 33.32 23.87 10.15
CA SER D 671 33.44 23.52 11.55
C SER D 671 34.56 24.30 12.24
N ALA D 672 35.70 24.40 11.57
CA ALA D 672 36.84 25.17 12.05
C ALA D 672 36.44 26.63 12.22
N ARG D 673 35.67 27.12 11.26
CA ARG D 673 35.19 28.51 11.29
C ARG D 673 34.26 28.73 12.50
N ALA D 674 33.43 27.74 12.80
CA ALA D 674 32.56 27.78 13.97
C ALA D 674 33.36 27.80 15.29
N MET D 675 34.39 26.95 15.39
CA MET D 675 35.26 26.94 16.56
C MET D 675 35.96 28.28 16.77
N GLU D 676 36.46 28.90 15.69
CA GLU D 676 37.05 30.25 15.76
C GLU D 676 36.09 31.21 16.44
N TRP D 677 34.83 31.16 16.01
CA TRP D 677 33.78 31.97 16.61
C TRP D 677 33.68 31.69 18.10
N ILE D 678 33.65 30.42 18.48
CA ILE D 678 33.56 30.05 19.89
C ILE D 678 34.71 30.66 20.72
N THR D 679 35.95 30.56 20.24
CA THR D 679 37.09 31.02 21.02
C THR D 679 37.05 32.55 21.14
N ALA D 680 36.77 33.23 20.04
CA ALA D 680 36.61 34.68 20.04
C ALA D 680 35.56 35.12 21.08
N LYS D 681 34.42 34.42 21.13
CA LYS D 681 33.36 34.72 22.10
C LYS D 681 33.83 34.49 23.54
N LEU D 682 34.41 33.32 23.81
CA LEU D 682 34.95 33.01 25.14
C LEU D 682 36.03 34.01 25.58
N LYS D 683 36.75 34.54 24.59
CA LYS D 683 37.82 35.49 24.85
C LYS D 683 37.30 36.83 25.42
N GLU D 684 36.12 37.27 25.01
CA GLU D 684 35.52 38.49 25.58
C GLU D 684 34.79 38.17 26.92
N ALA D 685 35.52 37.60 27.87
CA ALA D 685 34.95 37.11 29.14
C ALA D 685 36.01 36.56 30.08
N THR D 693 23.06 36.28 28.89
CA THR D 693 23.48 36.14 27.49
C THR D 693 22.25 36.24 26.54
N THR D 694 22.44 36.89 25.39
CA THR D 694 21.35 37.29 24.47
C THR D 694 21.24 36.35 23.25
N ASP D 695 20.41 36.74 22.29
CA ASP D 695 20.16 35.93 21.09
C ASP D 695 21.43 35.63 20.25
N ASP D 696 22.36 36.60 20.18
CA ASP D 696 23.52 36.50 19.28
C ASP D 696 24.56 35.40 19.63
N SER D 697 24.43 34.79 20.81
CA SER D 697 25.33 33.69 21.23
C SER D 697 24.73 32.30 21.00
N ILE D 698 23.50 32.23 20.47
CA ILE D 698 22.94 30.96 19.98
C ILE D 698 22.57 31.10 18.51
N CYS D 699 23.42 30.62 17.62
CA CYS D 699 23.16 30.75 16.19
C CYS D 699 23.59 29.57 15.30
N VAL D 700 23.15 29.65 14.04
CA VAL D 700 23.48 28.72 12.96
C VAL D 700 24.53 29.34 12.05
N LEU D 701 25.71 28.72 11.97
CA LEU D 701 26.74 29.09 11.03
C LEU D 701 26.44 28.38 9.72
N GLY D 702 26.19 29.15 8.68
CA GLY D 702 25.78 28.57 7.41
C GLY D 702 26.25 29.37 6.22
N ILE D 703 26.13 28.77 5.05
CA ILE D 703 26.50 29.41 3.80
C ILE D 703 25.31 30.16 3.22
N SER D 704 25.39 31.48 3.15
CA SER D 704 24.31 32.32 2.57
C SER D 704 24.80 33.20 1.41
N LYS D 705 24.46 32.78 0.19
CA LYS D 705 24.91 33.42 -1.04
C LYS D 705 26.44 33.41 -1.20
N ARG D 706 27.12 34.52 -0.86
CA ARG D 706 28.55 34.71 -1.16
C ARG D 706 29.44 34.23 -0.02
N ASN D 707 28.98 34.45 1.20
CA ASN D 707 29.83 34.34 2.38
C ASN D 707 29.10 33.58 3.49
N VAL D 708 29.87 33.14 4.50
CA VAL D 708 29.29 32.39 5.60
C VAL D 708 28.90 33.39 6.69
N ILE D 709 27.77 33.17 7.36
CA ILE D 709 27.30 34.08 8.41
C ILE D 709 26.63 33.34 9.57
N PHE D 710 26.77 33.92 10.76
CA PHE D 710 26.15 33.38 11.98
C PHE D 710 24.82 34.10 12.18
N GLN D 711 23.73 33.34 12.22
CA GLN D 711 22.39 33.93 12.32
C GLN D 711 21.70 33.42 13.56
N PRO D 712 21.38 34.32 14.51
CA PRO D 712 20.68 33.94 15.74
C PRO D 712 19.45 33.08 15.44
N VAL D 713 19.25 32.01 16.20
CA VAL D 713 18.06 31.15 16.04
C VAL D 713 16.73 31.92 16.17
N ALA D 714 16.72 32.99 16.96
CA ALA D 714 15.56 33.88 17.07
C ALA D 714 15.09 34.37 15.70
N GLU D 715 16.05 34.79 14.87
CA GLU D 715 15.76 35.36 13.57
C GLU D 715 15.34 34.33 12.55
N LEU D 716 15.75 33.08 12.75
CA LEU D 716 15.50 32.04 11.77
C LEU D 716 14.11 31.44 11.91
N LYS D 717 13.46 31.65 13.05
CA LYS D 717 12.11 31.14 13.27
C LYS D 717 11.11 31.64 12.22
N LYS D 718 11.07 32.96 12.00
CA LYS D 718 10.20 33.54 10.97
C LYS D 718 10.60 33.13 9.51
N GLN D 719 11.86 32.69 9.30
CA GLN D 719 12.30 32.16 7.99
C GLN D 719 12.14 30.63 7.85
N THR D 720 11.40 29.99 8.78
CA THR D 720 11.30 28.53 8.87
C THR D 720 9.88 27.99 8.82
N ASP D 721 9.66 27.03 7.90
CA ASP D 721 8.42 26.29 7.87
C ASP D 721 8.59 25.13 8.83
N PHE D 722 8.05 25.29 10.05
CA PHE D 722 8.25 24.28 11.13
C PHE D 722 7.48 23.00 10.92
N GLU D 723 6.41 23.10 10.15
CA GLU D 723 5.45 22.02 9.98
C GLU D 723 5.93 21.02 8.92
N HIS D 724 6.80 21.44 7.99
CA HIS D 724 7.43 20.55 7.01
C HIS D 724 8.96 20.47 7.15
N ARG D 725 9.49 21.08 8.22
CA ARG D 725 10.93 21.20 8.44
C ARG D 725 11.71 21.48 7.16
N ILE D 726 11.33 22.53 6.47
CA ILE D 726 12.14 23.10 5.42
C ILE D 726 12.15 24.64 5.63
N PRO D 727 13.17 25.37 5.15
CA PRO D 727 13.09 26.80 5.24
C PRO D 727 11.97 27.36 4.35
N LYS D 728 11.71 28.66 4.43
CA LYS D 728 10.65 29.28 3.60
C LYS D 728 11.13 29.78 2.25
N GLU D 729 12.29 30.43 2.22
CA GLU D 729 12.85 30.89 0.97
C GLU D 729 14.05 29.98 0.74
N GLN D 730 14.07 29.27 -0.38
CA GLN D 730 15.16 28.35 -0.72
C GLN D 730 15.75 28.71 -2.05
N TRP D 731 17.08 28.91 -2.06
CA TRP D 731 17.79 29.51 -3.17
C TRP D 731 17.66 28.73 -4.47
N TRP D 732 17.67 27.41 -4.39
CA TRP D 732 17.76 26.56 -5.60
C TRP D 732 16.46 26.53 -6.41
N LEU D 733 15.35 26.96 -5.79
CA LEU D 733 14.08 27.09 -6.53
C LEU D 733 14.15 27.99 -7.74
N LYS D 734 15.04 28.98 -7.73
CA LYS D 734 15.21 29.85 -8.90
C LYS D 734 15.67 29.09 -10.17
N LEU D 735 16.26 27.92 -9.96
CA LEU D 735 16.74 27.08 -11.04
C LEU D 735 15.67 26.20 -11.67
N ARG D 736 14.44 26.25 -11.19
CA ARG D 736 13.42 25.28 -11.64
C ARG D 736 13.21 25.24 -13.15
N PRO D 737 13.23 26.40 -13.84
CA PRO D 737 13.03 26.31 -15.31
C PRO D 737 14.08 25.49 -16.08
N LEU D 738 15.29 25.33 -15.55
CA LEU D 738 16.36 24.62 -16.28
C LEU D 738 16.00 23.19 -16.64
N MET D 739 15.67 22.35 -15.65
CA MET D 739 15.25 20.94 -15.90
C MET D 739 14.48 20.73 -17.22
N LYS D 740 13.51 21.61 -17.45
CA LYS D 740 12.54 21.48 -18.55
C LYS D 740 13.19 21.91 -19.87
N ILE D 741 13.89 23.05 -19.81
CA ILE D 741 14.72 23.53 -20.91
C ILE D 741 15.73 22.48 -21.35
N LEU D 742 16.63 22.11 -20.42
CA LEU D 742 17.73 21.21 -20.72
C LEU D 742 17.32 19.75 -21.09
N ALA D 743 16.08 19.36 -20.81
CA ALA D 743 15.66 17.98 -20.99
C ALA D 743 15.77 17.53 -22.43
PG ACP E . -56.55 1.76 -6.33
O1G ACP E . -57.90 2.05 -6.96
O2G ACP E . -55.50 1.07 -7.23
O3G ACP E . -56.65 0.89 -5.04
PB ACP E . -56.32 4.84 -6.46
O1B ACP E . -56.15 5.14 -7.94
O2B ACP E . -55.56 5.87 -5.62
C3B ACP E . -55.77 3.28 -5.75
PA ACP E . -58.42 6.60 -5.97
O1A ACP E . -57.54 7.53 -6.74
O2A ACP E . -58.33 6.97 -4.48
O3A ACP E . -57.89 5.11 -6.20
O5' ACP E . -59.91 6.82 -6.28
C5' ACP E . -60.37 8.19 -6.10
C4' ACP E . -59.41 9.37 -6.22
O4' ACP E . -58.86 9.52 -7.54
C3' ACP E . -60.08 10.72 -5.88
O3' ACP E . -59.20 11.45 -5.06
C2' ACP E . -60.27 11.44 -7.23
O2' ACP E . -59.63 12.71 -7.20
C1' ACP E . -59.58 10.53 -8.26
N9 ACP E . -60.53 9.91 -9.21
C8 ACP E . -60.78 8.58 -9.37
N7 ACP E . -61.75 8.30 -10.20
C5 ACP E . -62.14 9.55 -10.66
C6 ACP E . -63.04 9.95 -11.67
N6 ACP E . -63.85 9.12 -12.31
N1 ACP E . -63.08 11.26 -11.98
C2 ACP E . -62.33 12.11 -11.27
N3 ACP E . -61.49 11.86 -10.26
C4 ACP E . -61.41 10.56 -10.03
P PO4 F . -41.22 -24.94 3.91
O1 PO4 F . -42.40 -24.54 3.06
O2 PO4 F . -39.98 -24.42 3.21
O3 PO4 F . -41.49 -24.40 5.30
O4 PO4 F . -40.99 -26.44 4.05
P PO4 G . -14.39 -14.16 -3.56
O1 PO4 G . -15.55 -14.80 -2.82
O2 PO4 G . -13.33 -14.39 -2.54
O3 PO4 G . -13.94 -14.88 -4.82
O4 PO4 G . -14.56 -12.66 -3.84
P PO4 H . -14.39 11.19 9.51
O1 PO4 H . -13.96 9.90 8.84
O2 PO4 H . -15.03 10.84 10.83
O3 PO4 H . -13.15 12.03 9.63
O4 PO4 H . -15.46 12.01 8.79
P PO4 I . -41.73 16.05 17.92
O1 PO4 I . -42.86 16.64 17.09
O2 PO4 I . -40.95 14.97 17.21
O3 PO4 I . -40.79 17.19 18.23
O4 PO4 I . -42.27 15.50 19.21
PG ACP J . -43.44 -12.25 31.89
O1G ACP J . -43.44 -10.83 31.42
O2G ACP J . -44.84 -12.88 32.11
O3G ACP J . -42.70 -12.52 33.22
PB ACP J . -42.26 -14.92 31.28
O1B ACP J . -41.67 -15.04 32.62
O2B ACP J . -41.16 -15.53 30.38
C3B ACP J . -42.59 -13.26 30.69
PA ACP J . -44.70 -16.38 32.02
O1A ACP J . -45.32 -15.43 32.98
O2A ACP J . -43.61 -17.35 32.71
O3A ACP J . -43.71 -15.61 31.01
O5' ACP J . -45.61 -17.51 31.47
C5' ACP J . -45.75 -18.50 32.53
C4' ACP J . -44.84 -19.72 32.56
O4' ACP J . -43.97 -19.69 33.72
C3' ACP J . -45.71 -20.98 32.72
O3' ACP J . -45.93 -21.56 31.45
C2' ACP J . -44.96 -21.87 33.70
O2' ACP J . -44.28 -22.97 33.12
C1' ACP J . -43.95 -20.94 34.39
N9 ACP J . -44.22 -20.84 35.83
C8 ACP J . -44.18 -21.96 36.63
N7 ACP J . -44.59 -21.75 37.87
C5 ACP J . -44.93 -20.41 37.88
C6 ACP J . -45.54 -19.62 38.86
N6 ACP J . -45.98 -20.09 40.02
N1 ACP J . -45.80 -18.33 38.55
C2 ACP J . -45.48 -17.89 37.31
N3 ACP J . -44.92 -18.57 36.30
C4 ACP J . -44.67 -19.83 36.63
PG ACP K . 56.05 -15.19 -5.63
O1G ACP K . 55.25 -16.25 -6.30
O2G ACP K . 56.86 -14.33 -6.62
O3G ACP K . 57.06 -15.79 -4.62
PB ACP K . 54.75 -14.70 -2.99
O1B ACP K . 54.74 -16.21 -2.77
O2B ACP K . 53.33 -14.18 -2.53
C3B ACP K . 54.96 -14.11 -4.67
PA ACP K . 57.65 -14.26 -1.88
O1A ACP K . 58.24 -13.01 -1.34
O2A ACP K . 58.48 -14.94 -3.01
O3A ACP K . 56.11 -13.94 -2.26
O5' ACP K . 57.58 -15.39 -0.70
C5' ACP K . 56.80 -15.07 0.47
C4' ACP K . 57.58 -15.34 1.74
O4' ACP K . 57.71 -16.78 1.91
C3' ACP K . 59.00 -14.83 1.81
O3' ACP K . 59.08 -13.49 2.27
C2' ACP K . 59.60 -15.73 2.88
O2' ACP K . 59.10 -15.34 4.16
C1' ACP K . 58.94 -17.06 2.55
N9 ACP K . 59.70 -17.94 1.68
C8 ACP K . 59.78 -17.87 0.32
N7 ACP K . 60.47 -18.84 -0.23
C5 ACP K . 60.88 -19.59 0.84
C6 ACP K . 61.56 -20.82 0.92
N6 ACP K . 61.97 -21.51 -0.16
N1 ACP K . 61.75 -21.35 2.15
C2 ACP K . 61.27 -20.69 3.22
N3 ACP K . 60.60 -19.54 3.27
C4 ACP K . 60.42 -19.04 2.04
P PO4 L . 37.70 -2.18 -30.54
O1 PO4 L . 36.60 -3.13 -30.94
O2 PO4 L . 38.62 -3.08 -29.76
O3 PO4 L . 38.26 -1.53 -31.79
O4 PO4 L . 37.17 -1.03 -29.69
P PO4 M . 11.47 -5.66 -16.33
O1 PO4 M . 10.49 -6.68 -16.90
O2 PO4 M . 12.87 -6.26 -16.33
O3 PO4 M . 11.37 -4.39 -17.17
O4 PO4 M . 11.10 -5.25 -14.92
PG ACP N . 45.43 25.07 -18.82
O1G ACP N . 46.76 25.62 -18.41
O2G ACP N . 44.33 25.22 -17.75
O3G ACP N . 45.43 23.60 -19.29
PB ACP N . 43.89 25.18 -21.46
O1B ACP N . 42.96 26.02 -22.31
O2B ACP N . 43.16 23.96 -20.87
C3B ACP N . 44.80 26.03 -20.18
PA ACP N . 46.35 25.18 -23.05
O1A ACP N . 47.46 25.18 -22.07
O2A ACP N . 45.82 26.55 -23.45
O3A ACP N . 45.06 24.58 -22.34
O5' ACP N . 46.53 24.38 -24.41
C5' ACP N . 47.06 25.12 -25.51
C4' ACP N . 46.00 25.45 -26.55
O4' ACP N . 45.17 26.55 -26.09
C3' ACP N . 46.64 25.93 -27.86
O3' ACP N . 46.92 24.83 -28.72
C2' ACP N . 45.62 26.92 -28.41
O2' ACP N . 44.57 26.35 -29.20
C1' ACP N . 45.11 27.55 -27.11
N9 ACP N . 45.91 28.71 -26.72
C8 ACP N . 46.63 28.89 -25.57
N7 ACP N . 47.24 30.05 -25.49
C5 ACP N . 46.95 30.66 -26.69
C6 ACP N . 47.29 31.91 -27.23
N6 ACP N . 48.08 32.80 -26.61
N1 ACP N . 46.80 32.24 -28.44
C2 ACP N . 45.98 31.37 -29.06
N3 ACP N . 45.59 30.17 -28.65
C4 ACP N . 46.11 29.86 -27.46
P PO4 O . 45.29 12.91 10.13
O1 PO4 O . 44.07 12.33 9.43
O2 PO4 O . 44.71 13.55 11.38
O3 PO4 O . 46.29 11.79 10.41
O4 PO4 O . 45.91 14.00 9.27
#